data_8DLZ
#
_entry.id   8DLZ
#
_cell.length_a   1.00
_cell.length_b   1.00
_cell.length_c   1.00
_cell.angle_alpha   90.00
_cell.angle_beta   90.00
_cell.angle_gamma   90.00
#
_symmetry.space_group_name_H-M   'P 1'
#
loop_
_entity.id
_entity.type
_entity.pdbx_description
1 polymer 'Spike glycoprotein'
2 polymer 'VH ab6'
3 branched 2-acetamido-2-deoxy-beta-D-glucopyranose-(1-4)-2-acetamido-2-deoxy-beta-D-glucopyranose
4 non-polymer 2-acetamido-2-deoxy-beta-D-glucopyranose
#
loop_
_entity_poly.entity_id
_entity_poly.type
_entity_poly.pdbx_seq_one_letter_code
_entity_poly.pdbx_strand_id
1 'polypeptide(L)'
;MFVFLVLLPLVSSQCVNLTTRTQLPPAYTNSFTRGVYYPDKVFRSSVLHSTQDLFLPFFSNVTWFHAIHVSGTNGTKRFD
NPVLPFNDGVYFASTEKSNIIRGWIFGTTLDSKTQSLLIVNNATNVVIKVCEFQFCNDPFLGVYYHKNNKSWMESEFRVY
SSANNCTFEYVSQPFLMDLEGKQGNFKNLREFVFKNIDGYFKIYSKHTPINLVRDLPQGFSALEPLVDLPIGINITRFQT
LLALHRSYLTPGDSSSGWTAGAAAYYVGYLQPRTFLLKYNENGTITDAVDCALDPLSETKCTLKSFTVEKGIYQTSNFRV
QPTESIVRFPNITNLCPFGEVFNATRFASVYAWNRKRISNCVADYSVLYNSASFSTFKCYGVSPTKLNDLCFTNVYADSF
VIRGDEVRQIAPGQTGKIADYNYKLPDDFTGCVIAWNSNNLDSKVGGNYNYLYRLFRKSNLKPFERDISTEIYQAGSTPC
NGVEGFNCYFPLQSYGFQPTNGVGYQPYRVVVLSFELLHAPATVCGPKKSTNLVKNKCVNFNFNGLTGTGVLTESNKKFL
PFQQFGRDIADTTDAVRDPQTLEILDITPCSFGGVSVITPGTNTSNQVAVLYQGVNCTEVPVAIHADQLTPTWRVYSTGS
NVFQTRAGCLIGAEHVNNSYECDIPIGAGICASYQTQTNSPGSASSVASQSIIAYTMSLGAENSVAYSNNSIAIPTNFTI
SVTTEILPVSMTKTSVDCTMYICGDSTECSNLLLQYGSFCTQLNRALTGIAVEQDKNTQEVFAQVKQIYKTPPIKDFGGF
NFSQILPDPSKPSKRSPIEDLLFNKVTLADAGFIKQYGDCLGDIAARDLICAQKFNGLTVLPPLLTDEMIAQYTSALLAG
TITSGWTFGAGPALQIPFPMQMAYRFNGIGVTQNVLYENQKLIANQFNSAIGKIQDSLSSTPSALGKLQDVVNQNAQALN
TLVKQLSSNFGAISSVLNDILSRLDPPEAEVQIDRLITGRLQSLQTYVTQQLIRAAEIRASANLAATKMSECVLGQSKRV
DFCGKGYHLMSFPQSAPHGVVFLHVTYVPAQEKNFTTAPAICHDGKAHFPREGVFVSNGTHWFVTQRNFYEPQIITTDNT
FVSGNCDVVIGIVNNTVYDPLQPELDSFKEELDKYFKNHTSPDVDLGDISGINASVVNIQKEIDRLNEVAKNLNESLIDL
QELGKYEQGSGYIPEAPRDGQAYVRKDGEWVLLSTFLGRSLEVLFQGPGHHHHHHHHSAWSHPQFEKGGGSGGGGSGGSA
WSHPQFEK
;
A,B,C
2 'polypeptide(L)'
;EVQLVESGGGVVQPGRSLRLSCAASGFTFSSYAMHWVRQAPGKGLEWIGNIYHDGSTFYNPSLKSLVTISRDDSTNTLYL
QMNSLRAEDTAIYYCARVWLYGSGYMDVWGKGTLVTVSS
;
H
#
loop_
_chem_comp.id
_chem_comp.type
_chem_comp.name
_chem_comp.formula
NAG D-saccharide, beta linking 2-acetamido-2-deoxy-beta-D-glucopyranose 'C8 H15 N O6'
#
# COMPACT_ATOMS: atom_id res chain seq x y z
N GLN A 14 15.16 -30.31 65.37
CA GLN A 14 13.97 -30.46 66.20
C GLN A 14 12.70 -30.15 65.41
N CYS A 15 11.72 -31.04 65.53
CA CYS A 15 10.43 -30.88 64.88
C CYS A 15 9.34 -31.15 65.90
N VAL A 16 8.22 -30.43 65.77
CA VAL A 16 7.08 -30.60 66.68
C VAL A 16 5.82 -30.75 65.83
N ASN A 17 5.07 -31.83 66.06
CA ASN A 17 3.75 -31.98 65.46
C ASN A 17 2.74 -31.10 66.17
N LEU A 18 1.92 -30.39 65.40
CA LEU A 18 0.82 -29.61 65.94
C LEU A 18 -0.46 -30.44 65.80
N THR A 19 -0.99 -30.90 66.94
CA THR A 19 -2.11 -31.83 66.93
C THR A 19 -3.40 -31.23 67.49
N THR A 20 -3.46 -29.91 67.65
CA THR A 20 -4.64 -29.25 68.19
C THR A 20 -5.37 -28.42 67.15
N ARG A 21 -5.16 -28.71 65.87
CA ARG A 21 -5.85 -27.99 64.80
C ARG A 21 -7.31 -28.39 64.72
N THR A 22 -8.11 -27.51 64.13
CA THR A 22 -9.52 -27.77 63.87
C THR A 22 -9.70 -27.96 62.37
N GLN A 23 -10.37 -29.05 61.99
CA GLN A 23 -10.52 -29.38 60.58
C GLN A 23 -11.51 -28.44 59.91
N LEU A 24 -11.09 -27.83 58.79
CA LEU A 24 -11.94 -26.91 58.05
C LEU A 24 -11.42 -26.82 56.62
N PRO A 25 -12.29 -26.82 55.60
CA PRO A 25 -11.80 -26.65 54.24
C PRO A 25 -11.33 -25.23 54.02
N PRO A 26 -10.36 -25.02 53.13
CA PRO A 26 -9.92 -23.65 52.83
C PRO A 26 -11.00 -22.87 52.08
N ALA A 27 -10.98 -21.55 52.26
CA ALA A 27 -12.01 -20.71 51.67
C ALA A 27 -11.58 -20.20 50.30
N TYR A 28 -12.50 -19.53 49.62
CA TYR A 28 -12.22 -18.88 48.36
C TYR A 28 -12.85 -17.50 48.36
N THR A 29 -12.23 -16.56 47.66
CA THR A 29 -12.76 -15.21 47.56
C THR A 29 -12.32 -14.61 46.22
N ASN A 30 -12.62 -13.33 46.03
CA ASN A 30 -12.42 -12.65 44.77
C ASN A 30 -11.10 -11.89 44.78
N SER A 31 -10.38 -11.95 43.66
CA SER A 31 -9.12 -11.23 43.55
C SER A 31 -9.31 -9.74 43.33
N PHE A 32 -10.46 -9.34 42.76
CA PHE A 32 -10.80 -7.98 42.33
C PHE A 32 -9.75 -7.55 41.31
N THR A 33 -9.08 -6.42 41.49
CA THR A 33 -8.06 -5.93 40.55
C THR A 33 -6.70 -5.86 41.21
N ARG A 34 -6.36 -6.88 42.00
CA ARG A 34 -5.10 -6.93 42.71
C ARG A 34 -4.12 -7.86 41.99
N GLY A 35 -2.85 -7.75 42.36
CA GLY A 35 -1.83 -8.61 41.82
C GLY A 35 -1.03 -8.05 40.67
N VAL A 36 -1.25 -6.78 40.31
CA VAL A 36 -0.51 -6.15 39.23
C VAL A 36 0.84 -5.66 39.76
N TYR A 37 1.90 -6.00 39.04
CA TYR A 37 3.24 -5.60 39.40
C TYR A 37 3.87 -4.88 38.21
N TYR A 38 4.98 -4.19 38.46
CA TYR A 38 5.68 -3.51 37.38
C TYR A 38 6.39 -4.58 36.55
N PRO A 39 6.11 -4.66 35.24
CA PRO A 39 6.70 -5.76 34.45
C PRO A 39 8.18 -5.61 34.15
N ASP A 40 8.74 -4.41 34.25
CA ASP A 40 10.14 -4.20 33.90
C ASP A 40 10.69 -3.03 34.69
N LYS A 41 11.96 -2.72 34.46
CA LYS A 41 12.67 -1.68 35.18
C LYS A 41 12.72 -0.37 34.39
N VAL A 42 11.82 -0.19 33.42
CA VAL A 42 11.83 0.97 32.54
C VAL A 42 10.81 1.99 33.02
N PHE A 43 11.23 3.24 33.12
CA PHE A 43 10.31 4.31 33.48
C PHE A 43 9.42 4.64 32.30
N ARG A 44 8.12 4.75 32.56
CA ARG A 44 7.16 5.16 31.55
C ARG A 44 6.20 6.16 32.19
N SER A 45 5.89 7.24 31.48
CA SER A 45 5.05 8.30 32.04
C SER A 45 3.95 8.68 31.07
N SER A 46 2.72 8.76 31.59
CA SER A 46 1.53 9.22 30.86
C SER A 46 1.28 8.40 29.60
N VAL A 47 1.42 7.09 29.69
CA VAL A 47 1.36 6.22 28.52
C VAL A 47 0.47 5.02 28.86
N LEU A 48 -0.02 4.37 27.81
CA LEU A 48 -0.75 3.11 27.96
C LEU A 48 0.08 2.03 27.30
N HIS A 49 0.58 1.09 28.10
CA HIS A 49 1.53 0.09 27.64
C HIS A 49 0.91 -1.30 27.72
N SER A 50 0.99 -2.05 26.63
CA SER A 50 0.45 -3.40 26.59
C SER A 50 1.62 -4.37 26.79
N THR A 51 1.50 -5.22 27.80
CA THR A 51 2.56 -6.18 28.11
C THR A 51 1.99 -7.58 28.30
N GLN A 52 2.73 -8.57 27.85
CA GLN A 52 2.34 -9.97 27.96
C GLN A 52 3.31 -10.63 28.93
N ASP A 53 2.80 -11.02 30.09
CA ASP A 53 3.65 -11.56 31.14
C ASP A 53 2.79 -12.43 32.05
N LEU A 54 3.43 -13.01 33.06
CA LEU A 54 2.76 -13.89 34.02
C LEU A 54 2.07 -13.00 35.05
N PHE A 55 0.77 -12.80 34.90
CA PHE A 55 0.01 -11.89 35.74
C PHE A 55 -1.10 -12.62 36.47
N LEU A 56 -1.59 -11.99 37.52
CA LEU A 56 -2.76 -12.56 38.20
C LEU A 56 -4.03 -12.06 37.53
N PRO A 57 -4.92 -12.96 37.10
CA PRO A 57 -6.13 -12.53 36.39
C PRO A 57 -7.07 -11.73 37.29
N PHE A 58 -7.77 -10.79 36.67
CA PHE A 58 -8.71 -9.96 37.42
C PHE A 58 -9.95 -10.78 37.79
N PHE A 59 -10.46 -10.53 39.01
CA PHE A 59 -11.66 -11.17 39.55
C PHE A 59 -11.53 -12.69 39.58
N SER A 60 -10.33 -13.18 39.85
CA SER A 60 -10.08 -14.61 39.86
C SER A 60 -10.42 -15.21 41.23
N ASN A 61 -10.40 -16.52 41.28
CA ASN A 61 -10.73 -17.27 42.50
C ASN A 61 -9.45 -17.42 43.31
N VAL A 62 -9.29 -16.60 44.35
CA VAL A 62 -8.07 -16.61 45.17
C VAL A 62 -8.37 -17.37 46.47
N THR A 63 -7.47 -18.30 46.81
CA THR A 63 -7.71 -19.18 47.95
C THR A 63 -7.38 -18.46 49.26
N TRP A 64 -8.24 -18.63 50.25
CA TRP A 64 -8.18 -17.91 51.51
C TRP A 64 -7.86 -18.90 52.63
N PHE A 65 -6.81 -18.58 53.40
CA PHE A 65 -6.38 -19.36 54.56
C PHE A 65 -6.36 -18.47 55.79
N HIS A 66 -6.70 -19.06 56.93
CA HIS A 66 -6.86 -18.33 58.18
C HIS A 66 -5.86 -18.79 59.23
N ALA A 67 -5.59 -17.89 60.19
CA ALA A 67 -4.85 -18.21 61.41
C ALA A 67 -5.62 -17.54 62.54
N ILE A 68 -6.36 -18.34 63.31
CA ILE A 68 -7.26 -17.81 64.34
C ILE A 68 -7.42 -18.87 65.42
N HIS A 69 -7.70 -18.41 66.63
CA HIS A 69 -7.99 -19.29 67.77
C HIS A 69 -9.24 -18.79 68.48
N LYS A 77 -9.62 -22.84 66.56
CA LYS A 77 -8.18 -23.04 66.41
C LYS A 77 -7.81 -23.37 64.97
N ARG A 78 -7.45 -22.35 64.20
CA ARG A 78 -7.04 -22.51 62.82
C ARG A 78 -5.57 -22.16 62.67
N PHE A 79 -4.83 -23.03 61.99
CA PHE A 79 -3.42 -22.81 61.70
C PHE A 79 -3.16 -23.42 60.32
N ASP A 80 -3.23 -22.59 59.28
CA ASP A 80 -3.20 -23.09 57.91
C ASP A 80 -1.78 -23.05 57.36
N ASN A 81 -1.11 -24.21 57.41
CA ASN A 81 0.17 -24.42 56.73
C ASN A 81 0.01 -25.68 55.89
N PRO A 82 -0.67 -25.59 54.73
CA PRO A 82 -0.81 -26.78 53.88
C PRO A 82 0.33 -26.90 52.89
N VAL A 83 0.28 -27.93 52.05
CA VAL A 83 1.25 -28.09 50.99
C VAL A 83 0.62 -27.55 49.71
N LEU A 84 1.17 -26.47 49.19
CA LEU A 84 0.54 -25.86 48.03
C LEU A 84 1.43 -25.96 46.79
N PRO A 85 0.85 -26.11 45.61
CA PRO A 85 1.64 -26.03 44.38
C PRO A 85 2.13 -24.60 44.13
N PHE A 86 3.23 -24.50 43.40
CA PHE A 86 3.74 -23.18 43.01
C PHE A 86 3.26 -22.77 41.63
N ASN A 87 3.25 -23.72 40.69
CA ASN A 87 2.86 -23.55 39.27
C ASN A 87 3.77 -22.49 38.65
N ASP A 88 3.24 -21.60 37.82
CA ASP A 88 4.06 -20.63 37.12
C ASP A 88 4.47 -19.45 37.99
N GLY A 89 3.74 -19.18 39.07
CA GLY A 89 4.03 -18.06 39.94
C GLY A 89 2.96 -17.93 41.01
N VAL A 90 3.27 -17.24 42.11
CA VAL A 90 2.36 -17.17 43.24
C VAL A 90 2.16 -15.72 43.66
N TYR A 91 0.90 -15.29 43.74
CA TYR A 91 0.54 -14.03 44.35
C TYR A 91 0.19 -14.33 45.80
N PHE A 92 0.82 -13.64 46.73
CA PHE A 92 0.60 -13.87 48.15
C PHE A 92 0.12 -12.58 48.81
N ALA A 93 -1.11 -12.59 49.31
CA ALA A 93 -1.67 -11.44 50.00
C ALA A 93 -1.78 -11.75 51.47
N SER A 94 -1.57 -10.74 52.30
CA SER A 94 -1.58 -10.94 53.75
C SER A 94 -2.30 -9.81 54.45
N THR A 95 -3.42 -10.13 55.10
CA THR A 95 -4.09 -9.18 55.99
C THR A 95 -3.53 -9.53 57.36
N GLU A 96 -2.59 -8.70 57.81
CA GLU A 96 -1.74 -8.99 58.95
C GLU A 96 -1.77 -7.89 59.99
N LYS A 97 -1.83 -8.29 61.25
CA LYS A 97 -1.55 -7.45 62.39
C LYS A 97 -0.71 -8.27 63.35
N SER A 98 0.15 -7.60 64.13
CA SER A 98 0.97 -8.15 65.21
C SER A 98 2.04 -9.13 64.74
N ASN A 99 2.33 -9.18 63.43
CA ASN A 99 3.51 -9.84 62.85
C ASN A 99 3.61 -11.33 63.12
N ILE A 100 2.67 -12.10 62.56
CA ILE A 100 2.75 -13.56 62.66
C ILE A 100 3.48 -14.15 61.44
N ILE A 101 3.18 -13.67 60.23
CA ILE A 101 3.80 -14.23 59.02
C ILE A 101 5.26 -13.80 58.95
N ARG A 102 6.17 -14.77 58.82
CA ARG A 102 7.59 -14.49 58.89
C ARG A 102 8.39 -14.86 57.65
N GLY A 103 7.90 -15.75 56.80
CA GLY A 103 8.69 -16.13 55.64
C GLY A 103 8.04 -17.25 54.84
N TRP A 104 8.82 -17.76 53.89
CA TRP A 104 8.36 -18.77 52.96
C TRP A 104 9.42 -19.83 52.71
N ILE A 105 8.95 -20.99 52.25
CA ILE A 105 9.77 -22.13 51.87
C ILE A 105 9.46 -22.45 50.43
N PHE A 106 10.48 -22.61 49.60
CA PHE A 106 10.28 -23.02 48.21
C PHE A 106 11.12 -24.25 47.90
N GLY A 107 10.59 -25.12 47.04
CA GLY A 107 11.37 -26.27 46.63
C GLY A 107 10.55 -27.20 45.76
N THR A 108 11.05 -28.43 45.62
CA THR A 108 10.34 -29.47 44.88
C THR A 108 9.96 -30.64 45.77
N THR A 109 10.91 -31.20 46.52
CA THR A 109 10.66 -32.33 47.40
C THR A 109 10.77 -31.96 48.87
N LEU A 110 11.32 -30.78 49.19
CA LEU A 110 11.42 -30.23 50.55
C LEU A 110 12.21 -31.13 51.49
N ASP A 111 13.27 -31.76 50.98
CA ASP A 111 14.13 -32.62 51.78
C ASP A 111 15.56 -32.44 51.31
N SER A 112 16.47 -33.29 51.80
CA SER A 112 17.88 -33.18 51.47
C SER A 112 18.21 -33.72 50.07
N LYS A 113 17.27 -34.40 49.42
CA LYS A 113 17.52 -34.92 48.07
C LYS A 113 17.67 -33.78 47.06
N THR A 114 16.81 -32.77 47.14
CA THR A 114 16.85 -31.63 46.25
C THR A 114 17.29 -30.39 47.03
N GLN A 115 17.41 -29.27 46.32
CA GLN A 115 17.87 -28.02 46.90
C GLN A 115 16.69 -27.08 47.07
N SER A 116 16.58 -26.48 48.24
CA SER A 116 15.40 -25.69 48.60
C SER A 116 15.79 -24.28 49.04
N LEU A 117 14.82 -23.38 48.91
CA LEU A 117 14.99 -21.97 49.23
C LEU A 117 14.28 -21.62 50.52
N LEU A 118 14.98 -20.87 51.38
CA LEU A 118 14.49 -20.40 52.68
C LEU A 118 14.47 -18.88 52.64
N ILE A 119 13.31 -18.29 52.91
CA ILE A 119 13.22 -16.85 53.17
C ILE A 119 12.59 -16.66 54.54
N VAL A 120 13.32 -16.00 55.44
CA VAL A 120 12.79 -15.73 56.78
C VAL A 120 13.00 -14.25 57.09
N ASN A 121 12.12 -13.71 57.93
CA ASN A 121 12.23 -12.36 58.44
C ASN A 121 12.03 -12.44 59.96
N ASN A 122 13.11 -12.65 60.69
CA ASN A 122 13.02 -12.74 62.14
C ASN A 122 13.09 -11.33 62.73
N ALA A 123 13.33 -11.25 64.05
CA ALA A 123 13.32 -9.97 64.77
C ALA A 123 14.45 -9.02 64.37
N THR A 124 15.47 -9.48 63.65
CA THR A 124 16.61 -8.65 63.32
C THR A 124 16.74 -8.35 61.83
N ASN A 125 16.75 -9.36 60.96
CA ASN A 125 17.08 -9.15 59.56
C ASN A 125 16.35 -10.16 58.70
N VAL A 126 16.45 -9.98 57.38
CA VAL A 126 15.82 -10.88 56.41
C VAL A 126 16.92 -11.78 55.84
N VAL A 127 16.72 -13.09 55.94
CA VAL A 127 17.73 -14.06 55.52
C VAL A 127 17.16 -14.91 54.41
N ILE A 128 17.91 -15.01 53.31
CA ILE A 128 17.60 -15.88 52.18
C ILE A 128 18.73 -16.87 52.05
N LYS A 129 18.42 -18.16 52.11
CA LYS A 129 19.43 -19.20 51.98
C LYS A 129 18.94 -20.27 51.02
N VAL A 130 19.84 -20.73 50.16
CA VAL A 130 19.54 -21.81 49.23
C VAL A 130 20.37 -23.00 49.67
N CYS A 131 19.75 -23.97 50.35
CA CYS A 131 20.50 -25.08 50.92
C CYS A 131 19.66 -26.33 50.74
N GLU A 132 20.25 -27.49 51.02
CA GLU A 132 19.48 -28.74 51.03
C GLU A 132 18.98 -28.98 52.45
N PHE A 133 17.89 -28.30 52.80
CA PHE A 133 17.32 -28.44 54.14
C PHE A 133 16.50 -29.71 54.26
N GLN A 134 16.67 -30.41 55.38
CA GLN A 134 15.78 -31.51 55.74
C GLN A 134 14.66 -30.87 56.55
N PHE A 135 13.59 -30.49 55.86
CA PHE A 135 12.52 -29.71 56.50
C PHE A 135 11.65 -30.57 57.41
N CYS A 136 11.13 -29.92 58.45
CA CYS A 136 10.16 -30.55 59.34
C CYS A 136 8.80 -30.61 58.65
N ASN A 137 7.93 -31.48 59.18
CA ASN A 137 6.58 -31.57 58.66
C ASN A 137 5.78 -30.31 58.97
N ASP A 138 6.03 -29.68 60.12
CA ASP A 138 5.38 -28.43 60.52
C ASP A 138 6.43 -27.40 60.87
N PRO A 139 6.98 -26.69 59.88
CA PRO A 139 7.97 -25.65 60.18
C PRO A 139 7.32 -24.40 60.73
N PHE A 140 7.94 -23.82 61.77
CA PHE A 140 7.34 -22.69 62.48
C PHE A 140 8.39 -21.91 63.23
N LEU A 141 8.00 -20.69 63.61
CA LEU A 141 8.72 -19.82 64.54
C LEU A 141 7.87 -19.67 65.79
N GLY A 142 8.45 -19.09 66.84
CA GLY A 142 7.68 -18.93 68.06
C GLY A 142 7.98 -17.67 68.83
N VAL A 143 6.95 -17.08 69.44
CA VAL A 143 7.12 -15.89 70.27
C VAL A 143 6.63 -16.23 71.68
N TYR A 144 7.50 -16.01 72.67
CA TYR A 144 7.18 -16.25 74.06
C TYR A 144 6.71 -14.95 74.71
N TYR A 145 5.62 -15.03 75.47
CA TYR A 145 5.12 -13.87 76.19
C TYR A 145 5.14 -14.11 77.70
N MET A 153 9.29 -12.21 73.28
CA MET A 153 10.61 -12.58 72.78
C MET A 153 10.53 -13.82 71.89
N GLU A 154 11.42 -13.89 70.90
CA GLU A 154 11.47 -15.04 69.99
C GLU A 154 12.57 -15.98 70.48
N SER A 155 12.16 -17.19 70.89
CA SER A 155 13.11 -18.18 71.38
C SER A 155 12.75 -19.57 70.88
N GLU A 156 12.10 -19.66 69.72
CA GLU A 156 11.69 -20.95 69.18
C GLU A 156 11.78 -20.89 67.67
N PHE A 157 12.52 -21.82 67.08
CA PHE A 157 12.74 -21.88 65.64
C PHE A 157 12.83 -23.34 65.25
N ARG A 158 11.80 -23.87 64.58
CA ARG A 158 11.81 -25.27 64.16
C ARG A 158 11.35 -25.34 62.70
N VAL A 159 12.28 -25.17 61.77
CA VAL A 159 12.00 -25.19 60.34
C VAL A 159 12.70 -26.37 59.66
N TYR A 160 13.98 -26.56 59.91
CA TYR A 160 14.74 -27.62 59.29
C TYR A 160 15.59 -28.32 60.35
N SER A 161 15.96 -29.56 60.05
CA SER A 161 16.83 -30.32 60.94
C SER A 161 18.28 -30.33 60.50
N SER A 162 18.59 -30.00 59.25
CA SER A 162 19.95 -30.02 58.76
C SER A 162 20.09 -29.08 57.57
N ALA A 163 21.34 -28.70 57.28
CA ALA A 163 21.67 -27.92 56.10
C ALA A 163 23.10 -28.24 55.72
N ASN A 164 23.29 -29.03 54.66
CA ASN A 164 24.62 -29.53 54.32
C ASN A 164 25.32 -28.74 53.21
N ASN A 165 24.67 -28.53 52.07
CA ASN A 165 25.30 -27.91 50.91
C ASN A 165 24.56 -26.62 50.59
N CYS A 166 25.19 -25.49 50.89
CA CYS A 166 24.59 -24.18 50.68
C CYS A 166 25.33 -23.43 49.58
N THR A 167 24.58 -22.91 48.62
CA THR A 167 25.17 -22.22 47.48
C THR A 167 24.95 -20.71 47.49
N PHE A 168 23.81 -20.24 47.97
CA PHE A 168 23.47 -18.82 47.93
C PHE A 168 22.98 -18.33 49.28
N GLU A 169 23.55 -17.23 49.75
CA GLU A 169 23.14 -16.58 50.98
C GLU A 169 22.95 -15.08 50.71
N TYR A 170 21.92 -14.49 51.31
CA TYR A 170 21.60 -13.08 51.07
C TYR A 170 20.89 -12.53 52.30
N VAL A 171 21.58 -11.68 53.05
CA VAL A 171 21.01 -11.03 54.23
C VAL A 171 20.68 -9.58 53.90
N SER A 172 19.44 -9.17 54.15
CA SER A 172 18.99 -7.85 53.74
C SER A 172 18.12 -7.24 54.84
N GLN A 173 17.52 -6.09 54.50
CA GLN A 173 16.70 -5.31 55.40
C GLN A 173 15.36 -5.99 55.65
N PRO A 174 14.69 -5.65 56.77
CA PRO A 174 13.33 -6.17 57.01
C PRO A 174 12.33 -5.67 55.99
N PHE A 175 11.69 -6.62 55.30
CA PHE A 175 10.67 -6.27 54.31
C PHE A 175 9.42 -5.69 54.98
N LEU A 176 9.01 -6.28 56.09
CA LEU A 176 7.76 -5.90 56.74
C LEU A 176 7.99 -4.84 57.81
N ASN A 185 -8.95 -6.26 64.44
CA ASN A 185 -9.01 -5.64 63.12
C ASN A 185 -7.64 -5.71 62.45
N PHE A 186 -7.63 -6.19 61.21
CA PHE A 186 -6.39 -6.25 60.44
C PHE A 186 -5.99 -4.85 60.00
N LYS A 187 -4.73 -4.48 60.22
CA LYS A 187 -4.25 -3.15 59.96
C LYS A 187 -3.26 -3.05 58.81
N ASN A 188 -2.62 -4.14 58.41
CA ASN A 188 -1.57 -4.09 57.41
C ASN A 188 -1.91 -5.02 56.26
N LEU A 189 -1.67 -4.57 55.03
CA LEU A 189 -1.87 -5.39 53.85
C LEU A 189 -0.52 -5.57 53.17
N ARG A 190 -0.12 -6.83 52.98
CA ARG A 190 1.15 -7.17 52.35
C ARG A 190 0.85 -7.88 51.05
N GLU A 191 1.28 -7.31 49.92
CA GLU A 191 1.17 -8.04 48.66
C GLU A 191 2.56 -8.42 48.17
N PHE A 192 2.71 -9.67 47.75
CA PHE A 192 3.93 -10.18 47.18
C PHE A 192 3.62 -10.95 45.91
N VAL A 193 4.54 -10.89 44.96
CA VAL A 193 4.48 -11.69 43.75
C VAL A 193 5.79 -12.44 43.65
N PHE A 194 5.72 -13.77 43.61
CA PHE A 194 6.89 -14.63 43.49
C PHE A 194 6.87 -15.27 42.11
N LYS A 195 7.95 -15.04 41.35
CA LYS A 195 8.10 -15.63 40.03
C LYS A 195 9.47 -16.30 39.94
N ASN A 196 9.57 -17.35 39.13
CA ASN A 196 10.83 -18.07 38.93
C ASN A 196 11.01 -18.27 37.42
N ILE A 197 11.81 -17.40 36.80
CA ILE A 197 12.11 -17.51 35.37
C ILE A 197 13.62 -17.46 35.19
N ASP A 198 14.15 -18.43 34.42
CA ASP A 198 15.55 -18.49 33.99
C ASP A 198 16.52 -18.53 35.16
N GLY A 199 16.13 -19.22 36.21
CA GLY A 199 16.96 -19.30 37.40
C GLY A 199 16.90 -18.08 38.29
N TYR A 200 16.02 -17.13 37.98
CA TYR A 200 15.88 -15.90 38.76
C TYR A 200 14.53 -15.90 39.47
N PHE A 201 14.58 -15.64 40.77
CA PHE A 201 13.39 -15.53 41.61
C PHE A 201 13.11 -14.05 41.80
N LYS A 202 12.05 -13.57 41.17
CA LYS A 202 11.63 -12.18 41.28
C LYS A 202 10.58 -12.08 42.37
N ILE A 203 10.85 -11.24 43.37
CA ILE A 203 9.89 -10.94 44.43
C ILE A 203 9.49 -9.49 44.28
N TYR A 204 8.19 -9.26 44.12
CA TYR A 204 7.59 -7.94 44.02
C TYR A 204 6.78 -7.71 45.28
N SER A 205 6.81 -6.48 45.81
CA SER A 205 6.16 -6.24 47.09
C SER A 205 5.44 -4.89 47.10
N LYS A 206 4.39 -4.82 47.92
CA LYS A 206 3.67 -3.58 48.16
C LYS A 206 3.06 -3.64 49.55
N HIS A 207 3.20 -2.53 50.29
CA HIS A 207 2.71 -2.43 51.66
C HIS A 207 1.59 -1.41 51.68
N THR A 208 0.43 -1.78 52.22
CA THR A 208 -0.73 -0.92 52.15
C THR A 208 -1.39 -0.76 53.52
N PRO A 209 -1.59 0.48 53.99
CA PRO A 209 -2.35 0.68 55.23
C PRO A 209 -3.84 0.54 54.95
N ILE A 210 -4.50 -0.40 55.63
CA ILE A 210 -5.93 -0.65 55.45
C ILE A 210 -6.60 -0.66 56.81
N ASN A 211 -7.93 -0.57 56.79
CA ASN A 211 -8.73 -0.68 58.00
C ASN A 211 -9.96 -1.55 57.78
N LEU A 212 -9.88 -2.49 56.84
CA LEU A 212 -11.02 -3.36 56.54
C LEU A 212 -10.88 -4.62 57.40
N VAL A 213 -12.02 -5.15 57.84
CA VAL A 213 -11.97 -6.19 58.86
C VAL A 213 -11.65 -7.58 58.29
N ARG A 214 -12.37 -8.03 57.26
CA ARG A 214 -12.27 -9.45 56.95
C ARG A 214 -11.71 -9.80 55.58
N ASP A 215 -12.07 -9.10 54.52
CA ASP A 215 -11.72 -9.56 53.19
C ASP A 215 -10.69 -8.65 52.53
N LEU A 216 -10.39 -8.93 51.26
CA LEU A 216 -9.51 -8.09 50.48
C LEU A 216 -10.22 -6.79 50.10
N PRO A 217 -9.63 -5.63 50.35
CA PRO A 217 -10.23 -4.38 49.88
C PRO A 217 -10.24 -4.32 48.36
N GLN A 218 -11.26 -3.64 47.82
CA GLN A 218 -11.44 -3.52 46.39
C GLN A 218 -10.79 -2.22 45.94
N GLY A 219 -9.78 -2.34 45.08
CA GLY A 219 -9.03 -1.19 44.62
C GLY A 219 -7.86 -1.66 43.77
N PHE A 220 -6.98 -0.71 43.48
CA PHE A 220 -5.83 -1.02 42.64
C PHE A 220 -4.57 -0.49 43.30
N SER A 221 -3.52 -1.32 43.30
CA SER A 221 -2.22 -0.92 43.83
C SER A 221 -1.15 -1.73 43.11
N ALA A 222 -0.29 -1.05 42.35
CA ALA A 222 0.73 -1.74 41.56
C ALA A 222 1.89 -2.13 42.45
N LEU A 223 2.37 -3.36 42.31
CA LEU A 223 3.39 -3.90 43.19
C LEU A 223 4.76 -3.52 42.66
N GLU A 224 5.54 -2.81 43.47
CA GLU A 224 6.91 -2.50 43.07
C GLU A 224 7.80 -3.73 43.24
N PRO A 225 8.81 -3.89 42.38
CA PRO A 225 9.76 -4.99 42.56
C PRO A 225 10.60 -4.80 43.81
N LEU A 226 10.70 -5.86 44.61
CA LEU A 226 11.42 -5.80 45.88
C LEU A 226 12.83 -6.34 45.75
N VAL A 227 12.99 -7.56 45.21
CA VAL A 227 14.31 -8.16 45.14
C VAL A 227 14.34 -9.14 43.97
N ASP A 228 15.52 -9.33 43.39
CA ASP A 228 15.77 -10.33 42.37
C ASP A 228 16.87 -11.24 42.89
N LEU A 229 16.57 -12.52 43.03
CA LEU A 229 17.50 -13.46 43.63
C LEU A 229 18.01 -14.45 42.59
N PRO A 230 19.33 -14.59 42.43
CA PRO A 230 19.90 -15.59 41.50
C PRO A 230 20.02 -16.97 42.11
N ILE A 231 18.87 -17.59 42.41
CA ILE A 231 18.90 -18.85 43.13
C ILE A 231 19.17 -20.04 42.20
N GLY A 232 18.62 -20.04 40.99
CA GLY A 232 18.85 -21.09 40.01
C GLY A 232 18.40 -22.48 40.39
N ILE A 233 17.25 -22.60 41.06
CA ILE A 233 16.77 -23.89 41.53
C ILE A 233 15.36 -24.15 41.03
N ASN A 234 15.00 -25.43 40.99
CA ASN A 234 13.68 -25.87 40.58
C ASN A 234 12.71 -25.68 41.75
N ILE A 235 11.57 -25.02 41.49
CA ILE A 235 10.55 -24.77 42.49
C ILE A 235 9.20 -25.22 41.95
N THR A 236 8.54 -26.15 42.65
CA THR A 236 7.18 -26.56 42.32
C THR A 236 6.23 -26.50 43.51
N ARG A 237 6.74 -26.38 44.73
CA ARG A 237 5.93 -26.40 45.94
C ARG A 237 6.45 -25.33 46.90
N PHE A 238 5.54 -24.78 47.71
CA PHE A 238 5.94 -23.73 48.63
C PHE A 238 5.12 -23.84 49.92
N GLN A 239 5.66 -23.23 50.97
CA GLN A 239 5.11 -23.29 52.32
C GLN A 239 5.13 -21.89 52.92
N THR A 240 4.08 -21.55 53.65
CA THR A 240 4.05 -20.33 54.43
C THR A 240 4.57 -20.62 55.83
N LEU A 241 5.40 -19.72 56.36
CA LEU A 241 5.95 -19.86 57.70
C LEU A 241 5.21 -18.93 58.64
N LEU A 242 4.68 -19.49 59.73
CA LEU A 242 3.96 -18.71 60.72
C LEU A 242 4.72 -18.76 62.04
N ALA A 243 4.21 -18.00 63.02
CA ALA A 243 4.80 -17.93 64.35
C ALA A 243 3.73 -18.27 65.37
N LEU A 244 4.08 -19.14 66.31
CA LEU A 244 3.21 -19.49 67.41
C LEU A 244 3.30 -18.41 68.49
N HIS A 245 2.29 -18.36 69.35
CA HIS A 245 2.31 -17.51 70.53
C HIS A 245 2.20 -18.41 71.75
N ARG A 246 3.18 -18.30 72.66
CA ARG A 246 3.22 -19.16 73.83
C ARG A 246 3.06 -18.30 75.08
N SER A 247 2.33 -18.82 76.07
CA SER A 247 2.14 -18.12 77.33
C SER A 247 2.34 -19.06 78.51
N GLY A 257 0.32 -25.44 75.64
CA GLY A 257 0.28 -25.56 74.20
C GLY A 257 0.68 -24.29 73.47
N TRP A 258 0.07 -24.06 72.31
CA TRP A 258 0.39 -22.92 71.47
C TRP A 258 -0.88 -22.16 71.11
N THR A 259 -0.71 -20.88 70.79
CA THR A 259 -1.80 -20.02 70.39
C THR A 259 -1.46 -19.34 69.07
N ALA A 260 -2.43 -19.29 68.16
CA ALA A 260 -2.24 -18.67 66.86
C ALA A 260 -2.79 -17.25 66.87
N GLY A 261 -1.94 -16.28 66.51
CA GLY A 261 -2.40 -14.92 66.42
C GLY A 261 -3.32 -14.72 65.23
N ALA A 262 -4.13 -13.66 65.29
CA ALA A 262 -5.12 -13.41 64.26
C ALA A 262 -4.44 -12.92 62.99
N ALA A 263 -4.54 -13.70 61.92
CA ALA A 263 -3.93 -13.35 60.65
C ALA A 263 -4.68 -14.05 59.53
N ALA A 264 -4.56 -13.52 58.31
CA ALA A 264 -5.19 -14.20 57.19
C ALA A 264 -4.35 -13.98 55.95
N TYR A 265 -4.23 -15.01 55.11
CA TYR A 265 -3.47 -14.85 53.89
C TYR A 265 -4.22 -15.47 52.73
N TYR A 266 -3.82 -15.08 51.53
CA TYR A 266 -4.50 -15.43 50.29
C TYR A 266 -3.45 -15.85 49.28
N VAL A 267 -3.73 -16.93 48.56
CA VAL A 267 -2.83 -17.47 47.55
C VAL A 267 -3.55 -17.44 46.21
N GLY A 268 -2.94 -16.78 45.24
CA GLY A 268 -3.46 -16.78 43.88
C GLY A 268 -2.38 -17.25 42.93
N TYR A 269 -2.75 -17.67 41.73
CA TYR A 269 -1.80 -18.24 40.80
C TYR A 269 -1.71 -17.37 39.55
N LEU A 270 -0.47 -17.16 39.09
CA LEU A 270 -0.23 -16.33 37.92
C LEU A 270 -0.40 -17.15 36.66
N GLN A 271 -0.93 -16.50 35.62
CA GLN A 271 -1.11 -17.11 34.30
C GLN A 271 -0.52 -16.17 33.26
N PRO A 272 -0.02 -16.71 32.15
CA PRO A 272 0.51 -15.84 31.09
C PRO A 272 -0.63 -15.14 30.33
N ARG A 273 -0.65 -13.81 30.42
CA ARG A 273 -1.71 -13.05 29.78
C ARG A 273 -1.20 -11.62 29.53
N THR A 274 -2.03 -10.84 28.85
CA THR A 274 -1.71 -9.48 28.47
C THR A 274 -2.48 -8.50 29.33
N PHE A 275 -1.79 -7.50 29.86
CA PHE A 275 -2.43 -6.37 30.53
C PHE A 275 -2.12 -5.07 29.78
N LEU A 276 -3.09 -4.16 29.83
CA LEU A 276 -2.90 -2.79 29.39
C LEU A 276 -2.75 -1.95 30.64
N LEU A 277 -1.53 -1.46 30.89
CA LEU A 277 -1.22 -0.68 32.07
C LEU A 277 -1.24 0.80 31.75
N LYS A 278 -1.73 1.61 32.69
CA LYS A 278 -1.76 3.05 32.52
C LYS A 278 -0.71 3.67 33.43
N TYR A 279 0.23 4.41 32.84
CA TYR A 279 1.26 5.13 33.58
C TYR A 279 0.89 6.60 33.61
N ASN A 280 0.85 7.18 34.82
CA ASN A 280 0.46 8.57 35.01
C ASN A 280 1.66 9.49 34.74
N GLU A 281 1.53 10.76 35.13
CA GLU A 281 2.61 11.71 34.95
C GLU A 281 3.78 11.46 35.90
N ASN A 282 3.56 10.68 36.97
CA ASN A 282 4.59 10.40 37.96
C ASN A 282 5.21 9.01 37.77
N GLY A 283 4.85 8.32 36.69
CA GLY A 283 5.43 7.02 36.41
C GLY A 283 4.87 5.89 37.23
N THR A 284 3.72 6.10 37.88
CA THR A 284 3.10 5.08 38.71
C THR A 284 1.93 4.45 37.96
N ILE A 285 1.87 3.12 37.97
CA ILE A 285 0.74 2.42 37.35
C ILE A 285 -0.50 2.67 38.20
N THR A 286 -1.50 3.34 37.61
CA THR A 286 -2.69 3.72 38.34
C THR A 286 -3.92 2.91 37.96
N ASP A 287 -3.91 2.25 36.80
CA ASP A 287 -5.04 1.42 36.39
C ASP A 287 -4.55 0.37 35.41
N ALA A 288 -5.32 -0.71 35.30
CA ALA A 288 -4.95 -1.82 34.43
C ALA A 288 -6.18 -2.44 33.80
N VAL A 289 -5.97 -3.07 32.65
CA VAL A 289 -7.01 -3.77 31.91
C VAL A 289 -6.53 -5.19 31.61
N ASP A 290 -7.32 -6.18 32.01
CA ASP A 290 -7.04 -7.56 31.65
C ASP A 290 -7.56 -7.81 30.24
N CYS A 291 -6.66 -8.13 29.31
CA CYS A 291 -7.03 -8.19 27.90
C CYS A 291 -7.91 -9.39 27.57
N ALA A 292 -7.89 -10.44 28.39
CA ALA A 292 -8.63 -11.66 28.09
C ALA A 292 -9.73 -11.94 29.12
N LEU A 293 -10.17 -10.93 29.87
CA LEU A 293 -11.18 -11.17 30.90
C LEU A 293 -12.58 -11.23 30.31
N ASP A 294 -13.00 -10.16 29.65
CA ASP A 294 -14.33 -10.02 29.06
C ASP A 294 -14.17 -9.26 27.76
N PRO A 295 -15.16 -9.35 26.85
CA PRO A 295 -15.08 -8.59 25.58
C PRO A 295 -14.96 -7.07 25.73
N LEU A 296 -15.46 -6.47 26.80
CA LEU A 296 -15.28 -5.02 26.97
C LEU A 296 -13.82 -4.67 27.21
N SER A 297 -13.16 -5.41 28.10
CA SER A 297 -11.75 -5.15 28.35
C SER A 297 -10.89 -5.62 27.18
N GLU A 298 -11.37 -6.60 26.41
CA GLU A 298 -10.66 -6.98 25.20
C GLU A 298 -10.76 -5.88 24.15
N THR A 299 -11.89 -5.19 24.09
CA THR A 299 -12.04 -4.04 23.21
C THR A 299 -11.12 -2.90 23.66
N LYS A 300 -11.01 -2.71 24.98
CA LYS A 300 -10.08 -1.71 25.53
C LYS A 300 -8.64 -2.08 25.19
N CYS A 301 -8.32 -3.37 25.23
CA CYS A 301 -7.00 -3.87 24.87
C CYS A 301 -6.70 -3.63 23.40
N THR A 302 -7.69 -3.85 22.53
CA THR A 302 -7.49 -3.68 21.10
C THR A 302 -7.36 -2.20 20.72
N LEU A 303 -8.21 -1.35 21.29
CA LEU A 303 -8.22 0.06 20.94
C LEU A 303 -7.12 0.86 21.63
N LYS A 304 -6.39 0.24 22.57
CA LYS A 304 -5.33 0.88 23.37
C LYS A 304 -5.85 2.09 24.14
N SER A 305 -7.07 1.99 24.66
CA SER A 305 -7.69 3.07 25.39
C SER A 305 -8.54 2.49 26.51
N PHE A 306 -8.68 3.24 27.60
CA PHE A 306 -9.50 2.83 28.72
C PHE A 306 -10.96 3.23 28.57
N THR A 307 -11.27 4.09 27.61
CA THR A 307 -12.63 4.51 27.31
C THR A 307 -12.95 4.12 25.89
N VAL A 308 -14.10 3.49 25.69
CA VAL A 308 -14.53 3.00 24.38
C VAL A 308 -15.75 3.81 23.95
N GLU A 309 -15.66 4.43 22.77
CA GLU A 309 -16.79 5.16 22.21
C GLU A 309 -17.84 4.16 21.72
N LYS A 310 -19.09 4.62 21.63
CA LYS A 310 -20.18 3.78 21.15
C LYS A 310 -19.94 3.33 19.70
N GLY A 311 -20.09 2.04 19.46
CA GLY A 311 -19.92 1.50 18.13
C GLY A 311 -19.65 0.01 18.19
N ILE A 312 -19.29 -0.53 17.02
CA ILE A 312 -18.95 -1.93 16.87
C ILE A 312 -17.46 -2.00 16.52
N TYR A 313 -16.72 -2.85 17.23
CA TYR A 313 -15.28 -2.94 17.05
C TYR A 313 -14.89 -4.39 16.86
N GLN A 314 -14.23 -4.68 15.74
CA GLN A 314 -13.75 -6.03 15.48
C GLN A 314 -12.51 -6.24 16.34
N THR A 315 -12.60 -7.13 17.32
CA THR A 315 -11.54 -7.29 18.30
C THR A 315 -10.75 -8.59 18.17
N SER A 316 -11.37 -9.69 17.75
CA SER A 316 -10.65 -10.96 17.79
C SER A 316 -11.09 -11.82 16.61
N ASN A 317 -10.59 -13.05 16.58
CA ASN A 317 -10.90 -13.98 15.50
C ASN A 317 -11.25 -15.33 16.11
N PHE A 318 -12.54 -15.66 16.08
CA PHE A 318 -13.01 -16.95 16.56
C PHE A 318 -12.46 -18.07 15.68
N ARG A 319 -11.90 -19.10 16.30
CA ARG A 319 -11.41 -20.27 15.62
C ARG A 319 -12.07 -21.51 16.21
N VAL A 320 -12.53 -22.42 15.36
CA VAL A 320 -12.94 -23.74 15.83
C VAL A 320 -11.68 -24.57 15.96
N GLN A 321 -11.29 -24.85 17.20
CA GLN A 321 -10.05 -25.57 17.45
C GLN A 321 -10.16 -27.02 16.98
N PRO A 322 -9.12 -27.56 16.34
CA PRO A 322 -9.12 -28.97 15.95
C PRO A 322 -9.16 -29.88 17.16
N THR A 323 -9.99 -30.92 17.09
CA THR A 323 -10.19 -31.81 18.23
C THR A 323 -9.35 -33.09 18.12
N GLU A 324 -9.36 -33.73 16.97
CA GLU A 324 -8.64 -34.99 16.78
C GLU A 324 -7.69 -34.88 15.61
N SER A 325 -6.80 -35.86 15.51
CA SER A 325 -5.89 -36.01 14.38
C SER A 325 -6.22 -37.32 13.69
N ILE A 326 -6.51 -37.25 12.40
CA ILE A 326 -6.89 -38.43 11.63
C ILE A 326 -5.82 -38.66 10.55
N VAL A 327 -5.10 -39.78 10.65
CA VAL A 327 -4.11 -40.16 9.66
C VAL A 327 -4.60 -41.44 8.98
N ARG A 328 -4.89 -41.35 7.69
CA ARG A 328 -5.35 -42.48 6.89
C ARG A 328 -4.32 -42.77 5.80
N PHE A 329 -3.78 -43.98 5.81
CA PHE A 329 -2.74 -44.41 4.89
C PHE A 329 -3.18 -45.71 4.23
N PRO A 330 -2.72 -46.01 2.99
CA PRO A 330 -3.33 -47.16 2.32
C PRO A 330 -2.78 -48.51 2.80
N THR A 531 -5.04 -44.74 11.65
CA THR A 531 -6.05 -44.75 12.70
C THR A 531 -7.46 -44.75 12.13
N ASN A 532 -8.45 -44.73 13.01
CA ASN A 532 -9.85 -44.69 12.59
C ASN A 532 -10.20 -43.31 12.04
N LEU A 533 -11.26 -43.28 11.24
CA LEU A 533 -11.73 -42.06 10.59
C LEU A 533 -12.87 -41.46 11.40
N VAL A 534 -12.79 -40.16 11.69
CA VAL A 534 -13.83 -39.44 12.40
C VAL A 534 -14.37 -38.36 11.47
N LYS A 535 -15.69 -38.36 11.28
CA LYS A 535 -16.34 -37.42 10.38
C LYS A 535 -17.13 -36.37 11.16
N ASN A 536 -17.54 -35.33 10.42
CA ASN A 536 -18.40 -34.23 10.87
C ASN A 536 -17.80 -33.42 12.02
N LYS A 537 -16.48 -33.42 12.16
CA LYS A 537 -15.80 -32.63 13.18
C LYS A 537 -14.57 -31.97 12.59
N CYS A 538 -14.20 -30.83 13.15
CA CYS A 538 -13.03 -30.09 12.68
C CYS A 538 -11.82 -30.82 13.22
N VAL A 539 -11.20 -31.64 12.36
CA VAL A 539 -10.06 -32.48 12.74
C VAL A 539 -8.90 -32.19 11.82
N ASN A 540 -7.71 -32.62 12.25
CA ASN A 540 -6.51 -32.52 11.44
C ASN A 540 -6.38 -33.80 10.62
N PHE A 541 -6.55 -33.68 9.30
CA PHE A 541 -6.52 -34.84 8.42
C PHE A 541 -5.15 -34.92 7.75
N ASN A 542 -4.66 -36.15 7.59
CA ASN A 542 -3.43 -36.43 6.86
C ASN A 542 -3.74 -37.61 5.96
N PHE A 543 -4.04 -37.33 4.69
CA PHE A 543 -4.43 -38.36 3.72
C PHE A 543 -3.33 -38.46 2.68
N ASN A 544 -2.54 -39.55 2.77
CA ASN A 544 -1.49 -39.91 1.80
C ASN A 544 -0.46 -38.81 1.63
N GLY A 545 -0.12 -38.14 2.73
CA GLY A 545 0.84 -37.06 2.71
C GLY A 545 0.24 -35.69 2.51
N LEU A 546 -1.04 -35.60 2.19
CA LEU A 546 -1.73 -34.30 2.08
C LEU A 546 -2.35 -34.00 3.43
N THR A 547 -1.87 -32.96 4.10
CA THR A 547 -2.33 -32.64 5.43
C THR A 547 -3.13 -31.35 5.44
N GLY A 548 -3.92 -31.19 6.49
CA GLY A 548 -4.71 -29.98 6.66
C GLY A 548 -5.64 -30.12 7.84
N THR A 549 -6.50 -29.10 7.99
CA THR A 549 -7.50 -29.09 9.05
C THR A 549 -8.85 -28.80 8.42
N GLY A 550 -9.86 -29.60 8.76
CA GLY A 550 -11.17 -29.38 8.18
C GLY A 550 -12.20 -30.32 8.77
N VAL A 551 -13.44 -30.12 8.35
CA VAL A 551 -14.56 -31.00 8.67
C VAL A 551 -14.76 -31.93 7.49
N LEU A 552 -14.68 -33.24 7.74
CA LEU A 552 -14.79 -34.25 6.69
C LEU A 552 -16.21 -34.78 6.68
N THR A 553 -16.97 -34.43 5.65
CA THR A 553 -18.36 -34.87 5.52
C THR A 553 -18.51 -35.75 4.30
N GLU A 554 -19.66 -36.40 4.19
CA GLU A 554 -19.94 -37.24 3.03
C GLU A 554 -20.11 -36.37 1.78
N SER A 555 -19.67 -36.91 0.64
CA SER A 555 -19.67 -36.16 -0.61
C SER A 555 -20.53 -36.84 -1.66
N ASN A 556 -21.22 -36.03 -2.45
CA ASN A 556 -22.01 -36.51 -3.58
C ASN A 556 -21.25 -36.44 -4.90
N LYS A 557 -19.99 -36.00 -4.87
CA LYS A 557 -19.16 -35.94 -6.06
C LYS A 557 -18.65 -37.33 -6.39
N LYS A 558 -18.94 -37.79 -7.61
CA LYS A 558 -18.52 -39.11 -8.06
C LYS A 558 -17.17 -38.99 -8.76
N PHE A 559 -16.12 -39.43 -8.07
CA PHE A 559 -14.78 -39.38 -8.64
C PHE A 559 -14.61 -40.46 -9.71
N LEU A 560 -13.73 -40.20 -10.65
CA LEU A 560 -13.29 -41.27 -11.52
C LEU A 560 -12.28 -42.11 -10.75
N PRO A 561 -12.15 -43.41 -11.06
CA PRO A 561 -11.33 -44.31 -10.21
C PRO A 561 -9.84 -43.95 -10.10
N PHE A 562 -9.29 -43.18 -11.02
CA PHE A 562 -7.88 -42.79 -10.93
C PHE A 562 -7.65 -41.54 -10.09
N GLN A 563 -8.70 -40.81 -9.73
CA GLN A 563 -8.55 -39.54 -9.04
C GLN A 563 -8.61 -39.71 -7.54
N GLN A 564 -7.79 -38.94 -6.82
CA GLN A 564 -7.66 -39.06 -5.38
C GLN A 564 -8.11 -37.81 -4.62
N PHE A 565 -7.72 -36.63 -5.09
CA PHE A 565 -8.08 -35.39 -4.42
C PHE A 565 -8.99 -34.57 -5.31
N GLY A 566 -9.60 -33.56 -4.73
CA GLY A 566 -10.49 -32.68 -5.48
C GLY A 566 -10.19 -31.22 -5.19
N ARG A 567 -10.23 -30.41 -6.24
CA ARG A 567 -9.95 -28.99 -6.14
C ARG A 567 -11.09 -28.18 -6.73
N ASP A 568 -11.28 -26.99 -6.19
CA ASP A 568 -12.28 -26.05 -6.67
C ASP A 568 -11.64 -25.12 -7.70
N ILE A 569 -12.29 -24.00 -7.99
CA ILE A 569 -11.76 -23.03 -8.95
C ILE A 569 -10.46 -22.43 -8.42
N ALA A 570 -10.40 -22.16 -7.12
CA ALA A 570 -9.28 -21.47 -6.50
C ALA A 570 -8.14 -22.40 -6.09
N ASP A 571 -8.12 -23.63 -6.62
CA ASP A 571 -7.05 -24.62 -6.43
C ASP A 571 -6.84 -24.99 -4.95
N THR A 572 -7.93 -25.06 -4.20
CA THR A 572 -7.90 -25.51 -2.81
C THR A 572 -8.55 -26.88 -2.72
N THR A 573 -7.98 -27.75 -1.90
CA THR A 573 -8.46 -29.13 -1.80
C THR A 573 -9.77 -29.16 -1.02
N ASP A 574 -10.88 -29.40 -1.72
CA ASP A 574 -12.19 -29.46 -1.09
C ASP A 574 -12.83 -30.84 -1.15
N ALA A 575 -12.25 -31.79 -1.90
CA ALA A 575 -12.73 -33.15 -1.95
C ALA A 575 -11.54 -34.09 -1.92
N VAL A 576 -11.72 -35.26 -1.32
CA VAL A 576 -10.61 -36.20 -1.15
C VAL A 576 -11.18 -37.62 -1.11
N ARG A 577 -10.32 -38.60 -1.41
CA ARG A 577 -10.67 -40.00 -1.33
C ARG A 577 -9.87 -40.64 -0.20
N ASP A 578 -10.55 -41.37 0.67
CA ASP A 578 -9.87 -42.09 1.74
C ASP A 578 -9.12 -43.28 1.15
N PRO A 579 -7.84 -43.48 1.51
CA PRO A 579 -7.09 -44.57 0.91
C PRO A 579 -7.51 -45.95 1.40
N GLN A 580 -7.94 -46.08 2.65
CA GLN A 580 -8.34 -47.38 3.18
C GLN A 580 -9.63 -47.87 2.54
N THR A 581 -10.69 -47.07 2.63
CA THR A 581 -11.97 -47.37 2.00
C THR A 581 -12.25 -46.32 0.93
N LEU A 582 -12.53 -46.79 -0.28
CA LEU A 582 -12.66 -45.89 -1.44
C LEU A 582 -14.00 -45.16 -1.36
N GLU A 583 -14.01 -44.09 -0.57
CA GLU A 583 -15.18 -43.22 -0.43
C GLU A 583 -14.74 -41.78 -0.59
N ILE A 584 -15.68 -40.92 -0.99
CA ILE A 584 -15.38 -39.54 -1.30
C ILE A 584 -15.84 -38.68 -0.13
N LEU A 585 -14.96 -37.80 0.35
CA LEU A 585 -15.24 -36.93 1.49
C LEU A 585 -15.05 -35.48 1.08
N ASP A 586 -16.02 -34.64 1.43
CA ASP A 586 -15.89 -33.20 1.29
C ASP A 586 -15.15 -32.64 2.49
N ILE A 587 -14.26 -31.69 2.24
CA ILE A 587 -13.48 -31.04 3.28
C ILE A 587 -14.00 -29.61 3.41
N THR A 588 -14.87 -29.38 4.35
CA THR A 588 -15.34 -28.02 4.60
C THR A 588 -14.37 -27.34 5.56
N PRO A 589 -13.91 -26.12 5.27
CA PRO A 589 -13.04 -25.41 6.22
C PRO A 589 -13.77 -25.16 7.53
N CYS A 590 -13.01 -25.19 8.64
CA CYS A 590 -13.57 -24.96 9.96
C CYS A 590 -14.15 -23.56 10.05
N SER A 591 -15.10 -23.37 10.97
CA SER A 591 -15.87 -22.13 11.03
C SER A 591 -15.07 -20.99 11.68
N PHE A 592 -14.15 -20.43 10.91
CA PHE A 592 -13.44 -19.24 11.37
C PHE A 592 -14.38 -18.03 11.29
N GLY A 593 -14.20 -17.09 12.19
CA GLY A 593 -15.04 -15.90 12.12
C GLY A 593 -14.38 -14.74 12.81
N GLY A 594 -14.91 -13.54 12.55
CA GLY A 594 -14.44 -12.35 13.23
C GLY A 594 -15.29 -12.08 14.45
N VAL A 595 -14.63 -11.86 15.59
CA VAL A 595 -15.31 -11.52 16.83
C VAL A 595 -15.33 -10.01 16.94
N SER A 596 -16.54 -9.44 16.87
CA SER A 596 -16.76 -8.01 16.98
C SER A 596 -17.51 -7.72 18.26
N VAL A 597 -17.19 -6.62 18.92
CA VAL A 597 -17.81 -6.25 20.18
C VAL A 597 -18.66 -5.01 19.94
N ILE A 598 -19.95 -5.11 20.25
CA ILE A 598 -20.89 -4.02 20.10
C ILE A 598 -21.14 -3.44 21.48
N THR A 599 -20.80 -2.18 21.66
CA THR A 599 -20.94 -1.56 22.95
C THR A 599 -21.39 -0.12 22.81
N PRO A 600 -22.10 0.42 23.80
CA PRO A 600 -22.26 1.87 23.89
C PRO A 600 -21.01 2.48 24.53
N GLY A 601 -21.03 3.77 24.82
CA GLY A 601 -19.92 4.37 25.50
C GLY A 601 -19.75 3.82 26.91
N THR A 602 -18.50 3.74 27.35
CA THR A 602 -18.21 3.34 28.73
C THR A 602 -18.71 4.36 29.73
N ASN A 603 -18.90 5.62 29.30
CA ASN A 603 -19.55 6.61 30.13
C ASN A 603 -21.02 6.24 30.37
N THR A 604 -21.65 5.59 29.39
CA THR A 604 -23.06 5.22 29.50
C THR A 604 -23.23 3.88 30.22
N SER A 605 -22.62 2.81 29.72
CA SER A 605 -22.81 1.49 30.30
C SER A 605 -21.64 0.60 29.93
N ASN A 606 -21.50 -0.50 30.68
CA ASN A 606 -20.46 -1.49 30.44
C ASN A 606 -20.99 -2.76 29.78
N GLN A 607 -22.26 -2.79 29.41
CA GLN A 607 -22.82 -3.97 28.74
C GLN A 607 -22.33 -4.05 27.30
N VAL A 608 -21.98 -5.26 26.88
CA VAL A 608 -21.49 -5.50 25.52
C VAL A 608 -22.24 -6.67 24.90
N ALA A 609 -22.18 -6.73 23.58
CA ALA A 609 -22.69 -7.85 22.81
C ALA A 609 -21.58 -8.33 21.88
N VAL A 610 -21.59 -9.62 21.55
CA VAL A 610 -20.54 -10.22 20.74
C VAL A 610 -21.16 -10.72 19.44
N LEU A 611 -20.58 -10.30 18.32
CA LEU A 611 -20.99 -10.77 17.00
C LEU A 611 -19.89 -11.68 16.45
N TYR A 612 -20.25 -12.92 16.15
CA TYR A 612 -19.37 -13.85 15.47
C TYR A 612 -19.78 -13.81 14.01
N GLN A 613 -18.93 -13.22 13.17
CA GLN A 613 -19.30 -12.98 11.78
C GLN A 613 -19.23 -14.26 10.97
N GLY A 614 -20.30 -14.52 10.20
CA GLY A 614 -20.38 -15.69 9.35
C GLY A 614 -20.30 -17.00 10.08
N VAL A 615 -20.74 -17.04 11.33
CA VAL A 615 -20.71 -18.23 12.17
C VAL A 615 -22.13 -18.55 12.60
N ASN A 616 -22.56 -19.80 12.36
CA ASN A 616 -23.87 -20.24 12.81
C ASN A 616 -23.88 -20.31 14.33
N CYS A 617 -25.06 -20.10 14.91
CA CYS A 617 -25.18 -20.01 16.37
C CYS A 617 -25.00 -21.34 17.07
N THR A 618 -25.07 -22.45 16.35
CA THR A 618 -24.87 -23.77 16.93
C THR A 618 -23.42 -24.21 16.95
N GLU A 619 -22.51 -23.39 16.40
CA GLU A 619 -21.10 -23.73 16.30
C GLU A 619 -20.23 -22.81 17.14
N VAL A 620 -20.79 -22.14 18.13
CA VAL A 620 -20.02 -21.26 18.99
C VAL A 620 -20.01 -21.76 20.42
N ASN A 641 -30.04 -14.91 25.25
CA ASN A 641 -29.83 -13.76 24.39
C ASN A 641 -28.94 -14.11 23.21
N VAL A 642 -29.31 -15.17 22.50
CA VAL A 642 -28.57 -15.63 21.31
C VAL A 642 -29.50 -15.48 20.13
N PHE A 643 -29.06 -14.73 19.11
CA PHE A 643 -29.87 -14.43 17.95
C PHE A 643 -29.06 -14.73 16.70
N GLN A 644 -29.72 -15.30 15.70
CA GLN A 644 -29.08 -15.63 14.44
C GLN A 644 -29.41 -14.57 13.40
N THR A 645 -28.37 -13.92 12.87
CA THR A 645 -28.50 -12.94 11.81
C THR A 645 -27.81 -13.46 10.57
N ARG A 646 -28.04 -12.79 9.44
CA ARG A 646 -27.30 -13.14 8.22
C ARG A 646 -25.84 -12.72 8.33
N ALA A 647 -25.53 -11.72 9.15
CA ALA A 647 -24.15 -11.32 9.38
C ALA A 647 -23.41 -12.36 10.20
N GLY A 648 -24.10 -13.02 11.12
CA GLY A 648 -23.48 -14.01 11.98
C GLY A 648 -24.33 -14.20 13.23
N CYS A 649 -23.71 -14.78 14.25
CA CYS A 649 -24.39 -15.03 15.51
C CYS A 649 -24.16 -13.87 16.47
N LEU A 650 -25.22 -13.30 17.01
CA LEU A 650 -25.14 -12.19 17.95
C LEU A 650 -25.56 -12.66 19.33
N ILE A 651 -24.65 -12.59 20.29
CA ILE A 651 -24.87 -13.03 21.66
C ILE A 651 -24.85 -11.82 22.57
N GLY A 652 -25.87 -11.69 23.41
CA GLY A 652 -25.93 -10.61 24.37
C GLY A 652 -26.88 -9.48 24.01
N ALA A 653 -27.61 -9.61 22.91
CA ALA A 653 -28.57 -8.59 22.48
C ALA A 653 -29.95 -9.22 22.38
N GLU A 654 -30.94 -8.54 22.92
CA GLU A 654 -32.32 -9.03 22.88
C GLU A 654 -32.98 -8.57 21.59
N HIS A 655 -33.38 -9.53 20.76
CA HIS A 655 -34.04 -9.19 19.50
C HIS A 655 -35.46 -8.71 19.77
N VAL A 656 -35.80 -7.57 19.19
CA VAL A 656 -37.13 -6.98 19.35
C VAL A 656 -37.79 -6.87 17.99
N ASN A 657 -39.12 -6.82 18.00
CA ASN A 657 -39.89 -6.70 16.77
C ASN A 657 -40.11 -5.26 16.33
N ASN A 658 -39.75 -4.29 17.16
CA ASN A 658 -39.90 -2.89 16.79
C ASN A 658 -38.76 -2.45 15.88
N SER A 659 -39.04 -1.43 15.07
CA SER A 659 -38.05 -0.89 14.14
C SER A 659 -37.71 0.54 14.56
N TYR A 660 -36.43 0.81 14.69
CA TYR A 660 -35.93 2.14 15.03
C TYR A 660 -34.88 2.55 14.00
N GLU A 661 -34.33 3.74 14.19
CA GLU A 661 -33.21 4.15 13.36
C GLU A 661 -31.95 3.39 13.77
N CYS A 662 -31.02 3.27 12.83
CA CYS A 662 -29.79 2.52 13.09
C CYS A 662 -28.87 3.33 14.00
N ASP A 663 -28.50 2.74 15.13
CA ASP A 663 -27.55 3.37 16.05
C ASP A 663 -26.17 2.75 15.90
N ILE A 664 -26.06 1.44 16.10
CA ILE A 664 -24.83 0.70 15.87
C ILE A 664 -25.10 -0.29 14.76
N PRO A 665 -24.43 -0.21 13.62
CA PRO A 665 -24.71 -1.13 12.52
C PRO A 665 -24.15 -2.53 12.78
N ILE A 666 -25.00 -3.53 12.59
CA ILE A 666 -24.59 -4.92 12.67
C ILE A 666 -24.39 -5.49 11.28
N GLY A 667 -25.34 -5.24 10.39
CA GLY A 667 -25.26 -5.73 9.04
C GLY A 667 -26.49 -6.52 8.64
N ALA A 668 -26.71 -6.65 7.32
CA ALA A 668 -27.84 -7.35 6.73
C ALA A 668 -29.18 -6.79 7.24
N GLY A 669 -29.22 -5.48 7.45
CA GLY A 669 -30.41 -4.84 7.97
C GLY A 669 -30.56 -4.86 9.46
N ILE A 670 -29.63 -5.48 10.17
CA ILE A 670 -29.69 -5.58 11.63
C ILE A 670 -28.87 -4.44 12.20
N CYS A 671 -29.42 -3.76 13.20
CA CYS A 671 -28.74 -2.71 13.94
C CYS A 671 -28.96 -2.93 15.43
N ALA A 672 -28.04 -2.40 16.23
CA ALA A 672 -28.12 -2.52 17.68
C ALA A 672 -28.19 -1.15 18.32
N SER A 673 -28.83 -1.10 19.48
CA SER A 673 -28.98 0.15 20.22
C SER A 673 -29.05 -0.15 21.70
N TYR A 674 -28.86 0.89 22.50
CA TYR A 674 -28.94 0.78 23.95
C TYR A 674 -30.16 1.54 24.44
N GLN A 675 -31.00 0.86 25.22
CA GLN A 675 -32.19 1.49 25.78
C GLN A 675 -32.52 0.89 27.16
N SER A 691 -30.48 -2.16 28.51
CA SER A 691 -29.89 -3.31 27.83
C SER A 691 -29.67 -2.99 26.35
N ILE A 692 -28.95 -3.89 25.68
CA ILE A 692 -28.65 -3.76 24.26
C ILE A 692 -29.66 -4.58 23.48
N ILE A 693 -30.35 -3.93 22.54
CA ILE A 693 -31.35 -4.56 21.71
C ILE A 693 -30.87 -4.57 20.27
N ALA A 694 -31.33 -5.56 19.51
CA ALA A 694 -31.04 -5.70 18.09
C ALA A 694 -32.35 -5.76 17.33
N TYR A 695 -32.39 -5.09 16.19
CA TYR A 695 -33.64 -4.93 15.45
C TYR A 695 -33.36 -4.72 13.98
N THR A 696 -34.41 -4.86 13.18
CA THR A 696 -34.32 -4.51 11.77
C THR A 696 -34.61 -3.02 11.69
N MET A 697 -33.66 -2.26 11.17
CA MET A 697 -33.76 -0.81 11.17
C MET A 697 -34.87 -0.29 10.26
N SER A 698 -35.58 0.72 10.74
CA SER A 698 -36.60 1.37 9.94
C SER A 698 -35.93 2.33 8.96
N LEU A 699 -36.52 2.43 7.77
CA LEU A 699 -35.96 3.36 6.79
C LEU A 699 -36.46 4.78 7.00
N GLY A 700 -37.74 4.93 7.31
CA GLY A 700 -38.31 6.23 7.57
C GLY A 700 -39.69 6.09 8.14
N ALA A 701 -40.23 7.21 8.59
CA ALA A 701 -41.65 7.24 8.93
C ALA A 701 -42.47 7.10 7.67
N GLU A 702 -43.58 6.37 7.75
CA GLU A 702 -44.37 6.12 6.57
C GLU A 702 -45.32 7.28 6.33
N ASN A 703 -45.27 7.85 5.13
CA ASN A 703 -46.14 8.94 4.73
C ASN A 703 -46.82 8.57 3.41
N SER A 704 -48.14 8.68 3.37
CA SER A 704 -48.87 8.45 2.13
C SER A 704 -49.32 9.79 1.58
N VAL A 705 -48.87 10.12 0.37
CA VAL A 705 -49.20 11.42 -0.22
C VAL A 705 -50.61 11.32 -0.80
N ALA A 706 -51.46 12.29 -0.46
CA ALA A 706 -52.85 12.26 -0.89
C ALA A 706 -52.96 12.71 -2.34
N TYR A 707 -52.56 11.82 -3.25
CA TYR A 707 -52.62 12.12 -4.66
C TYR A 707 -54.03 11.95 -5.19
N SER A 708 -54.47 12.90 -6.00
CA SER A 708 -55.66 12.78 -6.80
C SER A 708 -55.43 13.61 -8.06
N ASN A 709 -56.25 13.40 -9.06
CA ASN A 709 -56.01 14.00 -10.36
C ASN A 709 -56.39 15.48 -10.44
N ASN A 710 -57.00 16.06 -9.40
CA ASN A 710 -57.42 17.45 -9.48
C ASN A 710 -57.18 18.22 -8.19
N SER A 711 -56.32 17.74 -7.30
CA SER A 711 -56.02 18.42 -6.05
C SER A 711 -54.54 18.76 -5.97
N ILE A 712 -54.25 19.93 -5.44
CA ILE A 712 -52.88 20.41 -5.27
C ILE A 712 -52.72 20.89 -3.83
N ALA A 713 -51.49 20.86 -3.36
CA ALA A 713 -51.15 21.37 -2.03
C ALA A 713 -50.26 22.59 -2.22
N ILE A 714 -50.66 23.72 -1.65
CA ILE A 714 -49.96 24.98 -1.81
C ILE A 714 -49.46 25.41 -0.44
N PRO A 715 -48.20 25.78 -0.28
CA PRO A 715 -47.72 26.29 1.01
C PRO A 715 -48.30 27.65 1.33
N THR A 716 -48.65 27.84 2.59
CA THR A 716 -49.15 29.13 3.07
C THR A 716 -48.14 29.84 3.95
N ASN A 717 -46.98 29.23 4.22
CA ASN A 717 -46.01 29.80 5.13
C ASN A 717 -44.64 29.23 4.78
N PHE A 718 -43.62 29.69 5.50
CA PHE A 718 -42.26 29.25 5.21
C PHE A 718 -41.41 29.26 6.46
N THR A 719 -40.32 28.51 6.40
CA THR A 719 -39.32 28.45 7.45
C THR A 719 -37.97 28.77 6.83
N ILE A 720 -37.26 29.72 7.43
CA ILE A 720 -35.89 30.02 7.02
C ILE A 720 -34.99 29.07 7.80
N SER A 721 -34.44 28.07 7.11
CA SER A 721 -33.66 27.02 7.74
C SER A 721 -32.18 27.18 7.43
N VAL A 722 -31.35 27.21 8.46
CA VAL A 722 -29.91 27.26 8.31
C VAL A 722 -29.34 25.91 8.71
N THR A 723 -28.57 25.29 7.83
CA THR A 723 -27.99 23.98 8.08
C THR A 723 -26.47 24.06 7.95
N THR A 724 -25.78 23.16 8.65
CA THR A 724 -24.33 23.13 8.63
C THR A 724 -23.83 22.06 7.68
N GLU A 725 -22.74 22.37 6.97
CA GLU A 725 -22.05 21.39 6.16
C GLU A 725 -20.55 21.51 6.42
N ILE A 726 -19.95 20.45 6.96
CA ILE A 726 -18.54 20.46 7.32
C ILE A 726 -17.77 19.71 6.25
N LEU A 727 -16.76 20.36 5.66
CA LEU A 727 -15.96 19.73 4.61
C LEU A 727 -14.48 19.88 4.96
N PRO A 728 -13.72 18.80 5.03
CA PRO A 728 -12.27 18.91 5.20
C PRO A 728 -11.61 19.50 3.97
N VAL A 729 -10.57 20.30 4.20
CA VAL A 729 -9.87 21.01 3.14
C VAL A 729 -8.43 20.55 3.01
N SER A 730 -7.71 20.48 4.13
CA SER A 730 -6.29 20.14 4.11
C SER A 730 -5.97 19.18 5.24
N MET A 731 -4.78 18.61 5.20
CA MET A 731 -4.27 17.76 6.27
C MET A 731 -3.07 18.44 6.92
N THR A 732 -2.54 17.77 7.94
CA THR A 732 -1.28 18.20 8.53
C THR A 732 -0.16 17.88 7.56
N LYS A 733 0.69 18.86 7.28
CA LYS A 733 1.79 18.67 6.34
C LYS A 733 2.93 17.94 7.06
N THR A 734 3.12 16.66 6.75
CA THR A 734 4.14 15.86 7.39
C THR A 734 5.25 15.54 6.41
N SER A 735 6.49 15.66 6.86
CA SER A 735 7.64 15.30 6.07
C SER A 735 8.46 14.29 6.86
N VAL A 736 8.93 13.25 6.19
CA VAL A 736 9.72 12.21 6.84
C VAL A 736 11.07 12.15 6.16
N ASP A 737 12.13 12.31 6.95
CA ASP A 737 13.49 12.13 6.45
C ASP A 737 13.69 10.63 6.33
N CYS A 738 13.74 10.14 5.08
CA CYS A 738 13.81 8.71 4.83
C CYS A 738 15.11 8.10 5.36
N THR A 739 16.24 8.78 5.14
CA THR A 739 17.52 8.31 5.62
C THR A 739 17.57 8.30 7.15
N MET A 740 17.06 9.35 7.79
CA MET A 740 17.09 9.42 9.24
C MET A 740 16.09 8.44 9.86
N TYR A 741 14.93 8.24 9.23
CA TYR A 741 13.95 7.29 9.75
C TYR A 741 14.48 5.87 9.68
N ILE A 742 15.06 5.48 8.54
CA ILE A 742 15.57 4.12 8.40
C ILE A 742 16.84 3.92 9.22
N CYS A 743 17.74 4.91 9.21
CA CYS A 743 19.08 4.69 9.74
C CYS A 743 19.51 5.61 10.88
N GLY A 744 18.89 6.77 11.06
CA GLY A 744 19.38 7.70 12.06
C GLY A 744 20.72 8.30 11.68
N ASP A 745 21.68 8.18 12.59
CA ASP A 745 23.00 8.77 12.41
C ASP A 745 24.05 7.75 12.02
N SER A 746 23.64 6.54 11.66
CA SER A 746 24.58 5.47 11.34
C SER A 746 25.08 5.63 9.91
N THR A 747 26.39 5.78 9.75
CA THR A 747 26.96 5.92 8.42
C THR A 747 26.93 4.61 7.65
N GLU A 748 27.15 3.49 8.35
CA GLU A 748 27.14 2.17 7.71
C GLU A 748 25.74 1.82 7.20
N CYS A 749 24.71 2.17 7.97
CA CYS A 749 23.33 1.94 7.54
C CYS A 749 23.00 2.76 6.31
N SER A 750 23.45 4.02 6.25
CA SER A 750 23.18 4.84 5.08
C SER A 750 23.94 4.34 3.86
N ASN A 751 25.16 3.84 4.07
CA ASN A 751 25.93 3.24 2.97
C ASN A 751 25.24 2.00 2.43
N LEU A 752 24.66 1.18 3.31
CA LEU A 752 23.90 0.03 2.84
C LEU A 752 22.57 0.46 2.21
N LEU A 753 22.01 1.58 2.67
CA LEU A 753 20.74 2.07 2.13
C LEU A 753 20.92 2.64 0.74
N LEU A 754 22.12 3.15 0.43
CA LEU A 754 22.41 3.65 -0.92
C LEU A 754 22.44 2.53 -1.97
N GLN A 755 22.53 1.27 -1.55
CA GLN A 755 22.49 0.15 -2.48
C GLN A 755 21.10 -0.03 -3.08
N TYR A 756 20.06 0.46 -2.41
CA TYR A 756 18.68 0.35 -2.85
C TYR A 756 18.27 1.45 -3.81
N GLY A 757 19.13 2.45 -4.01
CA GLY A 757 18.88 3.46 -5.02
C GLY A 757 18.13 4.68 -4.54
N SER A 758 17.20 5.17 -5.36
CA SER A 758 16.50 6.42 -5.11
C SER A 758 15.11 6.21 -4.54
N PHE A 759 14.95 5.22 -3.65
CA PHE A 759 13.68 5.05 -2.95
C PHE A 759 13.40 6.24 -2.03
N CYS A 760 14.42 6.70 -1.31
CA CYS A 760 14.24 7.79 -0.35
C CYS A 760 13.89 9.09 -1.05
N THR A 761 14.49 9.33 -2.23
CA THR A 761 14.17 10.51 -3.02
C THR A 761 12.72 10.46 -3.49
N GLN A 762 12.25 9.28 -3.88
CA GLN A 762 10.86 9.10 -4.29
C GLN A 762 9.90 9.40 -3.15
N LEU A 763 10.21 8.90 -1.94
CA LEU A 763 9.32 9.10 -0.80
C LEU A 763 9.30 10.57 -0.38
N ASN A 764 10.47 11.23 -0.38
CA ASN A 764 10.54 12.63 -0.05
C ASN A 764 9.80 13.48 -1.08
N ARG A 765 9.91 13.13 -2.36
CA ARG A 765 9.22 13.84 -3.42
C ARG A 765 7.71 13.71 -3.29
N ALA A 766 7.23 12.50 -2.94
CA ALA A 766 5.80 12.28 -2.76
C ALA A 766 5.27 13.06 -1.56
N LEU A 767 6.01 13.07 -0.45
CA LEU A 767 5.57 13.81 0.73
C LEU A 767 5.60 15.33 0.48
N THR A 768 6.59 15.80 -0.28
CA THR A 768 6.65 17.22 -0.63
C THR A 768 5.48 17.60 -1.53
N GLY A 769 5.12 16.71 -2.47
CA GLY A 769 3.96 16.96 -3.31
C GLY A 769 2.66 17.03 -2.52
N ILE A 770 2.51 16.16 -1.52
CA ILE A 770 1.35 16.20 -0.64
C ILE A 770 1.33 17.51 0.16
N ALA A 771 2.50 17.92 0.66
CA ALA A 771 2.61 19.11 1.50
C ALA A 771 2.27 20.38 0.72
N VAL A 772 2.72 20.48 -0.53
CA VAL A 772 2.35 21.64 -1.34
C VAL A 772 0.89 21.53 -1.79
N GLU A 773 0.37 20.30 -1.92
CA GLU A 773 -1.01 20.13 -2.34
C GLU A 773 -1.99 20.62 -1.28
N GLN A 774 -1.63 20.46 0.00
CA GLN A 774 -2.49 20.94 1.08
C GLN A 774 -2.63 22.47 1.04
N ASP A 775 -1.51 23.17 0.81
CA ASP A 775 -1.54 24.62 0.69
C ASP A 775 -2.32 25.04 -0.56
N LYS A 776 -2.18 24.29 -1.65
CA LYS A 776 -2.95 24.57 -2.87
C LYS A 776 -4.44 24.40 -2.61
N ASN A 777 -4.81 23.39 -1.81
CA ASN A 777 -6.20 23.16 -1.46
C ASN A 777 -6.77 24.31 -0.65
N THR A 778 -6.00 24.82 0.31
CA THR A 778 -6.44 25.94 1.13
C THR A 778 -6.57 27.21 0.29
N GLN A 779 -5.64 27.43 -0.66
CA GLN A 779 -5.75 28.56 -1.59
C GLN A 779 -7.00 28.45 -2.45
N GLU A 780 -7.30 27.25 -2.96
CA GLU A 780 -8.43 27.07 -3.85
C GLU A 780 -9.75 27.26 -3.11
N VAL A 781 -9.82 26.81 -1.85
CA VAL A 781 -11.07 26.95 -1.12
C VAL A 781 -11.28 28.39 -0.64
N PHE A 782 -10.29 28.96 0.05
CA PHE A 782 -10.52 30.22 0.75
C PHE A 782 -10.08 31.46 -0.01
N ALA A 783 -9.05 31.38 -0.84
CA ALA A 783 -8.53 32.58 -1.51
C ALA A 783 -9.15 32.72 -2.90
N GLN A 784 -10.45 32.96 -2.92
CA GLN A 784 -11.17 33.17 -4.16
C GLN A 784 -11.47 34.63 -4.44
N VAL A 785 -11.11 35.53 -3.52
CA VAL A 785 -11.31 36.97 -3.71
C VAL A 785 -9.98 37.68 -3.51
N LYS A 786 -9.70 38.64 -4.38
CA LYS A 786 -8.49 39.44 -4.25
C LYS A 786 -8.76 40.79 -3.60
N GLN A 787 -10.00 41.04 -3.19
CA GLN A 787 -10.36 42.25 -2.45
C GLN A 787 -10.82 41.85 -1.06
N ILE A 788 -10.27 42.53 -0.05
CA ILE A 788 -10.65 42.28 1.34
C ILE A 788 -11.81 43.21 1.66
N TYR A 789 -13.03 42.70 1.56
CA TYR A 789 -14.22 43.50 1.84
C TYR A 789 -14.45 43.60 3.33
N LYS A 790 -15.01 44.72 3.76
CA LYS A 790 -15.32 44.96 5.15
C LYS A 790 -16.77 45.40 5.30
N THR A 791 -17.38 44.99 6.39
CA THR A 791 -18.74 45.40 6.70
C THR A 791 -18.75 46.85 7.17
N PRO A 792 -19.87 47.56 6.99
CA PRO A 792 -19.95 48.91 7.54
C PRO A 792 -19.97 48.89 9.05
N PRO A 793 -19.50 49.96 9.71
CA PRO A 793 -19.55 50.00 11.18
C PRO A 793 -20.95 49.93 11.77
N ILE A 794 -21.95 50.45 11.07
CA ILE A 794 -23.34 50.37 11.53
C ILE A 794 -23.96 49.11 10.93
N LYS A 795 -24.42 48.21 11.79
CA LYS A 795 -24.97 46.93 11.34
C LYS A 795 -26.49 47.03 11.17
N ASP A 796 -26.89 47.91 10.25
CA ASP A 796 -28.31 48.11 9.92
C ASP A 796 -28.59 47.35 8.63
N PHE A 797 -29.04 46.09 8.77
CA PHE A 797 -29.33 45.24 7.63
C PHE A 797 -30.82 44.91 7.53
N GLY A 798 -31.67 45.79 8.04
CA GLY A 798 -33.11 45.59 7.99
C GLY A 798 -33.60 44.48 8.89
N GLY A 799 -32.99 44.34 10.07
CA GLY A 799 -33.39 43.36 11.05
C GLY A 799 -32.56 42.10 11.06
N PHE A 800 -31.75 41.88 10.03
CA PHE A 800 -30.92 40.69 9.92
C PHE A 800 -29.69 40.84 10.80
N ASN A 801 -29.44 39.85 11.64
CA ASN A 801 -28.36 39.85 12.60
C ASN A 801 -27.28 38.87 12.13
N PHE A 802 -26.06 39.36 11.97
CA PHE A 802 -24.93 38.54 11.56
C PHE A 802 -23.81 38.51 12.59
N SER A 803 -24.13 38.81 13.86
CA SER A 803 -23.09 38.91 14.89
C SER A 803 -22.43 37.56 15.18
N GLN A 804 -23.17 36.47 15.00
CA GLN A 804 -22.61 35.15 15.26
C GLN A 804 -21.69 34.67 14.15
N ILE A 805 -21.72 35.31 12.99
CA ILE A 805 -20.86 34.92 11.87
C ILE A 805 -19.85 35.99 11.51
N LEU A 806 -20.07 37.25 11.87
CA LEU A 806 -19.08 38.28 11.65
C LEU A 806 -17.99 38.19 12.70
N PRO A 807 -16.76 38.66 12.40
CA PRO A 807 -15.68 38.62 13.40
C PRO A 807 -15.96 39.48 14.62
N ASP A 808 -15.55 38.97 15.78
CA ASP A 808 -15.74 39.66 17.04
C ASP A 808 -14.57 40.59 17.28
N PRO A 809 -14.79 41.91 17.41
CA PRO A 809 -13.67 42.81 17.71
C PRO A 809 -13.04 42.58 19.07
N SER A 810 -13.79 42.06 20.05
CA SER A 810 -13.26 41.84 21.39
C SER A 810 -12.25 40.70 21.44
N LYS A 811 -12.32 39.76 20.51
CA LYS A 811 -11.42 38.62 20.55
C LYS A 811 -10.11 38.95 19.84
N PRO A 812 -8.97 38.57 20.43
CA PRO A 812 -7.68 38.83 19.77
C PRO A 812 -7.48 38.01 18.49
N SER A 813 -8.17 36.89 18.33
CA SER A 813 -8.00 36.06 17.14
C SER A 813 -8.80 36.58 15.95
N LYS A 814 -9.69 37.56 16.17
CA LYS A 814 -10.54 38.18 15.15
C LYS A 814 -11.44 37.16 14.46
N ARG A 815 -11.90 36.16 15.21
CA ARG A 815 -12.78 35.14 14.68
C ARG A 815 -14.23 35.43 15.07
N SER A 816 -15.14 34.82 14.34
CA SER A 816 -16.55 34.86 14.68
C SER A 816 -16.80 33.96 15.89
N PRO A 817 -17.89 34.17 16.62
CA PRO A 817 -18.25 33.23 17.71
C PRO A 817 -18.44 31.80 17.25
N ILE A 818 -19.01 31.61 16.06
CA ILE A 818 -19.16 30.26 15.50
C ILE A 818 -17.79 29.69 15.16
N GLU A 819 -16.91 30.50 14.55
CA GLU A 819 -15.57 30.04 14.20
C GLU A 819 -14.74 29.77 15.45
N ASP A 820 -14.91 30.60 16.48
CA ASP A 820 -14.21 30.38 17.75
C ASP A 820 -14.66 29.07 18.39
N LEU A 821 -15.96 28.79 18.33
CA LEU A 821 -16.47 27.53 18.86
C LEU A 821 -15.96 26.34 18.05
N LEU A 822 -15.86 26.51 16.73
CA LEU A 822 -15.35 25.44 15.87
C LEU A 822 -13.88 25.14 16.16
N PHE A 823 -13.09 26.20 16.40
CA PHE A 823 -11.69 25.99 16.74
C PHE A 823 -11.52 25.41 18.15
N ASN A 824 -12.43 25.73 19.06
CA ASN A 824 -12.36 25.09 20.37
C ASN A 824 -12.80 23.63 20.34
N LYS A 825 -13.70 23.27 19.44
CA LYS A 825 -14.24 21.91 19.43
C LYS A 825 -13.41 20.90 18.66
N VAL A 826 -12.36 21.34 17.96
CA VAL A 826 -11.49 20.44 17.22
C VAL A 826 -10.17 20.35 17.96
N THR A 827 -9.81 19.14 18.38
CA THR A 827 -8.58 18.92 19.13
C THR A 827 -7.64 17.98 18.38
N ASN A 856 12.37 11.21 15.20
CA ASN A 856 12.94 10.14 14.38
C ASN A 856 12.81 10.46 12.90
N GLY A 857 13.07 11.73 12.56
CA GLY A 857 13.03 12.17 11.19
C GLY A 857 11.70 12.71 10.74
N LEU A 858 10.69 12.72 11.62
CA LEU A 858 9.39 13.27 11.29
C LEU A 858 9.36 14.75 11.64
N THR A 859 8.86 15.57 10.72
CA THR A 859 8.68 16.99 10.92
C THR A 859 7.29 17.38 10.46
N VAL A 860 6.71 18.37 11.12
CA VAL A 860 5.42 18.93 10.74
C VAL A 860 5.67 20.33 10.20
N LEU A 861 5.40 20.50 8.91
CA LEU A 861 5.53 21.81 8.29
C LEU A 861 4.30 22.65 8.60
N PRO A 862 4.46 23.91 8.99
CA PRO A 862 3.29 24.75 9.22
C PRO A 862 2.60 25.09 7.92
N PRO A 863 1.28 25.30 7.95
CA PRO A 863 0.57 25.72 6.74
C PRO A 863 0.96 27.12 6.32
N LEU A 864 0.88 27.37 5.01
CA LEU A 864 1.22 28.68 4.47
C LEU A 864 0.25 29.75 4.95
N LEU A 865 -1.04 29.44 4.99
CA LEU A 865 -2.04 30.36 5.51
C LEU A 865 -2.30 30.02 6.97
N THR A 866 -2.07 30.99 7.85
CA THR A 866 -2.40 30.81 9.26
C THR A 866 -3.91 30.93 9.47
N ASP A 867 -4.33 30.59 10.69
CA ASP A 867 -5.75 30.54 11.01
C ASP A 867 -6.39 31.93 10.97
N GLU A 868 -5.66 32.95 11.41
CA GLU A 868 -6.21 34.32 11.35
C GLU A 868 -6.35 34.82 9.92
N MET A 869 -5.43 34.46 9.02
CA MET A 869 -5.58 34.86 7.62
C MET A 869 -6.71 34.11 6.92
N ILE A 870 -6.90 32.83 7.26
CA ILE A 870 -8.05 32.09 6.74
C ILE A 870 -9.35 32.70 7.25
N ALA A 871 -9.36 33.10 8.53
CA ALA A 871 -10.52 33.77 9.11
C ALA A 871 -10.75 35.11 8.43
N GLN A 872 -9.67 35.81 8.07
CA GLN A 872 -9.78 37.07 7.36
C GLN A 872 -10.35 36.88 5.97
N TYR A 873 -9.97 35.79 5.29
CA TYR A 873 -10.55 35.46 3.98
C TYR A 873 -12.03 35.17 4.09
N THR A 874 -12.43 34.41 5.12
CA THR A 874 -13.85 34.14 5.32
C THR A 874 -14.62 35.41 5.68
N SER A 875 -13.99 36.30 6.45
CA SER A 875 -14.61 37.58 6.79
C SER A 875 -14.81 38.44 5.55
N ALA A 876 -13.83 38.43 4.63
CA ALA A 876 -13.97 39.17 3.38
C ALA A 876 -15.09 38.60 2.53
N LEU A 877 -15.20 37.27 2.48
CA LEU A 877 -16.29 36.63 1.74
C LEU A 877 -17.64 36.95 2.35
N LEU A 878 -17.73 36.95 3.68
CA LEU A 878 -18.98 37.30 4.37
C LEU A 878 -19.37 38.75 4.13
N ALA A 879 -18.40 39.66 4.19
CA ALA A 879 -18.67 41.07 3.94
C ALA A 879 -19.11 41.30 2.50
N GLY A 880 -18.48 40.59 1.56
CA GLY A 880 -18.90 40.69 0.17
C GLY A 880 -20.31 40.17 -0.07
N THR A 881 -20.64 39.02 0.51
CA THR A 881 -21.97 38.45 0.27
C THR A 881 -23.05 39.18 1.05
N ILE A 882 -22.70 39.91 2.11
CA ILE A 882 -23.70 40.68 2.85
C ILE A 882 -23.93 42.03 2.20
N THR A 883 -22.85 42.76 1.89
CA THR A 883 -22.98 44.11 1.36
C THR A 883 -23.26 44.15 -0.13
N SER A 884 -22.88 43.11 -0.89
CA SER A 884 -22.96 43.17 -2.33
C SER A 884 -23.71 42.00 -2.97
N GLY A 885 -24.15 41.03 -2.20
CA GLY A 885 -24.82 39.86 -2.77
C GLY A 885 -23.88 38.99 -3.57
N TRP A 886 -24.29 38.60 -4.77
CA TRP A 886 -23.46 37.79 -5.64
C TRP A 886 -22.69 38.63 -6.67
N THR A 887 -22.76 39.96 -6.57
CA THR A 887 -22.13 40.80 -7.57
C THR A 887 -20.61 40.77 -7.46
N PHE A 888 -20.08 40.64 -6.24
CA PHE A 888 -18.64 40.65 -6.04
C PHE A 888 -17.97 39.38 -6.59
N GLY A 889 -18.71 38.28 -6.70
CA GLY A 889 -18.17 37.07 -7.26
C GLY A 889 -18.10 37.04 -8.76
N ALA A 890 -18.78 37.97 -9.43
CA ALA A 890 -18.83 38.01 -10.89
C ALA A 890 -18.17 39.26 -11.46
N GLY A 891 -17.61 40.12 -10.61
CA GLY A 891 -17.03 41.36 -11.07
C GLY A 891 -16.84 42.33 -9.92
N PRO A 892 -17.05 43.62 -10.18
CA PRO A 892 -16.97 44.61 -9.11
C PRO A 892 -18.10 44.44 -8.11
N ALA A 893 -17.81 44.75 -6.86
CA ALA A 893 -18.80 44.64 -5.81
C ALA A 893 -19.78 45.80 -5.90
N LEU A 894 -21.04 45.49 -6.18
CA LEU A 894 -22.08 46.50 -6.30
C LEU A 894 -22.92 46.45 -5.04
N GLN A 895 -22.99 47.57 -4.32
CA GLN A 895 -23.74 47.60 -3.08
C GLN A 895 -25.23 47.51 -3.36
N ILE A 896 -25.94 46.87 -2.44
CA ILE A 896 -27.39 46.70 -2.52
C ILE A 896 -27.85 46.54 -1.07
N PRO A 897 -29.00 47.08 -0.69
CA PRO A 897 -29.55 46.80 0.65
C PRO A 897 -29.82 45.32 0.81
N PHE A 898 -29.56 44.81 2.02
CA PHE A 898 -29.74 43.37 2.26
C PHE A 898 -31.17 42.88 2.10
N PRO A 899 -32.24 43.59 2.52
CA PRO A 899 -33.59 43.09 2.19
C PRO A 899 -33.82 43.00 0.69
N MET A 900 -33.32 43.95 -0.10
CA MET A 900 -33.48 43.89 -1.55
C MET A 900 -32.72 42.68 -2.11
N GLN A 901 -31.54 42.40 -1.57
CA GLN A 901 -30.77 41.22 -1.99
C GLN A 901 -31.53 39.94 -1.66
N MET A 902 -32.14 39.90 -0.47
CA MET A 902 -32.94 38.74 -0.06
C MET A 902 -34.15 38.58 -0.98
N ALA A 903 -34.74 39.71 -1.40
CA ALA A 903 -35.85 39.67 -2.35
C ALA A 903 -35.41 39.11 -3.69
N TYR A 904 -34.19 39.46 -4.12
CA TYR A 904 -33.63 38.91 -5.36
C TYR A 904 -33.46 37.40 -5.24
N ARG A 905 -32.98 36.94 -4.07
CA ARG A 905 -32.83 35.52 -3.82
C ARG A 905 -34.18 34.83 -3.78
N PHE A 906 -35.20 35.51 -3.25
CA PHE A 906 -36.56 34.99 -3.25
C PHE A 906 -37.07 34.81 -4.68
N ASN A 907 -36.70 35.75 -5.56
CA ASN A 907 -37.09 35.63 -6.97
C ASN A 907 -36.33 34.49 -7.63
N GLY A 908 -35.11 34.23 -7.16
CA GLY A 908 -34.33 33.12 -7.70
C GLY A 908 -34.98 31.77 -7.46
N ILE A 909 -35.65 31.61 -6.33
CA ILE A 909 -36.33 30.35 -6.02
C ILE A 909 -37.79 30.42 -6.44
N GLY A 910 -38.16 31.46 -7.18
CA GLY A 910 -39.50 31.56 -7.72
C GLY A 910 -40.56 32.11 -6.81
N VAL A 911 -40.21 32.91 -5.81
CA VAL A 911 -41.18 33.58 -4.94
C VAL A 911 -41.10 35.07 -5.20
N THR A 912 -42.25 35.72 -5.30
CA THR A 912 -42.34 37.14 -5.60
C THR A 912 -41.73 37.99 -4.48
N GLN A 913 -41.27 39.20 -4.86
CA GLN A 913 -40.64 40.13 -3.93
C GLN A 913 -41.58 40.57 -2.80
N ASN A 914 -42.88 40.69 -3.10
CA ASN A 914 -43.85 41.20 -2.13
C ASN A 914 -43.88 40.32 -0.88
N VAL A 915 -43.72 39.00 -1.07
CA VAL A 915 -43.76 38.06 0.04
C VAL A 915 -42.62 38.36 1.02
N LEU A 916 -41.43 38.64 0.48
CA LEU A 916 -40.28 39.01 1.31
C LEU A 916 -40.51 40.35 2.01
N TYR A 917 -41.00 41.36 1.27
CA TYR A 917 -41.15 42.69 1.86
C TYR A 917 -42.23 42.74 2.93
N GLU A 918 -43.37 42.09 2.68
CA GLU A 918 -44.46 42.09 3.64
C GLU A 918 -44.07 41.36 4.93
N ASN A 919 -43.32 40.28 4.81
CA ASN A 919 -42.94 39.44 5.93
C ASN A 919 -41.45 39.57 6.26
N GLN A 920 -40.93 40.81 6.20
CA GLN A 920 -39.50 41.02 6.38
C GLN A 920 -39.07 40.83 7.83
N LYS A 921 -39.87 41.34 8.77
CA LYS A 921 -39.56 41.17 10.19
C LYS A 921 -39.61 39.70 10.60
N LEU A 922 -40.59 38.96 10.08
CA LEU A 922 -40.70 37.53 10.37
C LEU A 922 -39.52 36.75 9.79
N ILE A 923 -39.09 37.11 8.58
CA ILE A 923 -37.98 36.41 7.93
C ILE A 923 -36.69 36.69 8.67
N ALA A 924 -36.48 37.95 9.08
CA ALA A 924 -35.29 38.32 9.84
C ALA A 924 -35.27 37.61 11.20
N ASN A 925 -36.42 37.52 11.86
CA ASN A 925 -36.50 36.83 13.15
C ASN A 925 -36.22 35.35 13.00
N GLN A 926 -36.75 34.72 11.95
CA GLN A 926 -36.52 33.30 11.68
C GLN A 926 -35.04 33.05 11.37
N PHE A 927 -34.42 33.95 10.60
CA PHE A 927 -33.01 33.81 10.26
C PHE A 927 -32.13 33.92 11.50
N ASN A 928 -32.42 34.90 12.37
CA ASN A 928 -31.66 35.06 13.61
C ASN A 928 -31.83 33.86 14.52
N SER A 929 -33.07 33.35 14.62
CA SER A 929 -33.34 32.19 15.46
C SER A 929 -32.60 30.96 14.93
N ALA A 930 -32.56 30.80 13.61
CA ALA A 930 -31.88 29.65 13.01
C ALA A 930 -30.37 29.74 13.22
N ILE A 931 -29.80 30.93 13.13
CA ILE A 931 -28.37 31.11 13.37
C ILE A 931 -28.02 30.82 14.83
N GLY A 932 -28.89 31.27 15.76
CA GLY A 932 -28.69 30.95 17.16
C GLY A 932 -28.82 29.45 17.43
N LYS A 933 -29.76 28.79 16.75
CA LYS A 933 -29.91 27.35 16.89
C LYS A 933 -28.69 26.61 16.35
N ILE A 934 -28.06 27.16 15.30
CA ILE A 934 -26.84 26.57 14.74
C ILE A 934 -25.73 26.64 15.77
N GLN A 935 -25.58 27.79 16.42
CA GLN A 935 -24.54 27.94 17.45
C GLN A 935 -24.81 27.02 18.64
N ASP A 936 -26.08 26.91 19.06
CA ASP A 936 -26.43 26.02 20.17
C ASP A 936 -26.20 24.56 19.81
N SER A 937 -26.54 24.17 18.57
CA SER A 937 -26.37 22.80 18.12
C SER A 937 -24.90 22.42 18.04
N LEU A 938 -24.06 23.35 17.58
CA LEU A 938 -22.62 23.09 17.55
C LEU A 938 -22.05 23.01 18.96
N SER A 939 -22.52 23.89 19.86
CA SER A 939 -22.02 23.87 21.24
C SER A 939 -22.53 22.69 22.04
N SER A 940 -23.61 22.03 21.60
CA SER A 940 -24.22 20.97 22.39
C SER A 940 -24.02 19.57 21.82
N THR A 941 -23.37 19.44 20.67
CA THR A 941 -23.16 18.12 20.07
C THR A 941 -21.67 17.83 19.99
N PRO A 942 -21.18 16.75 20.62
CA PRO A 942 -19.75 16.43 20.51
C PRO A 942 -19.34 15.89 19.16
N SER A 943 -20.24 15.18 18.46
CA SER A 943 -19.89 14.50 17.22
C SER A 943 -20.27 15.32 15.99
N ALA A 944 -20.48 16.63 16.16
CA ALA A 944 -20.81 17.49 15.02
C ALA A 944 -19.63 17.64 14.08
N LEU A 945 -18.43 17.74 14.62
CA LEU A 945 -17.22 18.01 13.84
C LEU A 945 -16.42 16.74 13.61
N GLY A 946 -17.11 15.61 13.40
CA GLY A 946 -16.44 14.34 13.25
C GLY A 946 -15.63 14.17 11.99
N LYS A 947 -16.00 14.91 10.93
CA LYS A 947 -15.29 14.78 9.65
C LYS A 947 -13.85 15.31 9.74
N LEU A 948 -13.66 16.46 10.40
CA LEU A 948 -12.30 16.98 10.57
C LEU A 948 -11.50 16.15 11.57
N GLN A 949 -12.16 15.73 12.65
CA GLN A 949 -11.50 14.95 13.69
C GLN A 949 -11.10 13.58 13.16
N ASP A 950 -11.86 13.04 12.20
CA ASP A 950 -11.52 11.77 11.58
C ASP A 950 -10.22 11.89 10.81
N VAL A 951 -10.05 12.99 10.07
CA VAL A 951 -8.83 13.23 9.31
C VAL A 951 -7.64 13.41 10.24
N VAL A 952 -7.84 14.17 11.32
CA VAL A 952 -6.77 14.40 12.31
C VAL A 952 -6.37 13.09 12.98
N ASN A 953 -7.36 12.27 13.35
CA ASN A 953 -7.09 10.99 14.00
C ASN A 953 -6.39 10.02 13.06
N GLN A 954 -6.79 10.00 11.78
CA GLN A 954 -6.15 9.11 10.81
C GLN A 954 -4.70 9.51 10.59
N ASN A 955 -4.41 10.81 10.48
CA ASN A 955 -3.03 11.25 10.26
C ASN A 955 -2.17 10.96 11.49
N ALA A 956 -2.70 11.23 12.69
CA ALA A 956 -1.96 10.98 13.92
C ALA A 956 -1.73 9.49 14.12
N GLN A 957 -2.72 8.67 13.79
CA GLN A 957 -2.60 7.22 13.92
C GLN A 957 -1.60 6.66 12.92
N ALA A 958 -1.55 7.22 11.71
CA ALA A 958 -0.55 6.79 10.72
C ALA A 958 0.86 7.14 11.19
N LEU A 959 1.03 8.34 11.76
CA LEU A 959 2.33 8.71 12.31
C LEU A 959 2.72 7.82 13.48
N ASN A 960 1.75 7.50 14.35
CA ASN A 960 2.02 6.66 15.51
C ASN A 960 2.41 5.25 15.08
N THR A 961 1.76 4.73 14.04
CA THR A 961 2.10 3.41 13.52
C THR A 961 3.49 3.41 12.89
N LEU A 962 3.83 4.48 12.16
CA LEU A 962 5.13 4.59 11.54
C LEU A 962 6.24 4.68 12.59
N VAL A 963 5.99 5.40 13.68
CA VAL A 963 6.94 5.48 14.78
C VAL A 963 7.04 4.13 15.49
N LYS A 964 5.90 3.45 15.68
CA LYS A 964 5.86 2.16 16.36
C LYS A 964 6.61 1.08 15.58
N GLN A 965 6.65 1.20 14.25
CA GLN A 965 7.33 0.20 13.41
C GLN A 965 8.84 0.19 13.60
N LEU A 966 9.42 1.23 14.20
CA LEU A 966 10.84 1.21 14.50
C LEU A 966 11.18 0.24 15.62
N SER A 967 10.21 -0.12 16.47
CA SER A 967 10.46 -1.03 17.57
C SER A 967 10.55 -2.48 17.13
N SER A 968 10.19 -2.78 15.88
CA SER A 968 10.20 -4.14 15.38
C SER A 968 11.55 -4.46 14.75
N ASN A 969 12.07 -5.65 15.03
CA ASN A 969 13.37 -6.04 14.52
C ASN A 969 13.33 -6.67 13.14
N PHE A 970 12.14 -7.11 12.68
CA PHE A 970 11.93 -7.71 11.35
C PHE A 970 12.80 -8.93 11.12
N GLY A 971 13.01 -9.73 12.16
CA GLY A 971 13.82 -10.92 12.07
C GLY A 971 15.27 -10.72 12.44
N ALA A 972 15.72 -9.49 12.67
CA ALA A 972 17.09 -9.24 13.09
C ALA A 972 17.23 -9.50 14.59
N ILE A 973 18.48 -9.44 15.05
CA ILE A 973 18.77 -9.70 16.46
C ILE A 973 18.26 -8.59 17.36
N SER A 974 18.18 -7.36 16.86
CA SER A 974 17.71 -6.24 17.67
C SER A 974 17.06 -5.21 16.76
N SER A 975 16.21 -4.39 17.35
CA SER A 975 15.59 -3.29 16.63
C SER A 975 16.40 -2.00 16.73
N VAL A 976 17.47 -2.00 17.53
CA VAL A 976 18.31 -0.83 17.73
C VAL A 976 19.55 -0.97 16.86
N LEU A 977 19.83 0.05 16.06
CA LEU A 977 20.99 0.01 15.16
C LEU A 977 22.29 0.12 15.93
N ASN A 978 22.30 0.92 17.00
CA ASN A 978 23.51 1.10 17.80
C ASN A 978 23.95 -0.19 18.48
N ASP A 979 22.98 -1.00 18.93
CA ASP A 979 23.30 -2.29 19.52
C ASP A 979 23.93 -3.23 18.50
N ILE A 980 23.42 -3.26 17.28
CA ILE A 980 24.00 -4.09 16.23
C ILE A 980 25.40 -3.61 15.86
N LEU A 981 25.57 -2.29 15.76
CA LEU A 981 26.86 -1.74 15.38
C LEU A 981 27.90 -1.89 16.48
N SER A 982 27.46 -1.98 17.74
CA SER A 982 28.39 -2.17 18.84
C SER A 982 28.61 -3.64 19.20
N ARG A 983 27.78 -4.54 18.71
CA ARG A 983 27.90 -5.95 19.05
C ARG A 983 28.55 -6.81 17.98
N LEU A 984 28.46 -6.45 16.70
CA LEU A 984 28.86 -7.35 15.65
C LEU A 984 29.91 -6.77 14.71
N ASP A 985 30.66 -7.68 14.09
CA ASP A 985 31.58 -7.31 13.02
C ASP A 985 30.77 -6.93 11.78
N PRO A 986 31.32 -6.07 10.92
CA PRO A 986 30.58 -5.60 9.71
C PRO A 986 30.08 -6.70 8.77
N PRO A 987 30.76 -7.86 8.59
CA PRO A 987 30.12 -8.90 7.75
C PRO A 987 28.75 -9.42 8.21
N GLU A 988 28.53 -9.57 9.52
CA GLU A 988 27.22 -9.99 9.98
C GLU A 988 26.33 -8.82 10.41
N ALA A 989 26.95 -7.71 10.84
CA ALA A 989 26.18 -6.50 11.11
C ALA A 989 25.56 -5.97 9.83
N GLU A 990 26.20 -6.22 8.68
CA GLU A 990 25.63 -5.83 7.40
C GLU A 990 24.33 -6.57 7.14
N VAL A 991 24.28 -7.86 7.48
CA VAL A 991 23.07 -8.67 7.30
C VAL A 991 21.96 -8.19 8.23
N GLN A 992 22.30 -7.93 9.50
CA GLN A 992 21.29 -7.47 10.47
C GLN A 992 20.75 -6.09 10.09
N ILE A 993 21.64 -5.17 9.69
CA ILE A 993 21.24 -3.84 9.27
C ILE A 993 20.41 -3.93 7.99
N ASP A 994 20.73 -4.88 7.11
CA ASP A 994 19.96 -5.06 5.88
C ASP A 994 18.53 -5.51 6.19
N ARG A 995 18.36 -6.40 7.17
CA ARG A 995 17.02 -6.82 7.58
C ARG A 995 16.23 -5.65 8.15
N LEU A 996 16.88 -4.84 8.99
CA LEU A 996 16.21 -3.65 9.54
C LEU A 996 15.86 -2.65 8.44
N ILE A 997 16.76 -2.48 7.46
CA ILE A 997 16.54 -1.52 6.38
C ILE A 997 15.36 -1.95 5.52
N THR A 998 15.27 -3.23 5.17
CA THR A 998 14.18 -3.67 4.31
C THR A 998 12.83 -3.60 5.05
N GLY A 999 12.83 -3.91 6.36
CA GLY A 999 11.59 -3.78 7.11
C GLY A 999 11.13 -2.34 7.24
N ARG A 1000 12.06 -1.43 7.58
CA ARG A 1000 11.71 -0.03 7.74
C ARG A 1000 11.35 0.62 6.42
N LEU A 1001 12.01 0.20 5.33
CA LEU A 1001 11.70 0.72 4.01
C LEU A 1001 10.32 0.29 3.56
N GLN A 1002 9.94 -0.97 3.86
CA GLN A 1002 8.59 -1.43 3.53
C GLN A 1002 7.55 -0.65 4.33
N SER A 1003 7.83 -0.38 5.61
CA SER A 1003 6.92 0.39 6.45
C SER A 1003 6.75 1.81 5.93
N LEU A 1004 7.85 2.45 5.53
CA LEU A 1004 7.80 3.82 5.05
C LEU A 1004 7.08 3.91 3.71
N GLN A 1005 7.31 2.93 2.82
CA GLN A 1005 6.62 2.91 1.54
C GLN A 1005 5.12 2.70 1.73
N THR A 1006 4.75 1.85 2.68
CA THR A 1006 3.33 1.64 2.99
C THR A 1006 2.70 2.94 3.50
N TYR A 1007 3.40 3.63 4.40
CA TYR A 1007 2.88 4.88 4.96
C TYR A 1007 2.70 5.94 3.90
N VAL A 1008 3.67 6.05 2.98
CA VAL A 1008 3.58 7.02 1.88
C VAL A 1008 2.43 6.65 0.94
N THR A 1009 2.19 5.35 0.74
CA THR A 1009 1.08 4.91 -0.12
C THR A 1009 -0.28 5.32 0.46
N GLN A 1010 -0.54 5.03 1.74
CA GLN A 1010 -1.81 5.50 2.29
C GLN A 1010 -1.86 7.02 2.44
N GLN A 1011 -0.72 7.69 2.61
CA GLN A 1011 -0.72 9.15 2.65
C GLN A 1011 -1.12 9.73 1.31
N LEU A 1012 -0.66 9.13 0.22
CA LEU A 1012 -1.05 9.60 -1.12
C LEU A 1012 -2.52 9.32 -1.40
N ILE A 1013 -3.03 8.17 -0.95
CA ILE A 1013 -4.46 7.88 -1.13
C ILE A 1013 -5.32 8.86 -0.33
N ARG A 1014 -4.94 9.13 0.93
CA ARG A 1014 -5.66 10.10 1.74
C ARG A 1014 -5.52 11.51 1.18
N ALA A 1015 -4.37 11.82 0.57
CA ALA A 1015 -4.18 13.11 -0.08
C ALA A 1015 -5.12 13.28 -1.26
N ALA A 1016 -5.32 12.20 -2.02
CA ALA A 1016 -6.28 12.24 -3.12
C ALA A 1016 -7.70 12.45 -2.62
N GLU A 1017 -8.05 11.78 -1.51
CA GLU A 1017 -9.39 11.94 -0.93
C GLU A 1017 -9.61 13.37 -0.41
N ILE A 1018 -8.61 13.92 0.28
CA ILE A 1018 -8.68 15.28 0.81
C ILE A 1018 -8.71 16.29 -0.33
N ARG A 1019 -7.97 16.02 -1.42
CA ARG A 1019 -8.01 16.90 -2.59
C ARG A 1019 -9.39 16.91 -3.23
N ALA A 1020 -10.03 15.74 -3.32
CA ALA A 1020 -11.39 15.68 -3.85
C ALA A 1020 -12.37 16.43 -2.95
N SER A 1021 -12.22 16.29 -1.63
CA SER A 1021 -13.07 17.02 -0.69
C SER A 1021 -12.84 18.53 -0.78
N ALA A 1022 -11.58 18.94 -0.98
CA ALA A 1022 -11.26 20.36 -1.11
C ALA A 1022 -11.77 20.93 -2.42
N ASN A 1023 -11.73 20.15 -3.49
CA ASN A 1023 -12.33 20.58 -4.75
C ASN A 1023 -13.84 20.74 -4.62
N LEU A 1024 -14.47 19.82 -3.88
CA LEU A 1024 -15.90 19.96 -3.60
C LEU A 1024 -16.18 21.20 -2.77
N ALA A 1025 -15.33 21.47 -1.77
CA ALA A 1025 -15.50 22.64 -0.92
C ALA A 1025 -15.31 23.94 -1.70
N ALA A 1026 -14.37 23.94 -2.64
CA ALA A 1026 -14.18 25.11 -3.50
C ALA A 1026 -15.38 25.32 -4.42
N THR A 1027 -15.96 24.21 -4.91
CA THR A 1027 -17.17 24.31 -5.72
C THR A 1027 -18.34 24.85 -4.91
N LYS A 1028 -18.47 24.41 -3.66
CA LYS A 1028 -19.53 24.92 -2.79
C LYS A 1028 -19.30 26.39 -2.45
N MET A 1029 -18.04 26.80 -2.26
CA MET A 1029 -17.74 28.20 -1.99
C MET A 1029 -18.07 29.07 -3.20
N SER A 1030 -17.77 28.58 -4.41
CA SER A 1030 -18.08 29.34 -5.61
C SER A 1030 -19.59 29.41 -5.87
N GLU A 1031 -20.29 28.30 -5.70
CA GLU A 1031 -21.68 28.22 -6.15
C GLU A 1031 -22.71 28.52 -5.05
N CYS A 1032 -22.40 28.28 -3.79
CA CYS A 1032 -23.37 28.54 -2.73
C CYS A 1032 -23.14 29.89 -2.05
N VAL A 1033 -21.88 30.28 -1.85
CA VAL A 1033 -21.58 31.54 -1.18
C VAL A 1033 -21.53 32.71 -2.16
N LEU A 1034 -20.87 32.53 -3.30
CA LEU A 1034 -20.69 33.61 -4.26
C LEU A 1034 -21.85 33.72 -5.24
N GLY A 1035 -22.87 32.87 -5.11
CA GLY A 1035 -24.03 32.94 -5.96
C GLY A 1035 -25.14 32.12 -5.35
N GLN A 1036 -26.29 32.14 -6.02
CA GLN A 1036 -27.43 31.33 -5.61
C GLN A 1036 -27.54 30.14 -6.55
N SER A 1037 -27.59 28.94 -5.98
CA SER A 1037 -27.54 27.71 -6.75
C SER A 1037 -28.93 27.10 -6.92
N LYS A 1038 -29.24 26.71 -8.15
CA LYS A 1038 -30.46 25.99 -8.46
C LYS A 1038 -30.31 24.48 -8.30
N ARG A 1039 -29.11 24.01 -7.99
CA ARG A 1039 -28.87 22.59 -7.84
C ARG A 1039 -29.49 22.09 -6.55
N VAL A 1040 -30.29 21.03 -6.65
CA VAL A 1040 -31.02 20.51 -5.51
C VAL A 1040 -30.06 19.77 -4.59
N ASP A 1041 -30.08 20.12 -3.30
CA ASP A 1041 -29.31 19.53 -2.20
C ASP A 1041 -27.81 19.77 -2.30
N PHE A 1042 -27.37 20.61 -3.23
CA PHE A 1042 -25.96 20.98 -3.27
C PHE A 1042 -25.61 21.99 -2.18
N CYS A 1043 -26.52 22.88 -1.84
CA CYS A 1043 -26.29 23.93 -0.87
C CYS A 1043 -27.35 23.87 0.22
N GLY A 1044 -27.57 22.69 0.78
CA GLY A 1044 -28.48 22.52 1.89
C GLY A 1044 -29.79 21.90 1.47
N LYS A 1045 -30.58 21.53 2.47
CA LYS A 1045 -31.90 20.95 2.25
C LYS A 1045 -32.91 22.07 2.11
N GLY A 1046 -33.65 22.06 1.01
CA GLY A 1046 -34.64 23.08 0.73
C GLY A 1046 -34.24 23.93 -0.46
N TYR A 1047 -35.04 24.96 -0.71
CA TYR A 1047 -34.73 25.89 -1.78
C TYR A 1047 -33.64 26.83 -1.29
N HIS A 1048 -32.48 26.79 -1.94
CA HIS A 1048 -31.31 27.50 -1.44
C HIS A 1048 -31.44 29.00 -1.65
N LEU A 1049 -31.22 29.77 -0.58
CA LEU A 1049 -31.22 31.21 -0.66
C LEU A 1049 -29.79 31.75 -0.72
N MET A 1050 -28.99 31.48 0.32
CA MET A 1050 -27.62 31.97 0.33
C MET A 1050 -26.80 31.11 1.30
N SER A 1051 -25.51 31.38 1.40
CA SER A 1051 -24.65 30.57 2.25
C SER A 1051 -23.57 31.43 2.87
N PHE A 1052 -23.07 30.99 4.01
CA PHE A 1052 -22.03 31.69 4.74
C PHE A 1052 -20.85 30.76 4.99
N PRO A 1053 -19.63 31.17 4.65
CA PRO A 1053 -18.45 30.35 5.00
C PRO A 1053 -17.91 30.66 6.39
N GLN A 1054 -17.47 29.61 7.07
CA GLN A 1054 -16.81 29.74 8.36
C GLN A 1054 -15.56 28.88 8.36
N SER A 1055 -14.44 29.45 8.81
CA SER A 1055 -13.21 28.69 8.90
C SER A 1055 -13.28 27.69 10.04
N ALA A 1056 -12.63 26.54 9.82
CA ALA A 1056 -12.55 25.48 10.81
C ALA A 1056 -11.16 24.91 10.73
N PRO A 1057 -10.64 24.30 11.82
CA PRO A 1057 -9.31 23.67 11.75
C PRO A 1057 -9.23 22.58 10.68
N HIS A 1058 -8.41 22.86 9.67
CA HIS A 1058 -8.25 22.03 8.46
C HIS A 1058 -9.56 21.84 7.70
N GLY A 1059 -10.44 22.84 7.72
CA GLY A 1059 -11.72 22.62 7.06
C GLY A 1059 -12.55 23.87 6.94
N VAL A 1060 -13.70 23.70 6.31
CA VAL A 1060 -14.65 24.80 6.11
C VAL A 1060 -16.03 24.32 6.53
N VAL A 1061 -16.81 25.22 7.14
CA VAL A 1061 -18.18 24.96 7.52
C VAL A 1061 -19.06 25.93 6.77
N PHE A 1062 -19.99 25.41 5.98
CA PHE A 1062 -20.95 26.22 5.25
C PHE A 1062 -22.25 26.27 6.02
N LEU A 1063 -22.72 27.48 6.33
CA LEU A 1063 -24.04 27.67 6.89
C LEU A 1063 -24.96 27.98 5.72
N HIS A 1064 -25.76 27.00 5.31
CA HIS A 1064 -26.66 27.14 4.19
C HIS A 1064 -28.00 27.68 4.68
N VAL A 1065 -28.36 28.88 4.21
CA VAL A 1065 -29.65 29.48 4.49
C VAL A 1065 -30.57 29.12 3.33
N THR A 1066 -31.62 28.36 3.63
CA THR A 1066 -32.55 27.83 2.65
C THR A 1066 -33.97 28.17 3.06
N TYR A 1067 -34.86 28.10 2.07
CA TYR A 1067 -36.27 28.38 2.23
C TYR A 1067 -37.00 27.04 2.22
N VAL A 1068 -37.74 26.76 3.28
CA VAL A 1068 -38.51 25.52 3.39
C VAL A 1068 -39.98 25.89 3.37
N PRO A 1069 -40.78 25.34 2.46
CA PRO A 1069 -42.23 25.58 2.52
C PRO A 1069 -42.84 24.93 3.76
N ALA A 1070 -43.90 25.56 4.28
CA ALA A 1070 -44.54 25.04 5.47
C ALA A 1070 -46.00 25.47 5.49
N GLN A 1071 -46.79 24.76 6.31
CA GLN A 1071 -48.21 24.99 6.51
C GLN A 1071 -48.99 24.91 5.19
N GLU A 1072 -48.80 23.79 4.48
CA GLU A 1072 -49.46 23.59 3.21
C GLU A 1072 -50.96 23.35 3.40
N LYS A 1073 -51.72 23.69 2.37
CA LYS A 1073 -53.17 23.58 2.38
C LYS A 1073 -53.64 22.99 1.06
N ASN A 1074 -54.67 22.13 1.14
CA ASN A 1074 -55.28 21.55 -0.04
C ASN A 1074 -56.09 22.59 -0.81
N PHE A 1075 -56.05 22.48 -2.14
CA PHE A 1075 -56.90 23.24 -3.03
C PHE A 1075 -57.28 22.37 -4.21
N THR A 1076 -58.42 22.69 -4.84
CA THR A 1076 -58.84 21.98 -6.04
C THR A 1076 -58.25 22.71 -7.25
N THR A 1077 -57.53 21.98 -8.09
CA THR A 1077 -56.79 22.63 -9.17
C THR A 1077 -57.28 22.17 -10.53
N ALA A 1078 -57.00 22.98 -11.54
CA ALA A 1078 -57.36 22.72 -12.92
C ALA A 1078 -56.21 23.14 -13.83
N PRO A 1079 -56.01 22.46 -14.95
CA PRO A 1079 -54.97 22.91 -15.89
C PRO A 1079 -55.29 24.22 -16.59
N ALA A 1080 -56.55 24.50 -16.89
CA ALA A 1080 -56.91 25.69 -17.64
C ALA A 1080 -58.30 26.16 -17.25
N ILE A 1081 -58.60 27.41 -17.61
CA ILE A 1081 -59.90 28.02 -17.36
C ILE A 1081 -60.58 28.25 -18.70
N CYS A 1082 -61.80 27.75 -18.85
CA CYS A 1082 -62.56 27.96 -20.07
C CYS A 1082 -63.41 29.21 -19.94
N HIS A 1083 -63.19 30.17 -20.83
CA HIS A 1083 -63.96 31.40 -20.84
C HIS A 1083 -64.10 31.87 -22.27
N ASP A 1084 -65.35 32.15 -22.69
CA ASP A 1084 -65.70 32.66 -24.02
C ASP A 1084 -65.21 31.74 -25.13
N GLY A 1085 -65.22 30.44 -24.87
CA GLY A 1085 -64.74 29.48 -25.84
C GLY A 1085 -63.25 29.45 -26.00
N LYS A 1086 -62.51 30.02 -25.04
CA LYS A 1086 -61.06 30.08 -25.10
C LYS A 1086 -60.48 29.48 -23.83
N ALA A 1087 -59.31 28.86 -23.98
CA ALA A 1087 -58.60 28.24 -22.87
C ALA A 1087 -57.55 29.22 -22.33
N HIS A 1088 -57.57 29.44 -21.02
CA HIS A 1088 -56.66 30.35 -20.35
C HIS A 1088 -55.74 29.54 -19.46
N PHE A 1089 -54.44 29.83 -19.55
CA PHE A 1089 -53.40 29.15 -18.80
C PHE A 1089 -52.62 30.18 -18.00
N PRO A 1090 -52.13 29.84 -16.80
CA PRO A 1090 -51.43 30.85 -16.00
C PRO A 1090 -50.09 31.21 -16.61
N ARG A 1091 -49.74 32.49 -16.54
CA ARG A 1091 -48.46 32.93 -17.05
C ARG A 1091 -47.32 32.43 -16.17
N GLU A 1092 -47.48 32.57 -14.85
CA GLU A 1092 -46.44 32.16 -13.91
C GLU A 1092 -46.96 31.34 -12.75
N GLY A 1093 -48.27 31.29 -12.52
CA GLY A 1093 -48.79 30.63 -11.34
C GLY A 1093 -49.53 29.33 -11.63
N VAL A 1094 -50.58 29.09 -10.86
CA VAL A 1094 -51.37 27.87 -10.92
C VAL A 1094 -52.79 28.21 -10.48
N PHE A 1095 -53.77 27.59 -11.13
CA PHE A 1095 -55.17 27.80 -10.78
C PHE A 1095 -55.51 26.95 -9.56
N VAL A 1096 -56.11 27.59 -8.55
CA VAL A 1096 -56.51 26.92 -7.32
C VAL A 1096 -57.95 27.32 -7.03
N SER A 1097 -58.62 26.47 -6.27
CA SER A 1097 -59.99 26.73 -5.83
C SER A 1097 -60.11 26.34 -4.37
N ASN A 1098 -60.72 27.22 -3.58
CA ASN A 1098 -60.98 26.97 -2.17
C ASN A 1098 -62.32 26.29 -1.94
N GLY A 1099 -63.05 25.95 -3.01
CA GLY A 1099 -64.29 25.24 -2.89
C GLY A 1099 -65.39 25.84 -3.76
N THR A 1100 -65.45 27.17 -3.84
CA THR A 1100 -66.48 27.83 -4.63
C THR A 1100 -65.91 28.79 -5.66
N HIS A 1101 -64.76 29.38 -5.37
CA HIS A 1101 -64.18 30.42 -6.21
C HIS A 1101 -62.81 30.00 -6.72
N TRP A 1102 -62.49 30.43 -7.94
CA TRP A 1102 -61.24 30.11 -8.59
C TRP A 1102 -60.30 31.30 -8.55
N PHE A 1103 -59.03 31.04 -8.27
CA PHE A 1103 -57.98 32.06 -8.22
C PHE A 1103 -56.74 31.52 -8.89
N VAL A 1104 -55.77 32.41 -9.09
CA VAL A 1104 -54.45 32.04 -9.57
C VAL A 1104 -53.44 32.48 -8.52
N THR A 1105 -52.49 31.60 -8.21
CA THR A 1105 -51.50 31.89 -7.19
C THR A 1105 -50.13 31.47 -7.67
N GLN A 1106 -49.10 32.04 -7.06
CA GLN A 1106 -47.75 31.57 -7.35
C GLN A 1106 -47.58 30.17 -6.75
N ARG A 1107 -46.70 29.39 -7.37
CA ARG A 1107 -46.62 27.96 -7.07
C ARG A 1107 -46.06 27.66 -5.68
N ASN A 1108 -45.13 28.47 -5.18
CA ASN A 1108 -44.44 28.14 -3.94
C ASN A 1108 -44.96 28.89 -2.72
N PHE A 1109 -46.03 29.68 -2.87
CA PHE A 1109 -46.59 30.40 -1.73
C PHE A 1109 -48.06 30.69 -2.05
N TYR A 1110 -48.94 30.54 -1.07
CA TYR A 1110 -50.35 30.79 -1.32
C TYR A 1110 -50.62 32.29 -1.30
N GLU A 1111 -50.93 32.85 -2.47
CA GLU A 1111 -51.31 34.25 -2.60
C GLU A 1111 -52.38 34.31 -3.69
N PRO A 1112 -53.64 34.12 -3.31
CA PRO A 1112 -54.71 34.06 -4.32
C PRO A 1112 -54.99 35.42 -4.94
N GLN A 1113 -55.12 35.43 -6.26
CA GLN A 1113 -55.43 36.62 -7.02
C GLN A 1113 -56.53 36.30 -8.02
N ILE A 1114 -57.28 37.33 -8.41
CA ILE A 1114 -58.39 37.17 -9.34
C ILE A 1114 -57.84 36.78 -10.71
N ILE A 1115 -58.47 35.78 -11.34
CA ILE A 1115 -58.04 35.32 -12.65
C ILE A 1115 -58.43 36.38 -13.67
N THR A 1116 -57.45 37.07 -14.23
CA THR A 1116 -57.65 38.13 -15.21
C THR A 1116 -56.89 37.79 -16.48
N THR A 1117 -56.92 38.73 -17.43
CA THR A 1117 -56.15 38.56 -18.65
C THR A 1117 -54.69 38.95 -18.46
N ASP A 1118 -54.40 39.72 -17.40
CA ASP A 1118 -53.04 40.15 -17.12
C ASP A 1118 -52.16 38.99 -16.66
N ASN A 1119 -52.72 38.01 -15.96
CA ASN A 1119 -51.95 36.90 -15.43
C ASN A 1119 -52.25 35.57 -16.12
N THR A 1120 -53.02 35.58 -17.20
CA THR A 1120 -53.30 34.38 -17.98
C THR A 1120 -53.02 34.66 -19.45
N PHE A 1121 -52.82 33.60 -20.20
CA PHE A 1121 -52.64 33.69 -21.64
C PHE A 1121 -53.56 32.69 -22.33
N VAL A 1122 -53.97 33.03 -23.55
CA VAL A 1122 -54.97 32.28 -24.28
C VAL A 1122 -54.29 31.45 -25.36
N SER A 1123 -54.58 30.14 -25.39
CA SER A 1123 -54.08 29.27 -26.44
C SER A 1123 -55.16 28.24 -26.77
N GLY A 1124 -55.80 28.38 -27.92
CA GLY A 1124 -56.75 27.40 -28.37
C GLY A 1124 -58.10 27.53 -27.71
N ASN A 1125 -58.99 26.60 -28.03
CA ASN A 1125 -60.33 26.55 -27.47
C ASN A 1125 -60.36 25.59 -26.29
N CYS A 1126 -61.55 25.31 -25.77
CA CYS A 1126 -61.70 24.47 -24.59
C CYS A 1126 -61.88 23.00 -24.92
N ASP A 1127 -61.84 22.62 -26.19
CA ASP A 1127 -62.16 21.26 -26.59
C ASP A 1127 -60.99 20.29 -26.48
N VAL A 1128 -59.77 20.78 -26.29
CA VAL A 1128 -58.58 19.93 -26.38
C VAL A 1128 -58.02 19.60 -24.99
N VAL A 1129 -57.99 20.58 -24.09
CA VAL A 1129 -57.36 20.39 -22.78
C VAL A 1129 -58.23 19.50 -21.91
N ILE A 1130 -57.64 18.44 -21.37
CA ILE A 1130 -58.36 17.51 -20.52
C ILE A 1130 -58.40 18.07 -19.10
N GLY A 1131 -59.61 18.22 -18.56
CA GLY A 1131 -59.77 18.74 -17.22
C GLY A 1131 -59.99 20.23 -17.11
N ILE A 1132 -60.26 20.91 -18.22
CA ILE A 1132 -60.54 22.34 -18.20
C ILE A 1132 -61.88 22.58 -17.50
N VAL A 1133 -61.94 23.63 -16.68
CA VAL A 1133 -63.14 23.95 -15.94
C VAL A 1133 -63.65 25.32 -16.40
N ASN A 1134 -64.93 25.56 -16.14
CA ASN A 1134 -65.58 26.80 -16.54
C ASN A 1134 -65.49 27.82 -15.41
N ASN A 1135 -64.92 28.99 -15.72
CA ASN A 1135 -64.87 30.09 -14.77
C ASN A 1135 -64.73 31.38 -15.57
N THR A 1136 -65.17 32.47 -14.99
CA THR A 1136 -65.05 33.77 -15.64
C THR A 1136 -63.61 34.27 -15.55
N VAL A 1137 -63.20 35.03 -16.57
CA VAL A 1137 -61.91 35.69 -16.60
C VAL A 1137 -62.17 37.19 -16.66
N TYR A 1138 -61.73 37.90 -15.62
CA TYR A 1138 -62.00 39.32 -15.51
C TYR A 1138 -61.16 40.11 -16.51
N ASP A 1139 -61.74 41.18 -17.04
CA ASP A 1139 -61.01 42.07 -17.94
C ASP A 1139 -60.81 43.41 -17.25
N PRO A 1140 -59.58 43.85 -17.02
CA PRO A 1140 -59.36 45.19 -16.43
C PRO A 1140 -59.84 46.33 -17.31
N LEU A 1141 -59.80 46.18 -18.63
CA LEU A 1141 -60.23 47.24 -19.52
C LEU A 1141 -61.75 47.38 -19.56
N GLN A 1142 -62.49 46.35 -19.11
CA GLN A 1142 -63.94 46.37 -19.21
C GLN A 1142 -64.63 47.50 -18.40
N PRO A 1143 -64.27 47.82 -17.15
CA PRO A 1143 -64.85 49.02 -16.53
C PRO A 1143 -64.40 50.34 -17.16
N GLU A 1144 -63.32 50.35 -17.93
CA GLU A 1144 -62.80 51.62 -18.46
C GLU A 1144 -63.61 52.13 -19.64
N LEU A 1145 -63.92 51.27 -20.62
CA LEU A 1145 -64.73 51.75 -21.74
C LEU A 1145 -66.20 51.89 -21.35
N ASP A 1146 -66.63 51.22 -20.28
CA ASP A 1146 -67.98 51.39 -19.77
C ASP A 1146 -68.18 52.80 -19.23
N SER A 1147 -67.18 53.35 -18.56
CA SER A 1147 -67.25 54.70 -18.03
C SER A 1147 -66.67 55.70 -19.02
N GLN B 14 16.39 -67.28 -29.19
CA GLN B 14 16.21 -67.54 -30.60
C GLN B 14 15.84 -66.27 -31.36
N CYS B 15 16.53 -66.03 -32.47
CA CYS B 15 16.27 -64.88 -33.32
C CYS B 15 16.16 -65.35 -34.76
N VAL B 16 15.31 -64.68 -35.54
CA VAL B 16 15.11 -64.99 -36.95
C VAL B 16 15.12 -63.68 -37.74
N ASN B 17 15.97 -63.62 -38.76
CA ASN B 17 15.93 -62.48 -39.67
C ASN B 17 14.73 -62.58 -40.60
N LEU B 18 13.99 -61.49 -40.74
CA LEU B 18 12.89 -61.41 -41.70
C LEU B 18 13.40 -60.74 -42.95
N THR B 19 13.52 -61.51 -44.04
CA THR B 19 14.16 -61.03 -45.27
C THR B 19 13.16 -60.93 -46.42
N THR B 20 11.87 -60.98 -46.12
CA THR B 20 10.82 -60.90 -47.14
C THR B 20 10.06 -59.59 -47.06
N ARG B 21 10.66 -58.56 -46.46
CA ARG B 21 10.01 -57.26 -46.37
C ARG B 21 10.02 -56.53 -47.71
N THR B 22 9.08 -55.60 -47.85
CA THR B 22 9.01 -54.73 -49.02
C THR B 22 9.45 -53.33 -48.59
N GLN B 23 10.39 -52.75 -49.33
CA GLN B 23 10.92 -51.44 -48.97
C GLN B 23 9.89 -50.36 -49.28
N LEU B 24 9.63 -49.50 -48.29
CA LEU B 24 8.64 -48.44 -48.44
C LEU B 24 8.97 -47.32 -47.46
N PRO B 25 8.84 -46.05 -47.86
CA PRO B 25 9.08 -44.97 -46.90
C PRO B 25 8.00 -44.92 -45.84
N PRO B 26 8.33 -44.42 -44.65
CA PRO B 26 7.31 -44.26 -43.60
C PRO B 26 6.28 -43.20 -43.95
N ALA B 27 5.08 -43.34 -43.40
CA ALA B 27 4.02 -42.41 -43.71
C ALA B 27 3.95 -41.31 -42.64
N TYR B 28 3.15 -40.29 -42.93
CA TYR B 28 2.90 -39.22 -41.96
C TYR B 28 1.43 -38.86 -42.03
N THR B 29 0.88 -38.43 -40.89
CA THR B 29 -0.52 -38.01 -40.86
C THR B 29 -0.71 -36.98 -39.74
N ASN B 30 -1.96 -36.54 -39.60
CA ASN B 30 -2.31 -35.46 -38.69
C ASN B 30 -2.75 -36.01 -37.33
N SER B 31 -2.31 -35.34 -36.27
CA SER B 31 -2.67 -35.76 -34.91
C SER B 31 -4.09 -35.38 -34.53
N PHE B 32 -4.64 -34.34 -35.15
CA PHE B 32 -5.95 -33.73 -34.85
C PHE B 32 -5.92 -33.24 -33.40
N THR B 33 -6.88 -33.61 -32.57
CA THR B 33 -6.92 -33.20 -31.16
C THR B 33 -6.75 -34.38 -30.22
N ARG B 34 -5.88 -35.31 -30.58
CA ARG B 34 -5.62 -36.50 -29.78
C ARG B 34 -4.35 -36.33 -28.96
N GLY B 35 -4.12 -37.29 -28.05
CA GLY B 35 -2.93 -37.30 -27.23
C GLY B 35 -3.06 -36.59 -25.89
N VAL B 36 -4.24 -36.10 -25.53
CA VAL B 36 -4.43 -35.44 -24.25
C VAL B 36 -4.58 -36.48 -23.14
N TYR B 37 -3.96 -36.22 -22.00
CA TYR B 37 -4.04 -37.10 -20.85
C TYR B 37 -4.24 -36.24 -19.60
N TYR B 38 -4.58 -36.91 -18.50
CA TYR B 38 -4.77 -36.20 -17.24
C TYR B 38 -3.39 -35.90 -16.63
N PRO B 39 -3.07 -34.64 -16.38
CA PRO B 39 -1.73 -34.31 -15.83
C PRO B 39 -1.50 -34.78 -14.41
N ASP B 40 -2.55 -35.03 -13.64
CA ASP B 40 -2.41 -35.34 -12.23
C ASP B 40 -3.56 -36.23 -11.79
N LYS B 41 -3.53 -36.62 -10.51
CA LYS B 41 -4.55 -37.47 -9.92
C LYS B 41 -5.63 -36.66 -9.19
N VAL B 42 -5.88 -35.43 -9.62
CA VAL B 42 -6.75 -34.50 -8.93
C VAL B 42 -8.07 -34.37 -9.67
N PHE B 43 -9.18 -34.60 -8.96
CA PHE B 43 -10.51 -34.37 -9.53
C PHE B 43 -10.76 -32.87 -9.65
N ARG B 44 -11.35 -32.47 -10.78
CA ARG B 44 -11.78 -31.10 -11.00
C ARG B 44 -13.16 -31.12 -11.65
N SER B 45 -14.05 -30.26 -11.19
CA SER B 45 -15.44 -30.27 -11.66
C SER B 45 -15.82 -28.91 -12.25
N SER B 46 -16.21 -28.92 -13.53
CA SER B 46 -16.74 -27.76 -14.26
C SER B 46 -15.80 -26.56 -14.23
N VAL B 47 -14.49 -26.80 -14.37
CA VAL B 47 -13.50 -25.73 -14.23
C VAL B 47 -12.49 -25.87 -15.36
N LEU B 48 -11.83 -24.76 -15.67
CA LEU B 48 -10.81 -24.72 -16.70
C LEU B 48 -9.45 -24.61 -16.02
N HIS B 49 -8.56 -25.54 -16.32
CA HIS B 49 -7.26 -25.61 -15.67
C HIS B 49 -6.15 -25.46 -16.70
N SER B 50 -5.22 -24.55 -16.46
CA SER B 50 -4.08 -24.33 -17.33
C SER B 50 -2.89 -25.05 -16.74
N THR B 51 -2.28 -25.93 -17.52
CA THR B 51 -1.18 -26.76 -17.02
C THR B 51 -0.02 -26.77 -18.00
N GLN B 52 1.20 -26.84 -17.44
CA GLN B 52 2.44 -26.87 -18.18
C GLN B 52 3.05 -28.25 -18.03
N ASP B 53 3.07 -29.02 -19.11
CA ASP B 53 3.55 -30.40 -19.03
C ASP B 53 3.96 -30.86 -20.42
N LEU B 54 4.46 -32.08 -20.49
CA LEU B 54 4.81 -32.70 -21.76
C LEU B 54 3.51 -33.13 -22.43
N PHE B 55 3.08 -32.39 -23.45
CA PHE B 55 1.85 -32.67 -24.15
C PHE B 55 2.10 -32.87 -25.63
N LEU B 56 1.17 -33.55 -26.28
CA LEU B 56 1.30 -33.74 -27.72
C LEU B 56 0.66 -32.55 -28.42
N PRO B 57 1.35 -31.91 -29.37
CA PRO B 57 0.79 -30.74 -30.04
C PRO B 57 -0.42 -31.10 -30.89
N PHE B 58 -1.40 -30.19 -30.91
CA PHE B 58 -2.59 -30.40 -31.72
C PHE B 58 -2.25 -30.24 -33.20
N PHE B 59 -2.88 -31.10 -34.02
CA PHE B 59 -2.74 -31.10 -35.48
C PHE B 59 -1.30 -31.29 -35.92
N SER B 60 -0.55 -32.10 -35.17
CA SER B 60 0.86 -32.28 -35.42
C SER B 60 1.11 -33.41 -36.42
N ASN B 61 2.36 -33.51 -36.86
CA ASN B 61 2.79 -34.50 -37.84
C ASN B 61 3.25 -35.76 -37.12
N VAL B 62 2.41 -36.79 -37.11
CA VAL B 62 2.74 -38.04 -36.44
C VAL B 62 3.16 -39.08 -37.47
N THR B 63 4.17 -39.87 -37.12
CA THR B 63 4.70 -40.87 -38.04
C THR B 63 3.79 -42.09 -38.06
N TRP B 64 3.44 -42.55 -39.26
CA TRP B 64 2.48 -43.63 -39.44
C TRP B 64 3.20 -44.85 -40.00
N PHE B 65 3.04 -45.97 -39.30
CA PHE B 65 3.61 -47.26 -39.65
C PHE B 65 2.48 -48.26 -39.87
N HIS B 66 2.69 -49.19 -40.80
CA HIS B 66 1.68 -50.16 -41.20
C HIS B 66 2.15 -51.59 -40.95
N ALA B 67 1.18 -52.49 -40.81
CA ALA B 67 1.43 -53.92 -40.79
C ALA B 67 0.35 -54.55 -41.67
N ILE B 68 0.73 -54.92 -42.90
CA ILE B 68 -0.22 -55.39 -43.90
C ILE B 68 0.54 -56.31 -44.85
N HIS B 69 -0.20 -57.23 -45.48
CA HIS B 69 0.37 -58.12 -46.49
C HIS B 69 -0.57 -58.15 -47.69
N LYS B 77 4.00 -56.78 -48.64
CA LYS B 77 4.49 -57.33 -47.38
C LYS B 77 5.12 -56.24 -46.53
N ARG B 78 4.37 -55.73 -45.55
CA ARG B 78 4.85 -54.69 -44.66
C ARG B 78 4.94 -55.23 -43.24
N PHE B 79 6.08 -55.00 -42.59
CA PHE B 79 6.31 -55.37 -41.20
C PHE B 79 7.19 -54.28 -40.59
N ASP B 80 6.58 -53.28 -39.98
CA ASP B 80 7.28 -52.10 -39.51
C ASP B 80 7.63 -52.26 -38.03
N ASN B 81 8.84 -52.73 -37.75
CA ASN B 81 9.38 -52.78 -36.39
C ASN B 81 10.77 -52.17 -36.34
N PRO B 82 10.88 -50.83 -36.43
CA PRO B 82 12.21 -50.22 -36.26
C PRO B 82 12.45 -49.81 -34.82
N VAL B 83 13.63 -49.25 -34.54
CA VAL B 83 13.95 -48.70 -33.22
C VAL B 83 13.95 -47.19 -33.36
N LEU B 84 13.18 -46.52 -32.50
CA LEU B 84 13.07 -45.07 -32.60
C LEU B 84 13.56 -44.39 -31.32
N PRO B 85 14.12 -43.19 -31.41
CA PRO B 85 14.49 -42.43 -30.21
C PRO B 85 13.27 -42.07 -29.37
N PHE B 86 13.41 -42.23 -28.05
CA PHE B 86 12.29 -42.03 -27.13
C PHE B 86 11.96 -40.55 -26.98
N ASN B 87 12.97 -39.70 -26.95
CA ASN B 87 12.90 -38.24 -26.68
C ASN B 87 12.32 -38.07 -25.27
N ASP B 88 11.45 -37.08 -25.05
CA ASP B 88 10.96 -36.79 -23.71
C ASP B 88 9.67 -37.53 -23.38
N GLY B 89 9.12 -38.27 -24.34
CA GLY B 89 7.89 -39.00 -24.14
C GLY B 89 7.39 -39.57 -25.46
N VAL B 90 6.50 -40.57 -25.39
CA VAL B 90 6.03 -41.24 -26.60
C VAL B 90 4.51 -41.34 -26.57
N TYR B 91 3.85 -40.86 -27.63
CA TYR B 91 2.43 -41.08 -27.83
C TYR B 91 2.29 -42.20 -28.85
N PHE B 92 1.63 -43.29 -28.46
CA PHE B 92 1.43 -44.44 -29.31
C PHE B 92 -0.06 -44.57 -29.61
N ALA B 93 -0.44 -44.46 -30.87
CA ALA B 93 -1.82 -44.66 -31.28
C ALA B 93 -1.89 -45.95 -32.08
N SER B 94 -2.91 -46.77 -31.81
CA SER B 94 -3.01 -48.07 -32.46
C SER B 94 -4.41 -48.29 -33.01
N THR B 95 -4.54 -48.37 -34.33
CA THR B 95 -5.78 -48.81 -34.95
C THR B 95 -5.57 -50.31 -35.12
N GLU B 96 -6.17 -51.07 -34.21
CA GLU B 96 -5.89 -52.49 -34.01
C GLU B 96 -7.14 -53.32 -34.11
N LYS B 97 -7.02 -54.45 -34.83
CA LYS B 97 -7.98 -55.53 -34.79
C LYS B 97 -7.20 -56.83 -34.67
N SER B 98 -7.77 -57.81 -33.96
CA SER B 98 -7.26 -59.17 -33.74
C SER B 98 -5.98 -59.20 -32.90
N ASN B 99 -5.61 -58.09 -32.26
CA ASN B 99 -4.54 -58.00 -31.26
C ASN B 99 -3.18 -58.44 -31.80
N ILE B 100 -2.69 -57.72 -32.81
CA ILE B 100 -1.36 -57.99 -33.34
C ILE B 100 -0.30 -57.35 -32.46
N ILE B 101 -0.50 -56.10 -32.03
CA ILE B 101 0.49 -55.40 -31.21
C ILE B 101 0.38 -55.93 -29.79
N ARG B 102 1.51 -56.39 -29.24
CA ARG B 102 1.50 -57.02 -27.94
C ARG B 102 2.37 -56.34 -26.89
N GLY B 103 3.33 -55.51 -27.26
CA GLY B 103 4.19 -54.94 -26.24
C GLY B 103 5.26 -54.04 -26.82
N TRP B 104 6.13 -53.58 -25.92
CA TRP B 104 7.16 -52.62 -26.28
C TRP B 104 8.51 -52.96 -25.64
N ILE B 105 9.53 -52.39 -26.27
CA ILE B 105 10.94 -52.56 -25.96
C ILE B 105 11.47 -51.19 -25.56
N PHE B 106 12.03 -51.07 -24.36
CA PHE B 106 12.47 -49.78 -23.83
C PHE B 106 13.92 -49.92 -23.39
N GLY B 107 14.76 -48.96 -23.74
CA GLY B 107 16.13 -49.03 -23.27
C GLY B 107 16.99 -47.93 -23.86
N THR B 108 18.30 -48.14 -23.76
CA THR B 108 19.28 -47.21 -24.33
C THR B 108 20.11 -47.86 -25.43
N THR B 109 20.74 -49.00 -25.14
CA THR B 109 21.59 -49.69 -26.11
C THR B 109 20.97 -51.00 -26.59
N LEU B 110 19.92 -51.48 -25.91
CA LEU B 110 19.15 -52.68 -26.29
C LEU B 110 20.01 -53.94 -26.34
N ASP B 111 20.98 -54.04 -25.43
CA ASP B 111 21.82 -55.22 -25.34
C ASP B 111 22.11 -55.54 -23.87
N SER B 112 22.96 -56.54 -23.65
CA SER B 112 23.27 -57.00 -22.30
C SER B 112 24.21 -56.07 -21.55
N LYS B 113 24.80 -55.07 -22.21
CA LYS B 113 25.69 -54.13 -21.53
C LYS B 113 24.93 -53.26 -20.53
N THR B 114 23.74 -52.80 -20.91
CA THR B 114 22.92 -51.93 -20.08
C THR B 114 21.70 -52.70 -19.59
N GLN B 115 20.83 -52.01 -18.88
CA GLN B 115 19.61 -52.60 -18.34
C GLN B 115 18.42 -52.05 -19.12
N SER B 116 17.54 -52.94 -19.55
CA SER B 116 16.42 -52.61 -20.41
C SER B 116 15.10 -53.02 -19.79
N LEU B 117 14.03 -52.35 -20.24
CA LEU B 117 12.68 -52.58 -19.78
C LEU B 117 11.88 -53.29 -20.88
N LEU B 118 11.17 -54.33 -20.48
CA LEU B 118 10.35 -55.16 -21.36
C LEU B 118 8.89 -55.05 -20.94
N ILE B 119 8.02 -54.71 -21.88
CA ILE B 119 6.59 -54.75 -21.66
C ILE B 119 6.03 -55.77 -22.62
N VAL B 120 5.38 -56.83 -22.10
CA VAL B 120 4.77 -57.83 -22.96
C VAL B 120 3.35 -58.12 -22.50
N ASN B 121 2.46 -58.37 -23.46
CA ASN B 121 1.11 -58.86 -23.21
C ASN B 121 0.95 -60.15 -24.00
N ASN B 122 1.09 -61.30 -23.35
CA ASN B 122 0.83 -62.55 -24.02
C ASN B 122 -0.64 -62.92 -23.82
N ALA B 123 -1.00 -64.18 -24.08
CA ALA B 123 -2.39 -64.63 -24.06
C ALA B 123 -3.04 -64.59 -22.67
N THR B 124 -2.27 -64.44 -21.59
CA THR B 124 -2.81 -64.51 -20.24
C THR B 124 -2.73 -63.19 -19.48
N ASN B 125 -1.57 -62.54 -19.45
CA ASN B 125 -1.37 -61.38 -18.58
C ASN B 125 -0.35 -60.45 -19.20
N VAL B 126 -0.12 -59.32 -18.53
CA VAL B 126 0.91 -58.37 -18.91
C VAL B 126 2.07 -58.47 -17.92
N VAL B 127 3.29 -58.50 -18.46
CA VAL B 127 4.51 -58.66 -17.69
C VAL B 127 5.40 -57.45 -17.98
N ILE B 128 5.89 -56.83 -16.91
CA ILE B 128 6.77 -55.67 -16.98
C ILE B 128 8.04 -56.07 -16.27
N LYS B 129 9.17 -56.05 -16.98
CA LYS B 129 10.42 -56.48 -16.37
C LYS B 129 11.54 -55.49 -16.64
N VAL B 130 12.38 -55.26 -15.64
CA VAL B 130 13.56 -54.40 -15.78
C VAL B 130 14.75 -55.30 -15.53
N CYS B 131 15.44 -55.71 -16.60
CA CYS B 131 16.51 -56.68 -16.45
C CYS B 131 17.57 -56.40 -17.51
N GLU B 132 18.64 -57.17 -17.51
CA GLU B 132 19.65 -57.07 -18.56
C GLU B 132 19.36 -58.14 -19.61
N PHE B 133 18.61 -57.77 -20.64
CA PHE B 133 18.18 -58.68 -21.69
C PHE B 133 19.07 -58.55 -22.91
N GLN B 134 19.17 -59.64 -23.67
CA GLN B 134 19.83 -59.59 -24.99
C GLN B 134 18.73 -59.60 -26.04
N PHE B 135 18.39 -58.42 -26.55
CA PHE B 135 17.35 -58.28 -27.57
C PHE B 135 17.82 -58.79 -28.92
N CYS B 136 16.89 -59.39 -29.66
CA CYS B 136 17.13 -59.77 -31.05
C CYS B 136 17.07 -58.55 -31.97
N ASN B 137 17.65 -58.71 -33.16
CA ASN B 137 17.57 -57.65 -34.16
C ASN B 137 16.15 -57.50 -34.66
N ASP B 138 15.42 -58.60 -34.78
CA ASP B 138 14.02 -58.62 -35.21
C ASP B 138 13.21 -59.36 -34.15
N PRO B 139 12.71 -58.66 -33.14
CA PRO B 139 11.90 -59.34 -32.11
C PRO B 139 10.41 -59.36 -32.47
N PHE B 140 9.78 -60.51 -32.24
CA PHE B 140 8.36 -60.66 -32.52
C PHE B 140 7.77 -61.81 -31.72
N LEU B 141 6.45 -61.88 -31.75
CA LEU B 141 5.70 -63.02 -31.25
C LEU B 141 5.04 -63.71 -32.43
N GLY B 142 4.33 -64.80 -32.16
CA GLY B 142 3.69 -65.52 -33.25
C GLY B 142 2.45 -66.28 -32.88
N VAL B 143 1.46 -66.26 -33.76
CA VAL B 143 0.20 -66.99 -33.58
C VAL B 143 0.08 -68.00 -34.71
N TYR B 144 -0.12 -69.26 -34.36
CA TYR B 144 -0.28 -70.34 -35.32
C TYR B 144 -1.76 -70.62 -35.52
N TYR B 145 -2.18 -70.71 -36.78
CA TYR B 145 -3.56 -71.00 -37.13
C TYR B 145 -3.68 -72.40 -37.74
N MET B 153 -3.46 -70.05 -31.98
CA MET B 153 -2.69 -70.48 -30.82
C MET B 153 -1.29 -69.88 -30.84
N GLU B 154 -0.92 -69.25 -29.73
CA GLU B 154 0.38 -68.60 -29.61
C GLU B 154 1.44 -69.62 -29.22
N SER B 155 2.37 -69.90 -30.13
CA SER B 155 3.41 -70.89 -29.89
C SER B 155 4.78 -70.44 -30.38
N GLU B 156 5.02 -69.13 -30.49
CA GLU B 156 6.28 -68.61 -31.02
C GLU B 156 6.66 -67.34 -30.27
N PHE B 157 7.73 -67.40 -29.49
CA PHE B 157 8.27 -66.24 -28.79
C PHE B 157 9.71 -66.04 -29.27
N ARG B 158 9.97 -65.01 -30.10
CA ARG B 158 11.36 -64.75 -30.50
C ARG B 158 11.65 -63.26 -30.29
N VAL B 159 11.88 -62.88 -29.04
CA VAL B 159 12.21 -61.50 -28.71
C VAL B 159 13.53 -61.34 -27.96
N TYR B 160 14.01 -62.36 -27.24
CA TYR B 160 15.29 -62.24 -26.54
C TYR B 160 16.05 -63.55 -26.62
N SER B 161 17.36 -63.47 -26.30
CA SER B 161 18.18 -64.67 -26.19
C SER B 161 18.73 -64.91 -24.78
N SER B 162 18.75 -63.90 -23.91
CA SER B 162 19.31 -64.07 -22.58
C SER B 162 18.68 -63.04 -21.65
N ALA B 163 18.78 -63.33 -20.34
CA ALA B 163 18.35 -62.43 -19.27
C ALA B 163 19.24 -62.69 -18.06
N ASN B 164 20.12 -61.74 -17.74
CA ASN B 164 21.14 -61.99 -16.72
C ASN B 164 20.83 -61.41 -15.34
N ASN B 165 20.60 -60.09 -15.24
CA ASN B 165 20.46 -59.44 -13.94
C ASN B 165 19.15 -58.65 -13.86
N CYS B 166 18.18 -59.20 -13.14
CA CYS B 166 16.88 -58.56 -12.95
C CYS B 166 16.81 -57.79 -11.65
N THR B 167 16.17 -56.61 -11.70
CA THR B 167 15.96 -55.79 -10.53
C THR B 167 14.50 -55.50 -10.20
N PHE B 168 13.57 -55.73 -11.14
CA PHE B 168 12.18 -55.35 -10.91
C PHE B 168 11.30 -56.19 -11.83
N GLU B 169 10.29 -56.85 -11.25
CA GLU B 169 9.31 -57.62 -12.01
C GLU B 169 7.91 -57.23 -11.53
N TYR B 170 6.98 -57.09 -12.49
CA TYR B 170 5.62 -56.66 -12.16
C TYR B 170 4.64 -57.30 -13.14
N VAL B 171 3.79 -58.19 -12.62
CA VAL B 171 2.76 -58.87 -13.40
C VAL B 171 1.42 -58.24 -13.07
N SER B 172 0.66 -57.84 -14.09
CA SER B 172 -0.56 -57.09 -13.85
C SER B 172 -1.71 -57.65 -14.69
N GLN B 173 -2.88 -57.00 -14.59
CA GLN B 173 -4.06 -57.33 -15.38
C GLN B 173 -3.90 -56.82 -16.82
N PRO B 174 -4.46 -57.54 -17.80
CA PRO B 174 -4.26 -57.16 -19.21
C PRO B 174 -4.88 -55.82 -19.57
N PHE B 175 -4.09 -54.98 -20.23
CA PHE B 175 -4.57 -53.66 -20.66
C PHE B 175 -5.57 -53.77 -21.78
N LEU B 176 -5.31 -54.63 -22.76
CA LEU B 176 -6.17 -54.76 -23.93
C LEU B 176 -7.41 -55.61 -23.63
N ASN B 185 -11.66 -54.25 -41.27
CA ASN B 185 -11.97 -53.00 -40.59
C ASN B 185 -11.35 -52.98 -39.20
N PHE B 186 -10.66 -51.88 -38.89
CA PHE B 186 -10.10 -51.71 -37.55
C PHE B 186 -11.21 -51.39 -36.56
N LYS B 187 -11.25 -52.13 -35.46
CA LYS B 187 -12.34 -51.99 -34.49
C LYS B 187 -11.90 -51.36 -33.18
N ASN B 188 -10.63 -51.48 -32.80
CA ASN B 188 -10.15 -50.97 -31.53
C ASN B 188 -9.16 -49.84 -31.76
N LEU B 189 -9.22 -48.81 -30.92
CA LEU B 189 -8.23 -47.74 -30.95
C LEU B 189 -7.58 -47.68 -29.58
N ARG B 190 -6.26 -47.81 -29.54
CA ARG B 190 -5.51 -47.87 -28.29
C ARG B 190 -4.58 -46.67 -28.24
N GLU B 191 -4.78 -45.80 -27.26
CA GLU B 191 -3.88 -44.67 -27.06
C GLU B 191 -3.03 -44.91 -25.83
N PHE B 192 -1.72 -44.64 -25.95
CA PHE B 192 -0.77 -44.77 -24.86
C PHE B 192 0.13 -43.56 -24.82
N VAL B 193 0.49 -43.14 -23.60
CA VAL B 193 1.48 -42.10 -23.37
C VAL B 193 2.53 -42.68 -22.41
N PHE B 194 3.80 -42.64 -22.82
CA PHE B 194 4.90 -43.10 -22.00
C PHE B 194 5.78 -41.92 -21.63
N LYS B 195 6.03 -41.73 -20.32
CA LYS B 195 6.87 -40.64 -19.84
C LYS B 195 7.90 -41.13 -18.83
N ASN B 196 9.10 -40.57 -18.89
CA ASN B 196 10.21 -40.84 -17.97
C ASN B 196 10.50 -39.55 -17.19
N ILE B 197 9.88 -39.40 -16.02
CA ILE B 197 10.05 -38.21 -15.20
C ILE B 197 10.52 -38.63 -13.82
N ASP B 198 11.72 -38.18 -13.43
CA ASP B 198 12.32 -38.40 -12.10
C ASP B 198 12.45 -39.88 -11.76
N GLY B 199 12.75 -40.70 -12.77
CA GLY B 199 12.87 -42.12 -12.58
C GLY B 199 11.55 -42.85 -12.51
N TYR B 200 10.43 -42.15 -12.72
CA TYR B 200 9.11 -42.73 -12.74
C TYR B 200 8.69 -42.89 -14.20
N PHE B 201 8.17 -44.06 -14.53
CA PHE B 201 7.65 -44.34 -15.86
C PHE B 201 6.12 -44.31 -15.82
N LYS B 202 5.54 -43.26 -16.38
CA LYS B 202 4.09 -43.14 -16.43
C LYS B 202 3.56 -43.71 -17.74
N ILE B 203 2.60 -44.64 -17.62
CA ILE B 203 1.86 -45.19 -18.75
C ILE B 203 0.42 -44.72 -18.60
N TYR B 204 -0.02 -43.91 -19.55
CA TYR B 204 -1.41 -43.48 -19.67
C TYR B 204 -2.01 -44.24 -20.83
N SER B 205 -3.28 -44.61 -20.73
CA SER B 205 -3.88 -45.37 -21.83
C SER B 205 -5.37 -45.08 -21.92
N LYS B 206 -5.91 -45.34 -23.11
CA LYS B 206 -7.34 -45.20 -23.36
C LYS B 206 -7.74 -46.17 -24.47
N HIS B 207 -8.87 -46.85 -24.26
CA HIS B 207 -9.48 -47.71 -25.25
C HIS B 207 -10.67 -47.00 -25.86
N THR B 208 -10.74 -46.99 -27.19
CA THR B 208 -11.80 -46.28 -27.89
C THR B 208 -12.41 -47.17 -28.96
N PRO B 209 -13.75 -47.30 -29.00
CA PRO B 209 -14.37 -48.08 -30.09
C PRO B 209 -14.60 -47.25 -31.33
N ILE B 210 -13.89 -47.54 -32.40
CA ILE B 210 -14.00 -46.79 -33.65
C ILE B 210 -14.41 -47.75 -34.76
N ASN B 211 -14.86 -47.17 -35.87
CA ASN B 211 -15.24 -47.96 -37.04
C ASN B 211 -14.70 -47.34 -38.33
N LEU B 212 -13.62 -46.59 -38.25
CA LEU B 212 -13.07 -45.93 -39.43
C LEU B 212 -12.03 -46.85 -40.04
N VAL B 213 -11.93 -46.81 -41.38
CA VAL B 213 -11.13 -47.82 -42.08
C VAL B 213 -9.64 -47.49 -42.06
N ARG B 214 -9.24 -46.28 -42.41
CA ARG B 214 -7.83 -46.04 -42.69
C ARG B 214 -7.10 -45.12 -41.71
N ASP B 215 -7.59 -43.91 -41.49
CA ASP B 215 -6.84 -42.91 -40.76
C ASP B 215 -7.31 -42.81 -39.31
N LEU B 216 -6.71 -41.88 -38.57
CA LEU B 216 -7.13 -41.59 -37.21
C LEU B 216 -8.48 -40.87 -37.22
N PRO B 217 -9.43 -41.27 -36.40
CA PRO B 217 -10.70 -40.52 -36.32
C PRO B 217 -10.50 -39.19 -35.63
N GLN B 218 -11.40 -38.26 -35.94
CA GLN B 218 -11.36 -36.91 -35.39
C GLN B 218 -12.31 -36.82 -34.20
N GLY B 219 -11.77 -36.48 -33.05
CA GLY B 219 -12.59 -36.40 -31.85
C GLY B 219 -11.73 -36.10 -30.65
N PHE B 220 -12.34 -36.18 -29.47
CA PHE B 220 -11.66 -35.88 -28.22
C PHE B 220 -11.81 -37.07 -27.27
N SER B 221 -10.69 -37.49 -26.68
CA SER B 221 -10.70 -38.56 -25.69
C SER B 221 -9.48 -38.38 -24.79
N ALA B 222 -9.71 -38.01 -23.53
CA ALA B 222 -8.60 -37.80 -22.60
C ALA B 222 -8.12 -39.13 -22.05
N LEU B 223 -6.80 -39.29 -21.96
CA LEU B 223 -6.22 -40.57 -21.55
C LEU B 223 -6.09 -40.65 -20.04
N GLU B 224 -6.67 -41.69 -19.46
CA GLU B 224 -6.54 -41.89 -18.03
C GLU B 224 -5.16 -42.43 -17.68
N PRO B 225 -4.62 -42.08 -16.51
CA PRO B 225 -3.38 -42.71 -16.04
C PRO B 225 -3.61 -44.16 -15.66
N LEU B 226 -2.82 -45.05 -16.25
CA LEU B 226 -2.96 -46.47 -16.00
C LEU B 226 -1.97 -46.99 -14.96
N VAL B 227 -0.67 -46.77 -15.15
CA VAL B 227 0.27 -47.36 -14.20
C VAL B 227 1.56 -46.52 -14.15
N ASP B 228 2.06 -46.33 -12.93
CA ASP B 228 3.33 -45.66 -12.69
C ASP B 228 4.34 -46.70 -12.23
N LEU B 229 5.51 -46.71 -12.88
CA LEU B 229 6.50 -47.74 -12.61
C LEU B 229 7.71 -47.12 -11.93
N PRO B 230 8.14 -47.63 -10.79
CA PRO B 230 9.42 -47.19 -10.18
C PRO B 230 10.61 -47.89 -10.82
N ILE B 231 11.05 -47.40 -11.97
CA ILE B 231 12.13 -48.05 -12.71
C ILE B 231 13.49 -47.40 -12.43
N GLY B 232 13.56 -46.07 -12.42
CA GLY B 232 14.80 -45.36 -12.14
C GLY B 232 15.94 -45.62 -13.10
N ILE B 233 15.63 -45.83 -14.39
CA ILE B 233 16.64 -46.19 -15.38
C ILE B 233 16.57 -45.22 -16.54
N ASN B 234 17.67 -45.14 -17.28
CA ASN B 234 17.75 -44.32 -18.48
C ASN B 234 17.12 -45.06 -19.66
N ILE B 235 16.24 -44.38 -20.38
CA ILE B 235 15.61 -44.90 -21.59
C ILE B 235 15.70 -43.83 -22.67
N THR B 236 16.31 -44.18 -23.81
CA THR B 236 16.40 -43.27 -24.95
C THR B 236 15.86 -43.84 -26.26
N ARG B 237 15.54 -45.14 -26.32
CA ARG B 237 15.08 -45.79 -27.54
C ARG B 237 13.98 -46.77 -27.21
N PHE B 238 13.09 -47.00 -28.19
CA PHE B 238 11.97 -47.90 -28.00
C PHE B 238 11.70 -48.65 -29.31
N GLN B 239 10.95 -49.75 -29.19
CA GLN B 239 10.60 -50.56 -30.34
C GLN B 239 9.28 -51.28 -30.11
N THR B 240 8.39 -51.23 -31.11
CA THR B 240 7.11 -51.94 -31.03
C THR B 240 7.35 -53.44 -31.23
N LEU B 241 6.49 -54.25 -30.60
CA LEU B 241 6.51 -55.70 -30.76
C LEU B 241 5.24 -56.14 -31.49
N LEU B 242 5.40 -56.82 -32.61
CA LEU B 242 4.27 -57.32 -33.38
C LEU B 242 4.17 -58.84 -33.26
N ALA B 243 3.13 -59.39 -33.89
CA ALA B 243 2.89 -60.83 -33.91
C ALA B 243 2.75 -61.33 -35.33
N LEU B 244 3.42 -62.42 -35.65
CA LEU B 244 3.31 -63.06 -36.95
C LEU B 244 2.07 -63.94 -36.99
N HIS B 245 1.61 -64.23 -38.21
CA HIS B 245 0.54 -65.20 -38.43
C HIS B 245 1.12 -66.37 -39.21
N ARG B 246 1.02 -67.57 -38.66
CA ARG B 246 1.56 -68.77 -39.27
C ARG B 246 0.43 -69.71 -39.68
N SER B 247 0.60 -70.36 -40.82
CA SER B 247 -0.42 -71.28 -41.32
C SER B 247 0.22 -72.52 -41.91
N GLY B 257 5.88 -69.40 -45.03
CA GLY B 257 6.65 -68.46 -44.23
C GLY B 257 5.84 -67.83 -43.12
N TRP B 258 5.77 -66.49 -43.12
CA TRP B 258 5.01 -65.74 -42.14
C TRP B 258 4.09 -64.75 -42.83
N THR B 259 3.02 -64.38 -42.15
CA THR B 259 2.06 -63.41 -42.63
C THR B 259 1.82 -62.36 -41.55
N ALA B 260 1.74 -61.10 -41.97
CA ALA B 260 1.53 -59.98 -41.06
C ALA B 260 0.05 -59.66 -40.99
N GLY B 261 -0.51 -59.67 -39.79
CA GLY B 261 -1.90 -59.31 -39.62
C GLY B 261 -2.13 -57.82 -39.81
N ALA B 262 -3.37 -57.47 -40.16
CA ALA B 262 -3.69 -56.09 -40.51
C ALA B 262 -3.74 -55.23 -39.25
N ALA B 263 -2.81 -54.28 -39.15
CA ALA B 263 -2.75 -53.36 -38.03
C ALA B 263 -2.08 -52.07 -38.48
N ALA B 264 -2.33 -50.98 -37.76
CA ALA B 264 -1.65 -49.76 -38.11
C ALA B 264 -1.39 -48.97 -36.83
N TYR B 265 -0.24 -48.32 -36.74
CA TYR B 265 0.07 -47.58 -35.53
C TYR B 265 0.78 -46.28 -35.87
N TYR B 266 0.77 -45.38 -34.91
CA TYR B 266 1.20 -44.00 -35.08
C TYR B 266 2.07 -43.62 -33.90
N VAL B 267 3.17 -42.94 -34.19
CA VAL B 267 4.11 -42.47 -33.17
C VAL B 267 4.11 -40.95 -33.18
N GLY B 268 3.85 -40.35 -32.01
CA GLY B 268 3.97 -38.92 -31.84
C GLY B 268 4.89 -38.60 -30.69
N TYR B 269 5.43 -37.38 -30.66
CA TYR B 269 6.43 -37.01 -29.68
C TYR B 269 5.90 -35.89 -28.78
N LEU B 270 6.18 -36.02 -27.49
CA LEU B 270 5.65 -35.12 -26.48
C LEU B 270 6.59 -33.92 -26.34
N GLN B 271 6.01 -32.72 -26.28
CA GLN B 271 6.79 -31.50 -26.16
C GLN B 271 6.31 -30.71 -24.96
N PRO B 272 7.19 -29.97 -24.30
CA PRO B 272 6.77 -29.16 -23.14
C PRO B 272 5.94 -27.96 -23.57
N ARG B 273 4.67 -27.94 -23.18
CA ARG B 273 3.78 -26.86 -23.56
C ARG B 273 2.66 -26.74 -22.55
N THR B 274 1.78 -25.78 -22.78
CA THR B 274 0.66 -25.48 -21.90
C THR B 274 -0.65 -25.88 -22.57
N PHE B 275 -1.49 -26.58 -21.82
CA PHE B 275 -2.86 -26.86 -22.25
C PHE B 275 -3.86 -26.23 -21.30
N LEU B 276 -4.98 -25.76 -21.86
CA LEU B 276 -6.12 -25.32 -21.09
C LEU B 276 -7.17 -26.42 -21.19
N LEU B 277 -7.37 -27.16 -20.11
CA LEU B 277 -8.27 -28.30 -20.09
C LEU B 277 -9.60 -27.92 -19.47
N LYS B 278 -10.69 -28.40 -20.07
CA LYS B 278 -12.04 -28.14 -19.58
C LYS B 278 -12.53 -29.37 -18.83
N TYR B 279 -12.97 -29.17 -17.58
CA TYR B 279 -13.52 -30.24 -16.77
C TYR B 279 -15.02 -29.99 -16.62
N ASN B 280 -15.82 -31.01 -16.93
CA ASN B 280 -17.27 -30.90 -16.88
C ASN B 280 -17.76 -31.12 -15.45
N GLU B 281 -19.09 -31.26 -15.30
CA GLU B 281 -19.68 -31.51 -13.98
C GLU B 281 -19.25 -32.87 -13.44
N ASN B 282 -19.14 -33.87 -14.30
CA ASN B 282 -18.76 -35.22 -13.87
C ASN B 282 -17.25 -35.39 -13.74
N GLY B 283 -16.47 -34.40 -14.13
CA GLY B 283 -15.03 -34.43 -13.90
C GLY B 283 -14.19 -35.06 -14.97
N THR B 284 -14.70 -35.24 -16.18
CA THR B 284 -13.90 -35.74 -17.28
C THR B 284 -13.49 -34.58 -18.18
N ILE B 285 -12.30 -34.70 -18.78
CA ILE B 285 -11.81 -33.68 -19.69
C ILE B 285 -12.53 -33.85 -21.02
N THR B 286 -13.36 -32.87 -21.38
CA THR B 286 -14.14 -32.95 -22.60
C THR B 286 -13.57 -32.12 -23.74
N ASP B 287 -12.73 -31.12 -23.44
CA ASP B 287 -12.16 -30.30 -24.48
C ASP B 287 -10.85 -29.69 -23.98
N ALA B 288 -9.99 -29.31 -24.91
CA ALA B 288 -8.69 -28.76 -24.56
C ALA B 288 -8.30 -27.68 -25.57
N VAL B 289 -7.43 -26.78 -25.11
CA VAL B 289 -6.90 -25.70 -25.92
C VAL B 289 -5.37 -25.76 -25.86
N ASP B 290 -4.74 -25.80 -27.03
CA ASP B 290 -3.29 -25.75 -27.13
C ASP B 290 -2.88 -24.28 -27.19
N CYS B 291 -2.16 -23.82 -26.16
CA CYS B 291 -1.84 -22.40 -26.03
C CYS B 291 -0.81 -21.91 -27.05
N ALA B 292 -0.11 -22.81 -27.75
CA ALA B 292 0.92 -22.41 -28.69
C ALA B 292 0.59 -22.81 -30.13
N LEU B 293 -0.66 -23.14 -30.42
CA LEU B 293 -1.00 -23.60 -31.77
C LEU B 293 -1.24 -22.42 -32.71
N ASP B 294 -2.19 -21.56 -32.38
CA ASP B 294 -2.56 -20.40 -33.17
C ASP B 294 -2.89 -19.27 -32.20
N PRO B 295 -2.86 -18.01 -32.67
CA PRO B 295 -3.23 -16.89 -31.78
C PRO B 295 -4.64 -16.93 -31.19
N LEU B 296 -5.61 -17.56 -31.84
CA LEU B 296 -6.94 -17.67 -31.26
C LEU B 296 -6.95 -18.54 -30.01
N SER B 297 -6.28 -19.70 -30.08
CA SER B 297 -6.19 -20.54 -28.89
C SER B 297 -5.25 -19.93 -27.85
N GLU B 298 -4.29 -19.12 -28.30
CA GLU B 298 -3.47 -18.37 -27.36
C GLU B 298 -4.31 -17.37 -26.58
N THR B 299 -5.26 -16.72 -27.26
CA THR B 299 -6.20 -15.81 -26.58
C THR B 299 -7.10 -16.57 -25.62
N LYS B 300 -7.55 -17.77 -26.05
CA LYS B 300 -8.38 -18.61 -25.18
C LYS B 300 -7.60 -19.04 -23.93
N CYS B 301 -6.32 -19.34 -24.10
CA CYS B 301 -5.46 -19.72 -22.97
C CYS B 301 -5.20 -18.53 -22.06
N THR B 302 -5.06 -17.33 -22.63
CA THR B 302 -4.81 -16.14 -21.83
C THR B 302 -6.03 -15.74 -21.02
N LEU B 303 -7.21 -15.74 -21.62
CA LEU B 303 -8.41 -15.29 -20.91
C LEU B 303 -9.04 -16.38 -20.06
N LYS B 304 -8.51 -17.61 -20.11
CA LYS B 304 -9.00 -18.78 -19.38
C LYS B 304 -10.46 -19.07 -19.72
N SER B 305 -10.81 -18.95 -21.01
CA SER B 305 -12.16 -19.22 -21.45
C SER B 305 -12.11 -19.83 -22.85
N PHE B 306 -13.09 -20.68 -23.15
CA PHE B 306 -13.19 -21.28 -24.47
C PHE B 306 -13.94 -20.39 -25.45
N THR B 307 -14.61 -19.35 -24.97
CA THR B 307 -15.28 -18.38 -25.82
C THR B 307 -14.65 -17.02 -25.59
N VAL B 308 -14.32 -16.33 -26.68
CA VAL B 308 -13.68 -15.02 -26.63
C VAL B 308 -14.63 -13.99 -27.22
N GLU B 309 -14.86 -12.91 -26.48
CA GLU B 309 -15.70 -11.83 -26.96
C GLU B 309 -14.96 -11.00 -28.01
N LYS B 310 -15.70 -10.13 -28.69
CA LYS B 310 -15.12 -9.27 -29.71
C LYS B 310 -14.23 -8.21 -29.06
N GLY B 311 -13.02 -8.06 -29.58
CA GLY B 311 -12.12 -7.05 -29.08
C GLY B 311 -10.68 -7.43 -29.38
N ILE B 312 -9.78 -6.62 -28.84
CA ILE B 312 -8.34 -6.82 -28.97
C ILE B 312 -7.82 -7.25 -27.60
N TYR B 313 -7.05 -8.33 -27.58
CA TYR B 313 -6.57 -8.91 -26.33
C TYR B 313 -5.07 -9.11 -26.42
N GLN B 314 -4.34 -8.48 -25.50
CA GLN B 314 -2.90 -8.64 -25.47
C GLN B 314 -2.58 -10.01 -24.88
N THR B 315 -1.91 -10.85 -25.65
CA THR B 315 -1.69 -12.23 -25.25
C THR B 315 -0.25 -12.54 -24.90
N SER B 316 0.71 -12.08 -25.70
CA SER B 316 2.10 -12.49 -25.42
C SER B 316 3.02 -11.34 -25.81
N ASN B 317 4.32 -11.59 -25.76
CA ASN B 317 5.29 -10.61 -26.19
C ASN B 317 6.16 -11.17 -27.30
N PHE B 318 6.65 -10.26 -28.13
CA PHE B 318 7.49 -10.58 -29.28
C PHE B 318 8.91 -10.15 -28.99
N ARG B 319 9.84 -11.09 -29.08
CA ARG B 319 11.26 -10.88 -28.93
C ARG B 319 12.00 -11.36 -30.16
N VAL B 320 13.17 -10.80 -30.39
CA VAL B 320 14.06 -11.26 -31.44
C VAL B 320 15.17 -12.07 -30.79
N GLN B 321 15.48 -13.21 -31.38
CA GLN B 321 16.49 -14.03 -30.73
C GLN B 321 17.86 -13.72 -31.32
N PRO B 322 18.90 -13.71 -30.49
CA PRO B 322 20.25 -13.46 -31.02
C PRO B 322 20.69 -14.56 -31.98
N THR B 323 21.30 -14.14 -33.09
CA THR B 323 21.74 -15.10 -34.08
C THR B 323 23.16 -15.59 -33.81
N GLU B 324 24.04 -14.70 -33.36
CA GLU B 324 25.40 -15.05 -33.00
C GLU B 324 25.75 -14.38 -31.68
N SER B 325 26.90 -14.78 -31.12
CA SER B 325 27.45 -14.16 -29.93
C SER B 325 28.78 -13.54 -30.34
N ILE B 326 28.97 -12.26 -30.01
CA ILE B 326 30.14 -11.51 -30.44
C ILE B 326 30.98 -11.16 -29.22
N VAL B 327 32.26 -11.51 -29.26
CA VAL B 327 33.23 -11.17 -28.23
C VAL B 327 34.26 -10.27 -28.88
N ARG B 328 34.45 -9.07 -28.35
CA ARG B 328 35.42 -8.13 -28.88
C ARG B 328 36.37 -7.71 -27.77
N PHE B 329 37.60 -8.23 -27.83
CA PHE B 329 38.64 -7.94 -26.87
C PHE B 329 39.83 -7.32 -27.58
N PRO B 330 40.71 -6.60 -26.86
CA PRO B 330 41.93 -6.09 -27.48
C PRO B 330 42.85 -7.21 -27.96
N ASN B 331 43.65 -6.90 -28.97
CA ASN B 331 44.46 -7.92 -29.63
C ASN B 331 45.78 -8.17 -28.91
N LYS B 529 39.10 -15.62 -26.92
CA LYS B 529 39.45 -15.21 -28.27
C LYS B 529 38.36 -14.32 -28.85
N SER B 530 38.75 -13.27 -29.56
CA SER B 530 37.79 -12.34 -30.13
C SER B 530 37.22 -12.90 -31.43
N THR B 531 35.94 -12.63 -31.67
CA THR B 531 35.26 -13.05 -32.88
C THR B 531 35.12 -11.88 -33.85
N ASN B 532 34.51 -12.15 -35.00
CA ASN B 532 34.28 -11.12 -35.99
C ASN B 532 33.17 -10.17 -35.54
N LEU B 533 33.19 -8.96 -36.08
CA LEU B 533 32.19 -7.96 -35.75
C LEU B 533 31.04 -8.05 -36.74
N VAL B 534 29.83 -8.33 -36.24
CA VAL B 534 28.65 -8.48 -37.07
C VAL B 534 27.72 -7.31 -36.78
N LYS B 535 27.37 -6.56 -37.81
CA LYS B 535 26.53 -5.38 -37.67
C LYS B 535 25.17 -5.61 -38.29
N ASN B 536 24.22 -4.75 -37.90
CA ASN B 536 22.85 -4.68 -38.42
C ASN B 536 22.03 -5.93 -38.12
N LYS B 537 22.42 -6.72 -37.12
CA LYS B 537 21.61 -7.83 -36.66
C LYS B 537 21.49 -7.74 -35.15
N CYS B 538 20.48 -8.41 -34.60
CA CYS B 538 20.32 -8.47 -33.15
C CYS B 538 21.19 -9.62 -32.65
N VAL B 539 22.32 -9.28 -32.04
CA VAL B 539 23.30 -10.25 -31.59
C VAL B 539 23.73 -9.92 -30.17
N ASN B 540 24.27 -10.92 -29.50
CA ASN B 540 24.91 -10.70 -28.21
C ASN B 540 26.26 -10.07 -28.46
N PHE B 541 26.66 -9.15 -27.60
CA PHE B 541 27.96 -8.50 -27.71
C PHE B 541 28.68 -8.56 -26.38
N ASN B 542 30.01 -8.70 -26.46
CA ASN B 542 30.89 -8.70 -25.30
C ASN B 542 32.05 -7.76 -25.64
N PHE B 543 31.91 -6.50 -25.25
CA PHE B 543 32.94 -5.49 -25.48
C PHE B 543 33.69 -5.24 -24.17
N ASN B 544 34.90 -5.80 -24.07
CA ASN B 544 35.82 -5.62 -22.93
C ASN B 544 35.17 -6.03 -21.61
N GLY B 545 34.43 -7.13 -21.64
CA GLY B 545 33.74 -7.62 -20.47
C GLY B 545 32.37 -7.02 -20.26
N LEU B 546 31.98 -6.07 -21.11
CA LEU B 546 30.64 -5.49 -21.10
C LEU B 546 29.75 -6.36 -21.96
N THR B 547 28.86 -7.12 -21.33
CA THR B 547 27.97 -8.02 -22.04
C THR B 547 26.61 -7.38 -22.28
N GLY B 548 25.97 -7.79 -23.36
CA GLY B 548 24.64 -7.30 -23.66
C GLY B 548 24.11 -7.95 -24.91
N THR B 549 22.90 -7.55 -25.28
CA THR B 549 22.26 -8.03 -26.51
C THR B 549 21.64 -6.83 -27.23
N GLY B 550 22.14 -6.52 -28.42
CA GLY B 550 21.52 -5.43 -29.17
C GLY B 550 21.99 -5.36 -30.60
N VAL B 551 21.20 -4.66 -31.41
CA VAL B 551 21.57 -4.40 -32.80
C VAL B 551 22.68 -3.36 -32.82
N LEU B 552 23.76 -3.66 -33.52
CA LEU B 552 24.90 -2.76 -33.66
C LEU B 552 24.82 -2.04 -35.00
N THR B 553 24.86 -0.70 -34.96
CA THR B 553 24.83 0.12 -36.16
C THR B 553 25.99 1.09 -36.13
N GLU B 554 26.37 1.60 -37.31
CA GLU B 554 27.44 2.59 -37.38
C GLU B 554 26.99 3.89 -36.75
N SER B 555 27.87 4.52 -35.98
CA SER B 555 27.51 5.69 -35.19
C SER B 555 28.15 6.97 -35.70
N ASN B 556 27.43 8.07 -35.51
CA ASN B 556 27.94 9.40 -35.85
C ASN B 556 28.59 10.09 -34.65
N LYS B 557 28.52 9.49 -33.46
CA LYS B 557 29.10 10.08 -32.26
C LYS B 557 30.62 9.98 -32.30
N LYS B 558 31.28 11.02 -31.79
CA LYS B 558 32.74 11.07 -31.74
C LYS B 558 33.19 10.99 -30.28
N PHE B 559 33.75 9.85 -29.92
CA PHE B 559 34.22 9.59 -28.57
C PHE B 559 35.58 10.22 -28.34
N LEU B 560 35.84 10.64 -27.11
CA LEU B 560 37.20 11.04 -26.82
C LEU B 560 38.06 9.77 -26.71
N PRO B 561 39.37 9.86 -26.97
CA PRO B 561 40.21 8.64 -26.99
C PRO B 561 40.31 7.83 -25.69
N PHE B 562 40.00 8.41 -24.53
CA PHE B 562 40.01 7.61 -23.30
C PHE B 562 38.67 6.92 -23.04
N GLN B 563 37.67 7.19 -23.86
CA GLN B 563 36.31 6.71 -23.66
C GLN B 563 36.05 5.43 -24.44
N GLN B 564 35.45 4.44 -23.79
CA GLN B 564 35.15 3.17 -24.43
C GLN B 564 33.66 3.02 -24.74
N PHE B 565 32.77 3.40 -23.85
CA PHE B 565 31.35 3.17 -24.10
C PHE B 565 30.58 4.44 -23.73
N GLY B 566 29.34 4.49 -24.17
CA GLY B 566 28.47 5.64 -23.92
C GLY B 566 27.14 5.31 -23.29
N ARG B 567 26.73 6.15 -22.35
CA ARG B 567 25.47 5.97 -21.62
C ARG B 567 24.50 7.08 -21.99
N ASP B 568 23.21 6.73 -21.97
CA ASP B 568 22.10 7.64 -22.23
C ASP B 568 21.57 8.24 -20.91
N ILE B 569 20.34 8.80 -20.97
CA ILE B 569 19.71 9.41 -19.80
C ILE B 569 19.48 8.36 -18.73
N ALA B 570 19.08 7.16 -19.13
CA ALA B 570 18.73 6.09 -18.21
C ALA B 570 19.92 5.24 -17.79
N ASP B 571 21.15 5.66 -18.10
CA ASP B 571 22.40 4.98 -17.78
C ASP B 571 22.47 3.58 -18.40
N THR B 572 21.92 3.43 -19.60
CA THR B 572 22.10 2.22 -20.38
C THR B 572 23.11 2.49 -21.50
N THR B 573 23.90 1.47 -21.83
CA THR B 573 24.96 1.67 -22.81
C THR B 573 24.36 1.75 -24.21
N ASP B 574 24.31 2.94 -24.78
CA ASP B 574 23.75 3.15 -26.11
C ASP B 574 24.80 3.26 -27.21
N ALA B 575 26.07 3.45 -26.85
CA ALA B 575 27.15 3.50 -27.83
C ALA B 575 28.40 2.87 -27.25
N VAL B 576 29.17 2.17 -28.10
CA VAL B 576 30.36 1.46 -27.65
C VAL B 576 31.44 1.59 -28.72
N ARG B 577 32.69 1.58 -28.28
CA ARG B 577 33.84 1.62 -29.17
C ARG B 577 34.45 0.21 -29.26
N ASP B 578 34.69 -0.25 -30.47
CA ASP B 578 35.29 -1.56 -30.67
C ASP B 578 36.77 -1.52 -30.29
N PRO B 579 37.24 -2.47 -29.47
CA PRO B 579 38.62 -2.40 -28.97
C PRO B 579 39.68 -2.72 -30.01
N GLN B 580 39.31 -3.25 -31.17
CA GLN B 580 40.27 -3.59 -32.21
C GLN B 580 40.35 -2.52 -33.28
N THR B 581 39.22 -2.15 -33.87
CA THR B 581 39.14 -1.03 -34.81
C THR B 581 38.41 0.09 -34.10
N LEU B 582 39.07 1.24 -33.93
CA LEU B 582 38.55 2.30 -33.08
C LEU B 582 37.44 3.04 -33.82
N GLU B 583 36.25 2.44 -33.81
CA GLU B 583 35.07 3.00 -34.43
C GLU B 583 33.94 2.96 -33.43
N ILE B 584 32.96 3.84 -33.61
CA ILE B 584 31.86 3.98 -32.67
C ILE B 584 30.64 3.27 -33.25
N LEU B 585 29.94 2.52 -32.41
CA LEU B 585 28.75 1.80 -32.83
C LEU B 585 27.60 2.10 -31.88
N ASP B 586 26.46 2.47 -32.45
CA ASP B 586 25.24 2.58 -31.66
C ASP B 586 24.71 1.18 -31.37
N ILE B 587 24.10 1.04 -30.20
CA ILE B 587 23.52 -0.22 -29.78
C ILE B 587 22.03 -0.03 -29.57
N THR B 588 21.26 -0.13 -30.64
CA THR B 588 19.83 -0.08 -30.48
C THR B 588 19.35 -1.40 -29.87
N PRO B 589 18.38 -1.38 -28.97
CA PRO B 589 17.94 -2.63 -28.36
C PRO B 589 17.18 -3.46 -29.37
N CYS B 590 17.19 -4.77 -29.17
CA CYS B 590 16.45 -5.65 -30.07
C CYS B 590 14.96 -5.39 -29.88
N SER B 591 14.18 -5.62 -30.95
CA SER B 591 12.77 -5.27 -30.95
C SER B 591 11.99 -6.04 -29.89
N PHE B 592 11.23 -5.30 -29.10
CA PHE B 592 10.33 -5.88 -28.10
C PHE B 592 8.93 -5.39 -28.47
N GLY B 593 7.99 -6.31 -28.53
CA GLY B 593 6.65 -5.95 -28.95
C GLY B 593 5.62 -6.63 -28.09
N GLY B 594 4.41 -6.12 -28.15
CA GLY B 594 3.31 -6.77 -27.48
C GLY B 594 2.46 -7.43 -28.54
N VAL B 595 2.27 -8.73 -28.43
CA VAL B 595 1.50 -9.51 -29.38
C VAL B 595 0.08 -9.51 -28.87
N SER B 596 -0.79 -8.78 -29.58
CA SER B 596 -2.20 -8.67 -29.29
C SER B 596 -2.97 -9.36 -30.39
N VAL B 597 -4.09 -9.98 -30.03
CA VAL B 597 -4.92 -10.71 -30.97
C VAL B 597 -6.25 -9.98 -31.11
N ILE B 598 -6.57 -9.60 -32.33
CA ILE B 598 -7.82 -8.92 -32.65
C ILE B 598 -8.75 -9.97 -33.21
N THR B 599 -9.88 -10.18 -32.53
CA THR B 599 -10.85 -11.14 -33.00
C THR B 599 -12.26 -10.64 -32.75
N PRO B 600 -13.21 -11.07 -33.57
CA PRO B 600 -14.62 -10.91 -33.22
C PRO B 600 -15.02 -12.01 -32.24
N GLY B 601 -16.31 -12.11 -31.92
CA GLY B 601 -16.76 -13.21 -31.09
C GLY B 601 -16.54 -14.55 -31.77
N THR B 602 -16.25 -15.57 -30.95
CA THR B 602 -16.13 -16.93 -31.46
C THR B 602 -17.47 -17.48 -31.97
N ASN B 603 -18.58 -16.90 -31.52
CA ASN B 603 -19.88 -17.22 -32.09
C ASN B 603 -19.95 -16.75 -33.54
N THR B 604 -19.32 -15.62 -33.85
CA THR B 604 -19.39 -15.07 -35.20
C THR B 604 -18.37 -15.75 -36.13
N SER B 605 -17.09 -15.71 -35.76
CA SER B 605 -16.05 -16.25 -36.61
C SER B 605 -14.83 -16.60 -35.78
N ASN B 606 -13.96 -17.43 -36.35
CA ASN B 606 -12.70 -17.82 -35.74
C ASN B 606 -11.49 -17.14 -36.38
N GLN B 607 -11.71 -16.22 -37.31
CA GLN B 607 -10.60 -15.49 -37.92
C GLN B 607 -10.02 -14.48 -36.94
N VAL B 608 -8.69 -14.39 -36.90
CA VAL B 608 -8.00 -13.47 -36.02
C VAL B 608 -6.97 -12.67 -36.81
N ALA B 609 -6.56 -11.55 -36.22
CA ALA B 609 -5.47 -10.74 -36.72
C ALA B 609 -4.49 -10.51 -35.59
N VAL B 610 -3.22 -10.32 -35.92
CA VAL B 610 -2.17 -10.19 -34.92
C VAL B 610 -1.56 -8.81 -35.03
N LEU B 611 -1.49 -8.10 -33.90
CA LEU B 611 -0.83 -6.81 -33.80
C LEU B 611 0.45 -6.96 -33.02
N TYR B 612 1.57 -6.63 -33.62
CA TYR B 612 2.85 -6.56 -32.94
C TYR B 612 3.06 -5.09 -32.63
N GLN B 613 2.95 -4.73 -31.35
CA GLN B 613 2.97 -3.33 -30.96
C GLN B 613 4.38 -2.75 -31.06
N GLY B 614 4.48 -1.58 -31.68
CA GLY B 614 5.74 -0.87 -31.84
C GLY B 614 6.79 -1.65 -32.59
N VAL B 615 6.38 -2.47 -33.55
CA VAL B 615 7.28 -3.34 -34.28
C VAL B 615 7.12 -3.07 -35.77
N ASN B 616 8.23 -2.80 -36.44
CA ASN B 616 8.21 -2.60 -37.88
C ASN B 616 7.90 -3.92 -38.59
N CYS B 617 7.22 -3.83 -39.73
CA CYS B 617 6.76 -5.02 -40.43
C CYS B 617 7.89 -5.78 -41.10
N THR B 618 9.07 -5.18 -41.24
CA THR B 618 10.20 -5.78 -41.91
C THR B 618 11.03 -6.67 -41.01
N GLU B 619 10.73 -6.67 -39.71
CA GLU B 619 11.51 -7.42 -38.72
C GLU B 619 10.64 -8.42 -37.96
N VAL B 620 9.52 -8.83 -38.52
CA VAL B 620 8.68 -9.84 -37.90
C VAL B 620 8.61 -11.09 -38.76
N ASN B 641 -1.49 -10.27 -46.22
CA ASN B 641 -2.23 -9.28 -45.45
C ASN B 641 -1.37 -8.71 -44.33
N VAL B 642 -0.34 -7.96 -44.69
CA VAL B 642 0.56 -7.33 -43.75
C VAL B 642 0.45 -5.82 -43.96
N PHE B 643 0.12 -5.09 -42.90
CA PHE B 643 -0.10 -3.66 -42.98
C PHE B 643 0.67 -2.98 -41.86
N GLN B 644 1.35 -1.89 -42.20
CA GLN B 644 2.15 -1.14 -41.24
C GLN B 644 1.34 0.02 -40.69
N THR B 645 1.10 0.02 -39.38
CA THR B 645 0.45 1.12 -38.69
C THR B 645 1.46 1.79 -37.77
N ARG B 646 1.08 2.95 -37.24
CA ARG B 646 1.92 3.60 -36.24
C ARG B 646 1.89 2.83 -34.93
N ALA B 647 0.79 2.13 -34.65
CA ALA B 647 0.69 1.31 -33.44
C ALA B 647 1.58 0.08 -33.52
N GLY B 648 1.82 -0.42 -34.72
CA GLY B 648 2.67 -1.58 -34.90
C GLY B 648 2.34 -2.26 -36.21
N CYS B 649 2.85 -3.48 -36.36
CA CYS B 649 2.60 -4.26 -37.56
C CYS B 649 1.36 -5.13 -37.37
N LEU B 650 0.42 -5.04 -38.30
CA LEU B 650 -0.83 -5.78 -38.23
C LEU B 650 -0.86 -6.82 -39.34
N ILE B 651 -0.96 -8.08 -38.96
CA ILE B 651 -0.94 -9.21 -39.89
C ILE B 651 -2.29 -9.88 -39.86
N GLY B 652 -2.89 -10.09 -41.03
CA GLY B 652 -4.16 -10.78 -41.14
C GLY B 652 -5.36 -9.88 -41.36
N ALA B 653 -5.16 -8.57 -41.45
CA ALA B 653 -6.25 -7.63 -41.68
C ALA B 653 -6.02 -6.92 -43.00
N GLU B 654 -7.07 -6.87 -43.83
CA GLU B 654 -7.00 -6.21 -45.13
C GLU B 654 -7.29 -4.73 -44.94
N HIS B 655 -6.31 -3.88 -45.27
CA HIS B 655 -6.48 -2.45 -45.15
C HIS B 655 -7.38 -1.91 -46.26
N VAL B 656 -8.37 -1.11 -45.89
CA VAL B 656 -9.30 -0.53 -46.85
C VAL B 656 -9.21 0.99 -46.74
N ASN B 657 -9.58 1.66 -47.84
CA ASN B 657 -9.55 3.11 -47.87
C ASN B 657 -10.83 3.74 -47.33
N ASN B 658 -11.87 2.94 -47.10
CA ASN B 658 -13.12 3.46 -46.59
C ASN B 658 -13.03 3.66 -45.08
N SER B 659 -13.79 4.62 -44.59
CA SER B 659 -13.81 4.96 -43.17
C SER B 659 -15.14 4.55 -42.56
N TYR B 660 -15.08 3.86 -41.43
CA TYR B 660 -16.26 3.42 -40.70
C TYR B 660 -16.12 3.83 -39.24
N GLU B 661 -17.14 3.53 -38.46
CA GLU B 661 -17.08 3.76 -37.03
C GLU B 661 -16.16 2.71 -36.40
N CYS B 662 -15.47 3.11 -35.34
CA CYS B 662 -14.50 2.22 -34.69
C CYS B 662 -15.21 1.06 -34.00
N ASP B 663 -14.85 -0.16 -34.38
CA ASP B 663 -15.41 -1.37 -33.80
C ASP B 663 -14.46 -2.00 -32.80
N ILE B 664 -13.25 -2.32 -33.25
CA ILE B 664 -12.19 -2.84 -32.38
C ILE B 664 -11.04 -1.83 -32.47
N PRO B 665 -10.65 -1.19 -31.37
CA PRO B 665 -9.60 -0.17 -31.44
C PRO B 665 -8.21 -0.79 -31.59
N ILE B 666 -7.46 -0.29 -32.57
CA ILE B 666 -6.07 -0.69 -32.76
C ILE B 666 -5.13 0.37 -32.21
N GLY B 667 -5.40 1.63 -32.56
CA GLY B 667 -4.56 2.72 -32.11
C GLY B 667 -4.08 3.58 -33.25
N ALA B 668 -3.66 4.81 -32.92
CA ALA B 668 -3.16 5.82 -33.87
C ALA B 668 -4.17 6.09 -34.98
N GLY B 669 -5.45 6.10 -34.63
CA GLY B 669 -6.50 6.32 -35.60
C GLY B 669 -6.94 5.08 -36.36
N ILE B 670 -6.33 3.94 -36.09
CA ILE B 670 -6.62 2.70 -36.81
C ILE B 670 -7.58 1.88 -35.96
N CYS B 671 -8.63 1.37 -36.60
CA CYS B 671 -9.60 0.49 -35.97
C CYS B 671 -9.85 -0.70 -36.87
N ALA B 672 -10.24 -1.81 -36.26
CA ALA B 672 -10.51 -3.05 -36.99
C ALA B 672 -11.96 -3.46 -36.83
N SER B 673 -12.46 -4.19 -37.82
CA SER B 673 -13.83 -4.66 -37.81
C SER B 673 -13.92 -5.96 -38.59
N TYR B 674 -15.06 -6.62 -38.48
CA TYR B 674 -15.35 -7.84 -39.23
C TYR B 674 -16.49 -7.59 -40.20
N GLN B 675 -16.27 -7.94 -41.47
CA GLN B 675 -17.31 -7.80 -42.48
C GLN B 675 -17.22 -8.92 -43.50
N SER B 691 -14.15 -11.46 -43.60
CA SER B 691 -12.77 -11.18 -43.27
C SER B 691 -12.65 -10.00 -42.32
N ILE B 692 -11.47 -9.84 -41.72
CA ILE B 692 -11.20 -8.74 -40.80
C ILE B 692 -10.53 -7.62 -41.57
N ILE B 693 -11.11 -6.42 -41.49
CA ILE B 693 -10.57 -5.25 -42.16
C ILE B 693 -10.04 -4.27 -41.12
N ALA B 694 -9.05 -3.48 -41.56
CA ALA B 694 -8.48 -2.41 -40.76
C ALA B 694 -8.62 -1.12 -41.53
N TYR B 695 -8.93 -0.03 -40.82
CA TYR B 695 -9.25 1.22 -41.50
C TYR B 695 -8.95 2.38 -40.57
N THR B 696 -8.91 3.57 -41.16
CA THR B 696 -8.86 4.79 -40.39
C THR B 696 -10.29 5.09 -39.95
N MET B 697 -10.49 5.33 -38.66
CA MET B 697 -11.83 5.50 -38.16
C MET B 697 -12.41 6.85 -38.57
N SER B 698 -13.73 6.93 -38.55
CA SER B 698 -14.46 8.14 -38.90
C SER B 698 -15.18 8.62 -37.67
N LEU B 699 -14.99 9.90 -37.34
CA LEU B 699 -15.56 10.46 -36.12
C LEU B 699 -17.08 10.51 -36.20
N GLY B 700 -17.62 10.99 -37.31
CA GLY B 700 -19.05 11.09 -37.47
C GLY B 700 -19.39 11.48 -38.89
N ALA B 701 -20.69 11.45 -39.19
CA ALA B 701 -21.15 11.91 -40.49
C ALA B 701 -21.06 13.43 -40.53
N GLU B 702 -20.64 13.97 -41.68
CA GLU B 702 -20.54 15.41 -41.82
C GLU B 702 -21.94 16.03 -41.86
N ASN B 703 -22.10 17.16 -41.17
CA ASN B 703 -23.38 17.88 -41.14
C ASN B 703 -23.11 19.37 -41.27
N SER B 704 -23.11 19.86 -42.50
CA SER B 704 -22.92 21.29 -42.72
C SER B 704 -24.21 22.01 -42.36
N VAL B 705 -24.19 22.75 -41.24
CA VAL B 705 -25.38 23.47 -40.80
C VAL B 705 -25.61 24.66 -41.73
N ALA B 706 -26.85 24.82 -42.19
CA ALA B 706 -27.19 25.86 -43.16
C ALA B 706 -27.28 27.21 -42.46
N TYR B 707 -26.13 27.77 -42.12
CA TYR B 707 -26.08 29.04 -41.44
C TYR B 707 -26.24 30.19 -42.41
N SER B 708 -27.06 31.16 -42.03
CA SER B 708 -27.12 32.45 -42.72
C SER B 708 -27.47 33.49 -41.67
N ASN B 709 -27.37 34.76 -42.06
CA ASN B 709 -27.55 35.82 -41.08
C ASN B 709 -29.01 36.14 -40.77
N ASN B 710 -29.97 35.52 -41.47
CA ASN B 710 -31.37 35.86 -41.23
C ASN B 710 -32.29 34.64 -41.26
N SER B 711 -31.76 33.44 -41.07
CA SER B 711 -32.56 32.23 -41.07
C SER B 711 -32.41 31.50 -39.75
N ILE B 712 -33.52 30.96 -39.26
CA ILE B 712 -33.56 30.21 -38.01
C ILE B 712 -34.29 28.90 -38.28
N ALA B 713 -34.00 27.91 -37.46
CA ALA B 713 -34.69 26.63 -37.50
C ALA B 713 -35.47 26.47 -36.21
N ILE B 714 -36.77 26.26 -36.32
CA ILE B 714 -37.66 26.16 -35.17
C ILE B 714 -38.25 24.76 -35.15
N PRO B 715 -38.21 24.05 -34.03
CA PRO B 715 -38.82 22.72 -33.98
C PRO B 715 -40.34 22.80 -34.00
N THR B 716 -40.95 21.87 -34.72
CA THR B 716 -42.40 21.78 -34.81
C THR B 716 -42.95 20.58 -34.06
N ASN B 717 -42.10 19.76 -33.47
CA ASN B 717 -42.53 18.55 -32.79
C ASN B 717 -41.47 18.17 -31.76
N PHE B 718 -41.73 17.10 -31.02
CA PHE B 718 -40.84 16.69 -29.95
C PHE B 718 -40.89 15.19 -29.75
N THR B 719 -39.83 14.66 -29.16
CA THR B 719 -39.72 13.26 -28.79
C THR B 719 -39.40 13.18 -27.30
N ILE B 720 -40.19 12.42 -26.55
CA ILE B 720 -39.90 12.16 -25.16
C ILE B 720 -38.96 10.95 -25.12
N SER B 721 -37.70 11.20 -24.79
CA SER B 721 -36.67 10.16 -24.86
C SER B 721 -36.24 9.77 -23.45
N VAL B 722 -36.24 8.48 -23.17
CA VAL B 722 -35.78 7.94 -21.90
C VAL B 722 -34.47 7.21 -22.14
N THR B 723 -33.43 7.57 -21.39
CA THR B 723 -32.12 6.97 -21.53
C THR B 723 -31.66 6.38 -20.20
N THR B 724 -30.81 5.36 -20.27
CA THR B 724 -30.32 4.69 -19.08
C THR B 724 -28.93 5.18 -18.72
N GLU B 725 -28.68 5.37 -17.43
CA GLU B 725 -27.34 5.65 -16.93
C GLU B 725 -27.06 4.72 -15.76
N ILE B 726 -26.03 3.89 -15.89
CA ILE B 726 -25.69 2.89 -14.88
C ILE B 726 -24.46 3.38 -14.12
N LEU B 727 -24.58 3.48 -12.80
CA LEU B 727 -23.48 3.94 -11.97
C LEU B 727 -23.21 2.96 -10.85
N PRO B 728 -21.98 2.47 -10.70
CA PRO B 728 -21.65 1.65 -9.53
C PRO B 728 -21.63 2.49 -8.27
N VAL B 729 -22.07 1.88 -7.16
CA VAL B 729 -22.21 2.57 -5.88
C VAL B 729 -21.30 1.96 -4.81
N SER B 730 -21.31 0.64 -4.67
CA SER B 730 -20.55 -0.03 -3.63
C SER B 730 -19.86 -1.25 -4.21
N MET B 731 -18.94 -1.81 -3.43
CA MET B 731 -18.28 -3.06 -3.77
C MET B 731 -18.63 -4.12 -2.75
N THR B 732 -18.04 -5.31 -2.95
CA THR B 732 -18.14 -6.37 -1.96
C THR B 732 -17.24 -6.03 -0.77
N LYS B 733 -17.80 -6.08 0.43
CA LYS B 733 -17.04 -5.76 1.63
C LYS B 733 -16.24 -7.00 2.03
N THR B 734 -14.92 -6.93 1.87
CA THR B 734 -14.04 -8.06 2.15
C THR B 734 -13.19 -7.78 3.38
N SER B 735 -13.04 -8.78 4.23
CA SER B 735 -12.20 -8.71 5.41
C SER B 735 -11.25 -9.89 5.37
N VAL B 736 -9.98 -9.64 5.70
CA VAL B 736 -8.96 -10.67 5.63
C VAL B 736 -8.34 -10.84 7.01
N ASP B 737 -8.35 -12.07 7.51
CA ASP B 737 -7.59 -12.40 8.71
C ASP B 737 -6.15 -12.53 8.24
N CYS B 738 -5.32 -11.54 8.59
CA CYS B 738 -3.94 -11.50 8.12
C CYS B 738 -3.11 -12.66 8.67
N THR B 739 -3.29 -12.96 9.96
CA THR B 739 -2.55 -14.05 10.60
C THR B 739 -2.92 -15.40 10.01
N MET B 740 -4.21 -15.64 9.77
CA MET B 740 -4.63 -16.91 9.18
C MET B 740 -4.25 -17.01 7.71
N TYR B 741 -4.26 -15.88 6.99
CA TYR B 741 -3.89 -15.92 5.58
C TYR B 741 -2.41 -16.21 5.40
N ILE B 742 -1.56 -15.55 6.18
CA ILE B 742 -0.13 -15.79 6.08
C ILE B 742 0.25 -17.15 6.65
N CYS B 743 -0.31 -17.52 7.80
CA CYS B 743 0.21 -18.66 8.54
C CYS B 743 -0.76 -19.81 8.77
N GLY B 744 -2.07 -19.59 8.68
CA GLY B 744 -3.00 -20.65 9.01
C GLY B 744 -2.96 -20.97 10.49
N ASP B 745 -2.72 -22.24 10.82
CA ASP B 745 -2.70 -22.69 12.20
C ASP B 745 -1.30 -22.94 12.73
N SER B 746 -0.26 -22.55 12.00
CA SER B 746 1.11 -22.80 12.42
C SER B 746 1.52 -21.80 13.48
N THR B 747 1.85 -22.28 14.67
CA THR B 747 2.26 -21.38 15.75
C THR B 747 3.66 -20.80 15.53
N GLU B 748 4.55 -21.57 14.88
CA GLU B 748 5.90 -21.09 14.60
C GLU B 748 5.87 -19.95 13.60
N CYS B 749 4.96 -20.06 12.62
CA CYS B 749 4.78 -19.00 11.63
C CYS B 749 4.27 -17.73 12.28
N SER B 750 3.35 -17.84 13.23
CA SER B 750 2.84 -16.65 13.91
C SER B 750 3.92 -16.03 14.80
N ASN B 751 4.75 -16.87 15.42
CA ASN B 751 5.86 -16.37 16.23
C ASN B 751 6.86 -15.62 15.37
N LEU B 752 7.12 -16.11 14.15
CA LEU B 752 7.99 -15.37 13.24
C LEU B 752 7.30 -14.14 12.67
N LEU B 753 5.97 -14.19 12.54
CA LEU B 753 5.21 -13.08 12.01
C LEU B 753 5.15 -11.92 12.99
N LEU B 754 5.27 -12.20 14.29
CA LEU B 754 5.30 -11.14 15.30
C LEU B 754 6.54 -10.26 15.20
N GLN B 755 7.60 -10.73 14.52
CA GLN B 755 8.79 -9.91 14.32
C GLN B 755 8.53 -8.73 13.38
N TYR B 756 7.55 -8.85 12.49
CA TYR B 756 7.23 -7.79 11.54
C TYR B 756 6.31 -6.72 12.11
N GLY B 757 5.78 -6.90 13.32
CA GLY B 757 5.05 -5.82 13.95
C GLY B 757 3.57 -5.74 13.62
N SER B 758 3.08 -4.52 13.43
CA SER B 758 1.65 -4.24 13.27
C SER B 758 1.24 -4.07 11.82
N PHE B 759 1.83 -4.86 10.91
CA PHE B 759 1.38 -4.84 9.51
C PHE B 759 -0.05 -5.36 9.39
N CYS B 760 -0.37 -6.43 10.13
CA CYS B 760 -1.68 -7.07 10.05
C CYS B 760 -2.77 -6.12 10.54
N THR B 761 -2.48 -5.34 11.58
CA THR B 761 -3.43 -4.37 12.10
C THR B 761 -3.73 -3.29 11.08
N GLN B 762 -2.70 -2.81 10.36
CA GLN B 762 -2.91 -1.82 9.31
C GLN B 762 -3.72 -2.37 8.16
N LEU B 763 -3.47 -3.62 7.75
CA LEU B 763 -4.25 -4.21 6.66
C LEU B 763 -5.71 -4.38 7.06
N ASN B 764 -5.96 -4.85 8.29
CA ASN B 764 -7.31 -5.03 8.77
C ASN B 764 -8.03 -3.71 8.89
N ARG B 765 -7.33 -2.67 9.35
CA ARG B 765 -7.94 -1.35 9.52
C ARG B 765 -8.27 -0.71 8.18
N ALA B 766 -7.39 -0.89 7.19
CA ALA B 766 -7.66 -0.38 5.85
C ALA B 766 -8.87 -1.07 5.23
N LEU B 767 -8.95 -2.39 5.40
CA LEU B 767 -10.10 -3.13 4.87
C LEU B 767 -11.39 -2.75 5.60
N THR B 768 -11.30 -2.50 6.91
CA THR B 768 -12.46 -2.07 7.68
C THR B 768 -12.93 -0.69 7.23
N GLY B 769 -11.98 0.20 6.91
CA GLY B 769 -12.33 1.52 6.39
C GLY B 769 -13.04 1.43 5.05
N ILE B 770 -12.55 0.54 4.17
CA ILE B 770 -13.21 0.32 2.89
C ILE B 770 -14.62 -0.24 3.09
N ALA B 771 -14.76 -1.18 4.04
CA ALA B 771 -16.04 -1.83 4.30
C ALA B 771 -17.08 -0.86 4.83
N VAL B 772 -16.69 0.04 5.74
CA VAL B 772 -17.64 1.05 6.21
C VAL B 772 -17.88 2.11 5.14
N GLU B 773 -16.89 2.32 4.25
CA GLU B 773 -17.06 3.29 3.18
C GLU B 773 -18.12 2.84 2.18
N GLN B 774 -18.21 1.52 1.94
CA GLN B 774 -19.22 1.00 1.01
C GLN B 774 -20.64 1.24 1.55
N ASP B 775 -20.83 1.01 2.84
CA ASP B 775 -22.13 1.26 3.47
C ASP B 775 -22.45 2.75 3.47
N LYS B 776 -21.43 3.59 3.69
CA LYS B 776 -21.62 5.03 3.61
C LYS B 776 -22.01 5.46 2.20
N ASN B 777 -21.42 4.82 1.19
CA ASN B 777 -21.74 5.14 -0.21
C ASN B 777 -23.19 4.80 -0.54
N THR B 778 -23.63 3.62 -0.11
CA THR B 778 -25.03 3.22 -0.33
C THR B 778 -25.99 4.14 0.43
N GLN B 779 -25.60 4.55 1.65
CA GLN B 779 -26.41 5.44 2.45
C GLN B 779 -26.54 6.81 1.80
N GLU B 780 -25.44 7.32 1.22
CA GLU B 780 -25.48 8.62 0.57
C GLU B 780 -26.30 8.57 -0.71
N VAL B 781 -26.20 7.47 -1.47
CA VAL B 781 -26.90 7.41 -2.75
C VAL B 781 -28.41 7.22 -2.55
N PHE B 782 -28.80 6.21 -1.78
CA PHE B 782 -30.21 5.84 -1.75
C PHE B 782 -31.00 6.45 -0.61
N ALA B 783 -30.40 6.71 0.54
CA ALA B 783 -31.16 7.18 1.70
C ALA B 783 -31.18 8.72 1.74
N GLN B 784 -31.79 9.29 0.71
CA GLN B 784 -31.92 10.74 0.61
C GLN B 784 -33.29 11.24 1.05
N VAL B 785 -34.18 10.35 1.47
CA VAL B 785 -35.49 10.73 1.99
C VAL B 785 -35.72 10.03 3.33
N LYS B 786 -36.32 10.73 4.27
CA LYS B 786 -36.67 10.15 5.55
C LYS B 786 -38.15 9.84 5.68
N GLN B 787 -38.92 10.03 4.61
CA GLN B 787 -40.31 9.63 4.56
C GLN B 787 -40.48 8.57 3.48
N ILE B 788 -41.12 7.45 3.83
CA ILE B 788 -41.36 6.37 2.88
C ILE B 788 -42.70 6.66 2.21
N TYR B 789 -42.64 7.13 0.97
CA TYR B 789 -43.84 7.50 0.23
C TYR B 789 -44.40 6.28 -0.51
N LYS B 790 -45.72 6.26 -0.69
CA LYS B 790 -46.36 5.23 -1.48
C LYS B 790 -47.25 5.88 -2.54
N THR B 791 -47.37 5.18 -3.67
CA THR B 791 -48.29 5.62 -4.71
C THR B 791 -49.73 5.32 -4.29
N PRO B 792 -50.70 6.07 -4.82
CA PRO B 792 -52.09 5.73 -4.55
C PRO B 792 -52.47 4.41 -5.18
N PRO B 793 -53.47 3.70 -4.64
CA PRO B 793 -53.91 2.43 -5.25
C PRO B 793 -54.42 2.59 -6.68
N ILE B 794 -55.04 3.71 -7.01
CA ILE B 794 -55.51 3.96 -8.37
C ILE B 794 -54.39 4.66 -9.14
N LYS B 795 -53.95 4.05 -10.22
CA LYS B 795 -52.84 4.58 -11.01
C LYS B 795 -53.35 5.47 -12.14
N ASP B 796 -54.06 6.53 -11.77
CA ASP B 796 -54.60 7.50 -12.70
C ASP B 796 -53.64 8.68 -12.73
N PHE B 797 -52.70 8.66 -13.68
CA PHE B 797 -51.71 9.72 -13.80
C PHE B 797 -51.87 10.47 -15.12
N GLY B 798 -53.09 10.56 -15.63
CA GLY B 798 -53.35 11.26 -16.88
C GLY B 798 -52.78 10.55 -18.09
N GLY B 799 -52.80 9.22 -18.10
CA GLY B 799 -52.32 8.44 -19.21
C GLY B 799 -50.89 7.98 -19.08
N PHE B 800 -50.17 8.46 -18.08
CA PHE B 800 -48.77 8.08 -17.90
C PHE B 800 -48.70 6.75 -17.15
N ASN B 801 -47.90 5.83 -17.68
CA ASN B 801 -47.80 4.47 -17.16
C ASN B 801 -46.44 4.32 -16.51
N PHE B 802 -46.44 3.88 -15.25
CA PHE B 802 -45.21 3.66 -14.49
C PHE B 802 -45.10 2.22 -14.00
N SER B 803 -45.78 1.27 -14.65
CA SER B 803 -45.80 -0.11 -14.16
C SER B 803 -44.43 -0.76 -14.28
N GLN B 804 -43.63 -0.36 -15.28
CA GLN B 804 -42.32 -0.96 -15.46
C GLN B 804 -41.31 -0.47 -14.42
N ILE B 805 -41.61 0.64 -13.74
CA ILE B 805 -40.71 1.18 -12.75
C ILE B 805 -41.27 1.14 -11.33
N LEU B 806 -42.58 1.03 -11.16
CA LEU B 806 -43.15 0.87 -9.84
C LEU B 806 -42.97 -0.58 -9.38
N PRO B 807 -42.92 -0.83 -8.05
CA PRO B 807 -42.80 -2.21 -7.58
C PRO B 807 -43.97 -3.10 -7.97
N ASP B 808 -43.65 -4.34 -8.29
CA ASP B 808 -44.64 -5.33 -8.68
C ASP B 808 -45.17 -6.03 -7.44
N PRO B 809 -46.47 -5.94 -7.14
CA PRO B 809 -47.01 -6.67 -5.98
C PRO B 809 -46.95 -8.18 -6.14
N SER B 810 -46.96 -8.69 -7.37
CA SER B 810 -46.92 -10.14 -7.60
C SER B 810 -45.56 -10.74 -7.25
N LYS B 811 -44.50 -9.95 -7.29
CA LYS B 811 -43.19 -10.52 -6.99
C LYS B 811 -42.92 -10.49 -5.49
N PRO B 812 -42.36 -11.58 -4.94
CA PRO B 812 -42.02 -11.59 -3.50
C PRO B 812 -40.93 -10.60 -3.13
N SER B 813 -40.06 -10.22 -4.07
CA SER B 813 -38.97 -9.30 -3.78
C SER B 813 -39.41 -7.84 -3.76
N LYS B 814 -40.64 -7.56 -4.19
CA LYS B 814 -41.23 -6.22 -4.28
C LYS B 814 -40.42 -5.29 -5.19
N ARG B 815 -39.84 -5.83 -6.24
CA ARG B 815 -39.05 -5.07 -7.18
C ARG B 815 -39.89 -4.70 -8.40
N SER B 816 -39.42 -3.67 -9.12
CA SER B 816 -40.01 -3.31 -10.38
C SER B 816 -39.58 -4.33 -11.44
N PRO B 817 -40.33 -4.43 -12.55
CA PRO B 817 -39.86 -5.29 -13.66
C PRO B 817 -38.50 -4.91 -14.20
N ILE B 818 -38.21 -3.61 -14.28
CA ILE B 818 -36.88 -3.16 -14.71
C ILE B 818 -35.83 -3.56 -13.67
N GLU B 819 -36.15 -3.37 -12.38
CA GLU B 819 -35.21 -3.74 -11.31
C GLU B 819 -35.02 -5.24 -11.25
N ASP B 820 -36.08 -6.00 -11.50
CA ASP B 820 -35.98 -7.46 -11.54
C ASP B 820 -35.09 -7.91 -12.68
N LEU B 821 -35.22 -7.27 -13.84
CA LEU B 821 -34.36 -7.57 -14.98
C LEU B 821 -32.91 -7.21 -14.69
N LEU B 822 -32.68 -6.08 -14.00
CA LEU B 822 -31.33 -5.66 -13.65
C LEU B 822 -30.68 -6.64 -12.68
N PHE B 823 -31.44 -7.12 -11.69
CA PHE B 823 -30.92 -8.10 -10.75
C PHE B 823 -30.69 -9.46 -11.41
N ASN B 824 -31.50 -9.82 -12.40
CA ASN B 824 -31.23 -11.06 -13.12
C ASN B 824 -30.03 -10.96 -14.04
N LYS B 825 -29.78 -9.78 -14.61
CA LYS B 825 -28.70 -9.67 -15.60
C LYS B 825 -27.32 -9.50 -14.99
N VAL B 826 -27.20 -9.30 -13.68
CA VAL B 826 -25.91 -9.20 -13.02
C VAL B 826 -25.64 -10.50 -12.29
N THR B 827 -24.55 -11.17 -12.64
CA THR B 827 -24.20 -12.44 -12.03
C THR B 827 -22.89 -12.35 -11.26
N ASN B 856 -9.27 -19.47 4.37
CA ASN B 856 -7.97 -18.84 4.21
C ASN B 856 -7.96 -17.44 4.82
N GLY B 857 -8.85 -17.22 5.79
CA GLY B 857 -8.97 -15.93 6.44
C GLY B 857 -9.86 -14.94 5.73
N LEU B 858 -10.43 -15.32 4.58
CA LEU B 858 -11.27 -14.43 3.81
C LEU B 858 -12.70 -14.49 4.31
N THR B 859 -13.29 -13.32 4.55
CA THR B 859 -14.70 -13.23 4.91
C THR B 859 -15.32 -12.12 4.06
N VAL B 860 -16.59 -12.31 3.73
CA VAL B 860 -17.36 -11.30 3.03
C VAL B 860 -18.43 -10.80 3.99
N LEU B 861 -18.32 -9.54 4.36
CA LEU B 861 -19.31 -8.94 5.22
C LEU B 861 -20.54 -8.56 4.40
N PRO B 862 -21.75 -8.83 4.91
CA PRO B 862 -22.94 -8.43 4.19
C PRO B 862 -23.11 -6.93 4.20
N PRO B 863 -23.74 -6.36 3.17
CA PRO B 863 -24.02 -4.92 3.18
C PRO B 863 -25.05 -4.58 4.25
N LEU B 864 -24.94 -3.35 4.77
CA LEU B 864 -25.84 -2.91 5.84
C LEU B 864 -27.27 -2.79 5.32
N LEU B 865 -27.45 -2.25 4.12
CA LEU B 865 -28.76 -2.18 3.49
C LEU B 865 -28.93 -3.40 2.59
N THR B 866 -29.98 -4.17 2.83
CA THR B 866 -30.31 -5.29 1.97
C THR B 866 -30.92 -4.79 0.67
N ASP B 867 -31.05 -5.70 -0.29
CA ASP B 867 -31.62 -5.33 -1.59
C ASP B 867 -33.08 -4.94 -1.47
N GLU B 868 -33.81 -5.52 -0.52
CA GLU B 868 -35.20 -5.17 -0.29
C GLU B 868 -35.32 -3.74 0.21
N MET B 869 -34.44 -3.31 1.12
CA MET B 869 -34.50 -1.95 1.63
C MET B 869 -34.05 -0.93 0.60
N ILE B 870 -33.06 -1.27 -0.24
CA ILE B 870 -32.66 -0.38 -1.32
C ILE B 870 -33.80 -0.25 -2.34
N ALA B 871 -34.50 -1.36 -2.62
CA ALA B 871 -35.69 -1.30 -3.48
C ALA B 871 -36.79 -0.47 -2.84
N GLN B 872 -36.92 -0.54 -1.52
CA GLN B 872 -37.90 0.26 -0.79
C GLN B 872 -37.56 1.74 -0.86
N TYR B 873 -36.28 2.08 -0.76
CA TYR B 873 -35.83 3.46 -0.90
C TYR B 873 -36.10 4.00 -2.30
N THR B 874 -35.82 3.20 -3.33
CA THR B 874 -36.13 3.61 -4.70
C THR B 874 -37.63 3.75 -4.92
N SER B 875 -38.42 2.87 -4.29
CA SER B 875 -39.88 2.96 -4.38
C SER B 875 -40.40 4.24 -3.73
N ALA B 876 -39.82 4.61 -2.58
CA ALA B 876 -40.19 5.85 -1.91
C ALA B 876 -39.82 7.07 -2.76
N LEU B 877 -38.64 7.03 -3.39
CA LEU B 877 -38.23 8.13 -4.26
C LEU B 877 -39.13 8.25 -5.48
N LEU B 878 -39.50 7.11 -6.08
CA LEU B 878 -40.40 7.11 -7.22
C LEU B 878 -41.78 7.62 -6.86
N ALA B 879 -42.32 7.19 -5.72
CA ALA B 879 -43.62 7.66 -5.26
C ALA B 879 -43.59 9.15 -4.96
N GLY B 880 -42.50 9.65 -4.36
CA GLY B 880 -42.37 11.06 -4.12
C GLY B 880 -42.29 11.88 -5.40
N THR B 881 -41.50 11.43 -6.37
CA THR B 881 -41.34 12.21 -7.59
C THR B 881 -42.55 12.09 -8.52
N ILE B 882 -43.38 11.06 -8.34
CA ILE B 882 -44.60 10.93 -9.14
C ILE B 882 -45.74 11.70 -8.53
N THR B 883 -45.96 11.55 -7.22
CA THR B 883 -47.12 12.17 -6.59
C THR B 883 -46.88 13.60 -6.14
N SER B 884 -45.64 14.00 -5.90
CA SER B 884 -45.37 15.28 -5.27
C SER B 884 -44.41 16.18 -6.05
N GLY B 885 -43.92 15.75 -7.21
CA GLY B 885 -43.00 16.57 -7.97
C GLY B 885 -41.62 16.62 -7.33
N TRP B 886 -41.02 17.81 -7.35
CA TRP B 886 -39.76 18.05 -6.66
C TRP B 886 -39.96 18.65 -5.28
N THR B 887 -41.21 18.72 -4.81
CA THR B 887 -41.49 19.37 -3.54
C THR B 887 -40.99 18.54 -2.36
N PHE B 888 -41.01 17.21 -2.49
CA PHE B 888 -40.59 16.34 -1.39
C PHE B 888 -39.09 16.41 -1.16
N GLY B 889 -38.31 16.76 -2.19
CA GLY B 889 -36.88 16.91 -2.02
C GLY B 889 -36.47 18.22 -1.37
N ALA B 890 -37.38 19.19 -1.28
CA ALA B 890 -37.08 20.50 -0.73
C ALA B 890 -37.85 20.78 0.55
N GLY B 891 -38.72 19.87 0.98
CA GLY B 891 -39.51 20.06 2.17
C GLY B 891 -40.61 19.02 2.27
N PRO B 892 -41.78 19.44 2.75
CA PRO B 892 -42.92 18.53 2.79
C PRO B 892 -43.39 18.16 1.39
N ALA B 893 -43.90 16.94 1.25
CA ALA B 893 -44.39 16.47 -0.03
C ALA B 893 -45.74 17.11 -0.31
N LEU B 894 -45.79 17.94 -1.33
CA LEU B 894 -47.01 18.64 -1.71
C LEU B 894 -47.55 17.96 -2.96
N GLN B 895 -48.77 17.42 -2.86
CA GLN B 895 -49.34 16.68 -3.97
C GLN B 895 -49.69 17.61 -5.13
N ILE B 896 -49.55 17.09 -6.34
CA ILE B 896 -49.85 17.82 -7.56
C ILE B 896 -50.20 16.76 -8.59
N PRO B 897 -51.19 16.97 -9.45
CA PRO B 897 -51.45 16.02 -10.53
C PRO B 897 -50.26 15.89 -11.47
N PHE B 898 -50.03 14.67 -11.95
CA PHE B 898 -48.88 14.42 -12.82
C PHE B 898 -48.92 15.20 -14.14
N PRO B 899 -50.06 15.40 -14.84
CA PRO B 899 -50.02 16.28 -16.01
C PRO B 899 -49.75 17.74 -15.67
N MET B 900 -49.78 18.13 -14.40
CA MET B 900 -49.44 19.48 -14.00
C MET B 900 -47.96 19.54 -13.66
N GLN B 901 -47.46 18.48 -13.00
CA GLN B 901 -46.04 18.32 -12.76
C GLN B 901 -45.26 18.34 -14.06
N MET B 902 -45.76 17.62 -15.06
CA MET B 902 -45.11 17.58 -16.38
C MET B 902 -45.12 18.96 -17.03
N ALA B 903 -46.23 19.70 -16.86
CA ALA B 903 -46.31 21.07 -17.39
C ALA B 903 -45.30 21.97 -16.72
N TYR B 904 -45.10 21.81 -15.40
CA TYR B 904 -44.09 22.58 -14.68
C TYR B 904 -42.70 22.27 -15.20
N ARG B 905 -42.44 20.98 -15.48
CA ARG B 905 -41.16 20.58 -16.05
C ARG B 905 -40.99 21.15 -17.46
N PHE B 906 -42.08 21.20 -18.22
CA PHE B 906 -42.06 21.82 -19.55
C PHE B 906 -41.71 23.29 -19.45
N ASN B 907 -42.23 23.96 -18.42
CA ASN B 907 -41.90 25.37 -18.23
C ASN B 907 -40.46 25.54 -17.76
N GLY B 908 -39.91 24.50 -17.10
CA GLY B 908 -38.53 24.55 -16.69
C GLY B 908 -37.56 24.52 -17.85
N ILE B 909 -37.91 23.84 -18.94
CA ILE B 909 -37.07 23.80 -20.13
C ILE B 909 -37.49 24.84 -21.15
N GLY B 910 -38.35 25.79 -20.77
CA GLY B 910 -38.70 26.88 -21.64
C GLY B 910 -39.80 26.62 -22.66
N VAL B 911 -40.66 25.64 -22.42
CA VAL B 911 -41.81 25.38 -23.28
C VAL B 911 -43.07 25.69 -22.50
N THR B 912 -44.00 26.37 -23.15
CA THR B 912 -45.25 26.81 -22.51
C THR B 912 -46.11 25.61 -22.10
N GLN B 913 -46.94 25.83 -21.07
CA GLN B 913 -47.82 24.79 -20.52
C GLN B 913 -48.83 24.29 -21.53
N ASN B 914 -49.31 25.18 -22.42
CA ASN B 914 -50.35 24.82 -23.38
C ASN B 914 -49.89 23.68 -24.29
N VAL B 915 -48.59 23.67 -24.64
CA VAL B 915 -48.04 22.65 -25.52
C VAL B 915 -48.16 21.28 -24.87
N LEU B 916 -47.89 21.21 -23.56
CA LEU B 916 -48.05 19.97 -22.82
C LEU B 916 -49.52 19.57 -22.72
N TYR B 917 -50.40 20.52 -22.38
CA TYR B 917 -51.82 20.18 -22.17
C TYR B 917 -52.51 19.75 -23.45
N GLU B 918 -52.26 20.45 -24.56
CA GLU B 918 -52.90 20.12 -25.83
C GLU B 918 -52.44 18.77 -26.34
N ASN B 919 -51.18 18.43 -26.14
CA ASN B 919 -50.59 17.20 -26.66
C ASN B 919 -50.29 16.21 -25.53
N GLN B 920 -51.19 16.12 -24.55
CA GLN B 920 -50.92 15.29 -23.37
C GLN B 920 -50.99 13.80 -23.68
N LYS B 921 -51.93 13.40 -24.53
CA LYS B 921 -52.06 12.00 -24.93
C LYS B 921 -50.85 11.52 -25.72
N LEU B 922 -50.34 12.37 -26.63
CA LEU B 922 -49.17 12.01 -27.43
C LEU B 922 -47.92 11.90 -26.56
N ILE B 923 -47.77 12.80 -25.60
CA ILE B 923 -46.61 12.77 -24.71
C ILE B 923 -46.67 11.56 -23.79
N ALA B 924 -47.87 11.21 -23.31
CA ALA B 924 -48.02 10.01 -22.48
C ALA B 924 -47.70 8.75 -23.28
N ASN B 925 -48.15 8.70 -24.54
CA ASN B 925 -47.87 7.55 -25.40
C ASN B 925 -46.38 7.44 -25.69
N GLN B 926 -45.71 8.57 -25.93
CA GLN B 926 -44.28 8.59 -26.20
C GLN B 926 -43.49 8.15 -24.97
N PHE B 927 -43.91 8.60 -23.79
CA PHE B 927 -43.25 8.23 -22.54
C PHE B 927 -43.39 6.73 -22.29
N ASN B 928 -44.60 6.18 -22.51
CA ASN B 928 -44.81 4.75 -22.29
C ASN B 928 -44.02 3.92 -23.29
N SER B 929 -43.96 4.37 -24.55
CA SER B 929 -43.20 3.67 -25.58
C SER B 929 -41.72 3.69 -25.26
N ALA B 930 -41.22 4.83 -24.75
CA ALA B 930 -39.80 4.94 -24.42
C ALA B 930 -39.44 4.05 -23.24
N ILE B 931 -40.33 3.96 -22.24
CA ILE B 931 -40.09 3.10 -21.07
C ILE B 931 -40.07 1.62 -21.51
N GLY B 932 -40.99 1.26 -22.42
CA GLY B 932 -40.98 -0.10 -22.95
C GLY B 932 -39.73 -0.39 -23.75
N LYS B 933 -39.26 0.59 -24.53
CA LYS B 933 -38.03 0.43 -25.29
C LYS B 933 -36.84 0.28 -24.37
N ILE B 934 -36.86 0.95 -23.21
CA ILE B 934 -35.79 0.83 -22.23
C ILE B 934 -35.73 -0.59 -21.68
N GLN B 935 -36.90 -1.16 -21.35
CA GLN B 935 -36.93 -2.53 -20.86
C GLN B 935 -36.48 -3.53 -21.93
N ASP B 936 -36.92 -3.32 -23.18
CA ASP B 936 -36.52 -4.19 -24.28
C ASP B 936 -35.03 -4.09 -24.56
N SER B 937 -34.48 -2.88 -24.51
CA SER B 937 -33.06 -2.65 -24.78
C SER B 937 -32.19 -3.27 -23.69
N LEU B 938 -32.63 -3.19 -22.43
CA LEU B 938 -31.89 -3.85 -21.37
C LEU B 938 -31.98 -5.37 -21.49
N SER B 939 -33.15 -5.88 -21.88
CA SER B 939 -33.31 -7.33 -22.04
C SER B 939 -32.61 -7.87 -23.27
N SER B 940 -32.29 -7.02 -24.26
CA SER B 940 -31.75 -7.49 -25.53
C SER B 940 -30.27 -7.17 -25.73
N THR B 941 -29.62 -6.48 -24.80
CA THR B 941 -28.22 -6.14 -24.94
C THR B 941 -27.41 -6.81 -23.83
N PRO B 942 -26.45 -7.67 -24.16
CA PRO B 942 -25.64 -8.29 -23.10
C PRO B 942 -24.68 -7.34 -22.42
N SER B 943 -24.20 -6.32 -23.12
CA SER B 943 -23.19 -5.40 -22.58
C SER B 943 -23.81 -4.13 -22.01
N ALA B 944 -25.10 -4.17 -21.66
CA ALA B 944 -25.75 -3.01 -21.08
C ALA B 944 -25.24 -2.72 -19.68
N LEU B 945 -25.10 -3.77 -18.86
CA LEU B 945 -24.71 -3.65 -17.46
C LEU B 945 -23.24 -3.99 -17.25
N GLY B 946 -22.39 -3.57 -18.19
CA GLY B 946 -20.97 -3.88 -18.08
C GLY B 946 -20.26 -3.17 -16.94
N LYS B 947 -20.77 -2.02 -16.52
CA LYS B 947 -20.11 -1.25 -15.46
C LYS B 947 -20.18 -1.95 -14.11
N LEU B 948 -21.33 -2.52 -13.77
CA LEU B 948 -21.46 -3.28 -12.52
C LEU B 948 -20.72 -4.61 -12.61
N GLN B 949 -20.80 -5.26 -13.78
CA GLN B 949 -20.16 -6.54 -13.99
C GLN B 949 -18.65 -6.41 -13.91
N ASP B 950 -18.10 -5.28 -14.35
CA ASP B 950 -16.67 -5.05 -14.26
C ASP B 950 -16.22 -4.97 -12.80
N VAL B 951 -17.02 -4.30 -11.96
CA VAL B 951 -16.68 -4.19 -10.54
C VAL B 951 -16.74 -5.55 -9.87
N VAL B 952 -17.78 -6.34 -10.18
CA VAL B 952 -17.92 -7.67 -9.60
C VAL B 952 -16.77 -8.58 -10.05
N ASN B 953 -16.43 -8.52 -11.34
CA ASN B 953 -15.35 -9.34 -11.89
C ASN B 953 -14.01 -8.94 -11.31
N GLN B 954 -13.77 -7.63 -11.13
CA GLN B 954 -12.51 -7.16 -10.56
C GLN B 954 -12.36 -7.62 -9.12
N ASN B 955 -13.44 -7.52 -8.33
CA ASN B 955 -13.36 -7.95 -6.93
C ASN B 955 -13.13 -9.45 -6.82
N ALA B 956 -13.85 -10.24 -7.64
CA ALA B 956 -13.70 -11.69 -7.61
C ALA B 956 -12.31 -12.11 -8.09
N GLN B 957 -11.79 -11.42 -9.11
CA GLN B 957 -10.48 -11.74 -9.66
C GLN B 957 -9.37 -11.38 -8.68
N ALA B 958 -9.54 -10.27 -7.95
CA ALA B 958 -8.57 -9.89 -6.92
C ALA B 958 -8.55 -10.90 -5.78
N LEU B 959 -9.74 -11.37 -5.36
CA LEU B 959 -9.80 -12.39 -4.32
C LEU B 959 -9.19 -13.71 -4.80
N ASN B 960 -9.44 -14.07 -6.05
CA ASN B 960 -8.88 -15.30 -6.61
C ASN B 960 -7.36 -15.20 -6.73
N THR B 961 -6.84 -14.04 -7.11
CA THR B 961 -5.39 -13.84 -7.19
C THR B 961 -4.76 -13.91 -5.80
N LEU B 962 -5.43 -13.35 -4.80
CA LEU B 962 -4.93 -13.42 -3.42
C LEU B 962 -4.92 -14.85 -2.91
N VAL B 963 -5.91 -15.66 -3.32
CA VAL B 963 -5.89 -17.08 -2.96
C VAL B 963 -4.77 -17.80 -3.68
N LYS B 964 -4.59 -17.54 -4.98
CA LYS B 964 -3.59 -18.26 -5.79
C LYS B 964 -2.16 -17.88 -5.40
N GLN B 965 -1.98 -16.75 -4.73
CA GLN B 965 -0.65 -16.39 -4.25
C GLN B 965 -0.17 -17.31 -3.13
N LEU B 966 -1.08 -18.03 -2.47
CA LEU B 966 -0.70 -18.97 -1.42
C LEU B 966 0.00 -20.21 -1.97
N SER B 967 -0.22 -20.54 -3.24
CA SER B 967 0.38 -21.73 -3.83
C SER B 967 1.81 -21.47 -4.30
N SER B 968 2.30 -20.26 -4.19
CA SER B 968 3.65 -19.90 -4.63
C SER B 968 4.60 -19.98 -3.44
N ASN B 969 5.77 -20.57 -3.66
CA ASN B 969 6.73 -20.76 -2.58
C ASN B 969 7.61 -19.54 -2.33
N PHE B 970 7.67 -18.60 -3.29
CA PHE B 970 8.47 -17.36 -3.19
C PHE B 970 9.95 -17.66 -2.93
N GLY B 971 10.46 -18.70 -3.57
CA GLY B 971 11.85 -19.09 -3.42
C GLY B 971 12.10 -20.13 -2.35
N ALA B 972 11.10 -20.49 -1.55
CA ALA B 972 11.27 -21.53 -0.56
C ALA B 972 11.15 -22.90 -1.21
N ILE B 973 11.43 -23.94 -0.42
CA ILE B 973 11.40 -25.30 -0.96
C ILE B 973 9.98 -25.77 -1.23
N SER B 974 8.99 -25.22 -0.52
CA SER B 974 7.61 -25.61 -0.71
C SER B 974 6.71 -24.46 -0.31
N SER B 975 5.49 -24.45 -0.85
CA SER B 975 4.49 -23.46 -0.51
C SER B 975 3.67 -23.85 0.70
N VAL B 976 3.89 -25.04 1.26
CA VAL B 976 3.14 -25.53 2.40
C VAL B 976 4.01 -25.40 3.64
N LEU B 977 3.46 -24.76 4.69
CA LEU B 977 4.20 -24.59 5.93
C LEU B 977 4.42 -25.91 6.65
N ASN B 978 3.44 -26.82 6.57
CA ASN B 978 3.54 -28.11 7.24
C ASN B 978 4.66 -28.97 6.65
N ASP B 979 4.82 -28.92 5.33
CA ASP B 979 5.89 -29.67 4.67
C ASP B 979 7.27 -29.16 5.10
N ILE B 980 7.41 -27.83 5.23
CA ILE B 980 8.66 -27.24 5.68
C ILE B 980 8.92 -27.61 7.14
N LEU B 981 7.88 -27.54 7.98
CA LEU B 981 8.05 -27.85 9.40
C LEU B 981 8.30 -29.33 9.64
N SER B 982 7.86 -30.21 8.74
CA SER B 982 8.09 -31.64 8.89
C SER B 982 9.36 -32.12 8.21
N ARG B 983 9.86 -31.40 7.22
CA ARG B 983 11.03 -31.85 6.48
C ARG B 983 12.35 -31.25 6.94
N LEU B 984 12.31 -30.14 7.68
CA LEU B 984 13.51 -29.42 8.06
C LEU B 984 13.52 -29.13 9.55
N ASP B 985 14.72 -28.94 10.09
CA ASP B 985 14.88 -28.50 11.45
C ASP B 985 14.50 -27.01 11.57
N PRO B 986 14.12 -26.55 12.76
CA PRO B 986 13.68 -25.13 12.93
C PRO B 986 14.69 -24.07 12.52
N PRO B 987 16.03 -24.25 12.64
CA PRO B 987 16.93 -23.21 12.08
C PRO B 987 16.80 -22.93 10.59
N GLU B 988 16.57 -23.94 9.76
CA GLU B 988 16.35 -23.69 8.35
C GLU B 988 14.88 -23.56 7.99
N ALA B 989 14.00 -24.21 8.76
CA ALA B 989 12.57 -24.02 8.58
C ALA B 989 12.17 -22.59 8.89
N GLU B 990 12.90 -21.93 9.81
CA GLU B 990 12.65 -20.53 10.12
C GLU B 990 12.92 -19.65 8.91
N VAL B 991 14.01 -19.94 8.18
CA VAL B 991 14.35 -19.19 6.98
C VAL B 991 13.32 -19.41 5.88
N GLN B 992 12.91 -20.67 5.66
CA GLN B 992 11.94 -20.97 4.61
C GLN B 992 10.56 -20.37 4.94
N ILE B 993 10.14 -20.46 6.21
CA ILE B 993 8.89 -19.87 6.65
C ILE B 993 8.96 -18.35 6.53
N ASP B 994 10.14 -17.76 6.80
CA ASP B 994 10.32 -16.32 6.65
C ASP B 994 10.17 -15.88 5.21
N ARG B 995 10.68 -16.69 4.27
CA ARG B 995 10.49 -16.40 2.84
C ARG B 995 9.02 -16.45 2.46
N LEU B 996 8.31 -17.47 2.96
CA LEU B 996 6.87 -17.56 2.68
C LEU B 996 6.11 -16.41 3.32
N ILE B 997 6.50 -15.99 4.52
CA ILE B 997 5.85 -14.90 5.24
C ILE B 997 6.02 -13.59 4.48
N THR B 998 7.24 -13.30 4.01
CA THR B 998 7.45 -12.04 3.32
C THR B 998 6.76 -12.03 1.95
N GLY B 999 6.72 -13.18 1.26
CA GLY B 999 5.99 -13.24 0.00
C GLY B 999 4.49 -13.06 0.17
N ARG B 1000 3.91 -13.74 1.17
CA ARG B 1000 2.47 -13.63 1.41
C ARG B 1000 2.10 -12.26 1.93
N LEU B 1001 2.97 -11.65 2.74
CA LEU B 1001 2.75 -10.31 3.24
C LEU B 1001 2.80 -9.29 2.10
N GLN B 1002 3.71 -9.48 1.15
CA GLN B 1002 3.79 -8.59 0.00
C GLN B 1002 2.54 -8.73 -0.86
N SER B 1003 2.04 -9.97 -1.01
CA SER B 1003 0.81 -10.21 -1.76
C SER B 1003 -0.39 -9.54 -1.11
N LEU B 1004 -0.47 -9.62 0.22
CA LEU B 1004 -1.58 -9.03 0.96
C LEU B 1004 -1.52 -7.51 0.92
N GLN B 1005 -0.32 -6.93 1.01
CA GLN B 1005 -0.16 -5.49 0.89
C GLN B 1005 -0.55 -5.01 -0.51
N THR B 1006 -0.19 -5.78 -1.54
CA THR B 1006 -0.57 -5.44 -2.90
C THR B 1006 -2.08 -5.45 -3.08
N TYR B 1007 -2.73 -6.46 -2.49
CA TYR B 1007 -4.18 -6.59 -2.58
C TYR B 1007 -4.88 -5.43 -1.88
N VAL B 1008 -4.40 -5.07 -0.68
CA VAL B 1008 -5.01 -3.99 0.08
C VAL B 1008 -4.80 -2.65 -0.62
N THR B 1009 -3.63 -2.44 -1.22
CA THR B 1009 -3.36 -1.19 -1.94
C THR B 1009 -4.27 -1.04 -3.16
N GLN B 1010 -4.42 -2.11 -3.95
CA GLN B 1010 -5.28 -2.01 -5.13
C GLN B 1010 -6.75 -1.92 -4.71
N GLN B 1011 -7.12 -2.55 -3.59
CA GLN B 1011 -8.47 -2.40 -3.07
C GLN B 1011 -8.74 -0.97 -2.63
N LEU B 1012 -7.75 -0.30 -2.04
CA LEU B 1012 -7.91 1.09 -1.65
C LEU B 1012 -8.07 2.00 -2.86
N ILE B 1013 -7.30 1.74 -3.92
CA ILE B 1013 -7.43 2.54 -5.15
C ILE B 1013 -8.80 2.34 -5.79
N ARG B 1014 -9.25 1.08 -5.85
CA ARG B 1014 -10.58 0.81 -6.38
C ARG B 1014 -11.68 1.38 -5.48
N ALA B 1015 -11.45 1.41 -4.17
CA ALA B 1015 -12.40 2.00 -3.25
C ALA B 1015 -12.52 3.50 -3.47
N ALA B 1016 -11.40 4.17 -3.78
CA ALA B 1016 -11.44 5.59 -4.10
C ALA B 1016 -12.22 5.83 -5.38
N GLU B 1017 -12.04 4.95 -6.38
CA GLU B 1017 -12.77 5.08 -7.64
C GLU B 1017 -14.27 4.87 -7.44
N ILE B 1018 -14.63 3.86 -6.65
CA ILE B 1018 -16.03 3.55 -6.36
C ILE B 1018 -16.67 4.66 -5.53
N ARG B 1019 -15.89 5.26 -4.61
CA ARG B 1019 -16.39 6.38 -3.82
C ARG B 1019 -16.66 7.59 -4.71
N ALA B 1020 -15.79 7.85 -5.68
CA ALA B 1020 -16.03 8.94 -6.63
C ALA B 1020 -17.28 8.68 -7.46
N SER B 1021 -17.46 7.44 -7.92
CA SER B 1021 -18.65 7.07 -8.69
C SER B 1021 -19.91 7.18 -7.85
N ALA B 1022 -19.84 6.79 -6.57
CA ALA B 1022 -20.98 6.88 -5.66
C ALA B 1022 -21.31 8.34 -5.32
N ASN B 1023 -20.30 9.20 -5.20
CA ASN B 1023 -20.56 10.61 -5.00
C ASN B 1023 -21.24 11.22 -6.21
N LEU B 1024 -20.82 10.79 -7.41
CA LEU B 1024 -21.49 11.22 -8.63
C LEU B 1024 -22.92 10.72 -8.66
N ALA B 1025 -23.15 9.47 -8.24
CA ALA B 1025 -24.49 8.90 -8.22
C ALA B 1025 -25.39 9.62 -7.22
N ALA B 1026 -24.85 10.00 -6.06
CA ALA B 1026 -25.62 10.78 -5.10
C ALA B 1026 -25.95 12.17 -5.63
N THR B 1027 -25.02 12.78 -6.37
CA THR B 1027 -25.29 14.06 -7.01
C THR B 1027 -26.39 13.94 -8.05
N LYS B 1028 -26.38 12.85 -8.84
CA LYS B 1028 -27.44 12.63 -9.82
C LYS B 1028 -28.77 12.33 -9.14
N MET B 1029 -28.74 11.65 -7.99
CA MET B 1029 -29.95 11.38 -7.24
C MET B 1029 -30.55 12.67 -6.71
N SER B 1030 -29.71 13.57 -6.22
CA SER B 1030 -30.21 14.85 -5.69
C SER B 1030 -30.69 15.77 -6.82
N GLU B 1031 -29.97 15.83 -7.93
CA GLU B 1031 -30.23 16.86 -8.93
C GLU B 1031 -31.09 16.41 -10.10
N CYS B 1032 -31.12 15.11 -10.43
CA CYS B 1032 -31.95 14.64 -11.53
C CYS B 1032 -33.27 14.04 -11.06
N VAL B 1033 -33.27 13.36 -9.93
CA VAL B 1033 -34.48 12.70 -9.43
C VAL B 1033 -35.28 13.63 -8.52
N LEU B 1034 -34.61 14.31 -7.60
CA LEU B 1034 -35.30 15.18 -6.65
C LEU B 1034 -35.54 16.57 -7.19
N GLY B 1035 -35.13 16.85 -8.42
CA GLY B 1035 -35.37 18.14 -9.04
C GLY B 1035 -35.11 18.06 -10.52
N GLN B 1036 -35.36 19.18 -11.19
CA GLN B 1036 -35.10 19.31 -12.62
C GLN B 1036 -33.82 20.10 -12.80
N SER B 1037 -32.89 19.53 -13.55
CA SER B 1037 -31.55 20.10 -13.70
C SER B 1037 -31.40 20.85 -15.01
N LYS B 1038 -30.83 22.05 -14.94
CA LYS B 1038 -30.51 22.83 -16.12
C LYS B 1038 -29.12 22.53 -16.66
N ARG B 1039 -28.37 21.65 -15.98
CA ARG B 1039 -27.04 21.28 -16.42
C ARG B 1039 -27.11 20.41 -17.67
N VAL B 1040 -26.38 20.80 -18.70
CA VAL B 1040 -26.44 20.11 -19.99
C VAL B 1040 -25.71 18.79 -19.87
N ASP B 1041 -26.38 17.70 -20.29
CA ASP B 1041 -25.89 16.32 -20.35
C ASP B 1041 -25.59 15.72 -18.99
N PHE B 1042 -26.00 16.37 -17.89
CA PHE B 1042 -25.85 15.77 -16.58
C PHE B 1042 -26.91 14.73 -16.31
N CYS B 1043 -28.12 14.93 -16.82
CA CYS B 1043 -29.24 14.04 -16.59
C CYS B 1043 -29.82 13.59 -17.91
N GLY B 1044 -28.97 13.10 -18.80
CA GLY B 1044 -29.37 12.56 -20.07
C GLY B 1044 -29.11 13.52 -21.22
N LYS B 1045 -29.23 12.99 -22.43
CA LYS B 1045 -29.06 13.76 -23.65
C LYS B 1045 -30.38 14.44 -23.99
N GLY B 1046 -30.36 15.75 -24.12
CA GLY B 1046 -31.56 16.52 -24.41
C GLY B 1046 -31.93 17.41 -23.22
N TYR B 1047 -33.05 18.11 -23.39
CA TYR B 1047 -33.55 18.97 -22.32
C TYR B 1047 -34.18 18.09 -21.26
N HIS B 1048 -33.61 18.12 -20.05
CA HIS B 1048 -33.99 17.20 -19.00
C HIS B 1048 -35.36 17.54 -18.42
N LEU B 1049 -36.24 16.55 -18.39
CA LEU B 1049 -37.54 16.71 -17.76
C LEU B 1049 -37.57 16.11 -16.36
N MET B 1050 -37.28 14.82 -16.23
CA MET B 1050 -37.26 14.18 -14.92
C MET B 1050 -36.39 12.94 -14.99
N SER B 1051 -36.20 12.28 -13.84
CA SER B 1051 -35.42 11.06 -13.80
C SER B 1051 -36.03 10.11 -12.78
N PHE B 1052 -35.82 8.82 -13.01
CA PHE B 1052 -36.36 7.79 -12.13
C PHE B 1052 -35.23 6.88 -11.66
N PRO B 1053 -35.09 6.64 -10.36
CA PRO B 1053 -34.06 5.71 -9.87
C PRO B 1053 -34.52 4.27 -9.85
N GLN B 1054 -33.59 3.37 -10.16
CA GLN B 1054 -33.83 1.94 -10.06
C GLN B 1054 -32.64 1.30 -9.37
N SER B 1055 -32.90 0.42 -8.40
CA SER B 1055 -31.83 -0.29 -7.74
C SER B 1055 -31.22 -1.33 -8.67
N ALA B 1056 -29.93 -1.54 -8.53
CA ALA B 1056 -29.20 -2.54 -9.29
C ALA B 1056 -28.19 -3.17 -8.35
N PRO B 1057 -27.73 -4.41 -8.63
CA PRO B 1057 -26.71 -5.03 -7.77
C PRO B 1057 -25.43 -4.23 -7.72
N HIS B 1058 -25.15 -3.69 -6.52
CA HIS B 1058 -24.04 -2.78 -6.24
C HIS B 1058 -24.10 -1.52 -7.10
N GLY B 1059 -25.30 -1.02 -7.41
CA GLY B 1059 -25.35 0.13 -8.29
C GLY B 1059 -26.73 0.73 -8.40
N VAL B 1060 -26.80 1.82 -9.16
CA VAL B 1060 -28.04 2.54 -9.40
C VAL B 1060 -28.17 2.75 -10.91
N VAL B 1061 -29.39 2.66 -11.41
CA VAL B 1061 -29.70 2.93 -12.80
C VAL B 1061 -30.70 4.07 -12.85
N PHE B 1062 -30.31 5.17 -13.48
CA PHE B 1062 -31.18 6.32 -13.65
C PHE B 1062 -31.83 6.27 -15.03
N LEU B 1063 -33.16 6.34 -15.06
CA LEU B 1063 -33.91 6.48 -16.30
C LEU B 1063 -34.16 7.96 -16.45
N HIS B 1064 -33.41 8.61 -17.34
CA HIS B 1064 -33.54 10.03 -17.59
C HIS B 1064 -34.59 10.26 -18.66
N VAL B 1065 -35.67 10.95 -18.31
CA VAL B 1065 -36.71 11.34 -19.23
C VAL B 1065 -36.39 12.76 -19.67
N THR B 1066 -36.12 12.92 -20.96
CA THR B 1066 -35.69 14.18 -21.54
C THR B 1066 -36.56 14.53 -22.75
N TYR B 1067 -36.52 15.81 -23.09
CA TYR B 1067 -37.26 16.38 -24.22
C TYR B 1067 -36.27 16.61 -25.36
N VAL B 1068 -36.53 16.01 -26.51
CA VAL B 1068 -35.69 16.19 -27.69
C VAL B 1068 -36.52 16.90 -28.75
N PRO B 1069 -36.11 18.07 -29.23
CA PRO B 1069 -36.82 18.71 -30.33
C PRO B 1069 -36.73 17.91 -31.61
N ALA B 1070 -37.78 17.97 -32.42
CA ALA B 1070 -37.81 17.20 -33.65
C ALA B 1070 -38.66 17.92 -34.70
N GLN B 1071 -38.47 17.51 -35.96
CA GLN B 1071 -39.19 18.03 -37.13
C GLN B 1071 -39.04 19.55 -37.26
N GLU B 1072 -37.79 20.01 -37.27
CA GLU B 1072 -37.50 21.42 -37.37
C GLU B 1072 -37.82 21.95 -38.77
N LYS B 1073 -38.13 23.25 -38.83
CA LYS B 1073 -38.50 23.91 -40.06
C LYS B 1073 -37.76 25.25 -40.16
N ASN B 1074 -37.31 25.58 -41.37
CA ASN B 1074 -36.68 26.85 -41.65
C ASN B 1074 -37.68 28.00 -41.58
N PHE B 1075 -37.22 29.14 -41.06
CA PHE B 1075 -37.99 30.37 -41.08
C PHE B 1075 -37.03 31.53 -41.29
N THR B 1076 -37.53 32.63 -41.85
CA THR B 1076 -36.73 33.83 -41.98
C THR B 1076 -36.89 34.66 -40.71
N THR B 1077 -35.78 35.01 -40.07
CA THR B 1077 -35.87 35.66 -38.77
C THR B 1077 -35.23 37.05 -38.79
N ALA B 1078 -35.64 37.87 -37.84
CA ALA B 1078 -35.15 39.22 -37.67
C ALA B 1078 -34.95 39.50 -36.18
N PRO B 1079 -33.97 40.32 -35.82
CA PRO B 1079 -33.81 40.67 -34.40
C PRO B 1079 -34.91 41.56 -33.84
N ALA B 1080 -35.49 42.45 -34.65
CA ALA B 1080 -36.48 43.39 -34.14
C ALA B 1080 -37.45 43.77 -35.25
N ILE B 1081 -38.60 44.29 -34.84
CA ILE B 1081 -39.66 44.74 -35.74
C ILE B 1081 -39.74 46.26 -35.65
N CYS B 1082 -39.66 46.94 -36.79
CA CYS B 1082 -39.78 48.39 -36.84
C CYS B 1082 -41.24 48.77 -37.06
N HIS B 1083 -41.80 49.52 -36.11
CA HIS B 1083 -43.17 49.99 -36.21
C HIS B 1083 -43.28 51.36 -35.57
N ASP B 1084 -43.82 52.33 -36.33
CA ASP B 1084 -44.04 53.71 -35.89
C ASP B 1084 -42.75 54.37 -35.42
N GLY B 1085 -41.63 54.04 -36.06
CA GLY B 1085 -40.36 54.60 -35.66
C GLY B 1085 -39.83 54.03 -34.37
N LYS B 1086 -40.36 52.89 -33.93
CA LYS B 1086 -39.93 52.24 -32.70
C LYS B 1086 -39.49 50.82 -33.00
N ALA B 1087 -38.51 50.35 -32.22
CA ALA B 1087 -38.00 49.00 -32.35
C ALA B 1087 -38.67 48.09 -31.33
N HIS B 1088 -39.22 46.98 -31.78
CA HIS B 1088 -39.91 46.02 -30.93
C HIS B 1088 -39.11 44.74 -30.88
N PHE B 1089 -38.89 44.23 -29.67
CA PHE B 1089 -38.13 43.02 -29.43
C PHE B 1089 -39.03 42.02 -28.73
N PRO B 1090 -38.86 40.72 -28.96
CA PRO B 1090 -39.76 39.74 -28.34
C PRO B 1090 -39.54 39.65 -26.84
N ARG B 1091 -40.65 39.59 -26.10
CA ARG B 1091 -40.56 39.50 -24.65
C ARG B 1091 -40.00 38.15 -24.21
N GLU B 1092 -40.48 37.07 -24.82
CA GLU B 1092 -40.06 35.72 -24.47
C GLU B 1092 -39.69 34.86 -25.67
N GLY B 1093 -40.12 35.20 -26.87
CA GLY B 1093 -39.92 34.34 -28.01
C GLY B 1093 -38.94 34.88 -29.04
N VAL B 1094 -39.28 34.69 -30.31
CA VAL B 1094 -38.42 35.05 -31.43
C VAL B 1094 -39.32 35.37 -32.62
N PHE B 1095 -38.90 36.34 -33.43
CA PHE B 1095 -39.63 36.69 -34.64
C PHE B 1095 -39.29 35.71 -35.75
N VAL B 1096 -40.31 35.17 -36.39
CA VAL B 1096 -40.15 34.24 -37.49
C VAL B 1096 -41.05 34.69 -38.63
N SER B 1097 -40.70 34.27 -39.84
CA SER B 1097 -41.49 34.56 -41.02
C SER B 1097 -41.53 33.33 -41.89
N ASN B 1098 -42.72 32.97 -42.35
CA ASN B 1098 -42.92 31.84 -43.24
C ASN B 1098 -42.82 32.25 -44.70
N GLY B 1099 -42.50 33.50 -44.98
CA GLY B 1099 -42.31 33.97 -46.34
C GLY B 1099 -43.03 35.26 -46.62
N THR B 1100 -44.24 35.42 -46.08
CA THR B 1100 -45.04 36.61 -46.37
C THR B 1100 -45.47 37.33 -45.09
N HIS B 1101 -45.64 36.59 -44.00
CA HIS B 1101 -46.15 37.16 -42.76
C HIS B 1101 -45.18 36.93 -41.62
N TRP B 1102 -45.17 37.87 -40.68
CA TRP B 1102 -44.27 37.83 -39.53
C TRP B 1102 -45.05 37.45 -38.27
N PHE B 1103 -44.48 36.54 -37.49
CA PHE B 1103 -45.08 36.09 -36.25
C PHE B 1103 -44.02 36.05 -35.17
N VAL B 1104 -44.46 35.86 -33.93
CA VAL B 1104 -43.57 35.65 -32.80
C VAL B 1104 -43.91 34.27 -32.22
N THR B 1105 -42.88 33.49 -31.93
CA THR B 1105 -43.09 32.14 -31.41
C THR B 1105 -42.13 31.87 -30.27
N GLN B 1106 -42.46 30.86 -29.46
CA GLN B 1106 -41.53 30.43 -28.44
C GLN B 1106 -40.34 29.73 -29.10
N ARG B 1107 -39.20 29.78 -28.43
CA ARG B 1107 -37.94 29.37 -29.05
C ARG B 1107 -37.85 27.86 -29.28
N ASN B 1108 -38.43 27.04 -28.41
CA ASN B 1108 -38.24 25.60 -28.48
C ASN B 1108 -39.39 24.85 -29.14
N PHE B 1109 -40.40 25.56 -29.64
CA PHE B 1109 -41.53 24.91 -30.29
C PHE B 1109 -42.17 25.91 -31.23
N TYR B 1110 -42.61 25.45 -32.41
CA TYR B 1110 -43.21 26.38 -33.36
C TYR B 1110 -44.67 26.61 -32.97
N GLU B 1111 -44.96 27.82 -32.52
CA GLU B 1111 -46.33 28.23 -32.19
C GLU B 1111 -46.44 29.69 -32.60
N PRO B 1112 -46.77 29.95 -33.87
CA PRO B 1112 -46.80 31.34 -34.36
C PRO B 1112 -47.97 32.12 -33.79
N GLN B 1113 -47.67 33.33 -33.31
CA GLN B 1113 -48.68 34.23 -32.79
C GLN B 1113 -48.50 35.59 -33.44
N ILE B 1114 -49.58 36.37 -33.48
CA ILE B 1114 -49.55 37.70 -34.07
C ILE B 1114 -48.69 38.61 -33.22
N ILE B 1115 -47.81 39.38 -33.87
CA ILE B 1115 -46.91 40.28 -33.15
C ILE B 1115 -47.74 41.45 -32.62
N THR B 1116 -47.93 41.49 -31.31
CA THR B 1116 -48.70 42.53 -30.65
C THR B 1116 -47.81 43.26 -29.66
N THR B 1117 -48.40 44.19 -28.91
CA THR B 1117 -47.67 44.91 -27.88
C THR B 1117 -47.63 44.15 -26.57
N ASP B 1118 -48.35 43.03 -26.49
CA ASP B 1118 -48.41 42.24 -25.27
C ASP B 1118 -47.23 41.27 -25.16
N ASN B 1119 -46.69 40.85 -26.30
CA ASN B 1119 -45.59 39.89 -26.33
C ASN B 1119 -44.29 40.51 -26.83
N THR B 1120 -44.27 41.83 -27.03
CA THR B 1120 -43.07 42.55 -27.44
C THR B 1120 -42.86 43.74 -26.52
N PHE B 1121 -41.64 44.26 -26.52
CA PHE B 1121 -41.30 45.45 -25.75
C PHE B 1121 -40.53 46.41 -26.64
N VAL B 1122 -40.61 47.69 -26.31
CA VAL B 1122 -40.07 48.76 -27.13
C VAL B 1122 -38.79 49.28 -26.50
N SER B 1123 -37.72 49.37 -27.29
CA SER B 1123 -36.47 49.96 -26.82
C SER B 1123 -35.82 50.68 -27.99
N GLY B 1124 -35.84 52.01 -27.96
CA GLY B 1124 -35.14 52.78 -28.97
C GLY B 1124 -35.92 52.88 -30.28
N ASN B 1125 -35.25 53.46 -31.26
CA ASN B 1125 -35.80 53.64 -32.60
C ASN B 1125 -35.24 52.56 -33.52
N CYS B 1126 -35.56 52.67 -34.81
CA CYS B 1126 -35.17 51.66 -35.78
C CYS B 1126 -33.81 51.90 -36.40
N ASP B 1127 -33.11 52.96 -36.01
CA ASP B 1127 -31.86 53.34 -36.67
C ASP B 1127 -30.63 52.62 -36.11
N VAL B 1128 -30.75 51.93 -34.99
CA VAL B 1128 -29.59 51.36 -34.31
C VAL B 1128 -29.44 49.87 -34.55
N VAL B 1129 -30.53 49.12 -34.51
CA VAL B 1129 -30.47 47.67 -34.58
C VAL B 1129 -30.20 47.23 -36.01
N ILE B 1130 -29.18 46.40 -36.19
CA ILE B 1130 -28.81 45.91 -37.52
C ILE B 1130 -29.72 44.76 -37.88
N GLY B 1131 -30.39 44.86 -39.03
CA GLY B 1131 -31.26 43.80 -39.49
C GLY B 1131 -32.70 43.93 -39.08
N ILE B 1132 -33.11 45.10 -38.57
CA ILE B 1132 -34.50 45.33 -38.23
C ILE B 1132 -35.33 45.39 -39.50
N VAL B 1133 -36.52 44.78 -39.46
CA VAL B 1133 -37.41 44.74 -40.61
C VAL B 1133 -38.69 45.48 -40.28
N ASN B 1134 -39.40 45.89 -41.32
CA ASN B 1134 -40.64 46.64 -41.19
C ASN B 1134 -41.82 45.68 -41.16
N ASN B 1135 -42.62 45.77 -40.10
CA ASN B 1135 -43.85 45.00 -40.00
C ASN B 1135 -44.77 45.72 -39.03
N THR B 1136 -46.07 45.52 -39.18
CA THR B 1136 -47.03 46.12 -38.28
C THR B 1136 -47.03 45.40 -36.93
N VAL B 1137 -47.35 46.15 -35.88
CA VAL B 1137 -47.50 45.61 -34.54
C VAL B 1137 -48.92 45.91 -34.09
N TYR B 1138 -49.70 44.85 -33.88
CA TYR B 1138 -51.11 44.99 -33.55
C TYR B 1138 -51.28 45.50 -32.12
N ASP B 1139 -52.32 46.30 -31.91
CA ASP B 1139 -52.64 46.79 -30.58
C ASP B 1139 -53.97 46.19 -30.16
N PRO B 1140 -54.02 45.41 -29.08
CA PRO B 1140 -55.30 44.87 -28.60
C PRO B 1140 -56.28 45.93 -28.14
N LEU B 1141 -55.79 47.06 -27.62
CA LEU B 1141 -56.66 48.13 -27.16
C LEU B 1141 -57.25 48.93 -28.31
N GLN B 1142 -56.66 48.81 -29.51
CA GLN B 1142 -57.10 49.62 -30.65
C GLN B 1142 -58.55 49.37 -31.10
N PRO B 1143 -59.08 48.14 -31.21
CA PRO B 1143 -60.53 48.01 -31.47
C PRO B 1143 -61.42 48.47 -30.33
N GLU B 1144 -60.91 48.60 -29.11
CA GLU B 1144 -61.78 48.92 -27.98
C GLU B 1144 -62.17 50.40 -27.96
N LEU B 1145 -61.20 51.31 -28.10
CA LEU B 1145 -61.56 52.73 -28.14
C LEU B 1145 -62.20 53.13 -29.46
N ASP B 1146 -61.99 52.34 -30.52
CA ASP B 1146 -62.64 52.59 -31.79
C ASP B 1146 -64.15 52.37 -31.69
N SER B 1147 -64.57 51.35 -30.94
CA SER B 1147 -65.98 51.07 -30.74
C SER B 1147 -66.49 51.76 -29.47
N GLN C 14 74.78 8.97 -5.16
CA GLN C 14 75.33 10.29 -4.83
C GLN C 14 74.24 11.21 -4.29
N CYS C 15 74.52 11.86 -3.17
CA CYS C 15 73.60 12.81 -2.55
C CYS C 15 74.36 14.09 -2.24
N VAL C 16 73.66 15.23 -2.35
CA VAL C 16 74.22 16.53 -2.03
C VAL C 16 73.23 17.30 -1.16
N ASN C 17 73.68 17.76 0.00
CA ASN C 17 72.87 18.65 0.81
C ASN C 17 72.89 20.05 0.22
N LEU C 18 71.72 20.67 0.09
CA LEU C 18 71.64 22.05 -0.36
C LEU C 18 71.45 22.93 0.87
N THR C 19 72.45 23.76 1.16
CA THR C 19 72.49 24.55 2.39
C THR C 19 72.41 26.04 2.12
N THR C 20 72.02 26.45 0.91
CA THR C 20 71.90 27.86 0.58
C THR C 20 70.45 28.31 0.40
N ARG C 21 69.51 27.59 0.99
CA ARG C 21 68.12 27.98 0.90
C ARG C 21 67.83 29.18 1.80
N THR C 22 66.76 29.90 1.48
CA THR C 22 66.28 31.01 2.28
C THR C 22 64.98 30.57 2.95
N GLN C 23 64.90 30.73 4.26
CA GLN C 23 63.74 30.25 5.01
C GLN C 23 62.54 31.15 4.76
N LEU C 24 61.42 30.54 4.38
CA LEU C 24 60.18 31.24 4.08
C LEU C 24 59.03 30.26 4.22
N PRO C 25 57.91 30.64 4.82
CA PRO C 25 56.76 29.74 4.89
C PRO C 25 56.14 29.54 3.52
N PRO C 26 55.55 28.37 3.25
CA PRO C 26 54.86 28.17 1.96
C PRO C 26 53.60 29.02 1.87
N ALA C 27 53.24 29.37 0.64
CA ALA C 27 52.10 30.25 0.45
C ALA C 27 50.81 29.44 0.28
N TYR C 28 49.69 30.15 0.23
CA TYR C 28 48.40 29.53 -0.04
C TYR C 28 47.63 30.41 -1.01
N THR C 29 46.80 29.79 -1.85
CA THR C 29 45.99 30.54 -2.80
C THR C 29 44.71 29.77 -3.08
N ASN C 30 43.91 30.29 -4.01
CA ASN C 30 42.58 29.76 -4.28
C ASN C 30 42.61 28.77 -5.45
N SER C 31 41.87 27.68 -5.28
CA SER C 31 41.78 26.66 -6.31
C SER C 31 40.90 27.08 -7.48
N PHE C 32 39.96 27.99 -7.24
CA PHE C 32 38.92 28.45 -8.19
C PHE C 32 38.10 27.23 -8.61
N THR C 33 37.92 26.96 -9.89
CA THR C 33 37.18 25.80 -10.38
C THR C 33 38.10 24.81 -11.09
N ARG C 34 39.30 24.63 -10.55
CA ARG C 34 40.28 23.73 -11.13
C ARG C 34 40.31 22.41 -10.33
N GLY C 35 40.99 21.43 -10.89
CA GLY C 35 41.10 20.12 -10.28
C GLY C 35 40.05 19.14 -10.72
N VAL C 36 39.22 19.49 -11.68
CA VAL C 36 38.16 18.61 -12.17
C VAL C 36 38.76 17.62 -13.18
N TYR C 37 38.32 16.37 -13.09
CA TYR C 37 38.77 15.34 -14.01
C TYR C 37 37.58 14.49 -14.42
N TYR C 38 37.78 13.67 -15.44
CA TYR C 38 36.73 12.76 -15.86
C TYR C 38 36.64 11.61 -14.87
N PRO C 39 35.49 11.40 -14.23
CA PRO C 39 35.41 10.37 -13.17
C PRO C 39 35.58 8.95 -13.68
N ASP C 40 35.26 8.70 -14.95
CA ASP C 40 35.24 7.35 -15.49
C ASP C 40 35.52 7.40 -16.99
N LYS C 41 35.53 6.22 -17.61
CA LYS C 41 35.84 6.04 -19.02
C LYS C 41 34.57 6.04 -19.88
N VAL C 42 33.51 6.68 -19.42
CA VAL C 42 32.19 6.61 -20.04
C VAL C 42 31.86 7.90 -20.79
N PHE C 43 31.51 7.74 -22.07
CA PHE C 43 31.04 8.86 -22.87
C PHE C 43 29.63 9.25 -22.46
N ARG C 44 29.41 10.56 -22.33
CA ARG C 44 28.09 11.08 -22.02
C ARG C 44 27.85 12.31 -22.89
N SER C 45 26.65 12.44 -23.42
CA SER C 45 26.33 13.50 -24.38
C SER C 45 25.09 14.26 -23.95
N SER C 46 25.23 15.59 -23.79
CA SER C 46 24.14 16.52 -23.47
C SER C 46 23.44 16.17 -22.15
N VAL C 47 24.19 15.69 -21.16
CA VAL C 47 23.58 15.25 -19.91
C VAL C 47 24.35 15.83 -18.73
N LEU C 48 23.69 15.80 -17.58
CA LEU C 48 24.27 16.21 -16.31
C LEU C 48 24.41 14.95 -15.46
N HIS C 49 25.62 14.69 -14.95
CA HIS C 49 25.88 13.46 -14.21
C HIS C 49 26.43 13.77 -12.84
N SER C 50 25.87 13.15 -11.81
CA SER C 50 26.32 13.34 -10.44
C SER C 50 27.25 12.20 -10.04
N THR C 51 28.44 12.56 -9.54
CA THR C 51 29.44 11.57 -9.16
C THR C 51 29.91 11.80 -7.73
N GLN C 52 30.09 10.71 -6.98
CA GLN C 52 30.67 10.74 -5.65
C GLN C 52 32.06 10.12 -5.78
N ASP C 53 33.06 10.98 -5.91
CA ASP C 53 34.46 10.56 -6.11
C ASP C 53 35.36 11.41 -5.23
N LEU C 54 36.66 11.12 -5.31
CA LEU C 54 37.67 11.90 -4.61
C LEU C 54 37.93 13.14 -5.46
N PHE C 55 37.39 14.28 -5.04
CA PHE C 55 37.49 15.50 -5.80
C PHE C 55 38.15 16.60 -4.98
N LEU C 56 38.64 17.60 -5.68
CA LEU C 56 39.19 18.80 -5.07
C LEU C 56 38.09 19.84 -4.96
N PRO C 57 37.84 20.40 -3.76
CA PRO C 57 36.75 21.36 -3.61
C PRO C 57 37.00 22.66 -4.36
N PHE C 58 35.92 23.28 -4.80
CA PHE C 58 36.01 24.56 -5.48
C PHE C 58 36.38 25.65 -4.48
N PHE C 59 37.25 26.58 -4.93
CA PHE C 59 37.72 27.73 -4.15
C PHE C 59 38.40 27.28 -2.85
N SER C 60 39.15 26.18 -2.92
CA SER C 60 39.78 25.66 -1.73
C SER C 60 41.16 26.28 -1.53
N ASN C 61 41.74 26.01 -0.37
CA ASN C 61 43.04 26.55 0.00
C ASN C 61 44.12 25.61 -0.51
N VAL C 62 44.74 25.96 -1.63
CA VAL C 62 45.75 25.13 -2.27
C VAL C 62 47.14 25.67 -1.94
N THR C 63 48.05 24.77 -1.55
CA THR C 63 49.37 25.19 -1.08
C THR C 63 50.26 25.54 -2.26
N TRP C 64 50.99 26.64 -2.12
CA TRP C 64 51.77 27.23 -3.19
C TRP C 64 53.25 27.18 -2.84
N PHE C 65 54.05 26.62 -3.74
CA PHE C 65 55.50 26.55 -3.60
C PHE C 65 56.16 27.21 -4.82
N HIS C 66 57.30 27.87 -4.57
CA HIS C 66 58.01 28.62 -5.59
C HIS C 66 59.42 28.08 -5.81
N ALA C 67 59.94 28.32 -7.01
CA ALA C 67 61.33 28.10 -7.36
C ALA C 67 61.81 29.38 -8.03
N ILE C 68 62.60 30.16 -7.31
CA ILE C 68 63.02 31.48 -7.78
C ILE C 68 64.35 31.82 -7.11
N HIS C 69 65.14 32.66 -7.79
CA HIS C 69 66.40 33.15 -7.23
C HIS C 69 66.51 34.65 -7.46
N LYS C 77 66.92 33.32 -2.77
CA LYS C 77 67.13 31.94 -3.20
C LYS C 77 66.07 31.01 -2.63
N ARG C 78 65.05 30.71 -3.42
CA ARG C 78 63.99 29.80 -3.04
C ARG C 78 64.08 28.53 -3.87
N PHE C 79 64.12 27.39 -3.18
CA PHE C 79 64.10 26.07 -3.84
C PHE C 79 63.20 25.19 -3.00
N ASP C 80 61.92 25.13 -3.36
CA ASP C 80 60.92 24.44 -2.56
C ASP C 80 60.79 22.99 -3.02
N ASN C 81 61.42 22.07 -2.28
CA ASN C 81 61.15 20.64 -2.43
C ASN C 81 60.92 19.99 -1.06
N PRO C 82 59.78 20.23 -0.41
CA PRO C 82 59.46 19.45 0.79
C PRO C 82 58.79 18.13 0.42
N VAL C 83 58.64 17.29 1.43
CA VAL C 83 58.00 15.99 1.28
C VAL C 83 56.64 16.06 1.97
N LEU C 84 55.55 15.85 1.19
CA LEU C 84 54.20 16.10 1.68
C LEU C 84 53.41 14.80 1.86
N PRO C 85 52.50 14.74 2.82
CA PRO C 85 51.61 13.58 2.95
C PRO C 85 50.68 13.43 1.77
N PHE C 86 50.46 12.18 1.34
CA PHE C 86 49.69 11.93 0.12
C PHE C 86 48.19 12.11 0.35
N ASN C 87 47.71 11.75 1.54
CA ASN C 87 46.27 11.77 1.94
C ASN C 87 45.52 10.82 1.01
N ASP C 88 44.30 11.16 0.61
CA ASP C 88 43.47 10.28 -0.20
C ASP C 88 43.64 10.51 -1.69
N GLY C 89 44.37 11.55 -2.10
CA GLY C 89 44.56 11.89 -3.49
C GLY C 89 45.23 13.23 -3.60
N VAL C 90 45.90 13.51 -4.71
CA VAL C 90 46.73 14.71 -4.84
C VAL C 90 46.42 15.42 -6.15
N TYR C 91 46.12 16.72 -6.08
CA TYR C 91 46.04 17.56 -7.26
C TYR C 91 47.33 18.35 -7.33
N PHE C 92 48.04 18.27 -8.45
CA PHE C 92 49.29 18.99 -8.65
C PHE C 92 49.11 19.95 -9.80
N ALA C 93 49.32 21.24 -9.55
CA ALA C 93 49.24 22.25 -10.59
C ALA C 93 50.64 22.80 -10.81
N SER C 94 51.00 23.04 -12.06
CA SER C 94 52.34 23.51 -12.39
C SER C 94 52.28 24.69 -13.34
N THR C 95 52.65 25.87 -12.85
CA THR C 95 52.83 27.04 -13.71
C THR C 95 54.32 27.00 -14.05
N GLU C 96 54.60 26.47 -15.24
CA GLU C 96 55.93 26.03 -15.63
C GLU C 96 56.38 26.65 -16.94
N LYS C 97 57.66 27.01 -16.98
CA LYS C 97 58.38 27.34 -18.20
C LYS C 97 59.75 26.68 -18.08
N SER C 98 60.30 26.27 -19.23
CA SER C 98 61.62 25.66 -19.41
C SER C 98 61.78 24.30 -18.73
N ASN C 99 60.68 23.68 -18.29
CA ASN C 99 60.61 22.28 -17.81
C ASN C 99 61.55 22.01 -16.64
N ILE C 100 61.33 22.73 -15.53
CA ILE C 100 62.08 22.46 -14.31
C ILE C 100 61.55 21.22 -13.61
N ILE C 101 60.23 21.07 -13.51
CA ILE C 101 59.64 19.95 -12.81
C ILE C 101 59.71 18.72 -13.70
N ARG C 102 60.29 17.64 -13.20
CA ARG C 102 60.53 16.46 -14.02
C ARG C 102 59.79 15.20 -13.57
N GLY C 103 59.37 15.10 -12.32
CA GLY C 103 58.74 13.88 -11.87
C GLY C 103 58.38 13.92 -10.40
N TRP C 104 57.98 12.76 -9.90
CA TRP C 104 57.49 12.62 -8.53
C TRP C 104 57.96 11.31 -7.91
N ILE C 105 57.92 11.28 -6.58
CA ILE C 105 58.33 10.16 -5.76
C ILE C 105 57.18 9.84 -4.82
N PHE C 106 56.77 8.56 -4.76
CA PHE C 106 55.67 8.14 -3.91
C PHE C 106 56.13 6.98 -3.05
N GLY C 107 55.62 6.92 -1.82
CA GLY C 107 55.95 5.81 -0.95
C GLY C 107 55.40 6.01 0.45
N THR C 108 55.95 5.25 1.39
CA THR C 108 55.58 5.37 2.80
C THR C 108 56.74 5.83 3.66
N THR C 109 57.90 5.18 3.55
CA THR C 109 59.08 5.57 4.30
C THR C 109 60.22 6.09 3.43
N LEU C 110 60.11 5.89 2.10
CA LEU C 110 61.06 6.39 1.10
C LEU C 110 62.48 5.85 1.31
N ASP C 111 62.58 4.58 1.71
CA ASP C 111 63.88 3.93 1.87
C ASP C 111 63.76 2.50 1.35
N SER C 112 64.80 1.70 1.59
CA SER C 112 64.81 0.31 1.15
C SER C 112 63.99 -0.60 2.04
N LYS C 113 63.51 -0.12 3.19
CA LYS C 113 62.67 -0.93 4.06
C LYS C 113 61.32 -1.21 3.41
N THR C 114 60.74 -0.22 2.75
CA THR C 114 59.48 -0.34 2.05
C THR C 114 59.72 -0.24 0.55
N GLN C 115 58.63 -0.29 -0.22
CA GLN C 115 58.71 -0.23 -1.67
C GLN C 115 58.16 1.10 -2.15
N SER C 116 58.86 1.72 -3.10
CA SER C 116 58.53 3.07 -3.53
C SER C 116 58.34 3.14 -5.04
N LEU C 117 57.53 4.11 -5.45
CA LEU C 117 57.21 4.38 -6.84
C LEU C 117 57.93 5.64 -7.30
N LEU C 118 58.54 5.58 -8.48
CA LEU C 118 59.32 6.67 -9.04
C LEU C 118 58.77 7.01 -10.42
N ILE C 119 58.51 8.30 -10.66
CA ILE C 119 58.03 8.80 -11.94
C ILE C 119 59.04 9.85 -12.36
N VAL C 120 59.71 9.66 -13.50
CA VAL C 120 60.61 10.70 -14.00
C VAL C 120 60.40 10.93 -15.49
N ASN C 121 60.68 12.16 -15.91
CA ASN C 121 60.77 12.56 -17.30
C ASN C 121 62.06 13.36 -17.44
N ASN C 122 63.12 12.72 -17.92
CA ASN C 122 64.36 13.44 -18.19
C ASN C 122 64.30 13.98 -19.62
N ALA C 123 65.45 14.37 -20.16
CA ALA C 123 65.52 15.03 -21.47
C ALA C 123 65.06 14.15 -22.62
N THR C 124 64.99 12.83 -22.45
CA THR C 124 64.67 11.93 -23.55
C THR C 124 63.35 11.19 -23.38
N ASN C 125 63.11 10.53 -22.25
CA ASN C 125 62.03 9.56 -22.21
C ASN C 125 61.44 9.49 -20.80
N VAL C 126 60.21 8.97 -20.71
CA VAL C 126 59.46 8.91 -19.46
C VAL C 126 59.56 7.52 -18.86
N VAL C 127 60.06 7.46 -17.62
CA VAL C 127 60.36 6.21 -16.92
C VAL C 127 59.50 6.12 -15.66
N ILE C 128 58.85 4.97 -15.49
CA ILE C 128 58.06 4.65 -14.31
C ILE C 128 58.67 3.40 -13.69
N LYS C 129 59.07 3.47 -12.43
CA LYS C 129 59.71 2.33 -11.78
C LYS C 129 59.09 2.10 -10.41
N VAL C 130 59.08 0.85 -10.00
CA VAL C 130 58.64 0.47 -8.66
C VAL C 130 59.78 -0.34 -8.05
N CYS C 131 60.56 0.29 -7.17
CA CYS C 131 61.75 -0.39 -6.64
C CYS C 131 61.86 -0.04 -5.16
N GLU C 132 62.84 -0.62 -4.48
CA GLU C 132 63.16 -0.23 -3.11
C GLU C 132 64.36 0.71 -3.17
N PHE C 133 64.08 1.98 -3.46
CA PHE C 133 65.15 2.97 -3.60
C PHE C 133 65.65 3.45 -2.25
N GLN C 134 66.96 3.63 -2.14
CA GLN C 134 67.54 4.34 -1.00
C GLN C 134 67.64 5.81 -1.43
N PHE C 135 66.60 6.56 -1.12
CA PHE C 135 66.49 7.93 -1.58
C PHE C 135 67.40 8.88 -0.81
N CYS C 136 67.83 9.93 -1.50
CA CYS C 136 68.57 11.01 -0.87
C CYS C 136 67.64 11.87 -0.04
N ASN C 137 68.21 12.58 0.94
CA ASN C 137 67.41 13.52 1.72
C ASN C 137 66.99 14.71 0.86
N ASP C 138 67.84 15.13 -0.07
CA ASP C 138 67.53 16.20 -1.01
C ASP C 138 67.78 15.69 -2.42
N PRO C 139 66.79 15.02 -3.03
CA PRO C 139 66.96 14.58 -4.43
C PRO C 139 66.55 15.64 -5.44
N PHE C 140 67.33 15.73 -6.52
CA PHE C 140 67.08 16.74 -7.54
C PHE C 140 67.70 16.30 -8.87
N LEU C 141 67.38 17.09 -9.89
CA LEU C 141 67.98 16.96 -11.19
C LEU C 141 68.88 18.18 -11.40
N GLY C 142 69.70 18.13 -12.44
CA GLY C 142 70.60 19.24 -12.68
C GLY C 142 71.03 19.41 -14.12
N VAL C 143 70.90 20.65 -14.60
CA VAL C 143 71.26 21.05 -15.95
C VAL C 143 72.42 22.03 -15.86
N TYR C 144 73.47 21.75 -16.62
CA TYR C 144 74.64 22.63 -16.67
C TYR C 144 74.50 23.56 -17.87
N TYR C 145 74.76 24.85 -17.64
CA TYR C 145 74.69 25.83 -18.71
C TYR C 145 76.07 26.36 -19.06
N MET C 153 73.09 21.75 -21.11
CA MET C 153 73.09 20.29 -21.06
C MET C 153 72.76 19.79 -19.65
N GLU C 154 72.06 18.67 -19.58
CA GLU C 154 71.64 18.11 -18.30
C GLU C 154 72.61 16.99 -17.94
N SER C 155 73.35 17.17 -16.84
CA SER C 155 74.37 16.19 -16.47
C SER C 155 74.41 15.91 -14.97
N GLU C 156 73.27 16.02 -14.27
CA GLU C 156 73.29 15.77 -12.82
C GLU C 156 72.02 15.05 -12.44
N PHE C 157 72.16 13.82 -11.94
CA PHE C 157 71.02 12.97 -11.56
C PHE C 157 71.25 12.54 -10.11
N ARG C 158 70.55 13.16 -9.13
CA ARG C 158 70.71 12.74 -7.74
C ARG C 158 69.34 12.47 -7.13
N VAL C 159 68.81 11.28 -7.42
CA VAL C 159 67.50 10.87 -6.90
C VAL C 159 67.65 9.78 -5.85
N TYR C 160 68.37 8.71 -6.18
CA TYR C 160 68.52 7.58 -5.28
C TYR C 160 69.97 7.10 -5.32
N SER C 161 70.39 6.45 -4.24
CA SER C 161 71.72 5.87 -4.18
C SER C 161 71.74 4.39 -4.55
N SER C 162 70.61 3.72 -4.49
CA SER C 162 70.53 2.29 -4.80
C SER C 162 69.11 1.95 -5.24
N ALA C 163 69.00 0.79 -5.89
CA ALA C 163 67.70 0.24 -6.29
C ALA C 163 67.88 -1.27 -6.29
N ASN C 164 67.36 -1.94 -5.26
CA ASN C 164 67.66 -3.34 -5.05
C ASN C 164 66.61 -4.27 -5.66
N ASN C 165 65.37 -4.19 -5.21
CA ASN C 165 64.32 -5.11 -5.63
C ASN C 165 63.29 -4.34 -6.46
N CYS C 166 63.41 -4.43 -7.77
CA CYS C 166 62.52 -3.76 -8.69
C CYS C 166 61.45 -4.73 -9.19
N THR C 167 60.19 -4.41 -8.93
CA THR C 167 59.10 -5.32 -9.27
C THR C 167 58.29 -4.86 -10.48
N PHE C 168 58.47 -3.62 -10.95
CA PHE C 168 57.68 -3.13 -12.07
C PHE C 168 58.41 -2.01 -12.80
N GLU C 169 58.44 -2.07 -14.13
CA GLU C 169 59.01 -1.03 -14.97
C GLU C 169 58.03 -0.71 -16.09
N TYR C 170 57.95 0.57 -16.46
CA TYR C 170 57.03 1.01 -17.50
C TYR C 170 57.60 2.25 -18.18
N VAL C 171 57.87 2.15 -19.48
CA VAL C 171 58.45 3.24 -20.27
C VAL C 171 57.36 3.78 -21.17
N SER C 172 57.15 5.10 -21.14
CA SER C 172 56.00 5.67 -21.85
C SER C 172 56.37 6.97 -22.55
N GLN C 173 55.37 7.58 -23.19
CA GLN C 173 55.53 8.78 -23.99
C GLN C 173 55.81 10.00 -23.11
N PRO C 174 56.41 11.06 -23.68
CA PRO C 174 56.60 12.31 -22.91
C PRO C 174 55.28 12.94 -22.48
N PHE C 175 55.12 13.07 -21.16
CA PHE C 175 53.91 13.70 -20.62
C PHE C 175 53.91 15.21 -20.82
N LEU C 176 55.07 15.85 -20.63
CA LEU C 176 55.14 17.30 -20.56
C LEU C 176 54.97 17.95 -21.93
N ASN C 185 57.56 35.21 -17.48
CA ASN C 185 56.15 34.83 -17.55
C ASN C 185 56.03 33.32 -17.69
N PHE C 186 55.17 32.72 -16.86
CA PHE C 186 54.90 31.30 -16.96
C PHE C 186 53.99 31.04 -18.16
N LYS C 187 54.35 30.05 -18.99
CA LYS C 187 53.63 29.81 -20.23
C LYS C 187 52.81 28.53 -20.24
N ASN C 188 53.11 27.55 -19.39
CA ASN C 188 52.39 26.29 -19.42
C ASN C 188 51.72 26.03 -18.07
N LEU C 189 50.47 25.57 -18.11
CA LEU C 189 49.79 25.07 -16.93
C LEU C 189 49.67 23.56 -17.09
N ARG C 190 50.29 22.81 -16.20
CA ARG C 190 50.23 21.36 -16.23
C ARG C 190 49.46 20.89 -15.00
N GLU C 191 48.29 20.30 -15.21
CA GLU C 191 47.44 19.87 -14.11
C GLU C 191 47.41 18.35 -14.08
N PHE C 192 47.63 17.79 -12.90
CA PHE C 192 47.67 16.34 -12.69
C PHE C 192 46.84 16.00 -11.47
N VAL C 193 46.22 14.82 -11.51
CA VAL C 193 45.51 14.28 -10.37
C VAL C 193 46.01 12.85 -10.17
N PHE C 194 46.51 12.55 -8.98
CA PHE C 194 47.00 11.23 -8.64
C PHE C 194 46.07 10.62 -7.61
N LYS C 195 45.58 9.42 -7.89
CA LYS C 195 44.77 8.66 -6.96
C LYS C 195 45.37 7.27 -6.77
N ASN C 196 45.20 6.72 -5.57
CA ASN C 196 45.72 5.39 -5.26
C ASN C 196 44.58 4.62 -4.60
N ILE C 197 43.72 4.00 -5.42
CA ILE C 197 42.55 3.29 -4.93
C ILE C 197 42.66 1.83 -5.32
N ASP C 198 42.58 0.94 -4.32
CA ASP C 198 42.59 -0.53 -4.48
C ASP C 198 43.85 -1.02 -5.18
N GLY C 199 44.98 -0.37 -4.94
CA GLY C 199 46.22 -0.73 -5.59
C GLY C 199 46.35 -0.21 -7.00
N TYR C 200 45.43 0.65 -7.43
CA TYR C 200 45.40 1.18 -8.79
C TYR C 200 45.74 2.65 -8.69
N PHE C 201 46.77 3.09 -9.40
CA PHE C 201 47.25 4.46 -9.28
C PHE C 201 46.86 5.19 -10.57
N LYS C 202 45.88 6.07 -10.46
CA LYS C 202 45.32 6.78 -11.60
C LYS C 202 45.99 8.14 -11.73
N ILE C 203 46.53 8.40 -12.92
CA ILE C 203 47.11 9.69 -13.29
C ILE C 203 46.20 10.34 -14.32
N TYR C 204 45.58 11.45 -13.94
CA TYR C 204 44.77 12.27 -14.83
C TYR C 204 45.57 13.52 -15.17
N SER C 205 45.58 13.93 -16.43
CA SER C 205 46.43 15.02 -16.86
C SER C 205 45.73 15.95 -17.82
N LYS C 206 46.15 17.21 -17.80
CA LYS C 206 45.68 18.22 -18.74
C LYS C 206 46.74 19.29 -18.91
N HIS C 207 46.97 19.71 -20.15
CA HIS C 207 47.90 20.78 -20.47
C HIS C 207 47.12 21.98 -20.98
N THR C 208 47.41 23.16 -20.43
CA THR C 208 46.70 24.37 -20.80
C THR C 208 47.70 25.47 -21.15
N PRO C 209 47.57 26.11 -22.31
CA PRO C 209 48.40 27.28 -22.63
C PRO C 209 47.90 28.48 -21.85
N ILE C 210 48.74 29.03 -20.98
CA ILE C 210 48.34 30.17 -20.16
C ILE C 210 49.35 31.30 -20.35
N ASN C 211 48.94 32.50 -19.97
CA ASN C 211 49.79 33.68 -20.06
C ASN C 211 49.67 34.56 -18.82
N LEU C 212 49.26 34.01 -17.68
CA LEU C 212 49.10 34.80 -16.47
C LEU C 212 50.44 34.78 -15.73
N VAL C 213 50.77 35.90 -15.08
CA VAL C 213 52.11 36.07 -14.56
C VAL C 213 52.32 35.32 -13.23
N ARG C 214 51.42 35.50 -12.26
CA ARG C 214 51.75 35.03 -10.92
C ARG C 214 50.88 33.90 -10.39
N ASP C 215 49.57 34.05 -10.37
CA ASP C 215 48.71 33.10 -9.68
C ASP C 215 48.12 32.10 -10.68
N LEU C 216 47.23 31.25 -10.20
CA LEU C 216 46.51 30.33 -11.07
C LEU C 216 45.49 31.09 -11.92
N PRO C 217 45.29 30.71 -13.17
CA PRO C 217 44.24 31.34 -13.96
C PRO C 217 42.86 30.86 -13.50
N GLN C 218 41.86 31.68 -13.78
CA GLN C 218 40.49 31.36 -13.42
C GLN C 218 39.76 30.88 -14.67
N GLY C 219 39.28 29.64 -14.62
CA GLY C 219 38.64 29.04 -15.78
C GLY C 219 38.31 27.60 -15.49
N PHE C 220 37.87 26.91 -16.54
CA PHE C 220 37.48 25.51 -16.45
C PHE C 220 38.29 24.69 -17.44
N SER C 221 38.88 23.59 -16.97
CA SER C 221 39.60 22.68 -17.84
C SER C 221 39.54 21.29 -17.23
N ALA C 222 38.87 20.37 -17.91
CA ALA C 222 38.70 19.01 -17.42
C ALA C 222 39.95 18.19 -17.69
N LEU C 223 40.36 17.40 -16.70
CA LEU C 223 41.58 16.61 -16.78
C LEU C 223 41.22 15.25 -17.37
N GLU C 224 41.84 14.91 -18.50
CA GLU C 224 41.63 13.61 -19.11
C GLU C 224 42.46 12.55 -18.38
N PRO C 225 41.91 11.34 -18.21
CA PRO C 225 42.72 10.25 -17.64
C PRO C 225 43.88 9.87 -18.53
N LEU C 226 45.07 9.82 -17.94
CA LEU C 226 46.27 9.56 -18.71
C LEU C 226 46.80 8.14 -18.52
N VAL C 227 47.06 7.73 -17.28
CA VAL C 227 47.67 6.43 -17.01
C VAL C 227 46.92 5.72 -15.89
N ASP C 228 46.50 4.48 -16.14
CA ASP C 228 45.99 3.61 -15.09
C ASP C 228 47.14 2.65 -14.76
N LEU C 229 47.71 2.79 -13.56
CA LEU C 229 48.97 2.12 -13.27
C LEU C 229 48.75 1.02 -12.24
N PRO C 230 49.11 -0.24 -12.56
CA PRO C 230 48.92 -1.34 -11.59
C PRO C 230 50.10 -1.57 -10.64
N ILE C 231 50.15 -0.84 -9.53
CA ILE C 231 51.29 -0.93 -8.60
C ILE C 231 50.98 -1.82 -7.39
N GLY C 232 49.81 -1.65 -6.76
CA GLY C 232 49.46 -2.42 -5.59
C GLY C 232 50.33 -2.22 -4.37
N ILE C 233 50.73 -0.97 -4.08
CA ILE C 233 51.54 -0.66 -2.91
C ILE C 233 50.88 0.45 -2.12
N ASN C 234 51.31 0.57 -0.86
CA ASN C 234 50.81 1.60 0.04
C ASN C 234 51.57 2.90 -0.24
N ILE C 235 50.84 4.00 -0.41
CA ILE C 235 51.43 5.32 -0.61
C ILE C 235 50.84 6.28 0.42
N THR C 236 51.70 6.90 1.23
CA THR C 236 51.28 7.91 2.19
C THR C 236 52.04 9.22 2.09
N ARG C 237 53.14 9.27 1.33
CA ARG C 237 53.96 10.47 1.29
C ARG C 237 54.58 10.58 -0.10
N PHE C 238 54.72 11.81 -0.58
CA PHE C 238 55.23 12.06 -1.93
C PHE C 238 56.19 13.23 -1.90
N GLN C 239 56.97 13.36 -2.96
CA GLN C 239 57.91 14.47 -3.10
C GLN C 239 58.16 14.74 -4.57
N THR C 240 58.05 15.99 -4.98
CA THR C 240 58.29 16.35 -6.38
C THR C 240 59.77 16.60 -6.66
N LEU C 241 60.14 16.48 -7.93
CA LEU C 241 61.52 16.61 -8.36
C LEU C 241 61.70 17.86 -9.20
N LEU C 242 62.68 18.68 -8.83
CA LEU C 242 63.02 19.89 -9.57
C LEU C 242 64.35 19.69 -10.29
N ALA C 243 64.73 20.68 -11.10
CA ALA C 243 65.99 20.61 -11.83
C ALA C 243 66.81 21.86 -11.52
N LEU C 244 68.09 21.68 -11.21
CA LEU C 244 68.99 22.80 -10.98
C LEU C 244 69.52 23.36 -12.29
N HIS C 245 69.95 24.62 -12.23
CA HIS C 245 70.68 25.25 -13.33
C HIS C 245 72.05 25.63 -12.82
N ARG C 246 73.09 25.20 -13.53
CA ARG C 246 74.47 25.46 -13.12
C ARG C 246 75.13 26.38 -14.14
N SER C 247 75.87 27.38 -13.65
CA SER C 247 76.53 28.33 -14.53
C SER C 247 77.99 28.52 -14.15
N GLY C 257 77.79 28.19 -7.73
CA GLY C 257 77.03 27.09 -7.17
C GLY C 257 75.94 26.57 -8.09
N TRP C 258 74.70 26.66 -7.62
CA TRP C 258 73.55 26.25 -8.41
C TRP C 258 72.52 27.37 -8.42
N THR C 259 71.67 27.36 -9.44
CA THR C 259 70.59 28.33 -9.59
C THR C 259 69.29 27.61 -9.86
N ALA C 260 68.21 28.08 -9.24
CA ALA C 260 66.88 27.51 -9.42
C ALA C 260 66.14 28.32 -10.49
N GLY C 261 65.67 27.64 -11.52
CA GLY C 261 64.89 28.31 -12.55
C GLY C 261 63.51 28.70 -12.04
N ALA C 262 62.93 29.70 -12.70
CA ALA C 262 61.64 30.25 -12.27
C ALA C 262 60.52 29.25 -12.57
N ALA C 263 59.87 28.76 -11.52
CA ALA C 263 58.77 27.82 -11.67
C ALA C 263 57.89 27.93 -10.43
N ALA C 264 56.64 27.49 -10.55
CA ALA C 264 55.79 27.51 -9.37
C ALA C 264 54.82 26.33 -9.44
N TYR C 265 54.59 25.68 -8.31
CA TYR C 265 53.66 24.56 -8.31
C TYR C 265 52.75 24.64 -7.10
N TYR C 266 51.65 23.90 -7.19
CA TYR C 266 50.57 23.98 -6.22
C TYR C 266 50.14 22.57 -5.88
N VAL C 267 49.94 22.32 -4.59
CA VAL C 267 49.55 21.01 -4.08
C VAL C 267 48.20 21.15 -3.38
N GLY C 268 47.23 20.33 -3.82
CA GLY C 268 45.95 20.28 -3.16
C GLY C 268 45.61 18.82 -2.87
N TYR C 269 44.67 18.64 -1.95
CA TYR C 269 44.30 17.30 -1.50
C TYR C 269 42.85 17.02 -1.84
N LEU C 270 42.58 15.78 -2.20
CA LEU C 270 41.24 15.35 -2.61
C LEU C 270 40.46 14.84 -1.41
N GLN C 271 39.16 15.10 -1.41
CA GLN C 271 38.24 14.62 -0.39
C GLN C 271 37.06 13.96 -1.08
N PRO C 272 36.43 12.97 -0.45
CA PRO C 272 35.26 12.33 -1.07
C PRO C 272 34.05 13.26 -1.06
N ARG C 273 33.56 13.59 -2.25
CA ARG C 273 32.40 14.46 -2.38
C ARG C 273 31.74 14.21 -3.72
N THR C 274 30.58 14.85 -3.89
CA THR C 274 29.80 14.75 -5.13
C THR C 274 29.95 16.02 -5.95
N PHE C 275 30.19 15.85 -7.24
CA PHE C 275 30.11 16.94 -8.20
C PHE C 275 29.03 16.62 -9.23
N LEU C 276 28.39 17.68 -9.72
CA LEU C 276 27.45 17.58 -10.82
C LEU C 276 28.20 18.06 -12.07
N LEU C 277 28.43 17.15 -13.00
CA LEU C 277 29.26 17.42 -14.17
C LEU C 277 28.35 17.68 -15.35
N LYS C 278 28.70 18.64 -16.19
CA LYS C 278 27.94 18.91 -17.40
C LYS C 278 28.72 18.40 -18.61
N TYR C 279 28.06 17.61 -19.44
CA TYR C 279 28.64 17.01 -20.64
C TYR C 279 27.94 17.62 -21.85
N ASN C 280 28.72 18.14 -22.79
CA ASN C 280 28.13 18.82 -23.94
C ASN C 280 27.77 17.80 -25.01
N GLU C 281 27.49 18.27 -26.23
CA GLU C 281 27.16 17.36 -27.32
C GLU C 281 28.35 16.55 -27.80
N ASN C 282 29.57 17.01 -27.53
CA ASN C 282 30.79 16.31 -27.93
C ASN C 282 31.39 15.47 -26.82
N GLY C 283 30.73 15.39 -25.67
CA GLY C 283 31.24 14.59 -24.57
C GLY C 283 32.38 15.22 -23.81
N THR C 284 32.55 16.53 -23.90
CA THR C 284 33.61 17.23 -23.18
C THR C 284 33.00 17.92 -21.98
N ILE C 285 33.62 17.74 -20.82
CA ILE C 285 33.15 18.39 -19.59
C ILE C 285 33.47 19.87 -19.67
N THR C 286 32.43 20.71 -19.61
CA THR C 286 32.59 22.15 -19.72
C THR C 286 32.31 22.89 -18.42
N ASP C 287 31.48 22.33 -17.53
CA ASP C 287 31.10 22.98 -16.29
C ASP C 287 30.88 21.93 -15.21
N ALA C 288 31.04 22.34 -13.96
CA ALA C 288 30.82 21.45 -12.84
C ALA C 288 30.27 22.23 -11.66
N VAL C 289 29.57 21.53 -10.78
CA VAL C 289 28.96 22.11 -9.59
C VAL C 289 29.44 21.32 -8.38
N ASP C 290 29.97 22.01 -7.38
CA ASP C 290 30.33 21.43 -6.09
C ASP C 290 29.09 21.46 -5.21
N CYS C 291 28.55 20.28 -4.89
CA CYS C 291 27.29 20.21 -4.16
C CYS C 291 27.42 20.66 -2.71
N ALA C 292 28.62 20.70 -2.15
CA ALA C 292 28.84 21.07 -0.76
C ALA C 292 29.52 22.42 -0.60
N LEU C 293 29.55 23.24 -1.65
CA LEU C 293 30.25 24.52 -1.57
C LEU C 293 29.36 25.60 -0.96
N ASP C 294 28.22 25.87 -1.58
CA ASP C 294 27.28 26.89 -1.14
C ASP C 294 25.87 26.35 -1.36
N PRO C 295 24.87 26.89 -0.65
CA PRO C 295 23.48 26.42 -0.85
C PRO C 295 22.92 26.54 -2.27
N LEU C 296 23.38 27.52 -3.06
CA LEU C 296 22.91 27.62 -4.43
C LEU C 296 23.36 26.43 -5.27
N SER C 297 24.64 26.04 -5.14
CA SER C 297 25.13 24.88 -5.86
C SER C 297 24.55 23.60 -5.28
N GLU C 298 24.21 23.58 -3.99
CA GLU C 298 23.50 22.44 -3.42
C GLU C 298 22.13 22.29 -4.05
N THR C 299 21.44 23.41 -4.30
CA THR C 299 20.16 23.39 -5.00
C THR C 299 20.33 22.91 -6.44
N LYS C 300 21.40 23.37 -7.09
CA LYS C 300 21.71 22.94 -8.46
C LYS C 300 21.96 21.43 -8.51
N CYS C 301 22.66 20.92 -7.50
CA CYS C 301 22.97 19.50 -7.42
C CYS C 301 21.71 18.68 -7.14
N THR C 302 20.81 19.22 -6.30
CA THR C 302 19.59 18.51 -5.95
C THR C 302 18.63 18.45 -7.14
N LEU C 303 18.46 19.56 -7.85
CA LEU C 303 17.53 19.60 -8.97
C LEU C 303 18.13 19.06 -10.27
N LYS C 304 19.44 18.75 -10.26
CA LYS C 304 20.18 18.24 -11.42
C LYS C 304 20.10 19.20 -12.60
N SER C 305 20.23 20.50 -12.33
CA SER C 305 20.18 21.51 -13.37
C SER C 305 21.10 22.66 -13.00
N PHE C 306 21.68 23.30 -14.02
CA PHE C 306 22.54 24.45 -13.78
C PHE C 306 21.75 25.74 -13.66
N THR C 307 20.48 25.73 -14.06
CA THR C 307 19.60 26.88 -13.89
C THR C 307 18.49 26.49 -12.93
N VAL C 308 18.30 27.29 -11.89
CA VAL C 308 17.30 27.05 -10.86
C VAL C 308 16.23 28.12 -10.98
N GLU C 309 14.98 27.68 -11.08
CA GLU C 309 13.87 28.62 -11.17
C GLU C 309 13.57 29.21 -9.80
N LYS C 310 12.75 30.26 -9.79
CA LYS C 310 12.39 30.93 -8.55
C LYS C 310 11.51 30.05 -7.69
N GLY C 311 11.85 29.93 -6.41
CA GLY C 311 11.06 29.16 -5.49
C GLY C 311 11.89 28.71 -4.31
N ILE C 312 11.28 27.82 -3.52
CA ILE C 312 11.92 27.22 -2.36
C ILE C 312 12.16 25.75 -2.66
N TYR C 313 13.35 25.25 -2.34
CA TYR C 313 13.72 23.88 -2.64
C TYR C 313 14.35 23.18 -1.44
N GLN C 314 13.80 22.02 -1.07
CA GLN C 314 14.36 21.21 0.01
C GLN C 314 15.63 20.53 -0.47
N THR C 315 16.77 20.88 0.15
CA THR C 315 18.07 20.38 -0.29
C THR C 315 18.65 19.26 0.57
N SER C 316 18.66 19.42 1.89
CA SER C 316 19.30 18.45 2.77
C SER C 316 18.69 18.55 4.15
N ASN C 317 19.21 17.76 5.09
CA ASN C 317 18.73 17.77 6.47
C ASN C 317 19.87 18.11 7.43
N PHE C 318 19.87 19.35 7.93
CA PHE C 318 20.81 19.78 8.95
C PHE C 318 20.67 18.95 10.22
N ARG C 319 21.79 18.48 10.75
CA ARG C 319 21.85 17.81 12.04
C ARG C 319 23.15 18.20 12.73
N VAL C 320 23.05 18.68 13.97
CA VAL C 320 24.25 19.08 14.70
C VAL C 320 25.00 17.83 15.14
N GLN C 321 26.32 17.82 14.93
CA GLN C 321 27.16 16.67 15.25
C GLN C 321 27.64 16.72 16.70
N PRO C 322 27.90 15.56 17.32
CA PRO C 322 28.40 15.57 18.70
C PRO C 322 29.83 16.10 18.79
N THR C 323 30.15 16.65 19.96
CA THR C 323 31.47 17.26 20.18
C THR C 323 32.48 16.32 20.82
N GLU C 324 32.07 15.48 21.77
CA GLU C 324 33.00 14.53 22.38
C GLU C 324 32.22 13.32 22.87
N SER C 325 32.92 12.21 23.00
CA SER C 325 32.32 10.96 23.45
C SER C 325 32.51 10.79 24.95
N ILE C 326 31.42 10.54 25.66
CA ILE C 326 31.45 10.26 27.10
C ILE C 326 31.05 8.81 27.32
N VAL C 327 31.91 8.07 28.02
CA VAL C 327 31.65 6.68 28.38
C VAL C 327 31.42 6.64 29.88
N ARG C 328 30.26 6.13 30.29
CA ARG C 328 29.96 5.98 31.72
C ARG C 328 29.78 4.50 32.03
N PHE C 329 30.64 3.97 32.90
CA PHE C 329 30.64 2.59 33.35
C PHE C 329 30.69 2.61 34.86
N PRO C 330 30.24 1.54 35.53
CA PRO C 330 30.36 1.46 36.99
C PRO C 330 31.82 1.52 37.45
N ASN C 331 32.06 2.30 38.51
CA ASN C 331 33.42 2.53 39.00
C ASN C 331 34.11 1.28 39.55
N ILE C 332 33.34 0.25 39.92
CA ILE C 332 33.80 -1.05 40.44
C ILE C 332 35.03 -1.60 39.69
N THR C 333 36.00 -2.13 40.45
CA THR C 333 37.23 -2.64 39.85
C THR C 333 37.61 -4.00 40.47
N ASN C 334 36.75 -4.98 40.25
CA ASN C 334 36.99 -6.36 40.68
C ASN C 334 37.14 -7.23 39.44
N LEU C 335 38.28 -7.88 39.28
CA LEU C 335 38.49 -8.67 38.08
C LEU C 335 37.61 -9.92 38.09
N CYS C 336 37.23 -10.38 36.90
CA CYS C 336 36.32 -11.53 36.92
C CYS C 336 37.11 -12.82 37.03
N PRO C 337 36.63 -13.82 37.78
CA PRO C 337 37.42 -15.06 37.95
C PRO C 337 37.31 -15.99 36.75
N PHE C 338 37.93 -15.57 35.63
CA PHE C 338 38.06 -16.45 34.48
C PHE C 338 39.14 -17.50 34.70
N GLY C 339 40.13 -17.22 35.55
CA GLY C 339 41.15 -18.21 35.86
C GLY C 339 40.63 -19.40 36.62
N GLU C 340 39.55 -19.22 37.39
CA GLU C 340 38.87 -20.32 38.05
C GLU C 340 37.99 -21.13 37.11
N VAL C 341 37.74 -20.64 35.89
CA VAL C 341 36.90 -21.34 34.93
C VAL C 341 37.76 -22.03 33.88
N PHE C 342 38.59 -21.26 33.17
CA PHE C 342 39.38 -21.83 32.09
C PHE C 342 40.56 -22.66 32.59
N ASN C 343 41.24 -22.20 33.64
CA ASN C 343 42.43 -22.87 34.14
C ASN C 343 42.14 -23.77 35.34
N ALA C 344 40.93 -24.32 35.41
CA ALA C 344 40.60 -25.27 36.47
C ALA C 344 41.29 -26.61 36.21
N THR C 345 41.60 -27.32 37.30
CA THR C 345 42.27 -28.61 37.15
C THR C 345 41.33 -29.69 36.63
N ARG C 346 40.07 -29.68 37.08
CA ARG C 346 39.11 -30.71 36.73
C ARG C 346 37.86 -30.09 36.11
N PHE C 347 37.38 -30.69 35.03
CA PHE C 347 36.08 -30.38 34.46
C PHE C 347 35.14 -31.56 34.61
N ALA C 348 33.86 -31.26 34.78
CA ALA C 348 32.84 -32.30 34.84
C ALA C 348 32.52 -32.79 33.43
N SER C 349 31.79 -33.90 33.37
CA SER C 349 31.42 -34.49 32.10
C SER C 349 30.31 -33.66 31.44
N VAL C 350 30.06 -33.98 30.16
CA VAL C 350 29.08 -33.20 29.39
C VAL C 350 27.65 -33.51 29.82
N TYR C 351 27.39 -34.68 30.39
CA TYR C 351 26.05 -34.98 30.90
C TYR C 351 25.77 -34.21 32.19
N ALA C 352 26.80 -33.84 32.93
CA ALA C 352 26.68 -33.12 34.20
C ALA C 352 27.55 -31.87 34.18
N TRP C 353 27.39 -31.06 33.12
CA TRP C 353 28.26 -29.91 32.85
C TRP C 353 28.18 -28.86 33.95
N ASN C 354 29.33 -28.23 34.24
CA ASN C 354 29.40 -27.29 35.34
C ASN C 354 28.97 -25.91 34.90
N ARG C 355 28.10 -25.27 35.69
CA ARG C 355 27.60 -23.94 35.41
C ARG C 355 28.04 -23.01 36.51
N LYS C 356 28.72 -21.93 36.15
CA LYS C 356 29.18 -20.94 37.11
C LYS C 356 28.58 -19.61 36.72
N ARG C 357 27.93 -18.95 37.66
CA ARG C 357 27.37 -17.63 37.41
C ARG C 357 28.44 -16.59 37.70
N ILE C 358 28.73 -15.75 36.72
CA ILE C 358 29.73 -14.69 36.85
C ILE C 358 29.01 -13.35 36.88
N SER C 359 29.18 -12.62 37.97
CA SER C 359 28.50 -11.34 38.14
C SER C 359 29.29 -10.47 39.11
N ASN C 360 29.01 -9.17 39.04
CA ASN C 360 29.59 -8.14 39.91
C ASN C 360 31.12 -8.12 39.81
N CYS C 361 31.62 -8.00 38.58
CA CYS C 361 33.05 -7.93 38.35
C CYS C 361 33.30 -7.32 36.98
N VAL C 362 34.53 -6.88 36.75
CA VAL C 362 34.97 -6.35 35.47
C VAL C 362 35.67 -7.44 34.69
N ALA C 363 35.12 -7.76 33.51
CA ALA C 363 35.61 -8.87 32.69
C ALA C 363 36.56 -8.36 31.62
N ASP C 364 37.80 -8.84 31.64
CA ASP C 364 38.82 -8.45 30.69
C ASP C 364 38.85 -9.55 29.63
N TYR C 365 38.12 -9.34 28.54
CA TYR C 365 38.01 -10.36 27.49
C TYR C 365 39.21 -10.40 26.56
N SER C 366 40.05 -9.35 26.57
CA SER C 366 41.16 -9.26 25.62
C SER C 366 42.26 -10.28 25.89
N VAL C 367 42.31 -10.85 27.10
CA VAL C 367 43.25 -11.94 27.38
C VAL C 367 42.72 -13.29 26.92
N LEU C 368 41.49 -13.35 26.44
CA LEU C 368 40.92 -14.60 25.94
C LEU C 368 41.15 -14.79 24.45
N TYR C 369 40.80 -13.77 23.66
CA TYR C 369 40.89 -13.90 22.20
C TYR C 369 42.33 -13.88 21.74
N ASN C 370 43.18 -13.07 22.39
CA ASN C 370 44.57 -12.97 21.99
C ASN C 370 45.42 -14.12 22.50
N SER C 371 44.88 -14.98 23.36
CA SER C 371 45.58 -16.19 23.75
C SER C 371 45.55 -17.20 22.61
N ALA C 372 46.71 -17.79 22.31
CA ALA C 372 46.84 -18.73 21.22
C ALA C 372 46.53 -20.17 21.62
N SER C 373 46.08 -20.38 22.86
CA SER C 373 45.80 -21.74 23.33
C SER C 373 44.49 -22.28 22.77
N PHE C 374 43.50 -21.41 22.56
CA PHE C 374 42.16 -21.84 22.17
C PHE C 374 42.12 -22.11 20.67
N SER C 375 41.80 -23.36 20.30
CA SER C 375 41.67 -23.70 18.89
C SER C 375 40.35 -23.19 18.30
N THR C 376 39.27 -23.23 19.08
CA THR C 376 37.96 -22.79 18.63
C THR C 376 37.52 -21.62 19.48
N PHE C 377 37.23 -20.49 18.83
CA PHE C 377 36.68 -19.30 19.49
C PHE C 377 35.58 -18.78 18.57
N LYS C 378 34.36 -19.27 18.77
CA LYS C 378 33.24 -18.92 17.90
C LYS C 378 32.15 -18.25 18.72
N CYS C 379 31.87 -16.99 18.41
CA CYS C 379 30.90 -16.21 19.17
C CYS C 379 29.66 -15.95 18.30
N TYR C 380 28.50 -16.21 18.87
CA TYR C 380 27.22 -16.06 18.19
C TYR C 380 26.45 -14.93 18.84
N GLY C 381 26.00 -13.97 18.02
CA GLY C 381 25.25 -12.84 18.52
C GLY C 381 26.09 -11.71 19.06
N VAL C 382 27.41 -11.86 19.07
CA VAL C 382 28.33 -10.82 19.54
C VAL C 382 29.66 -11.03 18.83
N SER C 383 30.32 -9.93 18.46
CA SER C 383 31.68 -10.07 17.94
C SER C 383 32.67 -10.21 19.09
N PRO C 384 33.71 -11.04 18.92
CA PRO C 384 34.66 -11.25 20.03
C PRO C 384 35.53 -10.04 20.29
N THR C 385 35.80 -9.23 19.28
CA THR C 385 36.57 -8.01 19.44
C THR C 385 35.81 -6.97 20.26
N LYS C 386 34.50 -6.92 20.09
CA LYS C 386 33.65 -5.94 20.78
C LYS C 386 33.30 -6.35 22.20
N LEU C 387 33.78 -7.52 22.67
CA LEU C 387 33.41 -8.03 23.99
C LEU C 387 33.91 -7.14 25.11
N ASN C 388 34.98 -6.38 24.87
CA ASN C 388 35.47 -5.43 25.87
C ASN C 388 34.60 -4.17 25.96
N ASP C 389 33.88 -3.82 24.90
CA ASP C 389 33.15 -2.57 24.85
C ASP C 389 31.74 -2.66 25.43
N LEU C 390 31.25 -3.86 25.72
CA LEU C 390 29.88 -4.08 26.16
C LEU C 390 29.79 -4.45 27.63
N CYS C 391 28.69 -4.03 28.25
CA CYS C 391 28.36 -4.38 29.61
C CYS C 391 27.25 -5.42 29.56
N PHE C 392 27.47 -6.57 30.20
CA PHE C 392 26.52 -7.66 30.19
C PHE C 392 25.83 -7.81 31.54
N THR C 393 24.82 -8.66 31.55
CA THR C 393 24.23 -9.18 32.77
C THR C 393 23.94 -10.66 32.61
N ASN C 394 23.98 -11.36 33.73
CA ASN C 394 23.75 -12.80 33.87
C ASN C 394 24.69 -13.62 32.98
N VAL C 395 25.99 -13.42 33.18
CA VAL C 395 26.98 -14.19 32.45
C VAL C 395 27.07 -15.58 33.07
N TYR C 396 27.03 -16.60 32.23
CA TYR C 396 27.09 -17.99 32.65
C TYR C 396 28.27 -18.64 31.97
N ALA C 397 29.07 -19.41 32.73
CA ALA C 397 30.18 -20.16 32.18
C ALA C 397 29.85 -21.64 32.31
N ASP C 398 29.75 -22.33 31.19
CA ASP C 398 29.42 -23.75 31.16
C ASP C 398 30.66 -24.52 30.72
N SER C 399 31.18 -25.35 31.61
CA SER C 399 32.44 -26.05 31.36
C SER C 399 32.18 -27.55 31.30
N PHE C 400 32.77 -28.21 30.29
CA PHE C 400 32.69 -29.65 30.13
C PHE C 400 33.82 -30.10 29.19
N VAL C 401 33.87 -31.40 28.92
CA VAL C 401 34.90 -32.01 28.10
C VAL C 401 34.22 -32.93 27.09
N ILE C 402 34.50 -32.70 25.80
CA ILE C 402 33.95 -33.53 24.72
C ILE C 402 35.09 -33.86 23.76
N ARG C 403 34.85 -34.86 22.90
CA ARG C 403 35.88 -35.26 21.97
C ARG C 403 35.92 -34.33 20.76
N GLY C 404 36.82 -34.64 19.81
CA GLY C 404 37.28 -33.65 18.85
C GLY C 404 36.26 -33.26 17.81
N ASP C 405 35.57 -34.23 17.23
CA ASP C 405 34.64 -33.93 16.14
C ASP C 405 33.26 -33.50 16.63
N GLU C 406 33.06 -33.43 17.95
CA GLU C 406 31.81 -32.98 18.54
C GLU C 406 31.83 -31.51 18.91
N VAL C 407 32.97 -30.82 18.71
CA VAL C 407 33.07 -29.39 18.98
C VAL C 407 32.16 -28.59 18.06
N ARG C 408 31.96 -29.08 16.83
CA ARG C 408 30.98 -28.47 15.93
C ARG C 408 29.54 -28.62 16.44
N GLN C 409 29.28 -29.58 17.32
CA GLN C 409 27.95 -29.73 17.89
C GLN C 409 27.65 -28.75 19.01
N ILE C 410 28.64 -28.00 19.49
CA ILE C 410 28.39 -26.91 20.45
C ILE C 410 28.17 -25.66 19.61
N ALA C 411 26.95 -25.53 19.11
CA ALA C 411 26.51 -24.44 18.24
C ALA C 411 24.99 -24.46 18.20
N PRO C 412 24.33 -23.34 17.96
CA PRO C 412 22.86 -23.36 17.79
C PRO C 412 22.46 -24.10 16.53
N GLY C 413 21.45 -24.94 16.66
CA GLY C 413 20.92 -25.63 15.51
C GLY C 413 21.63 -26.87 15.05
N GLN C 414 22.47 -27.47 15.88
CA GLN C 414 23.19 -28.68 15.53
C GLN C 414 22.48 -29.90 16.08
N THR C 415 22.72 -31.04 15.43
CA THR C 415 22.18 -32.31 15.85
C THR C 415 23.31 -33.27 16.20
N GLY C 416 22.97 -34.28 16.99
CA GLY C 416 23.95 -35.24 17.45
C GLY C 416 23.57 -35.72 18.84
N LYS C 417 24.46 -36.52 19.42
CA LYS C 417 24.20 -37.04 20.77
C LYS C 417 24.33 -35.94 21.81
N ILE C 418 25.32 -35.06 21.66
CA ILE C 418 25.58 -34.02 22.64
C ILE C 418 24.48 -32.96 22.61
N ALA C 419 24.04 -32.59 21.40
CA ALA C 419 23.02 -31.55 21.29
C ALA C 419 21.66 -32.05 21.75
N ASP C 420 21.31 -33.29 21.42
CA ASP C 420 20.00 -33.81 21.82
C ASP C 420 19.95 -34.21 23.29
N TYR C 421 20.91 -35.02 23.75
CA TYR C 421 20.79 -35.67 25.04
C TYR C 421 21.75 -35.15 26.10
N ASN C 422 22.74 -34.32 25.75
CA ASN C 422 23.73 -33.91 26.74
C ASN C 422 23.73 -32.41 27.01
N TYR C 423 23.83 -31.59 25.96
CA TYR C 423 23.92 -30.14 26.14
C TYR C 423 23.31 -29.47 24.92
N LYS C 424 22.19 -28.79 25.12
CA LYS C 424 21.47 -28.13 24.02
C LYS C 424 21.59 -26.63 24.17
N LEU C 425 22.01 -25.96 23.10
CA LEU C 425 22.05 -24.50 22.99
C LEU C 425 20.77 -24.02 22.30
N PRO C 426 20.21 -22.89 22.74
CA PRO C 426 18.99 -22.39 22.10
C PRO C 426 19.29 -21.80 20.72
N ASP C 427 18.21 -21.62 19.95
CA ASP C 427 18.34 -21.02 18.63
C ASP C 427 18.69 -19.54 18.72
N ASP C 428 18.21 -18.86 19.77
CA ASP C 428 18.48 -17.45 20.00
C ASP C 428 19.68 -17.23 20.92
N PHE C 429 20.67 -18.12 20.87
CA PHE C 429 21.79 -18.06 21.79
C PHE C 429 22.72 -16.90 21.44
N THR C 430 23.05 -16.10 22.45
CA THR C 430 24.12 -15.12 22.36
C THR C 430 25.20 -15.46 23.37
N GLY C 431 26.44 -15.38 22.93
CA GLY C 431 27.56 -15.79 23.75
C GLY C 431 28.71 -16.28 22.89
N CYS C 432 29.59 -17.05 23.53
CA CYS C 432 30.81 -17.51 22.89
C CYS C 432 31.09 -18.95 23.28
N VAL C 433 31.50 -19.76 22.30
CA VAL C 433 31.93 -21.13 22.52
C VAL C 433 33.45 -21.16 22.34
N ILE C 434 34.15 -21.58 23.38
CA ILE C 434 35.61 -21.62 23.41
C ILE C 434 36.01 -23.06 23.68
N ALA C 435 36.88 -23.60 22.84
CA ALA C 435 37.28 -25.00 22.98
C ALA C 435 38.75 -25.15 22.63
N TRP C 436 39.46 -25.94 23.43
CA TRP C 436 40.87 -26.17 23.20
C TRP C 436 41.23 -27.62 23.50
N ASN C 437 42.28 -28.10 22.82
CA ASN C 437 42.75 -29.47 23.02
C ASN C 437 43.38 -29.64 24.40
N SER C 438 43.01 -30.72 25.07
CA SER C 438 43.54 -31.05 26.39
C SER C 438 43.92 -32.52 26.45
N ASN C 439 44.66 -32.97 25.43
CA ASN C 439 45.09 -34.37 25.39
C ASN C 439 46.16 -34.64 26.44
N ASN C 440 47.04 -33.69 26.70
CA ASN C 440 48.09 -33.86 27.68
C ASN C 440 47.66 -33.64 29.13
N LEU C 441 46.38 -33.32 29.38
CA LEU C 441 45.84 -33.39 30.73
C LEU C 441 44.77 -34.46 30.92
N ASP C 442 43.96 -34.75 29.91
CA ASP C 442 42.78 -35.57 30.09
C ASP C 442 42.89 -36.95 29.44
N SER C 443 44.10 -37.39 29.08
CA SER C 443 44.29 -38.71 28.51
C SER C 443 45.34 -39.47 29.31
N LYS C 444 45.04 -40.74 29.59
CA LYS C 444 45.97 -41.63 30.27
C LYS C 444 46.26 -42.80 29.35
N VAL C 445 47.47 -43.36 29.48
CA VAL C 445 47.97 -44.35 28.52
C VAL C 445 47.16 -45.65 28.60
N GLY C 446 46.66 -46.00 29.79
CA GLY C 446 45.73 -47.10 29.92
C GLY C 446 44.31 -46.77 29.51
N GLY C 447 43.98 -45.49 29.42
CA GLY C 447 42.63 -45.06 29.10
C GLY C 447 42.00 -44.24 30.22
N ASN C 448 41.61 -43.01 29.90
CA ASN C 448 40.94 -42.14 30.86
C ASN C 448 39.44 -42.38 30.78
N TYR C 449 38.81 -42.55 31.95
CA TYR C 449 37.38 -42.88 32.00
C TYR C 449 36.60 -41.95 32.93
N ASN C 450 37.13 -40.75 33.21
CA ASN C 450 36.44 -39.81 34.08
C ASN C 450 35.38 -38.99 33.37
N TYR C 451 35.24 -39.12 32.06
CA TYR C 451 34.35 -38.28 31.26
C TYR C 451 33.29 -39.13 30.60
N LEU C 452 32.02 -38.73 30.77
CA LEU C 452 30.87 -39.49 30.30
C LEU C 452 30.01 -38.64 29.38
N TYR C 453 29.26 -39.33 28.52
CA TYR C 453 28.21 -38.72 27.72
C TYR C 453 26.98 -39.61 27.74
N ARG C 454 25.80 -38.99 27.76
CA ARG C 454 24.55 -39.72 27.72
C ARG C 454 24.28 -40.22 26.30
N LEU C 455 23.99 -41.52 26.17
CA LEU C 455 23.83 -42.12 24.86
C LEU C 455 22.40 -42.03 24.34
N PHE C 456 21.40 -42.05 25.22
CA PHE C 456 20.02 -42.08 24.77
C PHE C 456 19.12 -41.43 25.81
N ARG C 457 18.12 -40.69 25.33
CA ARG C 457 17.06 -40.14 26.17
C ARG C 457 15.75 -40.30 25.41
N LYS C 458 14.64 -40.30 26.15
CA LYS C 458 13.32 -40.48 25.55
C LYS C 458 12.97 -39.31 24.63
N SER C 459 13.31 -38.08 25.03
CA SER C 459 13.09 -36.90 24.22
C SER C 459 14.35 -36.05 24.22
N ASN C 460 14.41 -35.10 23.28
CA ASN C 460 15.51 -34.15 23.26
C ASN C 460 15.42 -33.21 24.47
N LEU C 461 16.58 -32.73 24.91
CA LEU C 461 16.63 -31.77 26.00
C LEU C 461 16.07 -30.41 25.58
N LYS C 462 15.53 -29.69 26.55
CA LYS C 462 15.32 -28.27 26.41
C LYS C 462 16.65 -27.54 26.45
N PRO C 463 16.74 -26.34 25.85
CA PRO C 463 17.98 -25.57 25.92
C PRO C 463 18.36 -25.19 27.35
N PHE C 464 19.67 -25.33 27.65
CA PHE C 464 20.25 -25.12 28.98
C PHE C 464 19.57 -25.97 30.06
N GLU C 465 19.35 -27.24 29.74
CA GLU C 465 18.78 -28.19 30.68
C GLU C 465 19.79 -29.29 30.98
N ARG C 466 19.96 -29.59 32.26
CA ARG C 466 20.97 -30.54 32.73
C ARG C 466 20.28 -31.84 33.12
N ASP C 467 20.79 -32.96 32.63
CA ASP C 467 20.25 -34.28 32.97
C ASP C 467 21.32 -35.08 33.70
N ILE C 468 21.38 -34.93 35.03
CA ILE C 468 22.22 -35.78 35.86
C ILE C 468 21.51 -37.05 36.27
N SER C 469 20.24 -37.22 35.89
CA SER C 469 19.46 -38.39 36.29
C SER C 469 19.89 -39.60 35.46
N THR C 470 20.42 -40.61 36.12
CA THR C 470 20.81 -41.87 35.50
C THR C 470 19.74 -42.93 35.79
N GLU C 471 18.98 -43.29 34.76
CA GLU C 471 17.84 -44.18 34.91
C GLU C 471 17.93 -45.32 33.91
N ILE C 472 17.60 -46.52 34.39
CA ILE C 472 17.58 -47.70 33.53
C ILE C 472 16.42 -47.58 32.54
N TYR C 473 16.70 -47.82 31.26
CA TYR C 473 15.70 -47.70 30.22
C TYR C 473 15.63 -49.00 29.41
N GLN C 474 14.50 -49.19 28.74
CA GLN C 474 14.15 -50.44 28.09
C GLN C 474 14.70 -50.49 26.66
N ALA C 475 14.38 -51.56 25.95
CA ALA C 475 14.90 -51.78 24.61
C ALA C 475 13.81 -51.89 23.55
N GLY C 476 12.64 -52.42 23.88
CA GLY C 476 11.58 -52.59 22.91
C GLY C 476 10.95 -53.96 22.94
N SER C 477 9.61 -53.99 23.07
CA SER C 477 8.71 -55.14 22.97
C SER C 477 8.85 -56.13 24.13
N THR C 478 9.79 -55.92 25.05
CA THR C 478 9.93 -56.70 26.27
C THR C 478 10.26 -55.69 27.37
N PRO C 479 9.57 -55.73 28.50
CA PRO C 479 9.84 -54.76 29.57
C PRO C 479 11.11 -55.11 30.34
N CYS C 480 11.54 -54.17 31.18
CA CYS C 480 12.73 -54.36 32.01
C CYS C 480 12.33 -54.86 33.39
N ASN C 481 11.64 -56.00 33.41
CA ASN C 481 11.19 -56.60 34.65
C ASN C 481 12.24 -57.59 35.17
N GLY C 482 13.43 -57.06 35.42
CA GLY C 482 14.57 -57.88 35.77
C GLY C 482 15.40 -58.30 34.56
N VAL C 483 16.12 -59.41 34.77
CA VAL C 483 16.97 -60.00 33.73
C VAL C 483 16.13 -60.59 32.59
N GLU C 484 14.87 -60.94 32.86
CA GLU C 484 14.11 -61.90 32.06
C GLU C 484 13.88 -61.42 30.63
N GLY C 485 13.64 -60.13 30.44
CA GLY C 485 13.45 -59.57 29.12
C GLY C 485 14.76 -59.36 28.37
N PHE C 486 14.68 -58.54 27.32
CA PHE C 486 15.88 -58.01 26.69
C PHE C 486 16.63 -57.13 27.68
N ASN C 487 17.94 -57.39 27.80
CA ASN C 487 18.72 -56.82 28.89
C ASN C 487 18.87 -55.31 28.72
N CYS C 488 18.88 -54.61 29.85
CA CYS C 488 18.47 -53.22 29.90
C CYS C 488 19.66 -52.30 29.63
N TYR C 489 19.50 -51.41 28.66
CA TYR C 489 20.60 -50.56 28.21
C TYR C 489 20.90 -49.46 29.23
N PHE C 490 22.18 -49.10 29.32
CA PHE C 490 22.59 -48.04 30.24
C PHE C 490 22.80 -46.74 29.49
N PRO C 491 22.35 -45.59 30.03
CA PRO C 491 22.42 -44.33 29.25
C PRO C 491 23.80 -43.69 29.15
N LEU C 492 24.64 -43.82 30.16
CA LEU C 492 25.91 -43.08 30.22
C LEU C 492 27.05 -43.97 29.74
N GLN C 493 27.75 -43.52 28.70
CA GLN C 493 28.95 -44.19 28.22
C GLN C 493 30.16 -43.29 28.46
N SER C 494 31.27 -43.90 28.85
CA SER C 494 32.49 -43.13 29.07
C SER C 494 33.30 -43.03 27.79
N TYR C 495 33.93 -41.87 27.60
CA TYR C 495 34.85 -41.66 26.50
C TYR C 495 36.12 -42.49 26.68
N GLY C 496 36.58 -43.10 25.61
CA GLY C 496 37.89 -43.74 25.62
C GLY C 496 38.98 -42.77 25.24
N PHE C 497 39.57 -42.12 26.24
CA PHE C 497 40.68 -41.19 26.05
C PHE C 497 42.01 -41.88 26.28
N GLN C 498 42.75 -42.12 25.20
CA GLN C 498 44.16 -42.48 25.23
C GLN C 498 44.94 -41.46 24.42
N PRO C 499 46.20 -41.17 24.79
CA PRO C 499 46.97 -40.18 24.03
C PRO C 499 47.40 -40.65 22.64
N THR C 500 47.33 -41.96 22.36
CA THR C 500 47.64 -42.49 21.05
C THR C 500 46.48 -42.37 20.06
N ASN C 501 45.30 -41.97 20.53
CA ASN C 501 44.17 -41.72 19.65
C ASN C 501 44.42 -40.53 18.73
N GLY C 502 43.91 -40.63 17.51
CA GLY C 502 44.04 -39.60 16.51
C GLY C 502 43.21 -38.37 16.84
N VAL C 503 43.48 -37.29 16.11
CA VAL C 503 42.73 -36.05 16.29
C VAL C 503 41.29 -36.26 15.82
N GLY C 504 40.34 -35.76 16.62
CA GLY C 504 38.93 -36.03 16.44
C GLY C 504 38.36 -36.88 17.55
N TYR C 505 39.20 -37.73 18.15
CA TYR C 505 38.87 -38.53 19.32
C TYR C 505 39.51 -37.99 20.59
N GLN C 506 40.46 -37.06 20.46
CA GLN C 506 41.20 -36.53 21.59
C GLN C 506 40.30 -35.63 22.45
N PRO C 507 40.59 -35.51 23.74
CA PRO C 507 39.77 -34.64 24.60
C PRO C 507 39.95 -33.17 24.28
N TYR C 508 38.82 -32.47 24.20
CA TYR C 508 38.75 -31.03 24.03
C TYR C 508 37.91 -30.44 25.17
N ARG C 509 38.48 -29.46 25.86
CA ARG C 509 37.78 -28.76 26.92
C ARG C 509 36.97 -27.62 26.30
N VAL C 510 35.70 -27.52 26.68
CA VAL C 510 34.77 -26.53 26.15
C VAL C 510 34.22 -25.68 27.28
N VAL C 511 34.33 -24.37 27.13
CA VAL C 511 33.68 -23.39 27.99
C VAL C 511 32.76 -22.53 27.12
N VAL C 512 31.50 -22.46 27.51
CA VAL C 512 30.49 -21.68 26.81
C VAL C 512 30.08 -20.51 27.70
N LEU C 513 30.32 -19.29 27.24
CA LEU C 513 29.88 -18.10 27.93
C LEU C 513 28.55 -17.65 27.35
N SER C 514 27.57 -17.41 28.23
CA SER C 514 26.23 -17.00 27.83
C SER C 514 25.86 -15.71 28.53
N PHE C 515 25.30 -14.77 27.79
CA PHE C 515 25.01 -13.44 28.32
C PHE C 515 23.53 -13.14 28.23
N GLU C 516 23.15 -12.01 28.81
CA GLU C 516 21.86 -11.39 28.60
C GLU C 516 22.12 -9.92 28.35
N LEU C 517 21.50 -9.38 27.30
CA LEU C 517 21.89 -8.09 26.75
C LEU C 517 21.01 -6.96 27.30
N LEU C 518 21.44 -6.42 28.45
CA LEU C 518 21.06 -5.11 28.98
C LEU C 518 19.55 -5.00 29.20
N HIS C 519 19.07 -5.83 30.13
CA HIS C 519 17.68 -5.84 30.54
C HIS C 519 17.49 -5.49 32.00
N ALA C 520 18.51 -5.68 32.82
CA ALA C 520 18.53 -5.36 34.24
C ALA C 520 19.66 -4.35 34.48
N PRO C 521 19.79 -3.78 35.69
CA PRO C 521 21.04 -3.08 36.04
C PRO C 521 22.26 -4.01 35.94
N ALA C 522 23.12 -3.72 34.97
CA ALA C 522 24.17 -4.67 34.59
C ALA C 522 25.28 -4.69 35.63
N THR C 523 25.91 -5.86 35.76
CA THR C 523 26.99 -6.07 36.71
C THR C 523 28.33 -6.41 36.07
N VAL C 524 28.34 -7.03 34.89
CA VAL C 524 29.56 -7.43 34.20
C VAL C 524 29.84 -6.41 33.10
N CYS C 525 30.97 -5.72 33.22
CA CYS C 525 31.36 -4.64 32.32
C CYS C 525 32.81 -4.80 31.90
N GLY C 526 33.14 -4.22 30.75
CA GLY C 526 34.50 -4.27 30.25
C GLY C 526 35.41 -3.25 30.90
N PRO C 527 36.70 -3.32 30.56
CA PRO C 527 37.71 -2.48 31.23
C PRO C 527 37.61 -0.98 31.02
N LYS C 528 36.81 -0.49 30.06
CA LYS C 528 36.77 0.92 29.65
C LYS C 528 36.63 1.91 30.81
N LYS C 529 37.42 2.98 30.74
CA LYS C 529 37.48 3.98 31.81
C LYS C 529 36.32 4.97 31.71
N SER C 530 35.70 5.25 32.85
CA SER C 530 34.53 6.12 32.87
C SER C 530 34.95 7.58 32.69
N THR C 531 34.25 8.30 31.83
CA THR C 531 34.53 9.70 31.54
C THR C 531 33.64 10.55 32.45
N ASN C 532 33.90 11.86 32.51
CA ASN C 532 33.07 12.79 33.26
C ASN C 532 31.81 13.10 32.44
N LEU C 533 30.80 13.66 33.12
CA LEU C 533 29.52 13.97 32.49
C LEU C 533 29.46 15.45 32.14
N VAL C 534 28.96 15.76 30.94
CA VAL C 534 28.79 17.12 30.46
C VAL C 534 27.31 17.41 30.21
N LYS C 535 26.86 18.58 30.66
CA LYS C 535 25.47 18.99 30.57
C LYS C 535 25.22 19.88 29.36
N ASN C 536 24.00 19.76 28.80
CA ASN C 536 23.47 20.63 27.73
C ASN C 536 24.32 20.68 26.46
N LYS C 537 25.02 19.60 26.12
CA LYS C 537 25.77 19.59 24.87
C LYS C 537 25.54 18.28 24.12
N CYS C 538 25.61 18.37 22.79
CA CYS C 538 25.38 17.20 21.96
C CYS C 538 26.59 16.29 22.05
N VAL C 539 26.38 15.08 22.61
CA VAL C 539 27.45 14.11 22.78
C VAL C 539 26.98 12.75 22.32
N ASN C 540 27.95 11.92 21.95
CA ASN C 540 27.71 10.53 21.61
C ASN C 540 28.13 9.73 22.84
N PHE C 541 27.13 9.27 23.58
CA PHE C 541 27.32 8.64 24.88
C PHE C 541 27.25 7.12 24.79
N ASN C 542 27.84 6.49 25.81
CA ASN C 542 27.84 5.04 25.98
C ASN C 542 27.61 4.78 27.46
N PHE C 543 26.37 4.46 27.82
CA PHE C 543 25.99 4.13 29.19
C PHE C 543 25.78 2.62 29.28
N ASN C 544 26.75 1.92 29.88
CA ASN C 544 26.70 0.46 30.13
C ASN C 544 26.41 -0.34 28.87
N GLY C 545 27.01 0.07 27.76
CA GLY C 545 26.81 -0.61 26.50
C GLY C 545 25.71 -0.03 25.65
N LEU C 546 24.91 0.89 26.19
CA LEU C 546 23.88 1.58 25.45
C LEU C 546 24.54 2.77 24.76
N THR C 547 24.48 2.79 23.43
CA THR C 547 25.18 3.82 22.67
C THR C 547 24.12 4.76 22.10
N GLY C 548 24.51 6.00 21.82
CA GLY C 548 23.57 6.93 21.22
C GLY C 548 24.12 8.34 21.20
N THR C 549 23.34 9.23 20.61
CA THR C 549 23.70 10.63 20.51
C THR C 549 22.57 11.49 21.03
N GLY C 550 22.91 12.50 21.82
CA GLY C 550 21.91 13.40 22.36
C GLY C 550 22.53 14.37 23.35
N VAL C 551 21.68 15.27 23.84
CA VAL C 551 22.06 16.23 24.87
C VAL C 551 21.56 15.71 26.21
N LEU C 552 22.45 15.68 27.19
CA LEU C 552 22.11 15.19 28.52
C LEU C 552 21.78 16.40 29.38
N THR C 553 20.56 16.43 29.91
CA THR C 553 20.08 17.56 30.70
C THR C 553 19.53 17.09 32.03
N GLU C 554 19.32 18.05 32.92
CA GLU C 554 18.71 17.77 34.20
C GLU C 554 17.25 17.40 33.97
N SER C 555 16.68 16.60 34.87
CA SER C 555 15.33 16.13 34.65
C SER C 555 14.51 16.24 35.92
N ASN C 556 13.19 16.23 35.74
CA ASN C 556 12.23 16.30 36.83
C ASN C 556 11.35 15.06 36.87
N LYS C 557 11.82 13.95 36.31
CA LYS C 557 11.07 12.71 36.28
C LYS C 557 11.37 11.93 37.55
N LYS C 558 10.34 11.68 38.36
CA LYS C 558 10.55 11.02 39.65
C LYS C 558 10.69 9.52 39.42
N PHE C 559 11.92 9.08 39.16
CA PHE C 559 12.19 7.67 38.95
C PHE C 559 12.08 6.92 40.27
N LEU C 560 11.53 5.72 40.21
CA LEU C 560 11.49 4.87 41.38
C LEU C 560 12.87 4.21 41.53
N PRO C 561 13.26 3.79 42.76
CA PRO C 561 14.63 3.25 42.98
C PRO C 561 15.04 2.11 42.06
N PHE C 562 14.14 1.18 41.75
CA PHE C 562 14.46 0.10 40.82
C PHE C 562 14.67 0.65 39.40
N GLN C 563 13.88 1.65 39.01
CA GLN C 563 13.87 2.17 37.65
C GLN C 563 15.21 2.80 37.28
N GLN C 564 15.72 2.46 36.10
CA GLN C 564 16.99 2.98 35.65
C GLN C 564 16.82 3.88 34.43
N PHE C 565 16.22 3.40 33.36
CA PHE C 565 16.10 4.20 32.16
C PHE C 565 14.63 4.34 31.78
N GLY C 566 14.40 5.08 30.71
CA GLY C 566 13.05 5.33 30.23
C GLY C 566 12.99 5.16 28.72
N ARG C 567 11.81 4.77 28.24
CA ARG C 567 11.64 4.48 26.82
C ARG C 567 10.42 5.20 26.29
N ASP C 568 10.52 5.67 25.05
CA ASP C 568 9.43 6.34 24.35
C ASP C 568 8.62 5.31 23.57
N ILE C 569 7.67 5.80 22.76
CA ILE C 569 6.82 4.93 21.96
C ILE C 569 7.65 4.13 20.96
N ALA C 570 8.66 4.76 20.38
CA ALA C 570 9.54 4.13 19.40
C ALA C 570 10.48 3.10 20.02
N ASP C 571 10.59 3.06 21.36
CA ASP C 571 11.40 2.22 22.26
C ASP C 571 12.82 2.78 22.39
N THR C 572 13.13 3.92 21.77
CA THR C 572 14.42 4.54 21.97
C THR C 572 14.50 5.15 23.36
N THR C 573 15.68 5.04 23.98
CA THR C 573 15.88 5.53 25.34
C THR C 573 15.77 7.05 25.39
N ASP C 574 14.96 7.56 26.34
CA ASP C 574 14.74 8.99 26.49
C ASP C 574 15.33 9.57 27.76
N ALA C 575 15.61 8.73 28.76
CA ALA C 575 16.23 9.15 30.00
C ALA C 575 17.06 7.97 30.50
N VAL C 576 18.08 8.25 31.29
CA VAL C 576 18.97 7.21 31.77
C VAL C 576 19.46 7.60 33.17
N ARG C 577 19.81 6.61 33.97
CA ARG C 577 20.38 6.86 35.28
C ARG C 577 21.87 6.55 35.17
N ASP C 578 22.71 7.54 35.44
CA ASP C 578 24.13 7.34 35.26
C ASP C 578 24.69 6.49 36.39
N PRO C 579 25.59 5.54 36.09
CA PRO C 579 26.28 4.84 37.17
C PRO C 579 27.21 5.77 37.92
N GLN C 580 27.71 5.27 39.06
CA GLN C 580 28.66 5.89 40.00
C GLN C 580 28.02 7.02 40.80
N THR C 581 27.18 7.85 40.17
CA THR C 581 26.61 9.01 40.83
C THR C 581 25.09 8.89 41.02
N LEU C 582 24.46 7.89 40.38
CA LEU C 582 23.06 7.50 40.51
C LEU C 582 22.06 8.59 40.09
N GLU C 583 22.53 9.69 39.50
CA GLU C 583 21.66 10.78 39.11
C GLU C 583 20.87 10.38 37.85
N ILE C 584 19.77 11.07 37.61
CA ILE C 584 18.89 10.80 36.48
C ILE C 584 19.08 11.91 35.43
N LEU C 585 19.62 11.52 34.28
CA LEU C 585 19.88 12.45 33.19
C LEU C 585 18.85 12.24 32.08
N ASP C 586 18.20 13.33 31.66
CA ASP C 586 17.28 13.26 30.54
C ASP C 586 18.08 13.30 29.24
N ILE C 587 17.65 12.54 28.26
CA ILE C 587 18.31 12.47 26.96
C ILE C 587 17.39 13.09 25.91
N THR C 588 17.80 14.21 25.35
CA THR C 588 16.99 14.88 24.36
C THR C 588 17.74 14.84 23.04
N PRO C 589 17.13 14.38 21.94
CA PRO C 589 17.85 14.28 20.66
C PRO C 589 18.36 15.63 20.18
N CYS C 590 19.54 15.62 19.57
CA CYS C 590 20.18 16.83 19.07
C CYS C 590 19.36 17.45 17.95
N SER C 591 19.42 18.78 17.86
CA SER C 591 18.64 19.55 16.89
C SER C 591 18.89 19.10 15.46
N PHE C 592 17.80 18.94 14.72
CA PHE C 592 17.86 18.56 13.31
C PHE C 592 16.64 19.12 12.61
N GLY C 593 16.72 19.15 11.29
CA GLY C 593 15.62 19.65 10.50
C GLY C 593 16.00 19.81 9.06
N GLY C 594 15.06 20.33 8.28
CA GLY C 594 15.20 20.40 6.84
C GLY C 594 15.77 21.74 6.42
N VAL C 595 16.68 21.72 5.46
CA VAL C 595 17.28 22.93 4.93
C VAL C 595 16.59 23.22 3.62
N SER C 596 16.01 24.40 3.49
CA SER C 596 15.38 24.83 2.26
C SER C 596 16.11 26.04 1.75
N VAL C 597 16.43 26.06 0.46
CA VAL C 597 17.14 27.17 -0.14
C VAL C 597 16.15 28.02 -0.91
N ILE C 598 15.84 29.18 -0.36
CA ILE C 598 14.96 30.14 -1.01
C ILE C 598 15.80 30.95 -1.98
N THR C 599 15.43 30.90 -3.25
CA THR C 599 16.18 31.64 -4.25
C THR C 599 15.25 32.16 -5.33
N PRO C 600 15.60 33.28 -5.96
CA PRO C 600 14.94 33.65 -7.21
C PRO C 600 15.57 32.88 -8.36
N GLY C 601 15.19 33.18 -9.60
CA GLY C 601 15.84 32.54 -10.72
C GLY C 601 17.31 32.91 -10.83
N THR C 602 18.10 31.96 -11.33
CA THR C 602 19.51 32.25 -11.61
C THR C 602 19.67 33.26 -12.74
N ASN C 603 18.65 33.43 -13.58
CA ASN C 603 18.63 34.51 -14.54
C ASN C 603 18.59 35.86 -13.84
N THR C 604 17.90 35.94 -12.70
CA THR C 604 17.77 37.21 -11.99
C THR C 604 18.96 37.46 -11.08
N SER C 605 19.24 36.54 -10.15
CA SER C 605 20.31 36.76 -9.18
C SER C 605 20.79 35.43 -8.65
N ASN C 606 21.98 35.44 -8.06
CA ASN C 606 22.57 34.27 -7.43
C ASN C 606 22.48 34.30 -5.91
N GLN C 607 21.85 35.32 -5.33
CA GLN C 607 21.69 35.40 -3.88
C GLN C 607 20.67 34.37 -3.40
N VAL C 608 20.98 33.71 -2.29
CA VAL C 608 20.07 32.72 -1.72
C VAL C 608 19.89 33.00 -0.23
N ALA C 609 18.80 32.47 0.32
CA ALA C 609 18.57 32.44 1.76
C ALA C 609 18.30 31.00 2.17
N VAL C 610 18.57 30.67 3.42
CA VAL C 610 18.38 29.31 3.90
C VAL C 610 17.38 29.29 5.05
N LEU C 611 16.48 28.32 5.01
CA LEU C 611 15.51 28.09 6.07
C LEU C 611 15.83 26.77 6.75
N TYR C 612 16.06 26.82 8.05
CA TYR C 612 16.24 25.63 8.87
C TYR C 612 14.88 25.38 9.52
N GLN C 613 14.19 24.35 9.06
CA GLN C 613 12.82 24.09 9.48
C GLN C 613 12.79 23.52 10.89
N GLY C 614 11.91 24.09 11.72
CA GLY C 614 11.71 23.62 13.09
C GLY C 614 12.94 23.75 13.96
N VAL C 615 13.82 24.70 13.66
CA VAL C 615 15.05 24.90 14.40
C VAL C 615 15.06 26.35 14.88
N ASN C 616 15.21 26.55 16.18
CA ASN C 616 15.32 27.89 16.74
C ASN C 616 16.65 28.49 16.31
N CYS C 617 16.67 29.83 16.22
CA CYS C 617 17.83 30.51 15.63
C CYS C 617 19.07 30.46 16.50
N THR C 618 18.95 30.11 17.77
CA THR C 618 20.10 30.09 18.67
C THR C 618 20.83 28.75 18.67
N GLU C 619 20.35 27.77 17.91
CA GLU C 619 20.99 26.47 17.78
C GLU C 619 21.45 26.21 16.35
N VAL C 620 21.85 27.26 15.64
CA VAL C 620 22.36 27.10 14.29
C VAL C 620 23.53 28.05 14.04
N ASN C 641 21.53 39.02 9.08
CA ASN C 641 20.20 38.76 8.55
C ASN C 641 19.64 37.46 9.11
N VAL C 642 19.35 37.46 10.40
CA VAL C 642 18.80 36.30 11.10
C VAL C 642 17.36 36.65 11.48
N PHE C 643 16.42 35.79 11.12
CA PHE C 643 15.02 36.05 11.45
C PHE C 643 14.35 34.77 11.91
N GLN C 644 13.68 34.83 13.04
CA GLN C 644 13.00 33.66 13.59
C GLN C 644 11.55 33.64 13.15
N THR C 645 11.17 32.60 12.42
CA THR C 645 9.80 32.38 11.99
C THR C 645 9.26 31.13 12.69
N ARG C 646 7.93 30.96 12.61
CA ARG C 646 7.32 29.74 13.11
C ARG C 646 7.75 28.54 12.26
N ALA C 647 7.99 28.77 10.96
CA ALA C 647 8.45 27.70 10.09
C ALA C 647 9.87 27.26 10.41
N GLY C 648 10.67 28.15 10.96
CA GLY C 648 12.04 27.84 11.33
C GLY C 648 12.87 29.10 11.31
N CYS C 649 14.18 28.90 11.35
CA CYS C 649 15.12 30.01 11.33
C CYS C 649 15.49 30.35 9.88
N LEU C 650 15.42 31.63 9.54
CA LEU C 650 15.69 32.08 8.18
C LEU C 650 16.95 32.94 8.21
N ILE C 651 17.95 32.54 7.43
CA ILE C 651 19.24 33.19 7.38
C ILE C 651 19.45 33.74 5.98
N GLY C 652 19.81 35.01 5.88
CA GLY C 652 20.11 35.63 4.61
C GLY C 652 19.00 36.48 4.02
N ALA C 653 17.82 36.49 4.64
CA ALA C 653 16.72 37.33 4.18
C ALA C 653 16.37 38.34 5.26
N GLU C 654 16.30 39.61 4.88
CA GLU C 654 15.96 40.67 5.83
C GLU C 654 14.45 40.74 6.00
N HIS C 655 14.01 40.92 7.24
CA HIS C 655 12.59 41.04 7.53
C HIS C 655 12.14 42.49 7.41
N VAL C 656 11.04 42.71 6.70
CA VAL C 656 10.48 44.03 6.51
C VAL C 656 9.09 44.06 7.15
N ASN C 657 8.66 45.25 7.54
CA ASN C 657 7.34 45.41 8.14
C ASN C 657 6.23 45.59 7.11
N ASN C 658 6.57 45.75 5.84
CA ASN C 658 5.58 45.97 4.81
C ASN C 658 5.02 44.63 4.34
N SER C 659 3.79 44.65 3.83
CA SER C 659 3.12 43.46 3.37
C SER C 659 2.95 43.51 1.85
N TYR C 660 3.36 42.43 1.18
CA TYR C 660 3.23 42.31 -0.26
C TYR C 660 2.56 40.99 -0.58
N GLU C 661 2.34 40.74 -1.87
CA GLU C 661 1.80 39.46 -2.31
C GLU C 661 2.87 38.38 -2.16
N CYS C 662 2.41 37.14 -1.99
CA CYS C 662 3.33 36.03 -1.76
C CYS C 662 4.03 35.67 -3.07
N ASP C 663 5.36 35.74 -3.07
CA ASP C 663 6.16 35.38 -4.23
C ASP C 663 6.76 34.00 -4.05
N ILE C 664 7.54 33.81 -2.99
CA ILE C 664 8.10 32.51 -2.64
C ILE C 664 7.53 32.15 -1.27
N PRO C 665 6.75 31.07 -1.15
CA PRO C 665 6.14 30.74 0.15
C PRO C 665 7.15 30.16 1.12
N ILE C 666 7.19 30.73 2.33
CA ILE C 666 8.03 30.21 3.40
C ILE C 666 7.20 29.39 4.37
N GLY C 667 6.05 29.93 4.77
CA GLY C 667 5.19 29.23 5.70
C GLY C 667 4.81 30.10 6.88
N ALA C 668 3.71 29.74 7.55
CA ALA C 668 3.18 30.45 8.72
C ALA C 668 2.91 31.91 8.42
N GLY C 669 2.40 32.18 7.22
CA GLY C 669 2.11 33.54 6.81
C GLY C 669 3.31 34.31 6.30
N ILE C 670 4.48 33.69 6.26
CA ILE C 670 5.71 34.34 5.85
C ILE C 670 5.99 33.96 4.41
N CYS C 671 6.32 34.97 3.60
CA CYS C 671 6.69 34.76 2.21
C CYS C 671 7.97 35.55 1.94
N ALA C 672 8.66 35.19 0.86
CA ALA C 672 9.92 35.82 0.50
C ALA C 672 9.86 36.34 -0.92
N SER C 673 10.66 37.37 -1.19
CA SER C 673 10.70 37.97 -2.52
C SER C 673 12.09 38.56 -2.74
N TYR C 674 12.35 38.98 -3.98
CA TYR C 674 13.57 39.67 -4.34
C TYR C 674 13.24 41.08 -4.78
N GLN C 675 13.93 42.06 -4.19
CA GLN C 675 13.76 43.45 -4.58
C GLN C 675 15.06 44.23 -4.46
N SER C 691 18.31 42.58 -2.76
CA SER C 691 18.36 41.63 -1.65
C SER C 691 17.05 40.86 -1.54
N ILE C 692 17.08 39.77 -0.77
CA ILE C 692 15.90 38.94 -0.55
C ILE C 692 15.22 39.41 0.73
N ILE C 693 13.94 39.73 0.63
CA ILE C 693 13.15 40.19 1.77
C ILE C 693 12.16 39.11 2.18
N ALA C 694 11.80 39.11 3.46
CA ALA C 694 10.80 38.23 4.03
C ALA C 694 9.73 39.09 4.69
N TYR C 695 8.48 38.71 4.51
CA TYR C 695 7.37 39.56 4.95
C TYR C 695 6.15 38.72 5.27
N THR C 696 5.19 39.34 5.94
CA THR C 696 3.89 38.74 6.13
C THR C 696 3.05 39.03 4.89
N MET C 697 2.50 37.99 4.29
CA MET C 697 1.83 38.13 3.00
C MET C 697 0.50 38.89 3.10
N SER C 698 0.30 39.80 2.17
CA SER C 698 -0.92 40.59 2.12
C SER C 698 -1.99 39.78 1.40
N LEU C 699 -3.15 39.60 2.05
CA LEU C 699 -4.22 38.82 1.45
C LEU C 699 -4.80 39.51 0.23
N GLY C 700 -4.92 40.83 0.27
CA GLY C 700 -5.38 41.58 -0.89
C GLY C 700 -5.60 43.03 -0.52
N ALA C 701 -6.07 43.78 -1.50
CA ALA C 701 -6.35 45.19 -1.28
C ALA C 701 -7.65 45.34 -0.52
N GLU C 702 -7.68 46.29 0.41
CA GLU C 702 -8.90 46.55 1.16
C GLU C 702 -9.92 47.28 0.30
N ASN C 703 -11.18 46.85 0.40
CA ASN C 703 -12.26 47.41 -0.41
C ASN C 703 -13.49 47.50 0.48
N SER C 704 -13.69 48.65 1.10
CA SER C 704 -14.87 48.86 1.93
C SER C 704 -16.03 49.21 1.01
N VAL C 705 -17.00 48.30 0.88
CA VAL C 705 -18.16 48.56 0.03
C VAL C 705 -19.05 49.57 0.73
N ALA C 706 -19.46 50.61 0.00
CA ALA C 706 -20.25 51.70 0.59
C ALA C 706 -21.69 51.23 0.76
N TYR C 707 -21.91 50.44 1.81
CA TYR C 707 -23.24 49.92 2.09
C TYR C 707 -24.07 50.95 2.82
N SER C 708 -25.31 51.10 2.39
CA SER C 708 -26.32 51.84 3.13
C SER C 708 -27.66 51.17 2.82
N ASN C 709 -28.67 51.52 3.61
CA ASN C 709 -29.94 50.82 3.53
C ASN C 709 -30.80 51.25 2.36
N ASN C 710 -30.42 52.28 1.60
CA ASN C 710 -31.27 52.74 0.50
C ASN C 710 -30.49 53.10 -0.76
N SER C 711 -29.26 52.62 -0.90
CA SER C 711 -28.43 52.91 -2.07
C SER C 711 -28.05 51.63 -2.79
N ILE C 712 -28.08 51.68 -4.11
CA ILE C 712 -27.72 50.54 -4.95
C ILE C 712 -26.70 51.01 -5.97
N ALA C 713 -25.89 50.09 -6.46
CA ALA C 713 -24.93 50.35 -7.52
C ALA C 713 -25.35 49.56 -8.75
N ILE C 714 -25.59 50.26 -9.85
CA ILE C 714 -26.08 49.67 -11.08
C ILE C 714 -25.01 49.83 -12.14
N PRO C 715 -24.62 48.76 -12.83
CA PRO C 715 -23.62 48.90 -13.90
C PRO C 715 -24.19 49.65 -15.10
N THR C 716 -23.34 50.50 -15.69
CA THR C 716 -23.71 51.24 -16.88
C THR C 716 -22.98 50.75 -18.12
N ASN C 717 -22.11 49.76 -17.98
CA ASN C 717 -21.30 49.27 -19.09
C ASN C 717 -20.87 47.85 -18.79
N PHE C 718 -20.18 47.23 -19.75
CA PHE C 718 -19.79 45.84 -19.60
C PHE C 718 -18.51 45.56 -20.36
N THR C 719 -17.84 44.50 -19.95
CA THR C 719 -16.63 44.00 -20.58
C THR C 719 -16.85 42.55 -20.98
N ILE C 720 -16.60 42.22 -22.24
CA ILE C 720 -16.66 40.85 -22.70
C ILE C 720 -15.27 40.26 -22.44
N SER C 721 -15.17 39.43 -21.41
CA SER C 721 -13.88 38.90 -20.95
C SER C 721 -13.74 37.44 -21.35
N VAL C 722 -12.63 37.11 -22.01
CA VAL C 722 -12.32 35.74 -22.36
C VAL C 722 -11.16 35.28 -21.50
N THR C 723 -11.35 34.16 -20.80
CA THR C 723 -10.33 33.60 -19.93
C THR C 723 -10.00 32.17 -20.37
N THR C 724 -8.82 31.70 -19.98
CA THR C 724 -8.36 30.37 -20.34
C THR C 724 -8.46 29.44 -19.15
N GLU C 725 -8.86 28.20 -19.40
CA GLU C 725 -8.82 27.14 -18.40
C GLU C 725 -8.18 25.91 -19.02
N ILE C 726 -7.04 25.49 -18.48
CA ILE C 726 -6.28 24.37 -19.02
C ILE C 726 -6.53 23.17 -18.13
N LEU C 727 -7.00 22.07 -18.72
CA LEU C 727 -7.30 20.86 -17.97
C LEU C 727 -6.61 19.67 -18.62
N PRO C 728 -5.77 18.93 -17.90
CA PRO C 728 -5.22 17.69 -18.46
C PRO C 728 -6.30 16.64 -18.62
N VAL C 729 -6.19 15.85 -19.68
CA VAL C 729 -7.19 14.85 -20.03
C VAL C 729 -6.62 13.44 -19.95
N SER C 730 -5.44 13.22 -20.53
CA SER C 730 -4.86 11.89 -20.61
C SER C 730 -3.38 11.95 -20.26
N MET C 731 -2.79 10.78 -20.04
CA MET C 731 -1.37 10.63 -19.82
C MET C 731 -0.76 9.83 -20.97
N THR C 732 0.55 9.68 -20.91
CA THR C 732 1.23 8.81 -21.86
C THR C 732 0.94 7.36 -21.51
N LYS C 733 0.49 6.58 -22.49
CA LYS C 733 0.16 5.18 -22.24
C LYS C 733 1.46 4.39 -22.23
N THR C 734 1.90 3.97 -21.05
CA THR C 734 3.15 3.24 -20.89
C THR C 734 2.86 1.80 -20.48
N SER C 735 3.58 0.87 -21.10
CA SER C 735 3.49 -0.54 -20.74
C SER C 735 4.88 -1.04 -20.40
N VAL C 736 4.98 -1.81 -19.32
CA VAL C 736 6.25 -2.35 -18.87
C VAL C 736 6.14 -3.87 -18.84
N ASP C 737 7.06 -4.54 -19.54
CA ASP C 737 7.16 -5.98 -19.48
C ASP C 737 7.88 -6.35 -18.19
N CYS C 738 7.13 -6.94 -17.25
CA CYS C 738 7.63 -7.21 -15.92
C CYS C 738 8.77 -8.22 -15.94
N THR C 739 8.63 -9.28 -16.75
CA THR C 739 9.68 -10.29 -16.90
C THR C 739 10.91 -9.68 -17.57
N MET C 740 10.72 -8.87 -18.61
CA MET C 740 11.86 -8.26 -19.29
C MET C 740 12.51 -7.16 -18.45
N TYR C 741 11.73 -6.43 -17.66
CA TYR C 741 12.31 -5.40 -16.80
C TYR C 741 13.15 -6.03 -15.69
N ILE C 742 12.59 -7.02 -15.00
CA ILE C 742 13.30 -7.62 -13.88
C ILE C 742 14.46 -8.49 -14.35
N CYS C 743 14.25 -9.26 -15.42
CA CYS C 743 15.20 -10.30 -15.77
C CYS C 743 15.91 -10.13 -17.11
N GLY C 744 15.41 -9.30 -18.02
CA GLY C 744 16.00 -9.23 -19.34
C GLY C 744 15.81 -10.54 -20.09
N ASP C 745 16.91 -11.12 -20.55
CA ASP C 745 16.88 -12.36 -21.32
C ASP C 745 17.42 -13.55 -20.55
N SER C 746 17.65 -13.39 -19.24
CA SER C 746 18.21 -14.46 -18.42
C SER C 746 17.14 -15.49 -18.10
N THR C 747 17.34 -16.74 -18.53
CA THR C 747 16.36 -17.78 -18.29
C THR C 747 16.35 -18.24 -16.83
N GLU C 748 17.49 -18.17 -16.15
CA GLU C 748 17.55 -18.53 -14.74
C GLU C 748 16.76 -17.53 -13.90
N CYS C 749 16.86 -16.25 -14.28
CA CYS C 749 16.10 -15.21 -13.60
C CYS C 749 14.60 -15.42 -13.77
N SER C 750 14.16 -15.79 -14.97
CA SER C 750 12.73 -16.01 -15.19
C SER C 750 12.25 -17.24 -14.44
N ASN C 751 13.11 -18.28 -14.36
CA ASN C 751 12.75 -19.48 -13.60
C ASN C 751 12.62 -19.17 -12.11
N LEU C 752 13.50 -18.30 -11.59
CA LEU C 752 13.35 -17.86 -10.20
C LEU C 752 12.17 -16.93 -10.03
N LEU C 753 11.85 -16.14 -11.06
CA LEU C 753 10.75 -15.18 -10.97
C LEU C 753 9.40 -15.86 -10.99
N LEU C 754 9.31 -17.04 -11.61
CA LEU C 754 8.05 -17.79 -11.62
C LEU C 754 7.66 -18.29 -10.24
N GLN C 755 8.61 -18.35 -9.30
CA GLN C 755 8.33 -18.77 -7.93
C GLN C 755 7.50 -17.76 -7.17
N TYR C 756 7.50 -16.50 -7.60
CA TYR C 756 6.78 -15.42 -6.93
C TYR C 756 5.33 -15.32 -7.38
N GLY C 757 4.91 -16.08 -8.38
CA GLY C 757 3.51 -16.13 -8.74
C GLY C 757 3.09 -15.15 -9.80
N SER C 758 1.91 -14.55 -9.60
CA SER C 758 1.28 -13.70 -10.61
C SER C 758 1.42 -12.23 -10.28
N PHE C 759 2.57 -11.80 -9.76
CA PHE C 759 2.81 -10.38 -9.56
C PHE C 759 2.93 -9.65 -10.89
N CYS C 760 3.62 -10.26 -11.85
CA CYS C 760 3.86 -9.64 -13.16
C CYS C 760 2.55 -9.49 -13.92
N THR C 761 1.67 -10.48 -13.83
CA THR C 761 0.36 -10.41 -14.47
C THR C 761 -0.47 -9.28 -13.87
N GLN C 762 -0.38 -9.11 -12.55
CA GLN C 762 -1.10 -8.02 -11.87
C GLN C 762 -0.61 -6.66 -12.33
N LEU C 763 0.72 -6.50 -12.46
CA LEU C 763 1.28 -5.22 -12.88
C LEU C 763 0.92 -4.92 -14.33
N ASN C 764 0.97 -5.93 -15.19
CA ASN C 764 0.60 -5.75 -16.60
C ASN C 764 -0.89 -5.41 -16.72
N ARG C 765 -1.73 -6.04 -15.89
CA ARG C 765 -3.16 -5.76 -15.91
C ARG C 765 -3.46 -4.34 -15.46
N ALA C 766 -2.75 -3.88 -14.42
CA ALA C 766 -2.94 -2.51 -13.95
C ALA C 766 -2.50 -1.49 -15.00
N LEU C 767 -1.37 -1.74 -15.66
CA LEU C 767 -0.90 -0.82 -16.70
C LEU C 767 -1.82 -0.82 -17.91
N THR C 768 -2.37 -1.99 -18.26
CA THR C 768 -3.32 -2.07 -19.37
C THR C 768 -4.61 -1.32 -19.03
N GLY C 769 -5.04 -1.41 -17.76
CA GLY C 769 -6.21 -0.67 -17.33
C GLY C 769 -6.01 0.83 -17.40
N ILE C 770 -4.82 1.30 -17.00
CA ILE C 770 -4.49 2.72 -17.12
C ILE C 770 -4.45 3.14 -18.59
N ALA C 771 -3.88 2.30 -19.44
CA ALA C 771 -3.74 2.61 -20.87
C ALA C 771 -5.09 2.73 -21.56
N VAL C 772 -6.03 1.83 -21.25
CA VAL C 772 -7.36 1.96 -21.83
C VAL C 772 -8.14 3.10 -21.17
N GLU C 773 -7.80 3.42 -19.91
CA GLU C 773 -8.48 4.52 -19.22
C GLU C 773 -8.14 5.87 -19.84
N GLN C 774 -6.91 6.03 -20.34
CA GLN C 774 -6.52 7.28 -21.00
C GLN C 774 -7.33 7.51 -22.28
N ASP C 775 -7.51 6.45 -23.07
CA ASP C 775 -8.32 6.55 -24.28
C ASP C 775 -9.78 6.80 -23.94
N LYS C 776 -10.27 6.19 -22.86
CA LYS C 776 -11.63 6.45 -22.39
C LYS C 776 -11.79 7.91 -21.97
N ASN C 777 -10.76 8.48 -21.33
CA ASN C 777 -10.78 9.88 -20.90
C ASN C 777 -10.86 10.82 -22.10
N THR C 778 -10.05 10.55 -23.13
CA THR C 778 -10.08 11.38 -24.33
C THR C 778 -11.41 11.24 -25.07
N GLN C 779 -11.95 10.01 -25.10
CA GLN C 779 -13.25 9.75 -25.73
C GLN C 779 -14.37 10.49 -25.01
N GLU C 780 -14.32 10.51 -23.68
CA GLU C 780 -15.34 11.19 -22.89
C GLU C 780 -15.25 12.70 -23.05
N VAL C 781 -14.05 13.26 -23.10
CA VAL C 781 -13.91 14.71 -23.17
C VAL C 781 -14.26 15.23 -24.55
N PHE C 782 -13.64 14.67 -25.60
CA PHE C 782 -13.73 15.32 -26.91
C PHE C 782 -14.82 14.76 -27.81
N ALA C 783 -15.20 13.50 -27.66
CA ALA C 783 -16.17 12.89 -28.57
C ALA C 783 -17.58 12.97 -28.00
N GLN C 784 -18.07 14.20 -27.84
CA GLN C 784 -19.41 14.44 -27.31
C GLN C 784 -20.44 14.70 -28.39
N VAL C 785 -20.04 14.68 -29.67
CA VAL C 785 -20.96 14.83 -30.78
C VAL C 785 -20.71 13.71 -31.77
N LYS C 786 -21.79 13.20 -32.37
CA LYS C 786 -21.68 12.18 -33.40
C LYS C 786 -21.83 12.76 -34.81
N GLN C 787 -22.00 14.07 -34.93
CA GLN C 787 -22.09 14.75 -36.21
C GLN C 787 -20.93 15.72 -36.34
N ILE C 788 -20.25 15.68 -37.48
CA ILE C 788 -19.12 16.57 -37.73
C ILE C 788 -19.67 17.83 -38.39
N TYR C 789 -19.86 18.88 -37.58
CA TYR C 789 -20.40 20.13 -38.07
C TYR C 789 -19.31 20.96 -38.74
N LYS C 790 -19.71 21.73 -39.75
CA LYS C 790 -18.80 22.59 -40.48
C LYS C 790 -19.35 24.00 -40.53
N THR C 791 -18.44 24.97 -40.43
CA THR C 791 -18.82 26.37 -40.55
C THR C 791 -19.14 26.69 -42.01
N PRO C 792 -19.99 27.71 -42.26
CA PRO C 792 -20.21 28.14 -43.64
C PRO C 792 -18.95 28.74 -44.22
N PRO C 793 -18.78 28.68 -45.55
CA PRO C 793 -17.60 29.31 -46.18
C PRO C 793 -17.52 30.82 -45.98
N ILE C 794 -18.66 31.50 -45.90
CA ILE C 794 -18.67 32.95 -45.64
C ILE C 794 -18.78 33.15 -44.14
N LYS C 795 -17.79 33.84 -43.56
CA LYS C 795 -17.72 34.04 -42.12
C LYS C 795 -18.42 35.35 -41.71
N ASP C 796 -19.70 35.44 -42.04
CA ASP C 796 -20.53 36.60 -41.69
C ASP C 796 -21.27 36.28 -40.40
N PHE C 797 -20.68 36.66 -39.27
CA PHE C 797 -21.26 36.40 -37.97
C PHE C 797 -21.65 37.69 -37.25
N GLY C 798 -21.97 38.73 -38.01
CA GLY C 798 -22.38 40.00 -37.42
C GLY C 798 -21.25 40.73 -36.72
N GLY C 799 -20.04 40.65 -37.26
CA GLY C 799 -18.90 41.35 -36.71
C GLY C 799 -18.03 40.51 -35.81
N PHE C 800 -18.48 39.31 -35.44
CA PHE C 800 -17.72 38.44 -34.57
C PHE C 800 -16.69 37.67 -35.38
N ASN C 801 -15.46 37.65 -34.88
CA ASN C 801 -14.33 37.04 -35.57
C ASN C 801 -13.91 35.79 -34.81
N PHE C 802 -13.87 34.66 -35.50
CA PHE C 802 -13.46 33.39 -34.89
C PHE C 802 -12.24 32.79 -35.58
N SER C 803 -11.45 33.60 -36.28
CA SER C 803 -10.34 33.08 -37.06
C SER C 803 -9.24 32.49 -36.18
N GLN C 804 -9.09 33.01 -34.96
CA GLN C 804 -8.07 32.50 -34.06
C GLN C 804 -8.45 31.17 -33.43
N ILE C 805 -9.71 30.79 -33.49
CA ILE C 805 -10.16 29.52 -32.92
C ILE C 805 -10.68 28.55 -33.97
N LEU C 806 -11.02 29.01 -35.17
CA LEU C 806 -11.41 28.11 -36.24
C LEU C 806 -10.16 27.52 -36.88
N PRO C 807 -10.26 26.32 -37.48
CA PRO C 807 -9.09 25.74 -38.15
C PRO C 807 -8.56 26.57 -39.30
N ASP C 808 -7.24 26.58 -39.43
CA ASP C 808 -6.58 27.32 -40.50
C ASP C 808 -6.47 26.43 -41.73
N PRO C 809 -7.07 26.81 -42.86
CA PRO C 809 -6.91 26.00 -44.08
C PRO C 809 -5.49 25.97 -44.62
N SER C 810 -4.68 26.99 -44.34
CA SER C 810 -3.31 27.04 -44.86
C SER C 810 -2.39 26.06 -44.15
N LYS C 811 -2.74 25.62 -42.95
CA LYS C 811 -1.85 24.72 -42.21
C LYS C 811 -2.22 23.27 -42.50
N PRO C 812 -1.21 22.42 -42.73
CA PRO C 812 -1.49 21.00 -43.02
C PRO C 812 -2.12 20.23 -41.87
N SER C 813 -1.93 20.67 -40.63
CA SER C 813 -2.50 19.98 -39.49
C SER C 813 -3.95 20.33 -39.25
N LYS C 814 -4.49 21.32 -39.98
CA LYS C 814 -5.88 21.79 -39.89
C LYS C 814 -6.23 22.27 -38.48
N ARG C 815 -5.27 22.91 -37.82
CA ARG C 815 -5.46 23.39 -36.47
C ARG C 815 -5.74 24.88 -36.46
N SER C 816 -6.31 25.34 -35.36
CA SER C 816 -6.49 26.77 -35.13
C SER C 816 -5.15 27.40 -34.78
N PRO C 817 -5.00 28.72 -34.96
CA PRO C 817 -3.77 29.39 -34.49
C PRO C 817 -3.52 29.24 -33.00
N ILE C 818 -4.57 29.28 -32.19
CA ILE C 818 -4.42 29.05 -30.75
C ILE C 818 -4.00 27.62 -30.48
N GLU C 819 -4.62 26.64 -31.17
CA GLU C 819 -4.26 25.23 -30.99
C GLU C 819 -2.85 24.96 -31.47
N ASP C 820 -2.45 25.59 -32.58
CA ASP C 820 -1.09 25.44 -33.08
C ASP C 820 -0.08 26.00 -32.10
N LEU C 821 -0.42 27.12 -31.47
CA LEU C 821 0.45 27.71 -30.44
C LEU C 821 0.54 26.79 -29.23
N LEU C 822 -0.57 26.16 -28.85
CA LEU C 822 -0.58 25.25 -27.70
C LEU C 822 0.28 24.02 -27.96
N PHE C 823 0.18 23.45 -29.17
CA PHE C 823 1.03 22.32 -29.54
C PHE C 823 2.50 22.72 -29.69
N ASN C 824 2.78 23.98 -30.05
CA ASN C 824 4.17 24.42 -30.06
C ASN C 824 4.72 24.63 -28.66
N LYS C 825 3.87 25.03 -27.70
CA LYS C 825 4.37 25.39 -26.38
C LYS C 825 4.57 24.20 -25.44
N VAL C 826 4.20 22.98 -25.84
CA VAL C 826 4.42 21.80 -25.02
C VAL C 826 5.55 21.00 -25.63
N THR C 827 6.59 20.76 -24.85
CA THR C 827 7.76 20.03 -25.30
C THR C 827 7.98 18.76 -24.48
N ASN C 856 14.51 -2.80 -22.79
CA ASN C 856 14.41 -2.76 -21.33
C ASN C 856 12.97 -2.99 -20.84
N GLY C 857 12.11 -3.46 -21.73
CA GLY C 857 10.74 -3.79 -21.41
C GLY C 857 9.77 -2.63 -21.50
N LEU C 858 10.24 -1.44 -21.81
CA LEU C 858 9.41 -0.23 -21.79
C LEU C 858 8.86 0.03 -23.19
N THR C 859 7.54 0.13 -23.29
CA THR C 859 6.90 0.49 -24.55
C THR C 859 5.93 1.63 -24.30
N VAL C 860 5.75 2.46 -25.31
CA VAL C 860 4.77 3.56 -25.26
C VAL C 860 3.72 3.26 -26.32
N LEU C 861 2.50 3.06 -25.87
CA LEU C 861 1.39 2.82 -26.78
C LEU C 861 0.85 4.15 -27.30
N PRO C 862 0.59 4.27 -28.60
CA PRO C 862 0.03 5.51 -29.10
C PRO C 862 -1.41 5.66 -28.67
N PRO C 863 -1.92 6.89 -28.55
CA PRO C 863 -3.33 7.08 -28.25
C PRO C 863 -4.21 6.65 -29.41
N LEU C 864 -5.43 6.25 -29.08
CA LEU C 864 -6.39 5.84 -30.10
C LEU C 864 -6.80 7.00 -30.99
N LEU C 865 -7.02 8.17 -30.40
CA LEU C 865 -7.34 9.38 -31.15
C LEU C 865 -6.06 10.16 -31.38
N THR C 866 -5.74 10.41 -32.64
CA THR C 866 -4.60 11.24 -32.98
C THR C 866 -4.95 12.71 -32.74
N ASP C 867 -3.91 13.56 -32.81
CA ASP C 867 -4.10 14.99 -32.60
C ASP C 867 -4.96 15.61 -33.68
N GLU C 868 -4.89 15.08 -34.91
CA GLU C 868 -5.72 15.56 -36.00
C GLU C 868 -7.20 15.29 -35.73
N MET C 869 -7.53 14.10 -35.22
CA MET C 869 -8.93 13.77 -34.95
C MET C 869 -9.46 14.52 -33.74
N ILE C 870 -8.62 14.76 -32.73
CA ILE C 870 -9.04 15.57 -31.59
C ILE C 870 -9.28 17.01 -32.04
N ALA C 871 -8.42 17.52 -32.94
CA ALA C 871 -8.62 18.84 -33.52
C ALA C 871 -9.91 18.89 -34.35
N GLN C 872 -10.21 17.80 -35.06
CA GLN C 872 -11.44 17.70 -35.83
C GLN C 872 -12.66 17.69 -34.91
N TYR C 873 -12.57 17.02 -33.77
CA TYR C 873 -13.66 17.02 -32.79
C TYR C 873 -13.89 18.42 -32.22
N THR C 874 -12.81 19.12 -31.89
CA THR C 874 -12.93 20.49 -31.39
C THR C 874 -13.49 21.42 -32.47
N SER C 875 -13.10 21.19 -33.73
CA SER C 875 -13.64 21.98 -34.84
C SER C 875 -15.14 21.75 -35.01
N ALA C 876 -15.57 20.48 -34.86
CA ALA C 876 -16.99 20.16 -34.95
C ALA C 876 -17.78 20.81 -33.82
N LEU C 877 -17.22 20.78 -32.60
CA LEU C 877 -17.87 21.42 -31.46
C LEU C 877 -17.94 22.94 -31.65
N LEU C 878 -16.88 23.54 -32.19
CA LEU C 878 -16.87 24.98 -32.45
C LEU C 878 -17.88 25.36 -33.52
N ALA C 879 -17.97 24.56 -34.60
CA ALA C 879 -18.94 24.84 -35.65
C ALA C 879 -20.36 24.69 -35.14
N GLY C 880 -20.61 23.68 -34.29
CA GLY C 880 -21.92 23.52 -33.70
C GLY C 880 -22.29 24.66 -32.78
N THR C 881 -21.36 25.10 -31.94
CA THR C 881 -21.70 26.15 -30.99
C THR C 881 -21.72 27.53 -31.64
N ILE C 882 -21.13 27.69 -32.83
CA ILE C 882 -21.20 28.96 -33.54
C ILE C 882 -22.45 29.03 -34.39
N THR C 883 -22.74 27.99 -35.15
CA THR C 883 -23.85 28.03 -36.09
C THR C 883 -25.18 27.65 -35.47
N SER C 884 -25.20 26.89 -34.39
CA SER C 884 -26.44 26.34 -33.86
C SER C 884 -26.68 26.65 -32.38
N GLY C 885 -25.77 27.33 -31.71
CA GLY C 885 -25.95 27.62 -30.29
C GLY C 885 -25.81 26.38 -29.43
N TRP C 886 -26.73 26.21 -28.47
CA TRP C 886 -26.75 25.03 -27.64
C TRP C 886 -27.72 23.97 -28.15
N THR C 887 -28.33 24.18 -29.32
CA THR C 887 -29.34 23.26 -29.82
C THR C 887 -28.73 21.93 -30.26
N PHE C 888 -27.48 21.95 -30.76
CA PHE C 888 -26.85 20.72 -31.22
C PHE C 888 -26.49 19.81 -30.06
N GLY C 889 -26.30 20.36 -28.86
CA GLY C 889 -26.02 19.56 -27.70
C GLY C 889 -27.21 18.89 -27.06
N ALA C 890 -28.42 19.28 -27.46
CA ALA C 890 -29.65 18.74 -26.89
C ALA C 890 -30.50 18.02 -27.92
N GLY C 891 -30.06 17.94 -29.17
CA GLY C 891 -30.83 17.33 -30.22
C GLY C 891 -30.26 17.68 -31.59
N PRO C 892 -31.13 17.85 -32.57
CA PRO C 892 -30.66 18.29 -33.89
C PRO C 892 -30.14 19.72 -33.84
N ALA C 893 -29.18 20.00 -34.72
CA ALA C 893 -28.59 21.33 -34.78
C ALA C 893 -29.55 22.27 -35.49
N LEU C 894 -30.04 23.27 -34.76
CA LEU C 894 -30.96 24.26 -35.31
C LEU C 894 -30.17 25.53 -35.56
N GLN C 895 -30.10 25.95 -36.82
CA GLN C 895 -29.34 27.15 -37.16
C GLN C 895 -30.01 28.40 -36.60
N ILE C 896 -29.17 29.36 -36.21
CA ILE C 896 -29.63 30.63 -35.66
C ILE C 896 -28.52 31.63 -35.97
N PRO C 897 -28.84 32.87 -36.33
CA PRO C 897 -27.79 33.89 -36.48
C PRO C 897 -27.05 34.12 -35.17
N PHE C 898 -25.73 34.35 -35.29
CA PHE C 898 -24.91 34.51 -34.09
C PHE C 898 -25.24 35.73 -33.22
N PRO C 899 -25.63 36.91 -33.73
CA PRO C 899 -26.10 37.95 -32.79
C PRO C 899 -27.37 37.55 -32.05
N MET C 900 -28.23 36.75 -32.68
CA MET C 900 -29.44 36.31 -31.98
C MET C 900 -29.08 35.26 -30.94
N GLN C 901 -28.07 34.43 -31.22
CA GLN C 901 -27.56 33.51 -30.21
C GLN C 901 -26.97 34.28 -29.04
N MET C 902 -26.26 35.37 -29.34
CA MET C 902 -25.61 36.13 -28.27
C MET C 902 -26.65 36.92 -27.49
N ALA C 903 -27.81 37.17 -28.10
CA ALA C 903 -28.90 37.84 -27.39
C ALA C 903 -29.61 36.84 -26.50
N TYR C 904 -29.73 35.59 -26.97
CA TYR C 904 -30.30 34.53 -26.15
C TYR C 904 -29.43 34.30 -24.92
N ARG C 905 -28.11 34.30 -25.12
CA ARG C 905 -27.18 34.16 -24.01
C ARG C 905 -27.21 35.37 -23.09
N PHE C 906 -27.47 36.56 -23.65
CA PHE C 906 -27.64 37.75 -22.82
C PHE C 906 -28.88 37.62 -21.93
N ASN C 907 -29.98 37.12 -22.51
CA ASN C 907 -31.17 36.85 -21.71
C ASN C 907 -30.92 35.79 -20.65
N GLY C 908 -30.03 34.84 -20.94
CA GLY C 908 -29.69 33.80 -19.99
C GLY C 908 -29.04 34.33 -18.72
N ILE C 909 -28.24 35.39 -18.82
CA ILE C 909 -27.62 35.99 -17.65
C ILE C 909 -28.46 37.15 -17.13
N GLY C 910 -29.67 37.32 -17.66
CA GLY C 910 -30.58 38.32 -17.15
C GLY C 910 -30.46 39.70 -17.73
N VAL C 911 -29.92 39.84 -18.94
CA VAL C 911 -29.79 41.13 -19.61
C VAL C 911 -30.66 41.08 -20.86
N THR C 912 -31.48 42.11 -21.05
CA THR C 912 -32.40 42.16 -22.18
C THR C 912 -31.66 42.17 -23.52
N GLN C 913 -32.29 41.56 -24.52
CA GLN C 913 -31.69 41.40 -25.86
C GLN C 913 -31.40 42.72 -26.54
N ASN C 914 -32.16 43.79 -26.22
CA ASN C 914 -31.98 45.08 -26.85
C ASN C 914 -30.57 45.61 -26.58
N VAL C 915 -30.04 45.32 -25.38
CA VAL C 915 -28.71 45.76 -25.00
C VAL C 915 -27.67 45.13 -25.94
N LEU C 916 -27.85 43.85 -26.26
CA LEU C 916 -26.96 43.18 -27.21
C LEU C 916 -27.08 43.79 -28.60
N TYR C 917 -28.31 44.00 -29.08
CA TYR C 917 -28.50 44.50 -30.44
C TYR C 917 -28.02 45.94 -30.61
N GLU C 918 -28.27 46.80 -29.63
CA GLU C 918 -27.84 48.19 -29.72
C GLU C 918 -26.32 48.30 -29.68
N ASN C 919 -25.66 47.46 -28.88
CA ASN C 919 -24.21 47.51 -28.72
C ASN C 919 -23.50 46.37 -29.43
N GLN C 920 -24.07 45.90 -30.56
CA GLN C 920 -23.54 44.74 -31.28
C GLN C 920 -22.13 44.96 -31.80
N LYS C 921 -21.80 46.20 -32.15
CA LYS C 921 -20.47 46.49 -32.68
C LYS C 921 -19.45 46.53 -31.55
N LEU C 922 -19.80 47.22 -30.45
CA LEU C 922 -18.92 47.28 -29.29
C LEU C 922 -18.68 45.88 -28.70
N ILE C 923 -19.73 45.06 -28.63
CA ILE C 923 -19.60 43.71 -28.11
C ILE C 923 -18.72 42.86 -29.02
N ALA C 924 -18.92 42.96 -30.34
CA ALA C 924 -18.11 42.21 -31.29
C ALA C 924 -16.64 42.63 -31.22
N ASN C 925 -16.39 43.94 -31.10
CA ASN C 925 -15.03 44.45 -30.99
C ASN C 925 -14.36 43.99 -29.70
N GLN C 926 -15.10 44.00 -28.59
CA GLN C 926 -14.57 43.55 -27.31
C GLN C 926 -14.24 42.06 -27.35
N PHE C 927 -15.11 41.27 -27.98
CA PHE C 927 -14.86 39.83 -28.10
C PHE C 927 -13.62 39.55 -28.94
N ASN C 928 -13.47 40.26 -30.06
CA ASN C 928 -12.30 40.07 -30.92
C ASN C 928 -11.02 40.50 -30.22
N SER C 929 -11.09 41.63 -29.49
CA SER C 929 -9.94 42.11 -28.73
C SER C 929 -9.54 41.12 -27.65
N ALA C 930 -10.52 40.53 -26.97
CA ALA C 930 -10.23 39.58 -25.90
C ALA C 930 -9.63 38.29 -26.46
N ILE C 931 -10.12 37.83 -27.61
CA ILE C 931 -9.55 36.64 -28.26
C ILE C 931 -8.10 36.89 -28.68
N GLY C 932 -7.84 38.09 -29.23
CA GLY C 932 -6.46 38.45 -29.56
C GLY C 932 -5.57 38.56 -28.34
N LYS C 933 -6.12 39.08 -27.23
CA LYS C 933 -5.35 39.16 -25.99
C LYS C 933 -5.05 37.78 -25.44
N ILE C 934 -5.97 36.82 -25.66
CA ILE C 934 -5.74 35.45 -25.22
C ILE C 934 -4.58 34.84 -25.99
N GLN C 935 -4.56 35.06 -27.31
CA GLN C 935 -3.46 34.54 -28.12
C GLN C 935 -2.13 35.19 -27.75
N ASP C 936 -2.14 36.51 -27.53
CA ASP C 936 -0.93 37.22 -27.12
C ASP C 936 -0.42 36.76 -25.76
N SER C 937 -1.34 36.55 -24.81
CA SER C 937 -0.98 36.10 -23.47
C SER C 937 -0.42 34.70 -23.49
N LEU C 938 -0.98 33.82 -24.33
CA LEU C 938 -0.43 32.48 -24.46
C LEU C 938 0.94 32.52 -25.14
N SER C 939 1.12 33.38 -26.14
CA SER C 939 2.40 33.47 -26.83
C SER C 939 3.46 34.17 -26.00
N SER C 940 3.09 34.91 -24.96
CA SER C 940 4.04 35.70 -24.21
C SER C 940 4.33 35.16 -22.81
N THR C 941 3.65 34.11 -22.37
CA THR C 941 3.86 33.57 -21.04
C THR C 941 4.41 32.15 -21.13
N PRO C 942 5.60 31.87 -20.58
CA PRO C 942 6.12 30.50 -20.61
C PRO C 942 5.37 29.53 -19.70
N SER C 943 4.81 30.00 -18.59
CA SER C 943 4.15 29.14 -17.61
C SER C 943 2.64 29.05 -17.81
N ALA C 944 2.16 29.35 -19.02
CA ALA C 944 0.72 29.27 -19.29
C ALA C 944 0.24 27.83 -19.28
N LEU C 945 1.01 26.93 -19.89
CA LEU C 945 0.65 25.51 -20.02
C LEU C 945 1.38 24.65 -19.02
N GLY C 946 1.55 25.14 -17.79
CA GLY C 946 2.25 24.38 -16.77
C GLY C 946 1.55 23.10 -16.34
N LYS C 947 0.21 23.07 -16.42
CA LYS C 947 -0.55 21.92 -15.94
C LYS C 947 -0.31 20.67 -16.80
N LEU C 948 -0.24 20.84 -18.12
CA LEU C 948 0.10 19.72 -19.00
C LEU C 948 1.57 19.33 -18.87
N GLN C 949 2.43 20.33 -18.71
CA GLN C 949 3.87 20.09 -18.60
C GLN C 949 4.21 19.33 -17.34
N ASP C 950 3.48 19.59 -16.24
CA ASP C 950 3.70 18.85 -15.00
C ASP C 950 3.37 17.37 -15.18
N VAL C 951 2.30 17.06 -15.92
CA VAL C 951 1.91 15.67 -16.16
C VAL C 951 2.97 14.97 -17.00
N VAL C 952 3.44 15.64 -18.06
CA VAL C 952 4.48 15.07 -18.93
C VAL C 952 5.78 14.86 -18.16
N ASN C 953 6.16 15.86 -17.34
CA ASN C 953 7.39 15.77 -16.55
C ASN C 953 7.31 14.68 -15.49
N GLN C 954 6.16 14.54 -14.84
CA GLN C 954 6.00 13.50 -13.82
C GLN C 954 6.08 12.10 -14.43
N ASN C 955 5.45 11.92 -15.60
CA ASN C 955 5.51 10.61 -16.27
C ASN C 955 6.92 10.28 -16.71
N ALA C 956 7.63 11.26 -17.30
CA ALA C 956 8.99 11.04 -17.76
C ALA C 956 9.94 10.79 -16.60
N GLN C 957 9.76 11.52 -15.50
CA GLN C 957 10.59 11.34 -14.31
C GLN C 957 10.35 9.98 -13.67
N ALA C 958 9.09 9.53 -13.64
CA ALA C 958 8.79 8.20 -13.10
C ALA C 958 9.41 7.09 -13.95
N LEU C 959 9.33 7.21 -15.28
CA LEU C 959 9.96 6.22 -16.15
C LEU C 959 11.48 6.23 -16.01
N ASN C 960 12.07 7.43 -15.91
CA ASN C 960 13.52 7.56 -15.77
C ASN C 960 13.99 6.96 -14.46
N THR C 961 13.26 7.20 -13.37
CA THR C 961 13.61 6.62 -12.07
C THR C 961 13.45 5.11 -12.08
N LEU C 962 12.43 4.60 -12.79
CA LEU C 962 12.22 3.17 -12.90
C LEU C 962 13.38 2.48 -13.62
N VAL C 963 13.89 3.10 -14.69
CA VAL C 963 15.05 2.50 -15.36
C VAL C 963 16.32 2.68 -14.52
N LYS C 964 16.44 3.81 -13.80
CA LYS C 964 17.59 4.01 -12.91
C LYS C 964 17.65 2.98 -11.79
N GLN C 965 16.51 2.44 -11.39
CA GLN C 965 16.48 1.43 -10.33
C GLN C 965 17.13 0.12 -10.77
N LEU C 966 17.30 -0.10 -12.08
CA LEU C 966 18.00 -1.28 -12.58
C LEU C 966 19.50 -1.24 -12.29
N SER C 967 20.08 -0.06 -12.09
CA SER C 967 21.50 0.07 -11.84
C SER C 967 21.88 -0.18 -10.39
N SER C 968 20.90 -0.41 -9.53
CA SER C 968 21.14 -0.65 -8.11
C SER C 968 21.20 -2.15 -7.86
N ASN C 969 22.15 -2.56 -7.03
CA ASN C 969 22.33 -3.99 -6.75
C ASN C 969 21.47 -4.51 -5.62
N PHE C 970 20.88 -3.63 -4.81
CA PHE C 970 19.98 -3.98 -3.70
C PHE C 970 20.65 -4.92 -2.69
N GLY C 971 21.95 -4.71 -2.46
CA GLY C 971 22.69 -5.55 -1.54
C GLY C 971 23.41 -6.73 -2.16
N ALA C 972 23.21 -6.98 -3.45
CA ALA C 972 23.94 -8.05 -4.11
C ALA C 972 25.33 -7.58 -4.49
N ILE C 973 26.15 -8.50 -5.01
CA ILE C 973 27.51 -8.14 -5.42
C ILE C 973 27.51 -7.22 -6.64
N SER C 974 26.50 -7.31 -7.50
CA SER C 974 26.47 -6.52 -8.72
C SER C 974 25.02 -6.31 -9.14
N SER C 975 24.80 -5.26 -9.91
CA SER C 975 23.48 -4.95 -10.43
C SER C 975 23.20 -5.62 -11.78
N VAL C 976 24.18 -6.31 -12.36
CA VAL C 976 24.04 -6.93 -13.65
C VAL C 976 23.84 -8.43 -13.46
N LEU C 977 22.78 -8.98 -14.05
CA LEU C 977 22.55 -10.41 -13.99
C LEU C 977 23.59 -11.19 -14.80
N ASN C 978 24.00 -10.63 -15.94
CA ASN C 978 24.95 -11.31 -16.82
C ASN C 978 26.30 -11.48 -16.15
N ASP C 979 26.72 -10.49 -15.36
CA ASP C 979 27.97 -10.58 -14.62
C ASP C 979 27.91 -11.66 -13.55
N ILE C 980 26.79 -11.78 -12.85
CA ILE C 980 26.62 -12.83 -11.84
C ILE C 980 26.57 -14.21 -12.49
N LEU C 981 25.87 -14.34 -13.63
CA LEU C 981 25.83 -15.62 -14.34
C LEU C 981 27.19 -16.01 -14.91
N SER C 982 27.99 -15.04 -15.34
CA SER C 982 29.31 -15.37 -15.88
C SER C 982 30.37 -15.54 -14.81
N ARG C 983 30.17 -14.96 -13.63
CA ARG C 983 31.17 -15.00 -12.58
C ARG C 983 30.93 -16.04 -11.49
N LEU C 984 29.70 -16.51 -11.31
CA LEU C 984 29.39 -17.38 -10.18
C LEU C 984 28.67 -18.64 -10.61
N ASP C 985 28.80 -19.66 -9.76
CA ASP C 985 28.06 -20.90 -9.86
C ASP C 985 26.62 -20.70 -9.40
N PRO C 986 25.69 -21.55 -9.86
CA PRO C 986 24.25 -21.40 -9.51
C PRO C 986 23.90 -21.40 -8.01
N PRO C 987 24.59 -22.16 -7.11
CA PRO C 987 24.20 -22.04 -5.68
C PRO C 987 24.30 -20.65 -5.06
N GLU C 988 25.28 -19.85 -5.45
CA GLU C 988 25.34 -18.47 -4.96
C GLU C 988 24.58 -17.53 -5.89
N ALA C 989 24.50 -17.90 -7.17
CA ALA C 989 23.81 -17.09 -8.15
C ALA C 989 22.33 -17.00 -7.84
N GLU C 990 21.72 -18.07 -7.30
CA GLU C 990 20.31 -18.02 -6.97
C GLU C 990 20.02 -16.98 -5.88
N VAL C 991 20.93 -16.86 -4.91
CA VAL C 991 20.80 -15.83 -3.87
C VAL C 991 20.95 -14.44 -4.47
N GLN C 992 21.93 -14.26 -5.36
CA GLN C 992 22.16 -12.93 -5.95
C GLN C 992 20.99 -12.49 -6.84
N ILE C 993 20.50 -13.39 -7.70
CA ILE C 993 19.33 -13.07 -8.50
C ILE C 993 18.10 -12.91 -7.63
N ASP C 994 18.01 -13.61 -6.49
CA ASP C 994 16.86 -13.43 -5.60
C ASP C 994 16.83 -12.02 -5.04
N ARG C 995 17.99 -11.49 -4.64
CA ARG C 995 18.09 -10.12 -4.15
C ARG C 995 17.75 -9.12 -5.25
N LEU C 996 18.28 -9.34 -6.46
CA LEU C 996 18.00 -8.43 -7.57
C LEU C 996 16.53 -8.48 -7.98
N ILE C 997 15.93 -9.67 -7.96
CA ILE C 997 14.52 -9.83 -8.34
C ILE C 997 13.62 -9.13 -7.34
N THR C 998 13.88 -9.28 -6.03
CA THR C 998 13.01 -8.64 -5.06
C THR C 998 13.17 -7.11 -5.09
N GLY C 999 14.40 -6.62 -5.33
CA GLY C 999 14.59 -5.17 -5.45
C GLY C 999 13.89 -4.60 -6.68
N ARG C 1000 14.04 -5.26 -7.83
CA ARG C 1000 13.42 -4.76 -9.05
C ARG C 1000 11.91 -4.90 -9.01
N LEU C 1001 11.40 -5.97 -8.37
CA LEU C 1001 9.97 -6.14 -8.23
C LEU C 1001 9.39 -5.07 -7.31
N GLN C 1002 10.11 -4.71 -6.24
CA GLN C 1002 9.64 -3.63 -5.37
C GLN C 1002 9.63 -2.30 -6.11
N SER C 1003 10.64 -2.06 -6.95
CA SER C 1003 10.70 -0.82 -7.74
C SER C 1003 9.53 -0.76 -8.74
N LEU C 1004 9.25 -1.88 -9.39
CA LEU C 1004 8.16 -1.93 -10.38
C LEU C 1004 6.80 -1.77 -9.72
N GLN C 1005 6.63 -2.38 -8.54
CA GLN C 1005 5.37 -2.22 -7.80
C GLN C 1005 5.17 -0.79 -7.35
N THR C 1006 6.25 -0.12 -6.92
CA THR C 1006 6.19 1.28 -6.54
C THR C 1006 5.80 2.15 -7.74
N TYR C 1007 6.39 1.86 -8.91
CA TYR C 1007 6.07 2.62 -10.11
C TYR C 1007 4.62 2.43 -10.52
N VAL C 1008 4.12 1.20 -10.45
CA VAL C 1008 2.74 0.90 -10.86
C VAL C 1008 1.76 1.56 -9.89
N THR C 1009 2.08 1.58 -8.59
CA THR C 1009 1.22 2.22 -7.60
C THR C 1009 1.15 3.73 -7.84
N GLN C 1010 2.30 4.36 -8.13
CA GLN C 1010 2.32 5.79 -8.43
C GLN C 1010 1.55 6.08 -9.70
N GLN C 1011 1.67 5.20 -10.71
CA GLN C 1011 0.94 5.38 -11.96
C GLN C 1011 -0.56 5.26 -11.74
N LEU C 1012 -0.99 4.35 -10.87
CA LEU C 1012 -2.41 4.19 -10.58
C LEU C 1012 -2.97 5.43 -9.88
N ILE C 1013 -2.21 5.99 -8.94
CA ILE C 1013 -2.65 7.19 -8.23
C ILE C 1013 -2.71 8.39 -9.18
N ARG C 1014 -1.70 8.54 -10.03
CA ARG C 1014 -1.70 9.63 -11.01
C ARG C 1014 -2.80 9.44 -12.04
N ALA C 1015 -3.08 8.19 -12.42
CA ALA C 1015 -4.16 7.90 -13.34
C ALA C 1015 -5.51 8.26 -12.74
N ALA C 1016 -5.67 8.02 -11.43
CA ALA C 1016 -6.90 8.43 -10.75
C ALA C 1016 -7.05 9.95 -10.74
N GLU C 1017 -5.94 10.66 -10.52
CA GLU C 1017 -5.99 12.13 -10.54
C GLU C 1017 -6.32 12.66 -11.94
N ILE C 1018 -5.72 12.07 -12.96
CA ILE C 1018 -5.98 12.48 -14.34
C ILE C 1018 -7.39 12.11 -14.75
N ARG C 1019 -7.92 10.98 -14.25
CA ARG C 1019 -9.31 10.62 -14.52
C ARG C 1019 -10.27 11.61 -13.90
N ALA C 1020 -9.97 12.08 -12.68
CA ALA C 1020 -10.79 13.11 -12.04
C ALA C 1020 -10.75 14.41 -12.85
N SER C 1021 -9.56 14.78 -13.33
CA SER C 1021 -9.41 15.99 -14.14
C SER C 1021 -10.16 15.85 -15.47
N ALA C 1022 -10.11 14.67 -16.08
CA ALA C 1022 -10.81 14.42 -17.34
C ALA C 1022 -12.32 14.41 -17.15
N ASN C 1023 -12.80 13.87 -16.03
CA ASN C 1023 -14.23 13.92 -15.72
C ASN C 1023 -14.67 15.37 -15.55
N LEU C 1024 -13.84 16.18 -14.89
CA LEU C 1024 -14.14 17.60 -14.76
C LEU C 1024 -14.15 18.29 -16.12
N ALA C 1025 -13.20 17.92 -16.99
CA ALA C 1025 -13.11 18.51 -18.33
C ALA C 1025 -14.32 18.12 -19.18
N ALA C 1026 -14.78 16.88 -19.05
CA ALA C 1026 -15.99 16.45 -19.76
C ALA C 1026 -17.22 17.19 -19.24
N THR C 1027 -17.28 17.43 -17.93
CA THR C 1027 -18.36 18.22 -17.35
C THR C 1027 -18.34 19.66 -17.87
N LYS C 1028 -17.15 20.25 -17.99
CA LYS C 1028 -17.03 21.60 -18.54
C LYS C 1028 -17.40 21.62 -20.02
N MET C 1029 -17.04 20.57 -20.76
CA MET C 1029 -17.40 20.50 -22.18
C MET C 1029 -18.90 20.40 -22.35
N SER C 1030 -19.57 19.63 -21.50
CA SER C 1030 -21.02 19.52 -21.58
C SER C 1030 -21.72 20.80 -21.14
N GLU C 1031 -21.26 21.40 -20.03
CA GLU C 1031 -22.02 22.48 -19.41
C GLU C 1031 -21.58 23.88 -19.81
N CYS C 1032 -20.37 24.07 -20.32
CA CYS C 1032 -19.91 25.39 -20.72
C CYS C 1032 -19.92 25.57 -22.23
N VAL C 1033 -19.56 24.54 -22.98
CA VAL C 1033 -19.49 24.64 -24.44
C VAL C 1033 -20.82 24.28 -25.08
N LEU C 1034 -21.45 23.20 -24.65
CA LEU C 1034 -22.69 22.73 -25.23
C LEU C 1034 -23.92 23.40 -24.62
N GLY C 1035 -23.72 24.31 -23.67
CA GLY C 1035 -24.83 25.02 -23.06
C GLY C 1035 -24.29 26.20 -22.28
N GLN C 1036 -25.22 27.00 -21.76
CA GLN C 1036 -24.87 28.14 -20.92
C GLN C 1036 -25.12 27.76 -19.47
N SER C 1037 -24.09 27.94 -18.64
CA SER C 1037 -24.11 27.50 -17.25
C SER C 1037 -24.42 28.65 -16.30
N LYS C 1038 -25.34 28.40 -15.37
CA LYS C 1038 -25.64 29.34 -14.30
C LYS C 1038 -24.75 29.14 -13.09
N ARG C 1039 -23.87 28.13 -13.12
CA ARG C 1039 -22.98 27.85 -12.00
C ARG C 1039 -21.88 28.91 -11.90
N VAL C 1040 -21.75 29.51 -10.73
CA VAL C 1040 -20.81 30.60 -10.53
C VAL C 1040 -19.39 30.05 -10.49
N ASP C 1041 -18.51 30.64 -11.31
CA ASP C 1041 -17.08 30.35 -11.45
C ASP C 1041 -16.79 28.97 -12.02
N PHE C 1042 -17.80 28.27 -12.54
CA PHE C 1042 -17.55 27.00 -13.19
C PHE C 1042 -17.03 27.20 -14.60
N CYS C 1043 -17.49 28.23 -15.30
CA CYS C 1043 -17.09 28.47 -16.67
C CYS C 1043 -16.51 29.87 -16.80
N GLY C 1044 -15.56 30.21 -15.95
CA GLY C 1044 -14.88 31.49 -16.02
C GLY C 1044 -15.37 32.46 -14.96
N LYS C 1045 -14.61 33.55 -14.81
CA LYS C 1045 -14.95 34.60 -13.88
C LYS C 1045 -15.94 35.55 -14.53
N GLY C 1046 -17.08 35.76 -13.88
CA GLY C 1046 -18.12 36.62 -14.42
C GLY C 1046 -19.34 35.80 -14.83
N TYR C 1047 -20.32 36.52 -15.38
CA TYR C 1047 -21.53 35.86 -15.85
C TYR C 1047 -21.21 35.16 -17.17
N HIS C 1048 -21.36 33.84 -17.18
CA HIS C 1048 -20.91 33.04 -18.31
C HIS C 1048 -21.82 33.21 -19.52
N LEU C 1049 -21.23 33.53 -20.67
CA LEU C 1049 -21.95 33.65 -21.92
C LEU C 1049 -21.78 32.39 -22.77
N MET C 1050 -20.54 32.04 -23.10
CA MET C 1050 -20.29 30.82 -23.88
C MET C 1050 -18.86 30.37 -23.64
N SER C 1051 -18.49 29.25 -24.26
CA SER C 1051 -17.13 28.73 -24.12
C SER C 1051 -16.72 28.07 -25.42
N PHE C 1052 -15.42 28.04 -25.66
CA PHE C 1052 -14.88 27.46 -26.88
C PHE C 1052 -13.81 26.45 -26.52
N PRO C 1053 -13.89 25.21 -27.02
CA PRO C 1053 -12.84 24.23 -26.74
C PRO C 1053 -11.68 24.29 -27.73
N GLN C 1054 -10.48 24.07 -27.21
CA GLN C 1054 -9.28 23.98 -28.03
C GLN C 1054 -8.50 22.76 -27.59
N SER C 1055 -8.03 21.97 -28.56
CA SER C 1055 -7.22 20.81 -28.24
C SER C 1055 -5.84 21.24 -27.78
N ALA C 1056 -5.24 20.46 -26.90
CA ALA C 1056 -3.91 20.71 -26.37
C ALA C 1056 -3.25 19.36 -26.18
N PRO C 1057 -1.88 19.31 -26.17
CA PRO C 1057 -1.21 18.03 -25.94
C PRO C 1057 -1.57 17.41 -24.60
N HIS C 1058 -2.29 16.28 -24.68
CA HIS C 1058 -2.85 15.56 -23.53
C HIS C 1058 -3.79 16.45 -22.72
N GLY C 1059 -4.52 17.35 -23.36
CA GLY C 1059 -5.36 18.23 -22.57
C GLY C 1059 -6.31 19.05 -23.41
N VAL C 1060 -7.11 19.84 -22.71
CA VAL C 1060 -8.10 20.71 -23.34
C VAL C 1060 -7.96 22.11 -22.74
N VAL C 1061 -8.13 23.13 -23.57
CA VAL C 1061 -8.14 24.52 -23.12
C VAL C 1061 -9.51 25.09 -23.44
N PHE C 1062 -10.21 25.56 -22.42
CA PHE C 1062 -11.50 26.19 -22.60
C PHE C 1062 -11.32 27.71 -22.58
N LEU C 1063 -11.78 28.36 -23.63
CA LEU C 1063 -11.82 29.82 -23.69
C LEU C 1063 -13.22 30.21 -23.23
N HIS C 1064 -13.33 30.67 -21.99
CA HIS C 1064 -14.60 31.06 -21.42
C HIS C 1064 -14.88 32.52 -21.73
N VAL C 1065 -15.95 32.77 -22.47
CA VAL C 1065 -16.42 34.11 -22.80
C VAL C 1065 -17.49 34.45 -21.77
N THR C 1066 -17.22 35.46 -20.95
CA THR C 1066 -18.08 35.86 -19.86
C THR C 1066 -18.38 37.35 -19.95
N TYR C 1067 -19.44 37.75 -19.28
CA TYR C 1067 -19.89 39.13 -19.22
C TYR C 1067 -19.51 39.69 -17.85
N VAL C 1068 -18.74 40.76 -17.83
CA VAL C 1068 -18.33 41.41 -16.59
C VAL C 1068 -18.99 42.77 -16.52
N PRO C 1069 -19.72 43.10 -15.46
CA PRO C 1069 -20.23 44.47 -15.31
C PRO C 1069 -19.11 45.48 -15.10
N ALA C 1070 -19.32 46.70 -15.58
CA ALA C 1070 -18.32 47.74 -15.45
C ALA C 1070 -18.99 49.10 -15.43
N GLN C 1071 -18.23 50.08 -14.91
CA GLN C 1071 -18.66 51.49 -14.82
C GLN C 1071 -19.95 51.66 -14.03
N GLU C 1072 -19.96 51.09 -12.82
CA GLU C 1072 -21.15 51.15 -11.97
C GLU C 1072 -21.38 52.56 -11.45
N LYS C 1073 -22.64 52.86 -11.16
CA LYS C 1073 -23.03 54.18 -10.69
C LYS C 1073 -23.99 54.02 -9.51
N ASN C 1074 -23.83 54.90 -8.51
CA ASN C 1074 -24.73 54.94 -7.36
C ASN C 1074 -26.10 55.45 -7.76
N PHE C 1075 -27.13 54.87 -7.14
CA PHE C 1075 -28.50 55.34 -7.27
C PHE C 1075 -29.20 55.14 -5.93
N THR C 1076 -30.23 55.95 -5.68
CA THR C 1076 -31.03 55.77 -4.48
C THR C 1076 -32.16 54.79 -4.78
N THR C 1077 -32.28 53.73 -3.98
CA THR C 1077 -33.22 52.67 -4.30
C THR C 1077 -34.29 52.54 -3.22
N ALA C 1078 -35.41 51.97 -3.62
CA ALA C 1078 -36.56 51.72 -2.75
C ALA C 1078 -37.11 50.34 -3.04
N PRO C 1079 -37.65 49.65 -2.03
CA PRO C 1079 -38.28 48.34 -2.30
C PRO C 1079 -39.57 48.45 -3.08
N ALA C 1080 -40.37 49.49 -2.87
CA ALA C 1080 -41.66 49.60 -3.53
C ALA C 1080 -42.03 51.06 -3.73
N ILE C 1081 -43.00 51.30 -4.61
CA ILE C 1081 -43.49 52.64 -4.93
C ILE C 1081 -44.93 52.72 -4.44
N CYS C 1082 -45.21 53.73 -3.62
CA CYS C 1082 -46.57 53.95 -3.12
C CYS C 1082 -47.33 54.87 -4.06
N HIS C 1083 -48.42 54.37 -4.63
CA HIS C 1083 -49.27 55.16 -5.52
C HIS C 1083 -50.71 54.76 -5.32
N ASP C 1084 -51.56 55.77 -5.05
CA ASP C 1084 -53.01 55.61 -4.85
C ASP C 1084 -53.32 54.64 -3.71
N GLY C 1085 -52.48 54.63 -2.69
CA GLY C 1085 -52.67 53.72 -1.58
C GLY C 1085 -52.29 52.30 -1.89
N LYS C 1086 -51.59 52.06 -2.99
CA LYS C 1086 -51.19 50.71 -3.39
C LYS C 1086 -49.68 50.65 -3.49
N ALA C 1087 -49.13 49.48 -3.19
CA ALA C 1087 -47.70 49.24 -3.26
C ALA C 1087 -47.37 48.58 -4.59
N HIS C 1088 -46.40 49.14 -5.30
CA HIS C 1088 -45.99 48.64 -6.60
C HIS C 1088 -44.57 48.10 -6.48
N PHE C 1089 -44.36 46.92 -7.03
CA PHE C 1089 -43.08 46.22 -7.00
C PHE C 1089 -42.64 45.96 -8.42
N PRO C 1090 -41.33 45.95 -8.70
CA PRO C 1090 -40.88 45.75 -10.08
C PRO C 1090 -41.13 44.33 -10.55
N ARG C 1091 -41.60 44.20 -11.79
CA ARG C 1091 -41.88 42.88 -12.35
C ARG C 1091 -40.60 42.11 -12.62
N GLU C 1092 -39.60 42.76 -13.21
CA GLU C 1092 -38.31 42.12 -13.43
C GLU C 1092 -37.12 42.96 -13.01
N GLY C 1093 -37.28 44.26 -12.77
CA GLY C 1093 -36.15 45.12 -12.52
C GLY C 1093 -36.02 45.60 -11.09
N VAL C 1094 -35.65 46.87 -10.94
CA VAL C 1094 -35.38 47.49 -9.64
C VAL C 1094 -35.67 48.97 -9.76
N PHE C 1095 -36.19 49.56 -8.69
CA PHE C 1095 -36.43 51.00 -8.67
C PHE C 1095 -35.15 51.73 -8.32
N VAL C 1096 -34.79 52.71 -9.15
CA VAL C 1096 -33.60 53.53 -8.94
C VAL C 1096 -34.01 54.99 -9.04
N SER C 1097 -33.22 55.84 -8.39
CA SER C 1097 -33.46 57.27 -8.43
C SER C 1097 -32.12 57.96 -8.64
N ASN C 1098 -32.09 58.90 -9.58
CA ASN C 1098 -30.90 59.69 -9.87
C ASN C 1098 -30.83 60.95 -9.03
N GLY C 1099 -31.78 61.14 -8.12
CA GLY C 1099 -31.78 62.27 -7.22
C GLY C 1099 -33.12 62.98 -7.15
N THR C 1100 -33.80 63.10 -8.29
CA THR C 1100 -35.08 63.82 -8.32
C THR C 1100 -36.20 62.96 -8.91
N HIS C 1101 -35.86 62.02 -9.80
CA HIS C 1101 -36.86 61.25 -10.50
C HIS C 1101 -36.63 59.76 -10.27
N TRP C 1102 -37.74 59.00 -10.27
CA TRP C 1102 -37.70 57.56 -10.02
C TRP C 1102 -37.92 56.82 -11.33
N PHE C 1103 -37.14 55.75 -11.52
CA PHE C 1103 -37.23 54.92 -12.71
C PHE C 1103 -37.13 53.46 -12.30
N VAL C 1104 -37.43 52.58 -13.25
CA VAL C 1104 -37.25 51.14 -13.06
C VAL C 1104 -36.28 50.68 -14.14
N THR C 1105 -35.29 49.87 -13.74
CA THR C 1105 -34.28 49.40 -14.66
C THR C 1105 -33.98 47.94 -14.42
N GLN C 1106 -33.41 47.29 -15.43
CA GLN C 1106 -32.97 45.91 -15.25
C GLN C 1106 -31.76 45.90 -14.31
N ARG C 1107 -31.61 44.80 -13.58
CA ARG C 1107 -30.68 44.75 -12.47
C ARG C 1107 -29.21 44.76 -12.92
N ASN C 1108 -28.89 44.20 -14.09
CA ASN C 1108 -27.50 44.04 -14.49
C ASN C 1108 -27.01 45.08 -15.49
N PHE C 1109 -27.85 46.04 -15.87
CA PHE C 1109 -27.44 47.10 -16.77
C PHE C 1109 -28.32 48.30 -16.52
N TYR C 1110 -27.73 49.50 -16.54
CA TYR C 1110 -28.51 50.70 -16.28
C TYR C 1110 -29.29 51.07 -17.54
N GLU C 1111 -30.61 50.93 -17.48
CA GLU C 1111 -31.49 51.33 -18.56
C GLU C 1111 -32.75 51.86 -17.92
N PRO C 1112 -32.77 53.15 -17.56
CA PRO C 1112 -33.91 53.71 -16.82
C PRO C 1112 -35.15 53.83 -17.69
N GLN C 1113 -36.29 53.40 -17.15
CA GLN C 1113 -37.56 53.49 -17.83
C GLN C 1113 -38.59 54.06 -16.86
N ILE C 1114 -39.64 54.65 -17.43
CA ILE C 1114 -40.67 55.28 -16.61
C ILE C 1114 -41.46 54.20 -15.88
N ILE C 1115 -41.70 54.43 -14.59
CA ILE C 1115 -42.45 53.46 -13.78
C ILE C 1115 -43.90 53.50 -14.22
N THR C 1116 -44.35 52.43 -14.86
CA THR C 1116 -45.72 52.30 -15.37
C THR C 1116 -46.37 51.10 -14.74
N THR C 1117 -47.61 50.82 -15.15
CA THR C 1117 -48.33 49.67 -14.65
C THR C 1117 -47.99 48.40 -15.43
N ASP C 1118 -47.14 48.52 -16.46
CA ASP C 1118 -46.79 47.39 -17.31
C ASP C 1118 -45.54 46.68 -16.81
N ASN C 1119 -44.67 47.38 -16.09
CA ASN C 1119 -43.45 46.79 -15.56
C ASN C 1119 -43.48 46.69 -14.04
N THR C 1120 -44.61 46.97 -13.41
CA THR C 1120 -44.79 46.82 -11.98
C THR C 1120 -46.03 46.00 -11.71
N PHE C 1121 -46.12 45.46 -10.49
CA PHE C 1121 -47.30 44.74 -10.05
C PHE C 1121 -47.69 45.24 -8.67
N VAL C 1122 -48.97 45.11 -8.35
CA VAL C 1122 -49.56 45.67 -7.13
C VAL C 1122 -49.80 44.54 -6.14
N SER C 1123 -49.34 44.72 -4.91
CA SER C 1123 -49.61 43.75 -3.84
C SER C 1123 -49.72 44.52 -2.54
N GLY C 1124 -50.95 44.70 -2.06
CA GLY C 1124 -51.16 45.31 -0.76
C GLY C 1124 -51.10 46.83 -0.79
N ASN C 1125 -51.21 47.41 0.40
CA ASN C 1125 -51.19 48.85 0.55
C ASN C 1125 -49.77 49.29 0.94
N CYS C 1126 -49.62 50.57 1.27
CA CYS C 1126 -48.31 51.13 1.58
C CYS C 1126 -47.93 51.04 3.05
N ASP C 1127 -48.78 50.48 3.89
CA ASP C 1127 -48.53 50.48 5.33
C ASP C 1127 -47.62 49.36 5.80
N VAL C 1128 -47.33 48.36 4.96
CA VAL C 1128 -46.63 47.17 5.40
C VAL C 1128 -45.15 47.19 5.00
N VAL C 1129 -44.86 47.60 3.77
CA VAL C 1129 -43.49 47.52 3.25
C VAL C 1129 -42.62 48.59 3.89
N ILE C 1130 -41.50 48.18 4.47
CA ILE C 1130 -40.59 49.11 5.11
C ILE C 1130 -39.73 49.79 4.06
N GLY C 1131 -39.75 51.11 4.04
CA GLY C 1131 -38.98 51.87 3.09
C GLY C 1131 -39.66 52.21 1.80
N ILE C 1132 -40.98 52.06 1.71
CA ILE C 1132 -41.73 52.44 0.53
C ILE C 1132 -41.73 53.95 0.39
N VAL C 1133 -41.54 54.43 -0.84
CA VAL C 1133 -41.51 55.87 -1.12
C VAL C 1133 -42.67 56.22 -2.01
N ASN C 1134 -43.04 57.50 -1.98
CA ASN C 1134 -44.17 58.00 -2.75
C ASN C 1134 -43.70 58.48 -4.11
N ASN C 1135 -44.30 57.93 -5.17
CA ASN C 1135 -44.01 58.36 -6.52
C ASN C 1135 -45.21 58.00 -7.39
N THR C 1136 -45.38 58.75 -8.47
CA THR C 1136 -46.46 58.47 -9.39
C THR C 1136 -46.16 57.24 -10.24
N VAL C 1137 -47.21 56.53 -10.64
CA VAL C 1137 -47.11 55.39 -11.54
C VAL C 1137 -47.97 55.70 -12.76
N TYR C 1138 -47.33 55.74 -13.93
CA TYR C 1138 -48.01 56.13 -15.16
C TYR C 1138 -48.90 55.00 -15.65
N ASP C 1139 -50.04 55.36 -16.23
CA ASP C 1139 -50.92 54.38 -16.86
C ASP C 1139 -50.93 54.61 -18.36
N PRO C 1140 -50.53 53.62 -19.16
CA PRO C 1140 -50.60 53.79 -20.63
C PRO C 1140 -52.01 53.94 -21.16
N LEU C 1141 -52.99 53.32 -20.51
CA LEU C 1141 -54.37 53.42 -20.95
C LEU C 1141 -54.99 54.77 -20.60
N GLN C 1142 -54.38 55.53 -19.68
CA GLN C 1142 -54.96 56.79 -19.23
C GLN C 1142 -55.09 57.87 -20.30
N PRO C 1143 -54.13 58.14 -21.20
CA PRO C 1143 -54.43 59.08 -22.29
C PRO C 1143 -55.43 58.56 -23.31
N GLU C 1144 -55.69 57.25 -23.36
CA GLU C 1144 -56.57 56.72 -24.40
C GLU C 1144 -58.04 56.98 -24.10
N LEU C 1145 -58.51 56.68 -22.88
CA LEU C 1145 -59.90 56.97 -22.57
C LEU C 1145 -60.14 58.46 -22.34
N ASP C 1146 -59.08 59.22 -22.04
CA ASP C 1146 -59.20 60.66 -21.91
C ASP C 1146 -59.52 61.30 -23.26
N SER C 1147 -58.90 60.81 -24.32
CA SER C 1147 -59.19 61.31 -25.67
C SER C 1147 -60.30 60.50 -26.33
N GLU D 1 32.83 -70.79 29.41
CA GLU D 1 31.87 -69.80 28.91
C GLU D 1 31.77 -68.61 29.86
N VAL D 2 31.03 -67.59 29.43
CA VAL D 2 30.88 -66.37 30.22
C VAL D 2 29.97 -66.62 31.42
N GLN D 3 30.36 -66.09 32.57
CA GLN D 3 29.65 -66.33 33.81
C GLN D 3 29.99 -65.24 34.82
N LEU D 4 28.95 -64.70 35.46
CA LEU D 4 29.09 -63.80 36.60
C LEU D 4 28.43 -64.45 37.80
N VAL D 5 29.16 -64.54 38.92
CA VAL D 5 28.64 -65.13 40.14
C VAL D 5 28.83 -64.11 41.27
N GLU D 6 27.88 -64.07 42.20
CA GLU D 6 27.93 -63.13 43.30
C GLU D 6 27.93 -63.86 44.63
N SER D 7 28.35 -63.14 45.67
CA SER D 7 28.36 -63.67 47.03
C SER D 7 28.34 -62.51 48.01
N GLY D 8 27.98 -62.82 49.25
CA GLY D 8 27.98 -61.87 50.35
C GLY D 8 26.62 -61.55 50.92
N GLY D 9 25.55 -62.06 50.31
CA GLY D 9 24.22 -61.75 50.79
C GLY D 9 23.83 -62.54 52.02
N GLY D 10 22.82 -62.02 52.72
CA GLY D 10 22.31 -62.69 53.90
C GLY D 10 21.33 -61.80 54.64
N VAL D 11 21.07 -62.17 55.88
CA VAL D 11 20.20 -61.41 56.77
C VAL D 11 21.09 -60.80 57.84
N VAL D 12 21.21 -59.47 57.84
CA VAL D 12 22.16 -58.78 58.69
C VAL D 12 21.49 -57.62 59.42
N GLN D 13 22.14 -57.21 60.51
CA GLN D 13 21.66 -56.11 61.34
C GLN D 13 21.86 -54.78 60.62
N PRO D 14 20.97 -53.80 60.83
CA PRO D 14 21.15 -52.50 60.15
C PRO D 14 22.12 -51.51 60.80
N GLY D 15 23.06 -51.04 59.98
CA GLY D 15 24.24 -50.35 60.45
C GLY D 15 25.51 -51.20 60.42
N ARG D 16 25.38 -52.51 60.37
CA ARG D 16 26.54 -53.37 60.12
C ARG D 16 26.93 -53.27 58.65
N SER D 17 28.23 -53.39 58.38
CA SER D 17 28.72 -53.25 57.02
C SER D 17 28.54 -54.55 56.24
N LEU D 18 28.60 -54.44 54.92
CA LEU D 18 28.60 -55.60 54.04
C LEU D 18 29.68 -55.46 52.98
N ARG D 19 30.14 -56.59 52.46
CA ARG D 19 31.07 -56.62 51.33
C ARG D 19 30.54 -57.64 50.34
N LEU D 20 29.90 -57.15 49.28
CA LEU D 20 29.37 -58.01 48.23
C LEU D 20 30.38 -58.20 47.11
N SER D 21 30.61 -59.45 46.72
CA SER D 21 31.61 -59.77 45.70
C SER D 21 30.95 -60.31 44.43
N CYS D 22 31.52 -59.93 43.28
CA CYS D 22 31.08 -60.34 41.96
C CYS D 22 32.30 -60.91 41.23
N ALA D 23 32.40 -62.23 41.17
CA ALA D 23 33.48 -62.91 40.47
C ALA D 23 33.08 -63.18 39.02
N ALA D 24 34.01 -62.91 38.10
CA ALA D 24 33.81 -63.13 36.69
C ALA D 24 34.65 -64.32 36.21
N SER D 25 34.03 -65.21 35.44
CA SER D 25 34.74 -66.35 34.87
C SER D 25 34.42 -66.48 33.39
N GLY D 26 35.44 -66.79 32.59
CA GLY D 26 35.29 -67.09 31.18
C GLY D 26 35.69 -65.99 30.22
N PHE D 27 35.77 -64.74 30.68
CA PHE D 27 36.16 -63.63 29.83
C PHE D 27 37.23 -62.79 30.50
N THR D 28 38.07 -62.15 29.69
CA THR D 28 39.09 -61.26 30.21
C THR D 28 38.43 -60.01 30.80
N PHE D 29 38.85 -59.63 32.00
CA PHE D 29 38.13 -58.62 32.77
C PHE D 29 38.40 -57.20 32.30
N SER D 30 39.46 -56.98 31.51
CA SER D 30 39.73 -55.66 30.98
C SER D 30 38.83 -55.34 29.79
N SER D 31 38.83 -54.06 29.40
CA SER D 31 38.06 -53.47 28.30
C SER D 31 36.55 -53.57 28.48
N TYR D 32 36.07 -53.95 29.66
CA TYR D 32 34.65 -53.99 30.00
C TYR D 32 34.42 -53.22 31.29
N ALA D 33 33.26 -52.59 31.39
CA ALA D 33 32.90 -51.74 32.53
C ALA D 33 31.80 -52.42 33.35
N MET D 34 31.94 -52.34 34.68
CA MET D 34 31.11 -53.14 35.57
C MET D 34 30.16 -52.29 36.38
N HIS D 35 28.92 -52.78 36.49
CA HIS D 35 27.80 -52.08 37.10
C HIS D 35 27.30 -52.87 38.31
N TRP D 36 26.81 -52.13 39.30
CA TRP D 36 26.02 -52.69 40.40
C TRP D 36 24.63 -52.09 40.32
N VAL D 37 23.62 -52.97 40.37
CA VAL D 37 22.20 -52.63 40.27
C VAL D 37 21.52 -53.29 41.46
N ARG D 38 20.51 -52.64 42.04
CA ARG D 38 19.66 -53.33 43.02
C ARG D 38 18.19 -53.10 42.72
N GLN D 39 17.36 -54.02 43.22
CA GLN D 39 15.92 -53.88 43.12
C GLN D 39 15.27 -54.33 44.43
N ALA D 40 14.30 -53.53 44.91
CA ALA D 40 13.55 -53.89 46.10
C ALA D 40 12.32 -54.72 45.73
N PRO D 41 11.82 -55.56 46.64
CA PRO D 41 10.55 -56.25 46.40
C PRO D 41 9.39 -55.26 46.30
N GLY D 42 8.65 -55.36 45.20
CA GLY D 42 7.59 -54.42 44.90
C GLY D 42 8.05 -53.14 44.25
N LYS D 43 9.33 -53.01 43.94
CA LYS D 43 9.90 -51.81 43.35
C LYS D 43 10.73 -52.23 42.13
N GLY D 44 10.89 -51.30 41.20
CA GLY D 44 11.68 -51.56 40.02
C GLY D 44 13.18 -51.47 40.28
N LEU D 45 13.95 -51.64 39.21
CA LEU D 45 15.39 -51.68 39.33
C LEU D 45 15.95 -50.30 39.61
N GLU D 46 17.01 -50.26 40.43
CA GLU D 46 17.69 -49.03 40.79
C GLU D 46 19.19 -49.24 40.62
N TRP D 47 19.81 -48.42 39.80
CA TRP D 47 21.23 -48.55 39.54
C TRP D 47 22.04 -47.94 40.67
N ILE D 48 23.12 -48.64 41.06
CA ILE D 48 23.93 -48.25 42.20
C ILE D 48 25.20 -47.59 41.71
N GLY D 49 26.02 -48.32 40.97
CA GLY D 49 27.33 -47.77 40.65
C GLY D 49 28.02 -48.37 39.44
N ASN D 50 28.97 -47.60 38.92
CA ASN D 50 29.79 -48.00 37.79
C ASN D 50 31.27 -47.91 38.16
N ILE D 51 32.07 -48.83 37.63
CA ILE D 51 33.51 -48.70 37.75
C ILE D 51 34.17 -49.25 36.47
N TYR D 52 35.27 -48.60 36.08
CA TYR D 52 36.00 -48.85 34.84
C TYR D 52 37.39 -49.40 35.17
N HIS D 53 38.16 -49.66 34.11
CA HIS D 53 39.53 -50.15 34.26
C HIS D 53 40.45 -49.10 34.90
N ASP D 54 40.15 -47.81 34.71
CA ASP D 54 40.92 -46.75 35.34
C ASP D 54 40.80 -46.82 36.87
N GLY D 55 39.60 -47.14 37.36
CA GLY D 55 39.28 -46.96 38.76
C GLY D 55 38.31 -45.83 39.02
N SER D 56 37.75 -45.24 37.98
CA SER D 56 36.76 -44.17 38.12
C SER D 56 35.44 -44.77 38.58
N THR D 57 34.97 -44.34 39.75
CA THR D 57 33.74 -44.85 40.33
C THR D 57 32.67 -43.78 40.20
N PHE D 58 31.52 -44.15 39.66
CA PHE D 58 30.38 -43.25 39.52
C PHE D 58 29.20 -43.82 40.28
N TYR D 59 28.61 -43.00 41.14
CA TYR D 59 27.51 -43.43 42.00
C TYR D 59 26.19 -42.83 41.55
N ASN D 60 25.12 -43.40 42.07
CA ASN D 60 23.78 -42.84 41.90
C ASN D 60 23.72 -41.52 42.67
N PRO D 61 23.19 -40.46 42.07
CA PRO D 61 22.93 -39.23 42.85
C PRO D 61 21.89 -39.39 43.94
N SER D 62 21.03 -40.41 43.87
CA SER D 62 19.96 -40.57 44.85
C SER D 62 20.51 -40.98 46.22
N LEU D 63 21.44 -41.92 46.25
CA LEU D 63 22.08 -42.38 47.48
C LEU D 63 23.55 -41.97 47.49
N LYS D 64 23.98 -41.32 48.56
CA LYS D 64 25.32 -40.77 48.63
C LYS D 64 26.03 -41.30 49.88
N SER D 65 27.29 -41.69 49.69
CA SER D 65 28.26 -42.14 50.70
C SER D 65 27.88 -43.46 51.37
N LEU D 66 26.79 -44.11 50.96
CA LEU D 66 26.43 -45.41 51.54
C LEU D 66 27.26 -46.56 50.99
N VAL D 67 27.66 -46.51 49.72
CA VAL D 67 28.34 -47.62 49.09
C VAL D 67 29.72 -47.17 48.60
N THR D 68 30.54 -48.15 48.22
CA THR D 68 31.87 -47.90 47.67
C THR D 68 32.22 -49.05 46.74
N ILE D 69 32.40 -48.75 45.46
CA ILE D 69 32.70 -49.73 44.43
C ILE D 69 34.22 -49.87 44.28
N SER D 70 34.71 -51.11 44.29
CA SER D 70 36.14 -51.39 44.26
C SER D 70 36.41 -52.52 43.27
N ARG D 71 37.00 -52.21 42.13
CA ARG D 71 37.37 -53.23 41.15
C ARG D 71 38.72 -53.83 41.51
N ASP D 72 38.89 -55.13 41.19
CA ASP D 72 40.21 -55.74 41.26
C ASP D 72 40.41 -56.61 40.03
N ASP D 73 41.60 -56.52 39.45
CA ASP D 73 41.87 -57.14 38.15
C ASP D 73 42.89 -58.26 38.23
N SER D 74 43.47 -58.51 39.41
CA SER D 74 44.40 -59.64 39.52
C SER D 74 43.65 -60.96 39.52
N THR D 75 42.45 -61.00 40.11
CA THR D 75 41.66 -62.22 40.19
C THR D 75 40.27 -62.01 39.58
N ASN D 76 40.09 -60.91 38.83
CA ASN D 76 38.90 -60.61 38.02
C ASN D 76 37.65 -60.49 38.88
N THR D 77 37.72 -59.69 39.95
CA THR D 77 36.62 -59.58 40.89
C THR D 77 36.17 -58.15 41.08
N LEU D 78 34.97 -57.99 41.63
CA LEU D 78 34.44 -56.67 41.93
C LEU D 78 33.80 -56.69 43.31
N TYR D 79 34.12 -55.68 44.13
CA TYR D 79 33.68 -55.60 45.52
C TYR D 79 32.82 -54.35 45.73
N LEU D 80 31.82 -54.48 46.57
CA LEU D 80 31.01 -53.36 47.03
C LEU D 80 31.06 -53.35 48.55
N GLN D 81 31.53 -52.24 49.12
CA GLN D 81 31.45 -52.02 50.57
C GLN D 81 30.22 -51.18 50.85
N MET D 82 29.33 -51.70 51.69
CA MET D 82 28.13 -50.99 52.11
C MET D 82 28.22 -50.67 53.58
N ASN D 83 28.07 -49.38 53.92
CA ASN D 83 28.23 -48.89 55.28
C ASN D 83 26.97 -48.16 55.70
N SER D 84 26.67 -48.25 57.00
CA SER D 84 25.54 -47.58 57.66
C SER D 84 24.21 -47.98 57.01
N LEU D 85 23.90 -49.27 57.18
CA LEU D 85 22.76 -49.87 56.51
C LEU D 85 21.45 -49.35 57.09
N ARG D 86 20.56 -48.90 56.20
CA ARG D 86 19.22 -48.49 56.57
C ARG D 86 18.25 -49.64 56.34
N ALA D 87 17.01 -49.46 56.81
CA ALA D 87 16.04 -50.55 56.74
C ALA D 87 15.51 -50.79 55.34
N GLU D 88 15.60 -49.80 54.45
CA GLU D 88 15.04 -49.91 53.10
C GLU D 88 15.98 -50.59 52.11
N ASP D 89 17.20 -50.96 52.51
CA ASP D 89 18.14 -51.59 51.60
C ASP D 89 17.95 -53.11 51.45
N THR D 90 16.83 -53.66 51.92
CA THR D 90 16.47 -55.04 51.62
C THR D 90 16.26 -55.16 50.11
N ALA D 91 17.15 -55.87 49.41
CA ALA D 91 17.13 -55.83 47.96
C ALA D 91 17.82 -57.05 47.37
N ILE D 92 17.51 -57.30 46.10
CA ILE D 92 18.25 -58.25 45.27
C ILE D 92 19.21 -57.45 44.40
N TYR D 93 20.49 -57.81 44.47
CA TYR D 93 21.57 -57.09 43.82
C TYR D 93 22.08 -57.86 42.60
N TYR D 94 22.48 -57.13 41.58
CA TYR D 94 22.90 -57.69 40.30
C TYR D 94 24.20 -57.03 39.86
N CYS D 95 25.06 -57.84 39.25
CA CYS D 95 26.33 -57.42 38.68
C CYS D 95 26.20 -57.42 37.16
N ALA D 96 26.59 -56.32 36.52
CA ALA D 96 26.37 -56.15 35.08
C ALA D 96 27.65 -55.73 34.38
N ARG D 97 27.70 -55.99 33.07
CA ARG D 97 28.92 -55.91 32.29
C ARG D 97 28.62 -55.28 30.94
N VAL D 98 29.25 -54.14 30.64
CA VAL D 98 29.07 -53.50 29.33
C VAL D 98 30.40 -53.47 28.59
N TRP D 99 30.30 -53.58 27.27
CA TRP D 99 31.42 -53.36 26.37
C TRP D 99 31.63 -51.86 26.16
N LEU D 100 32.88 -51.41 26.24
CA LEU D 100 33.19 -50.00 26.08
C LEU D 100 33.17 -49.53 24.63
N TYR D 101 33.02 -50.43 23.66
CA TYR D 101 33.17 -50.08 22.26
C TYR D 101 31.89 -50.37 21.50
N GLY D 102 30.76 -49.97 22.07
CA GLY D 102 29.48 -50.16 21.43
C GLY D 102 28.40 -49.45 22.22
N SER D 103 27.15 -49.79 21.91
CA SER D 103 26.04 -49.29 22.70
C SER D 103 26.06 -49.93 24.09
N GLY D 104 25.31 -49.31 25.01
CA GLY D 104 25.34 -49.74 26.40
C GLY D 104 24.58 -51.01 26.74
N TYR D 105 24.67 -52.03 25.90
CA TYR D 105 24.01 -53.30 26.15
C TYR D 105 24.73 -54.02 27.29
N MET D 106 23.98 -54.49 28.27
CA MET D 106 24.60 -55.10 29.45
C MET D 106 24.82 -56.59 29.33
N ASP D 107 24.61 -57.18 28.14
CA ASP D 107 25.01 -58.55 27.80
C ASP D 107 24.48 -59.59 28.77
N VAL D 108 25.37 -60.28 29.47
CA VAL D 108 24.98 -61.26 30.46
C VAL D 108 24.84 -60.56 31.82
N TRP D 109 24.05 -61.16 32.70
CA TRP D 109 23.81 -60.59 34.02
C TRP D 109 24.18 -61.58 35.11
N GLY D 110 24.45 -61.06 36.30
CA GLY D 110 24.55 -61.91 37.47
C GLY D 110 23.20 -62.46 37.86
N LYS D 111 23.22 -63.61 38.54
CA LYS D 111 21.97 -64.21 39.02
C LYS D 111 21.38 -63.40 40.17
N GLY D 112 22.21 -62.74 40.96
CA GLY D 112 21.75 -61.83 41.99
C GLY D 112 22.00 -62.37 43.38
N THR D 113 22.05 -61.45 44.35
CA THR D 113 22.23 -61.82 45.74
C THR D 113 21.19 -61.10 46.60
N LEU D 114 20.76 -61.77 47.67
CA LEU D 114 19.71 -61.27 48.55
C LEU D 114 20.29 -60.63 49.80
N VAL D 115 19.87 -59.39 50.09
CA VAL D 115 20.26 -58.69 51.30
C VAL D 115 19.00 -58.33 52.06
N THR D 116 18.87 -58.84 53.28
CA THR D 116 17.71 -58.62 54.14
C THR D 116 18.18 -57.97 55.44
N VAL D 117 17.62 -56.80 55.74
CA VAL D 117 17.99 -56.02 56.91
C VAL D 117 16.77 -55.88 57.82
N SER D 118 16.97 -56.10 59.12
CA SER D 118 15.89 -56.08 60.09
C SER D 118 16.49 -55.86 61.47
N SER D 119 15.62 -55.64 62.45
CA SER D 119 16.05 -55.47 63.84
C SER D 119 15.40 -56.50 64.74
C1 NAG E . 5.14 -34.99 62.49
C2 NAG E . 6.33 -35.91 62.83
C3 NAG E . 6.93 -36.49 61.56
C4 NAG E . 5.86 -37.21 60.74
C5 NAG E . 4.72 -36.23 60.43
C6 NAG E . 3.57 -36.87 59.69
C7 NAG E . 8.00 -35.80 64.62
C8 NAG E . 9.00 -34.95 65.33
N2 NAG E . 7.33 -35.22 63.62
O3 NAG E . 7.99 -37.38 61.89
O4 NAG E . 6.41 -37.72 59.53
O5 NAG E . 4.19 -35.71 61.66
O6 NAG E . 2.88 -37.80 60.51
O7 NAG E . 7.80 -36.97 64.94
C1 NAG E . 6.46 -39.16 59.57
C2 NAG E . 6.93 -39.67 58.21
C3 NAG E . 7.07 -41.20 58.23
C4 NAG E . 7.98 -41.63 59.37
C5 NAG E . 7.48 -41.07 60.70
C6 NAG E . 8.41 -41.36 61.85
C7 NAG E . 6.41 -38.58 56.08
C8 NAG E . 5.33 -38.24 55.09
N2 NAG E . 6.02 -39.27 57.15
O3 NAG E . 7.60 -41.64 56.99
O4 NAG E . 8.02 -43.06 59.44
O5 NAG E . 7.36 -39.64 60.61
O6 NAG E . 9.77 -41.17 61.48
O7 NAG E . 7.57 -38.26 55.89
C1 NAG F . -46.17 31.77 9.60
C2 NAG F . -47.37 32.34 10.35
C3 NAG F . -46.90 33.29 11.46
C4 NAG F . -45.90 32.60 12.36
C5 NAG F . -44.75 32.04 11.54
C6 NAG F . -43.75 31.24 12.33
C7 NAG F . -49.35 32.46 8.90
C8 NAG F . -50.17 33.31 7.98
N2 NAG F . -48.27 33.04 9.44
O3 NAG F . -48.03 33.74 12.20
O4 NAG F . -45.39 33.52 13.32
O5 NAG F . -45.26 31.16 10.52
O6 NAG F . -43.25 30.14 11.59
O7 NAG F . -49.65 31.29 9.14
C1 NAG F . -45.85 33.17 14.64
C2 NAG F . -44.90 33.79 15.68
C3 NAG F . -45.36 33.46 17.09
C4 NAG F . -46.81 33.89 17.29
C5 NAG F . -47.70 33.27 16.20
C6 NAG F . -49.13 33.77 16.25
C7 NAG F . -42.58 34.11 14.93
C8 NAG F . -41.23 33.48 14.79
N2 NAG F . -43.53 33.34 15.46
O3 NAG F . -44.53 34.14 18.03
O4 NAG F . -47.27 33.46 18.57
O5 NAG F . -47.19 33.62 14.90
O6 NAG F . -49.30 34.94 15.48
O7 NAG F . -42.80 35.26 14.57
C1 NAG G . -27.64 40.61 17.32
C2 NAG G . -28.29 41.65 18.24
C3 NAG G . -27.49 41.82 19.54
C4 NAG G . -27.27 40.47 20.21
C5 NAG G . -26.63 39.49 19.22
C6 NAG G . -26.48 38.09 19.76
C7 NAG G . -27.58 43.76 17.06
C8 NAG G . -28.11 45.02 16.45
N2 NAG G . -28.51 42.95 17.58
O3 NAG G . -28.19 42.69 20.42
O4 NAG G . -26.43 40.62 21.35
O5 NAG G . -27.44 39.38 18.05
O6 NAG G . -27.63 37.30 19.48
O7 NAG G . -26.36 43.52 17.09
C1 NAG G . -27.18 40.35 22.56
C2 NAG G . -26.25 39.79 23.62
C3 NAG G . -27.01 39.55 24.93
C4 NAG G . -27.73 40.82 25.36
C5 NAG G . -28.62 41.34 24.23
C6 NAG G . -29.27 42.67 24.55
C7 NAG G . -24.37 38.51 22.68
C8 NAG G . -23.87 37.16 22.27
N2 NAG G . -25.61 38.55 23.17
O3 NAG G . -26.11 39.13 25.94
O4 NAG G . -28.54 40.55 26.50
O5 NAG G . -27.83 41.55 23.05
O6 NAG G . -28.66 43.73 23.82
O7 NAG G . -23.67 39.52 22.58
C1 NAG H . -55.68 16.95 1.77
C2 NAG H . -54.97 16.95 3.12
C3 NAG H . -54.53 15.52 3.47
C4 NAG H . -55.72 14.55 3.38
C5 NAG H . -56.43 14.68 2.04
C6 NAG H . -57.71 13.89 1.96
C7 NAG H . -53.69 18.83 4.03
C8 NAG H . -52.45 19.66 3.89
N2 NAG H . -53.83 17.84 3.13
O3 NAG H . -53.99 15.50 4.79
O4 NAG H . -55.23 13.21 3.51
O5 NAG H . -56.78 16.05 1.79
O6 NAG H . -58.85 14.74 2.01
O7 NAG H . -54.53 19.05 4.89
C1 NAG H . -55.66 12.62 4.75
C2 NAG H . -55.37 11.12 4.69
C3 NAG H . -55.76 10.45 6.01
C4 NAG H . -55.08 11.15 7.18
C5 NAG H . -55.39 12.65 7.16
C6 NAG H . -54.68 13.42 8.23
C7 NAG H . -55.47 10.19 2.43
C8 NAG H . -56.34 9.56 1.39
N2 NAG H . -56.07 10.50 3.58
O3 NAG H . -55.39 9.08 5.98
O4 NAG H . -55.53 10.60 8.41
O5 NAG H . -54.99 13.20 5.89
O6 NAG H . -53.32 13.05 8.32
O7 NAG H . -54.28 10.41 2.22
C1 NAG I . -63.16 31.32 -1.20
C2 NAG I . -64.29 31.29 -0.17
C3 NAG I . -65.31 32.40 -0.48
C4 NAG I . -64.62 33.76 -0.55
C5 NAG I . -63.45 33.70 -1.54
C6 NAG I . -62.62 34.97 -1.55
C7 NAG I . -64.70 29.07 0.79
C8 NAG I . -65.46 27.79 0.66
N2 NAG I . -64.95 29.99 -0.15
O3 NAG I . -66.30 32.41 0.54
O4 NAG I . -65.56 34.73 -0.98
O5 NAG I . -62.56 32.62 -1.20
O6 NAG I . -61.72 35.00 -0.45
O7 NAG I . -63.89 29.25 1.69
C1 NAG I . -65.83 35.68 0.08
C2 NAG I . -66.81 36.72 -0.45
C3 NAG I . -67.17 37.73 0.64
C4 NAG I . -67.66 37.01 1.90
C5 NAG I . -66.65 35.95 2.33
C6 NAG I . -67.14 35.11 3.49
C7 NAG I . -66.78 37.28 -2.85
C8 NAG I . -66.10 38.05 -3.93
N2 NAG I . -66.27 37.41 -1.62
O3 NAG I . -68.17 38.62 0.17
O4 NAG I . -67.84 37.95 2.95
O5 NAG I . -66.39 35.05 1.24
O6 NAG I . -68.14 34.20 3.08
O7 NAG I . -67.76 36.56 -3.08
C1 NAG J . -68.73 24.87 -19.80
C2 NAG J . -69.72 23.73 -19.61
C3 NAG J . -70.07 23.11 -20.96
C4 NAG J . -70.55 24.17 -21.95
C5 NAG J . -69.54 25.30 -22.04
C6 NAG J . -70.01 26.47 -22.87
C7 NAG J . -69.53 22.62 -17.43
C8 NAG J . -68.86 21.52 -16.65
N2 NAG J . -69.17 22.72 -18.72
O3 NAG J . -71.08 22.12 -20.77
O4 NAG J . -70.71 23.58 -23.23
O5 NAG J . -69.28 25.83 -20.72
O6 NAG J . -70.49 27.53 -22.04
O7 NAG J . -70.34 23.39 -16.92
C1 NAG J . -72.11 23.54 -23.59
C2 NAG J . -72.22 23.48 -25.12
C3 NAG J . -73.69 23.38 -25.55
C4 NAG J . -74.38 22.22 -24.84
C5 NAG J . -74.18 22.33 -23.32
C6 NAG J . -74.73 21.14 -22.58
C7 NAG J . -70.32 24.60 -26.18
C8 NAG J . -69.82 25.89 -26.78
N2 NAG J . -71.58 24.62 -25.74
O3 NAG J . -73.75 23.21 -26.96
O4 NAG J . -75.77 22.24 -25.14
O5 NAG J . -72.78 22.41 -23.01
O6 NAG J . -73.75 20.15 -22.38
O7 NAG J . -69.61 23.60 -26.10
C1 NAG K . 19.67 -60.73 -38.02
C2 NAG K . 20.70 -61.66 -37.37
C3 NAG K . 21.61 -60.87 -36.43
C4 NAG K . 22.28 -59.72 -37.18
C5 NAG K . 21.20 -58.83 -37.83
C6 NAG K . 21.76 -57.72 -38.68
C7 NAG K . 20.53 -64.01 -36.68
C8 NAG K . 19.76 -65.01 -35.89
N2 NAG K . 20.06 -62.76 -36.66
O3 NAG K . 22.61 -61.74 -35.89
O4 NAG K . 23.08 -58.95 -36.30
O5 NAG K . 20.36 -59.63 -38.69
O6 NAG K . 22.83 -58.19 -39.51
O7 NAG K . 21.53 -64.31 -37.32
C1 NAG K . 24.48 -59.12 -36.63
C2 NAG K . 25.32 -58.11 -35.84
C3 NAG K . 26.80 -58.31 -36.14
C4 NAG K . 27.22 -59.75 -35.89
C5 NAG K . 26.32 -60.71 -36.65
C6 NAG K . 26.59 -62.16 -36.32
C7 NAG K . 24.62 -55.85 -35.19
C8 NAG K . 24.22 -54.49 -35.67
N2 NAG K . 24.90 -56.75 -36.14
O3 NAG K . 27.57 -57.42 -35.33
O4 NAG K . 28.57 -59.94 -36.31
O5 NAG K . 24.94 -60.46 -36.34
O6 NAG K . 27.93 -62.37 -35.92
O7 NAG K . 24.69 -56.13 -34.00
C1 NAG L . -45.47 14.78 -33.88
C2 NAG L . -46.60 14.73 -34.93
C3 NAG L . -47.57 13.59 -34.58
C4 NAG L . -46.82 12.27 -34.44
C5 NAG L . -45.71 12.42 -33.40
C6 NAG L . -44.84 11.19 -33.26
C7 NAG L . -47.00 16.95 -35.87
C8 NAG L . -47.83 18.19 -35.80
N2 NAG L . -47.30 15.99 -34.99
O3 NAG L . -48.54 13.49 -35.61
O4 NAG L . -47.72 11.25 -34.03
O5 NAG L . -44.84 13.50 -33.78
O6 NAG L . -43.55 11.52 -32.76
O7 NAG L . -46.10 16.82 -36.69
C1 NAG L . -47.89 10.28 -35.09
C2 NAG L . -48.45 8.98 -34.50
C3 NAG L . -48.68 7.95 -35.61
C4 NAG L . -49.53 8.54 -36.73
C5 NAG L . -48.92 9.85 -37.23
C6 NAG L . -49.78 10.55 -38.26
C7 NAG L . -47.85 8.52 -32.17
C8 NAG L . -46.83 7.91 -31.25
N2 NAG L . -47.57 8.45 -33.48
O3 NAG L . -49.31 6.81 -35.07
O4 NAG L . -49.62 7.62 -37.81
O5 NAG L . -48.76 10.76 -36.13
O6 NAG L . -50.72 11.42 -37.63
O7 NAG L . -48.88 9.04 -31.75
C1 NAG M . -49.50 0.04 -18.18
C2 NAG M . -50.88 -0.37 -18.74
C3 NAG M . -51.10 -1.88 -18.57
C4 NAG M . -49.93 -2.67 -19.15
C5 NAG M . -48.62 -2.17 -18.54
C6 NAG M . -47.39 -2.83 -19.14
C7 NAG M . -52.37 0.47 -16.89
C8 NAG M . -53.54 1.36 -16.62
N2 NAG M . -51.99 0.40 -18.18
O3 NAG M . -52.31 -2.25 -19.21
O4 NAG M . -50.09 -4.06 -18.87
O5 NAG M . -48.48 -0.77 -18.75
O6 NAG M . -46.75 -1.96 -20.06
O7 NAG M . -51.80 -0.15 -15.99
C1 NAG M . -50.34 -4.78 -20.10
C2 NAG M . -49.74 -6.18 -19.98
C3 NAG M . -50.01 -6.97 -21.26
C4 NAG M . -51.50 -6.98 -21.57
C5 NAG M . -52.05 -5.56 -21.61
C6 NAG M . -53.56 -5.52 -21.78
C7 NAG M . -47.79 -6.42 -18.51
C8 NAG M . -46.30 -6.32 -18.40
N2 NAG M . -48.31 -6.12 -19.71
O3 NAG M . -49.54 -8.31 -21.10
O4 NAG M . -51.73 -7.62 -22.83
O5 NAG M . -51.75 -4.88 -20.39
O6 NAG M . -54.22 -5.83 -20.57
O7 NAG M . -48.50 -6.75 -17.56
C1 NAG N . -33.14 25.05 -44.60
C2 NAG N . -33.29 23.54 -44.65
C3 NAG N . -31.96 22.88 -45.00
C4 NAG N . -31.37 23.49 -46.28
C5 NAG N . -31.34 25.02 -46.18
C6 NAG N . -30.94 25.69 -47.48
C7 NAG N . -34.79 22.13 -43.29
C8 NAG N . -35.18 21.72 -41.91
N2 NAG N . -33.79 23.02 -43.38
O3 NAG N . -32.15 21.48 -45.18
O4 NAG N . -30.04 23.01 -46.43
O5 NAG N . -32.64 25.52 -45.85
O6 NAG N . -32.09 25.96 -48.28
O7 NAG N . -35.36 21.70 -44.29
C1 NAG N . -29.92 22.17 -47.60
C2 NAG N . -28.45 22.17 -48.03
C3 NAG N . -28.27 21.28 -49.27
C4 NAG N . -28.81 19.88 -48.99
C5 NAG N . -30.26 19.94 -48.51
C6 NAG N . -30.80 18.61 -48.09
C7 NAG N . -27.07 24.13 -47.54
C8 NAG N . -26.70 25.53 -47.95
N2 NAG N . -27.99 23.52 -48.30
O3 NAG N . -26.90 21.23 -49.61
O4 NAG N . -28.74 19.10 -50.17
O5 NAG N . -30.35 20.81 -47.36
O6 NAG N . -30.18 18.15 -46.89
O7 NAG N . -26.57 23.60 -46.56
C1 NAG O . -47.84 32.26 -43.68
C2 NAG O . -48.44 31.90 -45.03
C3 NAG O . -49.72 32.70 -45.27
C4 NAG O . -50.69 32.51 -44.12
C5 NAG O . -50.00 32.85 -42.79
C6 NAG O . -50.86 32.55 -41.58
C7 NAG O . -46.82 31.13 -46.71
C8 NAG O . -45.87 31.55 -47.80
N2 NAG O . -47.48 32.12 -46.11
O3 NAG O . -50.31 32.29 -46.49
O4 NAG O . -51.80 33.39 -44.30
O5 NAG O . -48.82 32.06 -42.64
O6 NAG O . -50.74 31.19 -41.18
O7 NAG O . -46.95 29.96 -46.38
C1 NAG O . -53.02 32.66 -44.56
C2 NAG O . -54.15 33.68 -44.72
C3 NAG O . -55.46 32.96 -45.04
C4 NAG O . -55.29 32.04 -46.25
C5 NAG O . -54.12 31.09 -46.02
C6 NAG O . -53.82 30.23 -47.23
C7 NAG O . -54.05 35.81 -43.52
C8 NAG O . -54.25 36.50 -42.20
N2 NAG O . -54.29 34.50 -43.53
O3 NAG O . -56.47 33.92 -45.30
O4 NAG O . -56.48 31.28 -46.45
O5 NAG O . -52.93 31.84 -45.74
O6 NAG O . -53.54 31.04 -48.37
O7 NAG O . -53.69 36.42 -44.52
C1 NAG P . -38.85 50.71 -43.34
C2 NAG P . -38.12 50.81 -44.67
C3 NAG P . -37.29 52.10 -44.72
C4 NAG P . -38.16 53.32 -44.42
C5 NAG P . -38.86 53.12 -43.08
C6 NAG P . -39.84 54.23 -42.73
C7 NAG P . -37.56 48.69 -45.75
C8 NAG P . -36.57 47.56 -45.85
N2 NAG P . -37.26 49.66 -44.89
O3 NAG P . -36.69 52.23 -46.01
O4 NAG P . -37.37 54.50 -44.40
O5 NAG P . -39.62 51.90 -43.10
O6 NAG P . -41.15 53.88 -43.11
O7 NAG P . -38.58 48.71 -46.43
C1 NAG P . -37.72 55.34 -45.51
C2 NAG P . -37.37 56.79 -45.17
C3 NAG P . -37.71 57.71 -46.34
C4 NAG P . -37.03 57.22 -47.61
C5 NAG P . -37.39 55.76 -47.87
C6 NAG P . -36.65 55.17 -49.06
C7 NAG P . -37.51 57.21 -42.75
C8 NAG P . -38.38 57.69 -41.63
N2 NAG P . -38.08 57.23 -43.97
O3 NAG P . -37.28 59.03 -46.04
O4 NAG P . -37.46 58.01 -48.72
O5 NAG P . -37.04 54.96 -46.73
O6 NAG P . -35.70 54.20 -48.64
O7 NAG P . -36.36 56.84 -42.57
C1 NAG Q . 72.07 15.39 3.77
C2 NAG Q . 73.11 14.28 3.94
C3 NAG Q . 72.44 13.04 4.51
C4 NAG Q . 71.75 13.36 5.82
C5 NAG Q . 70.75 14.50 5.61
C6 NAG Q . 70.08 14.97 6.88
C7 NAG Q . 75.12 13.73 2.66
C8 NAG Q . 75.67 13.44 1.30
N2 NAG Q . 73.81 13.98 2.70
O3 NAG Q . 73.42 12.01 4.68
O4 NAG Q . 71.08 12.22 6.33
O5 NAG Q . 71.42 15.65 5.04
O6 NAG Q . 71.00 15.02 7.95
O7 NAG Q . 75.82 13.72 3.66
C1 NAG Q . 71.75 11.73 7.51
C2 NAG Q . 70.87 10.71 8.23
C3 NAG Q . 71.60 10.12 9.44
C4 NAG Q . 72.94 9.54 9.02
C5 NAG Q . 73.77 10.59 8.27
C6 NAG Q . 75.06 10.02 7.71
C7 NAG Q . 68.42 10.75 8.38
C8 NAG Q . 67.22 11.50 8.87
N2 NAG Q . 69.61 11.31 8.63
O3 NAG Q . 70.80 9.13 10.04
O4 NAG Q . 73.66 9.12 10.17
O5 NAG Q . 73.03 11.11 7.17
O6 NAG Q . 75.78 9.30 8.69
O7 NAG Q . 68.32 9.69 7.78
C1 NAG R . -18.58 51.40 -22.56
C2 NAG R . -18.64 52.85 -23.04
C3 NAG R . -18.03 52.97 -24.43
C4 NAG R . -16.62 52.38 -24.46
C5 NAG R . -16.66 50.94 -23.94
C6 NAG R . -15.29 50.30 -23.83
C7 NAG R . -20.51 54.06 -22.02
C8 NAG R . -21.93 54.50 -22.18
N2 NAG R . -19.99 53.36 -23.03
O3 NAG R . -18.00 54.33 -24.82
O4 NAG R . -16.12 52.40 -25.79
O5 NAG R . -17.24 50.91 -22.63
O6 NAG R . -15.37 49.01 -23.21
O7 NAG R . -19.86 54.33 -21.02
C1 NAG R . -15.00 53.32 -25.87
C2 NAG R . -14.11 52.90 -27.04
C3 NAG R . -12.94 53.87 -27.18
C4 NAG R . -13.43 55.31 -27.29
C5 NAG R . -14.36 55.65 -26.12
C6 NAG R . -15.00 57.01 -26.25
C7 NAG R . -14.16 50.50 -27.56
C8 NAG R . -13.56 49.16 -27.27
N2 NAG R . -13.64 51.54 -26.89
O3 NAG R . -12.17 53.53 -28.33
O4 NAG R . -12.32 56.21 -27.28
O5 NAG R . -15.44 54.69 -26.05
O6 NAG R . -16.22 56.93 -26.97
O7 NAG R . -15.07 50.65 -28.37
C1 NAG S . -10.59 38.39 -38.34
C2 NAG S . -10.52 39.48 -39.43
C3 NAG S . -9.27 39.29 -40.30
C4 NAG S . -8.02 39.21 -39.43
C5 NAG S . -8.19 38.12 -38.37
C6 NAG S . -7.05 38.06 -37.38
C7 NAG S . -12.25 38.58 -41.03
C8 NAG S . -13.51 38.94 -41.74
N2 NAG S . -11.73 39.54 -40.25
O3 NAG S . -9.17 40.38 -41.21
O4 NAG S . -6.88 38.91 -40.23
O5 NAG S . -9.37 38.38 -37.60
O6 NAG S . -7.18 39.05 -36.38
O7 NAG S . -11.74 37.46 -41.15
C1 NAG S . -6.00 40.04 -40.31
C2 NAG S . -4.54 39.56 -40.36
C3 NAG S . -3.60 40.77 -40.49
C4 NAG S . -4.00 41.62 -41.69
C5 NAG S . -5.47 42.02 -41.59
C6 NAG S . -5.95 42.76 -42.81
C7 NAG S . -3.93 37.46 -39.25
C8 NAG S . -3.58 36.81 -37.95
N2 NAG S . -4.20 38.77 -39.19
O3 NAG S . -2.26 40.31 -40.62
O4 NAG S . -3.19 42.80 -41.73
O5 NAG S . -6.29 40.84 -41.47
O6 NAG S . -6.52 41.88 -43.77
O7 NAG S . -3.95 36.85 -40.31
C1 NAG T . -21.16 55.72 -4.02
C2 NAG T . -19.82 55.79 -4.76
C3 NAG T . -18.68 55.47 -3.79
C4 NAG T . -18.73 56.33 -2.55
C5 NAG T . -20.13 56.28 -1.92
C6 NAG T . -20.32 57.25 -0.77
C7 NAG T . -19.71 55.31 -7.17
C8 NAG T . -19.71 54.24 -8.21
N2 NAG T . -19.81 54.89 -5.90
O3 NAG T . -17.44 55.66 -4.47
O4 NAG T . -17.79 55.86 -1.60
O5 NAG T . -21.13 56.60 -2.89
O6 NAG T . -21.08 58.38 -1.18
O7 NAG T . -19.63 56.51 -7.44
C1 NAG T . -16.71 56.82 -1.43
C2 NAG T . -15.91 56.42 -0.19
C3 NAG T . -14.75 57.38 0.01
C4 NAG T . -13.91 57.49 -1.26
C5 NAG T . -14.80 57.86 -2.44
C6 NAG T . -14.06 57.89 -3.76
C7 NAG T . -17.25 55.23 1.49
C8 NAG T . -18.11 55.37 2.71
N2 NAG T . -16.75 56.38 0.99
O3 NAG T . -13.93 56.93 1.08
O4 NAG T . -12.91 58.49 -1.10
O5 NAG T . -15.85 56.89 -2.58
O6 NAG T . -13.19 56.77 -3.89
O7 NAG T . -17.02 54.14 0.97
C1 NAG U . -32.82 62.41 -13.58
C2 NAG U . -32.30 63.84 -13.69
C3 NAG U . -33.38 64.73 -14.31
C4 NAG U . -33.84 64.16 -15.65
C5 NAG U . -34.28 62.70 -15.48
C6 NAG U . -34.60 62.02 -16.80
C7 NAG U . -30.61 64.45 -12.02
C8 NAG U . -30.37 65.01 -10.65
N2 NAG U . -31.89 64.36 -12.40
O3 NAG U . -32.86 66.04 -14.49
O4 NAG U . -34.95 64.93 -16.13
O5 NAG U . -33.23 61.93 -14.88
O6 NAG U . -33.42 61.56 -17.44
O7 NAG U . -29.70 64.08 -12.75
C1 NAG U . -34.62 65.66 -17.32
C2 NAG U . -35.88 66.35 -17.83
C3 NAG U . -35.56 67.15 -19.09
C4 NAG U . -34.42 68.14 -18.83
C5 NAG U . -33.20 67.38 -18.28
C6 NAG U . -32.08 68.30 -17.88
C7 NAG U . -38.13 65.46 -17.49
C8 NAG U . -39.11 64.38 -17.87
N2 NAG U . -36.94 65.40 -18.08
O3 NAG U . -36.72 67.86 -19.52
O4 NAG U . -34.06 68.80 -20.04
O5 NAG U . -33.58 66.64 -17.10
O6 NAG U . -32.56 69.59 -17.52
O7 NAG U . -38.41 66.33 -16.68
C1 NAG V . -46.70 59.34 1.27
C2 NAG V . -46.20 60.18 2.44
C3 NAG V . -47.03 59.88 3.68
C4 NAG V . -48.52 60.06 3.40
C5 NAG V . -48.92 59.21 2.20
C6 NAG V . -50.37 59.43 1.78
C7 NAG V . -43.83 60.78 2.30
C8 NAG V . -42.43 60.38 2.65
N2 NAG V . -44.80 59.94 2.69
O3 NAG V . -46.62 60.74 4.74
O4 NAG V . -49.28 59.66 4.54
O5 NAG V . -48.11 59.55 1.08
O6 NAG V . -50.46 60.40 0.74
O7 NAG V . -44.08 61.82 1.69
C1 NAG V . -49.89 60.80 5.17
C2 NAG V . -50.99 60.32 6.11
C3 NAG V . -51.62 61.51 6.85
C4 NAG V . -50.54 62.34 7.55
C5 NAG V . -49.47 62.76 6.55
C6 NAG V . -48.32 63.49 7.18
C7 NAG V . -52.12 58.24 5.47
C8 NAG V . -53.22 57.63 4.66
N2 NAG V . -52.00 59.57 5.39
O3 NAG V . -52.57 61.03 7.79
O4 NAG V . -51.13 63.49 8.13
O5 NAG V . -48.93 61.59 5.90
O6 NAG V . -47.29 62.59 7.59
O7 NAG V . -51.37 57.56 6.16
C1 NAG W . -13.80 -20.99 43.74
C2 NAG W . -15.20 -20.75 43.18
C3 NAG W . -16.23 -21.55 43.97
C4 NAG W . -15.86 -23.03 44.00
C5 NAG W . -14.44 -23.19 44.55
C6 NAG W . -13.95 -24.62 44.49
C7 NAG W . -15.65 -18.59 42.09
C8 NAG W . -16.00 -17.15 42.28
N2 NAG W . -15.54 -19.33 43.20
O3 NAG W . -17.51 -21.40 43.37
O4 NAG W . -16.76 -23.75 44.83
O5 NAG W . -13.52 -22.41 43.77
O6 NAG W . -12.79 -24.73 43.69
O7 NAG W . -15.45 -19.07 40.97
C1 NAG X . 17.82 -14.12 62.74
C2 NAG X . 18.46 -14.29 64.10
C3 NAG X . 19.97 -14.14 63.98
C4 NAG X . 20.52 -15.12 62.96
C5 NAG X . 19.80 -14.98 61.63
C6 NAG X . 20.18 -16.04 60.62
C7 NAG X . 17.04 -13.68 66.00
C8 NAG X . 16.58 -12.58 66.91
N2 NAG X . 17.93 -13.34 65.06
O3 NAG X . 20.58 -14.37 65.25
O4 NAG X . 21.92 -14.91 62.76
O5 NAG X . 18.37 -15.09 61.81
O6 NAG X . 20.47 -17.27 61.25
O7 NAG X . 16.61 -14.83 66.10
C1 NAG Y . 25.93 -32.61 49.50
C2 NAG Y . 27.27 -32.86 48.79
C3 NAG Y . 27.69 -34.32 48.93
C4 NAG Y . 27.73 -34.72 50.40
C5 NAG Y . 26.40 -34.41 51.08
C6 NAG Y . 26.41 -34.66 52.57
C7 NAG Y . 28.08 -31.75 46.74
C8 NAG Y . 27.82 -31.49 45.30
N2 NAG Y . 27.17 -32.50 47.37
O3 NAG Y . 28.96 -34.51 48.34
O4 NAG Y . 28.01 -36.11 50.53
O5 NAG Y . 26.05 -33.02 50.89
O6 NAG Y . 26.75 -33.48 53.29
O7 NAG Y . 29.08 -31.33 47.32
C1 NAG Z . 11.39 -29.75 38.44
C2 NAG Z . 11.85 -30.43 37.15
C3 NAG Z . 10.68 -31.19 36.51
C4 NAG Z . 10.10 -32.17 37.51
C5 NAG Z . 9.67 -31.44 38.78
C6 NAG Z . 9.18 -32.38 39.86
C7 NAG Z . 13.72 -29.26 36.07
C8 NAG Z . 14.12 -28.22 35.06
N2 NAG Z . 12.40 -29.47 36.22
O3 NAG Z . 11.15 -31.88 35.35
O4 NAG Z . 8.96 -32.83 36.93
O5 NAG Z . 10.80 -30.74 39.33
O6 NAG Z . 10.00 -32.30 41.02
O7 NAG Z . 14.55 -29.89 36.73
C1 NAG AA . 2.04 13.39 40.78
C2 NAG AA . 0.61 13.32 41.34
C3 NAG AA . 0.15 14.71 41.79
C4 NAG AA . 1.15 15.31 42.77
C5 NAG AA . 2.54 15.32 42.15
C6 NAG AA . 3.61 15.80 43.11
C7 NAG AA . -1.32 11.95 40.68
C8 NAG AA . -2.17 11.48 39.53
N2 NAG AA . -0.31 12.76 40.36
O3 NAG AA . -1.13 14.60 42.40
O4 NAG AA . 0.77 16.64 43.09
O5 NAG AA . 2.91 13.99 41.75
O6 NAG AA . 4.84 16.07 42.43
O7 NAG AA . -1.54 11.61 41.83
C1 NAG BA . -60.33 12.72 -12.39
C2 NAG BA . -60.79 13.14 -13.79
C3 NAG BA . -62.32 13.19 -13.82
C4 NAG BA . -62.90 11.85 -13.39
C5 NAG BA . -62.34 11.45 -12.03
C6 NAG BA . -62.77 10.06 -11.59
C7 NAG BA . -59.13 14.53 -14.93
C8 NAG BA . -58.67 15.92 -15.20
N2 NAG BA . -60.22 14.42 -14.16
O3 NAG BA . -62.74 13.50 -15.14
O4 NAG BA . -64.32 11.94 -13.30
O5 NAG BA . -60.90 11.44 -12.05
O6 NAG BA . -61.92 9.55 -10.58
O7 NAG BA . -58.55 13.55 -15.38
C1 NAG CA . 5.20 -34.44 -42.22
C2 NAG CA . 4.66 -33.37 -43.16
C3 NAG CA . 5.05 -33.66 -44.60
C4 NAG CA . 6.56 -33.86 -44.71
C5 NAG CA . 7.01 -34.96 -43.76
C6 NAG CA . 8.51 -35.16 -43.75
C7 NAG CA . 2.61 -32.20 -42.44
C8 NAG CA . 1.11 -32.23 -42.42
N2 NAG CA . 3.21 -33.24 -43.05
O3 NAG CA . 4.64 -32.59 -45.44
O4 NAG CA . 6.91 -34.22 -46.05
O5 NAG CA . 6.62 -34.60 -42.42
O6 NAG CA . 9.01 -35.13 -42.42
O7 NAG CA . 3.25 -31.28 -41.94
C1 NAG DA . 2.77 -65.33 -20.31
C2 NAG DA . 2.73 -66.86 -20.29
C3 NAG DA . 2.89 -67.37 -18.86
C4 NAG DA . 4.16 -66.81 -18.24
C5 NAG DA . 4.18 -65.29 -18.33
C6 NAG DA . 5.50 -64.69 -17.89
C7 NAG DA . 1.45 -67.90 -22.11
C8 NAG DA . 0.10 -68.38 -22.56
N2 NAG DA . 1.50 -67.36 -20.89
O3 NAG DA . 2.93 -68.79 -18.87
O4 NAG DA . 4.24 -67.20 -16.87
O5 NAG DA . 4.00 -64.87 -19.70
O6 NAG DA . 6.53 -64.94 -18.83
O7 NAG DA . 2.45 -68.01 -22.80
C1 NAG EA . 25.39 -59.00 -14.24
C2 NAG EA . 26.09 -59.10 -12.88
C3 NAG EA . 27.52 -59.60 -13.05
C4 NAG EA . 27.55 -60.90 -13.84
C5 NAG EA . 26.82 -60.73 -15.17
C6 NAG EA . 26.72 -62.02 -15.96
C7 NAG EA . 25.15 -57.50 -11.27
C8 NAG EA . 25.28 -56.13 -10.66
N2 NAG EA . 26.07 -57.82 -12.19
O3 NAG EA . 28.12 -59.79 -11.77
O4 NAG EA . 28.90 -61.29 -14.09
O5 NAG EA . 25.48 -60.28 -14.94
O6 NAG EA . 26.35 -63.11 -15.12
O7 NAG EA . 24.24 -58.27 -10.96
C1 NAG FA . 21.14 -41.70 -21.06
C2 NAG FA . 22.34 -40.92 -20.49
C3 NAG FA . 22.88 -39.93 -21.53
C4 NAG FA . 23.20 -40.66 -22.83
C5 NAG FA . 21.98 -41.42 -23.32
C6 NAG FA . 22.26 -42.25 -24.56
C7 NAG FA . 22.26 -40.70 -18.05
C8 NAG FA . 21.82 -39.85 -16.90
N2 NAG FA . 21.98 -40.23 -19.27
O3 NAG FA . 24.05 -39.31 -21.02
O4 NAG FA . 23.60 -39.70 -23.82
O5 NAG FA . 21.53 -42.33 -22.31
O6 NAG FA . 22.15 -43.64 -24.29
O7 NAG FA . 22.86 -41.75 -17.89
C1 NAG GA . -22.95 -36.36 -15.88
C2 NAG GA . -23.60 -36.03 -17.22
C3 NAG GA . -25.12 -36.03 -17.10
C4 NAG GA . -25.61 -37.35 -16.51
C5 NAG GA . -24.89 -37.66 -15.20
C6 NAG GA . -25.22 -39.03 -14.66
C7 NAG GA . -22.22 -34.64 -18.70
C8 NAG GA . -21.85 -33.24 -19.10
N2 NAG GA . -23.13 -34.75 -17.73
O3 NAG GA . -25.70 -35.81 -18.38
O4 NAG GA . -27.01 -37.27 -16.27
O5 NAG GA . -23.47 -37.62 -15.38
O6 NAG GA . -25.32 -39.03 -13.24
O7 NAG GA . -21.73 -35.62 -19.25
C1 NAG HA . 45.19 -4.15 -32.70
C2 NAG HA . 44.79 -3.73 -34.11
C3 NAG HA . 45.22 -2.29 -34.38
C4 NAG HA . 44.69 -1.36 -33.29
C5 NAG HA . 45.08 -1.88 -31.90
C6 NAG HA . 44.48 -1.09 -30.78
C7 NAG HA . 44.67 -5.61 -35.69
C8 NAG HA . 45.42 -6.43 -36.69
N2 NAG HA . 45.35 -4.62 -35.11
O3 NAG HA . 44.72 -1.88 -35.65
O4 NAG HA . 45.23 -0.06 -33.46
O5 NAG HA . 44.63 -3.23 -31.74
O6 NAG HA . 44.30 -1.88 -29.61
O7 NAG HA . 43.49 -5.83 -35.42
C1 NAG IA . -27.26 39.37 -44.53
C2 NAG IA . -27.14 40.89 -44.44
C3 NAG IA . -27.57 41.53 -45.76
C4 NAG IA . -26.77 40.94 -46.92
C5 NAG IA . -26.91 39.42 -46.92
C6 NAG IA . -26.07 38.74 -47.98
C7 NAG IA . -27.40 41.67 -42.14
C8 NAG IA . -28.35 42.19 -41.11
N2 NAG IA . -27.92 41.42 -43.34
O3 NAG IA . -27.36 42.93 -45.69
O4 NAG IA . -27.25 41.46 -48.15
O5 NAG IA . -26.49 38.88 -45.65
O6 NAG IA . -26.39 37.37 -48.10
O7 NAG IA . -26.21 41.48 -41.88
C1 NAG JA . 44.96 29.02 3.88
C2 NAG JA . 44.05 30.19 4.30
C3 NAG JA . 44.85 31.23 5.11
C4 NAG JA . 45.56 30.57 6.28
C5 NAG JA . 46.44 29.42 5.78
C6 NAG JA . 47.10 28.66 6.90
C7 NAG JA . 42.16 31.21 3.13
C8 NAG JA . 41.67 31.83 1.85
N2 NAG JA . 43.43 30.81 3.15
O3 NAG JA . 43.96 32.23 5.58
O4 NAG JA . 46.37 31.52 6.95
O5 NAG JA . 45.63 28.48 5.05
O6 NAG JA . 46.19 27.73 7.49
O7 NAG JA . 41.42 31.08 4.11
C1 NAG KA . 66.76 9.12 -18.95
C2 NAG KA . 68.17 9.00 -19.50
C3 NAG KA . 68.37 7.64 -20.15
C4 NAG KA . 68.05 6.53 -19.17
C5 NAG KA . 66.66 6.71 -18.55
C6 NAG KA . 66.38 5.75 -17.43
C7 NAG KA . 69.54 10.85 -20.35
C8 NAG KA . 69.69 11.92 -21.40
N2 NAG KA . 68.46 10.08 -20.44
O3 NAG KA . 69.71 7.53 -20.60
O4 NAG KA . 68.12 5.27 -19.82
O5 NAG KA . 66.51 8.04 -18.01
O6 NAG KA . 66.85 6.25 -16.19
O7 NAG KA . 70.38 10.70 -19.46
C1 NAG LA . 65.28 -7.24 -1.29
C2 NAG LA . 65.20 -8.77 -1.38
C3 NAG LA . 66.10 -9.41 -0.31
C4 NAG LA . 67.52 -8.87 -0.41
C5 NAG LA . 67.52 -7.35 -0.33
C6 NAG LA . 68.88 -6.74 -0.54
C7 NAG LA . 63.06 -9.54 -2.30
C8 NAG LA . 61.67 -10.00 -1.98
N2 NAG LA . 63.84 -9.24 -1.25
O3 NAG LA . 66.10 -10.82 -0.48
O4 NAG LA . 68.31 -9.39 0.65
O5 NAG LA . 66.67 -6.81 -1.36
O6 NAG LA . 69.04 -6.24 -1.86
O7 NAG LA . 63.47 -9.46 -3.45
C1 NAG MA . 50.33 2.72 4.86
C2 NAG MA . 49.26 2.00 5.78
C3 NAG MA . 49.19 2.55 7.22
C4 NAG MA . 50.58 2.72 7.80
C5 NAG MA . 51.21 3.81 6.98
C6 NAG MA . 52.52 4.29 7.54
C7 NAG MA . 47.47 1.01 4.43
C8 NAG MA . 46.09 1.20 3.87
N2 NAG MA . 47.94 2.01 5.17
O3 NAG MA . 48.42 1.68 8.03
O4 NAG MA . 50.51 3.13 9.16
O5 NAG MA . 51.50 3.27 5.69
O6 NAG MA . 53.46 4.58 6.52
O7 NAG MA . 48.12 -0.01 4.23
C1 NAG NA . 31.16 20.05 -30.96
C2 NAG NA . 31.33 21.56 -30.78
C3 NAG NA . 30.90 22.29 -32.05
C4 NAG NA . 31.64 21.75 -33.26
C5 NAG NA . 31.46 20.23 -33.36
C6 NAG NA . 32.28 19.60 -34.47
C7 NAG NA . 31.14 22.59 -28.56
C8 NAG NA . 30.21 23.04 -27.47
N2 NAG NA . 30.57 22.04 -29.64
O3 NAG NA . 31.18 23.69 -31.91
O4 NAG NA . 31.14 22.35 -34.46
O5 NAG NA . 31.88 19.62 -32.12
O6 NAG NA . 32.47 18.22 -34.23
O7 NAG NA . 32.36 22.72 -28.47
C1 NAG OA . 30.41 3.45 42.38
C2 NAG OA . 30.22 4.71 43.22
C3 NAG OA . 29.20 4.44 44.34
C4 NAG OA . 27.91 3.89 43.75
C5 NAG OA . 28.19 2.68 42.86
C6 NAG OA . 26.96 2.16 42.15
C7 NAG OA . 32.16 6.21 43.33
C8 NAG OA . 33.44 6.53 44.03
N2 NAG OA . 31.49 5.15 43.80
O3 NAG OA . 28.94 5.65 45.03
O4 NAG OA . 27.02 3.51 44.81
O5 NAG OA . 29.14 3.02 41.85
O6 NAG OA . 27.18 0.87 41.59
O7 NAG OA . 31.75 6.87 42.39
C1 NAG PA . 46.08 -20.13 32.31
C2 NAG PA . 45.81 -18.62 32.19
C3 NAG PA . 46.70 -17.99 31.12
C4 NAG PA . 48.16 -18.32 31.39
C5 NAG PA . 48.36 -19.82 31.50
C6 NAG PA . 49.77 -20.21 31.87
C7 NAG PA . 43.57 -17.79 32.77
C8 NAG PA . 42.16 -17.60 32.30
N2 NAG PA . 44.41 -18.36 31.91
O3 NAG PA . 46.51 -16.59 31.10
O4 NAG PA . 48.97 -17.82 30.31
O5 NAG PA . 47.51 -20.35 32.53
O6 NAG PA . 50.65 -19.11 31.81
O7 NAG PA . 43.93 -17.44 33.89
C1 NAG QA . -32.19 53.88 6.69
C2 NAG QA . -33.69 53.88 6.95
C3 NAG QA . -34.15 55.29 7.34
C4 NAG QA . -33.35 55.78 8.55
C5 NAG QA . -31.85 55.68 8.28
C6 NAG QA . -31.01 56.00 9.49
C7 NAG QA . -34.86 52.15 5.68
C8 NAG QA . -35.57 51.82 4.39
N2 NAG QA . -34.42 53.40 5.79
O3 NAG QA . -35.54 55.27 7.64
O4 NAG QA . -33.70 57.13 8.83
O5 NAG QA . -31.49 54.35 7.87
O6 NAG QA . -29.73 55.39 9.41
O7 NAG QA . -34.70 51.32 6.56
#